data_7RYJ
#
_entry.id   7RYJ
#
_cell.length_a   1.00
_cell.length_b   1.00
_cell.length_c   1.00
_cell.angle_alpha   90.00
_cell.angle_beta   90.00
_cell.angle_gamma   90.00
#
_symmetry.space_group_name_H-M   'P 1'
#
_entity_poly.entity_id   1
_entity_poly.type   'polypeptide(L)'
_entity_poly.pdbx_seq_one_letter_code
;MAMWTPQTGKLYLPPTTPVAKVQSTDEYVYPTSLFCHAHTDRLLTVGHPFFSVIDNDKVTVPKVSGNQYRVFRLKFPDPN
KFALPQKDFYDPEKERLVWRLRGLEIGRGGPLGIGTTGHPLFNKLGDTENPNKYQQGSKDNRQNTSMDPKQTQLFIVGCE
PPTGEHWDVAKPCGALEKGDCPPIQLVNSVIEDGDMCDIGFGNMNFKELQQDRSGVPLDIVSTRCKWPDFLKMTNEAYGD
KMFFFGRREQVYARHFFTRNGSVGEPIPNSVSPSDFYYAPDSTQDQKTLAPSVYFGTPSGSLVSSDGQLFNRPFWLQRAQ
GNNNGVCWHNELFVTVVDNTRNTNFTISQQTNTPNPDTYDSTNFKNYLRHVEQFELSLIAQLCKVPLDPGVLAHINTMNP
TILENWNLGFVPPPQQSISDDYRYITSSATRCPDQNPPKEREDPYKGLIFWEVDLTERFSQDLDQFALGRKFLYQAGIRT
AVTGRGVKRAASTTSASSRRVVKRKRGSK
;
_entity_poly.pdbx_strand_id   A,B,C,D,E,F
#
# COMPACT_ATOMS: atom_id res chain seq x y z
N TYR A 12 61.11 13.06 -1.69
CA TYR A 12 60.00 13.26 -2.68
C TYR A 12 60.56 13.74 -4.00
N LEU A 13 59.79 13.66 -5.11
CA LEU A 13 60.16 14.20 -6.42
C LEU A 13 61.57 13.83 -6.95
N PRO A 14 61.81 12.58 -7.40
CA PRO A 14 63.10 12.14 -7.94
C PRO A 14 63.73 13.04 -9.00
N PRO A 15 65.05 13.07 -9.22
CA PRO A 15 65.64 13.63 -10.42
C PRO A 15 64.96 13.30 -11.76
N THR A 16 64.93 14.20 -12.76
CA THR A 16 65.44 15.57 -12.75
C THR A 16 64.65 16.52 -11.85
N THR A 17 65.35 17.52 -11.26
CA THR A 17 64.77 18.61 -10.47
C THR A 17 63.83 19.46 -11.33
N PRO A 18 62.94 20.32 -10.80
CA PRO A 18 62.06 21.17 -11.61
C PRO A 18 62.76 21.91 -12.74
N VAL A 19 62.27 21.76 -13.98
CA VAL A 19 62.88 22.31 -15.17
C VAL A 19 62.98 23.82 -15.09
N ALA A 20 64.22 24.36 -15.14
CA ALA A 20 64.49 25.74 -14.82
C ALA A 20 64.48 26.64 -16.04
N LYS A 21 64.05 26.11 -17.21
CA LYS A 21 63.93 26.88 -18.41
C LYS A 21 62.61 26.57 -19.06
N VAL A 22 62.03 27.51 -19.82
CA VAL A 22 60.90 27.20 -20.67
C VAL A 22 61.28 26.25 -21.80
N GLN A 23 60.45 25.22 -22.06
CA GLN A 23 60.57 24.29 -23.15
C GLN A 23 59.44 24.53 -24.14
N SER A 24 59.62 24.12 -25.41
CA SER A 24 58.58 24.23 -26.43
C SER A 24 57.43 23.27 -26.12
N THR A 25 56.19 23.58 -26.57
CA THR A 25 55.06 22.67 -26.42
C THR A 25 55.24 21.38 -27.22
N ASP A 26 56.12 21.38 -28.23
CA ASP A 26 56.48 20.21 -29.00
C ASP A 26 57.21 19.12 -28.19
N GLU A 27 57.68 19.41 -26.95
CA GLU A 27 58.36 18.43 -26.11
C GLU A 27 57.44 17.64 -25.18
N TYR A 28 56.16 18.04 -24.98
CA TYR A 28 55.25 17.35 -24.06
C TYR A 28 53.81 17.32 -24.55
N VAL A 29 53.48 18.05 -25.65
CA VAL A 29 52.16 17.99 -26.26
C VAL A 29 52.30 17.12 -27.50
N TYR A 30 51.72 15.90 -27.47
CA TYR A 30 51.79 14.94 -28.56
C TYR A 30 50.66 15.23 -29.55
N PRO A 31 50.87 15.66 -30.78
CA PRO A 31 49.81 15.91 -31.73
C PRO A 31 49.24 14.64 -32.35
N THR A 32 47.91 14.53 -32.56
CA THR A 32 47.29 13.41 -33.26
C THR A 32 46.85 13.86 -34.63
N SER A 33 46.52 12.91 -35.53
CA SER A 33 46.15 13.20 -36.89
C SER A 33 44.66 13.51 -37.04
N LEU A 34 44.00 13.96 -35.96
CA LEU A 34 42.59 14.24 -35.95
C LEU A 34 42.39 15.75 -36.00
N PHE A 35 41.80 16.22 -37.11
CA PHE A 35 41.62 17.62 -37.40
C PHE A 35 40.15 17.94 -37.47
N CYS A 36 39.75 19.09 -36.91
CA CYS A 36 38.38 19.56 -36.90
C CYS A 36 38.31 20.96 -37.47
N HIS A 37 37.24 21.28 -38.22
CA HIS A 37 36.94 22.62 -38.68
C HIS A 37 35.94 23.24 -37.71
N ALA A 38 36.02 24.56 -37.53
CA ALA A 38 35.06 25.29 -36.72
C ALA A 38 34.89 26.68 -37.31
N HIS A 39 33.65 27.22 -37.36
CA HIS A 39 33.45 28.54 -37.93
C HIS A 39 32.32 29.33 -37.29
N THR A 40 32.45 30.67 -37.38
CA THR A 40 31.39 31.64 -37.11
C THR A 40 30.50 31.78 -38.34
N ASP A 41 29.18 32.03 -38.17
CA ASP A 41 28.24 31.99 -39.30
C ASP A 41 28.35 33.22 -40.17
N ARG A 42 28.41 34.38 -39.49
CA ARG A 42 28.60 35.69 -40.06
C ARG A 42 28.31 36.64 -38.92
N LEU A 43 29.28 37.49 -38.56
CA LEU A 43 29.17 38.38 -37.42
C LEU A 43 29.02 39.78 -37.95
N LEU A 44 27.86 40.40 -37.70
CA LEU A 44 27.51 41.72 -38.17
C LEU A 44 27.39 42.63 -36.97
N THR A 45 27.79 43.90 -37.14
CA THR A 45 27.63 44.86 -36.06
C THR A 45 27.32 46.19 -36.74
N VAL A 46 26.27 46.89 -36.26
CA VAL A 46 25.79 48.15 -36.83
C VAL A 46 25.80 49.16 -35.71
N GLY A 47 26.45 50.31 -35.90
CA GLY A 47 26.41 51.34 -34.88
C GLY A 47 26.61 52.71 -35.44
N HIS A 48 27.09 53.63 -34.59
CA HIS A 48 27.46 54.98 -34.96
C HIS A 48 28.98 55.08 -34.87
N PRO A 49 29.72 55.70 -35.78
CA PRO A 49 31.18 55.67 -35.73
C PRO A 49 31.78 56.56 -34.64
N PHE A 50 31.14 57.67 -34.27
CA PHE A 50 31.82 58.71 -33.50
C PHE A 50 31.51 58.59 -32.01
N PHE A 51 30.27 58.24 -31.66
CA PHE A 51 29.89 58.17 -30.27
C PHE A 51 28.68 57.28 -30.13
N SER A 52 28.53 56.63 -28.96
CA SER A 52 27.33 55.88 -28.65
C SER A 52 26.13 56.80 -28.51
N VAL A 53 25.01 56.48 -29.18
CA VAL A 53 23.79 57.27 -29.09
C VAL A 53 23.05 56.84 -27.83
N ILE A 54 23.17 57.68 -26.78
CA ILE A 54 22.61 57.43 -25.46
C ILE A 54 21.23 58.05 -25.36
N ASP A 55 20.26 57.28 -24.84
CA ASP A 55 18.96 57.79 -24.49
C ASP A 55 18.66 57.22 -23.11
N ASN A 56 18.26 58.08 -22.15
CA ASN A 56 17.78 57.70 -20.82
C ASN A 56 18.66 56.68 -20.08
N ASP A 57 19.97 57.01 -19.92
CA ASP A 57 20.99 56.23 -19.26
C ASP A 57 21.32 54.89 -19.94
N LYS A 58 20.90 54.68 -21.21
CA LYS A 58 21.11 53.43 -21.90
C LYS A 58 21.64 53.70 -23.29
N VAL A 59 22.33 52.72 -23.90
CA VAL A 59 22.91 52.85 -25.21
C VAL A 59 21.95 52.32 -26.26
N THR A 60 21.31 53.22 -27.02
CA THR A 60 20.38 52.88 -28.10
C THR A 60 21.11 52.44 -29.35
N VAL A 61 22.16 53.17 -29.75
CA VAL A 61 22.96 52.82 -30.93
C VAL A 61 24.42 52.79 -30.47
N PRO A 62 25.15 51.68 -30.45
CA PRO A 62 26.48 51.64 -29.87
C PRO A 62 27.52 52.21 -30.80
N LYS A 63 28.73 52.49 -30.28
CA LYS A 63 29.85 52.90 -31.10
C LYS A 63 30.46 51.73 -31.87
N VAL A 64 30.37 51.77 -33.21
CA VAL A 64 30.96 50.79 -34.09
C VAL A 64 31.69 51.61 -35.12
N SER A 65 33.02 51.44 -35.21
CA SER A 65 33.88 52.23 -36.08
C SER A 65 35.02 51.34 -36.52
N GLY A 66 35.58 51.60 -37.73
CA GLY A 66 36.67 50.83 -38.32
C GLY A 66 38.04 51.14 -37.74
N ASN A 67 38.13 52.12 -36.83
CA ASN A 67 39.35 52.44 -36.11
C ASN A 67 39.44 51.67 -34.79
N GLN A 68 38.55 50.69 -34.56
CA GLN A 68 38.51 49.94 -33.33
C GLN A 68 39.27 48.63 -33.37
N TYR A 69 39.80 48.20 -32.21
CA TYR A 69 40.20 46.84 -31.98
C TYR A 69 39.00 45.93 -31.86
N ARG A 70 38.97 44.87 -32.69
CA ARG A 70 38.00 43.82 -32.56
C ARG A 70 38.72 42.63 -31.95
N VAL A 71 38.50 42.39 -30.64
CA VAL A 71 39.12 41.27 -29.95
C VAL A 71 38.06 40.22 -29.76
N PHE A 72 38.15 39.14 -30.56
CA PHE A 72 37.23 38.03 -30.48
C PHE A 72 37.78 37.04 -29.48
N ARG A 73 36.96 36.63 -28.49
CA ARG A 73 37.33 35.57 -27.58
C ARG A 73 36.61 34.33 -28.06
N LEU A 74 37.35 33.37 -28.63
CA LEU A 74 36.79 32.16 -29.18
C LEU A 74 36.77 31.07 -28.11
N LYS A 75 35.59 30.52 -27.84
CA LYS A 75 35.42 29.44 -26.91
C LYS A 75 35.30 28.12 -27.65
N PHE A 76 36.14 27.14 -27.30
CA PHE A 76 36.15 25.83 -27.92
C PHE A 76 35.45 24.82 -27.02
N PRO A 77 34.97 23.68 -27.53
CA PRO A 77 34.44 22.63 -26.70
C PRO A 77 35.54 21.93 -25.94
N ASP A 78 35.28 21.54 -24.69
CA ASP A 78 36.15 20.78 -23.84
C ASP A 78 36.46 19.39 -24.43
N PRO A 79 37.68 19.05 -24.89
CA PRO A 79 37.92 17.82 -25.63
C PRO A 79 37.98 16.64 -24.69
N ASN A 80 37.98 16.89 -23.36
CA ASN A 80 38.09 15.86 -22.33
C ASN A 80 36.72 15.26 -22.02
N LYS A 81 35.71 15.59 -22.86
CA LYS A 81 34.32 15.20 -22.74
C LYS A 81 33.73 14.97 -24.12
N PHE A 82 34.57 14.58 -25.10
CA PHE A 82 34.14 14.42 -26.48
C PHE A 82 34.21 12.97 -26.93
N ALA A 83 33.59 12.66 -28.08
CA ALA A 83 33.53 11.33 -28.63
C ALA A 83 33.96 11.40 -30.09
N LEU A 84 35.20 10.97 -30.38
CA LEU A 84 35.80 10.92 -31.69
C LEU A 84 35.56 9.55 -32.33
N PRO A 85 36.00 9.18 -33.54
CA PRO A 85 35.74 7.82 -34.07
C PRO A 85 36.63 6.75 -33.46
N GLN A 86 36.64 6.65 -32.13
CA GLN A 86 37.45 5.79 -31.31
C GLN A 86 36.73 5.74 -29.97
N LYS A 87 37.10 4.84 -29.04
CA LYS A 87 36.40 4.75 -27.75
C LYS A 87 37.30 5.05 -26.57
N ASP A 88 38.53 4.50 -26.56
CA ASP A 88 39.44 4.62 -25.43
C ASP A 88 40.83 4.80 -26.03
N PHE A 89 41.03 5.92 -26.75
CA PHE A 89 42.28 6.23 -27.45
C PHE A 89 43.16 7.17 -26.64
N TYR A 90 42.68 7.54 -25.44
CA TYR A 90 43.33 8.39 -24.50
C TYR A 90 42.97 7.85 -23.15
N ASP A 91 43.93 7.74 -22.23
CA ASP A 91 43.68 7.27 -20.88
C ASP A 91 43.24 8.50 -20.06
N PRO A 92 42.02 8.65 -19.52
CA PRO A 92 41.65 9.84 -18.75
C PRO A 92 42.24 9.84 -17.35
N GLU A 93 42.92 8.80 -16.87
CA GLU A 93 43.63 8.83 -15.60
C GLU A 93 45.01 9.46 -15.77
N LYS A 94 45.67 9.23 -16.93
CA LYS A 94 47.02 9.74 -17.17
C LYS A 94 47.14 10.83 -18.22
N GLU A 95 46.19 10.93 -19.17
CA GLU A 95 46.27 11.88 -20.26
C GLU A 95 45.16 12.91 -20.18
N ARG A 96 45.40 14.07 -20.79
CA ARG A 96 44.40 15.08 -21.02
C ARG A 96 44.55 15.56 -22.44
N LEU A 97 43.48 16.11 -23.01
CA LEU A 97 43.46 16.51 -24.40
C LEU A 97 43.39 18.02 -24.47
N VAL A 98 43.93 18.60 -25.55
CA VAL A 98 43.91 20.03 -25.75
C VAL A 98 43.85 20.28 -27.25
N TRP A 99 43.30 21.43 -27.67
CA TRP A 99 43.26 21.80 -29.07
C TRP A 99 44.51 22.57 -29.43
N ARG A 100 45.03 22.36 -30.65
CA ARG A 100 46.10 23.16 -31.19
C ARG A 100 45.61 23.78 -32.49
N LEU A 101 45.67 25.12 -32.62
CA LEU A 101 45.25 25.81 -33.82
C LEU A 101 46.28 25.67 -34.93
N ARG A 102 45.88 25.12 -36.11
CA ARG A 102 46.82 24.93 -37.21
C ARG A 102 46.44 25.73 -38.43
N GLY A 103 45.28 26.41 -38.43
CA GLY A 103 44.86 27.14 -39.59
C GLY A 103 43.76 28.08 -39.26
N LEU A 104 43.80 29.30 -39.80
CA LEU A 104 42.84 30.31 -39.46
C LEU A 104 42.58 31.20 -40.66
N GLU A 105 41.31 31.59 -40.90
CA GLU A 105 40.95 32.50 -41.96
C GLU A 105 40.00 33.53 -41.37
N ILE A 106 40.34 34.82 -41.57
CA ILE A 106 39.52 35.93 -41.11
C ILE A 106 38.87 36.50 -42.36
N GLY A 107 37.57 36.24 -42.51
CA GLY A 107 36.74 36.74 -43.60
C GLY A 107 36.23 38.13 -43.31
N ARG A 108 36.19 39.00 -44.34
CA ARG A 108 35.70 40.35 -44.21
C ARG A 108 34.72 40.65 -45.32
N GLY A 109 33.48 41.05 -44.95
CA GLY A 109 32.37 41.11 -45.91
C GLY A 109 32.13 42.38 -46.68
N GLY A 110 32.38 43.57 -46.11
CA GLY A 110 32.06 44.82 -46.79
C GLY A 110 32.99 45.18 -47.94
N PRO A 111 32.58 46.02 -48.88
CA PRO A 111 33.49 46.64 -49.86
C PRO A 111 34.60 47.44 -49.21
N LEU A 112 35.74 47.62 -49.91
CA LEU A 112 36.80 48.53 -49.51
C LEU A 112 36.39 50.00 -49.57
N GLY A 113 36.98 50.82 -48.68
CA GLY A 113 36.78 52.25 -48.76
C GLY A 113 37.22 52.91 -47.49
N ILE A 114 37.32 54.25 -47.54
CA ILE A 114 37.87 55.08 -46.47
C ILE A 114 36.75 55.93 -45.91
N GLY A 115 36.62 55.97 -44.57
CA GLY A 115 35.72 56.88 -43.86
C GLY A 115 36.49 57.95 -43.13
N THR A 116 36.01 59.21 -43.19
CA THR A 116 36.59 60.35 -42.50
C THR A 116 35.90 60.59 -41.17
N THR A 117 36.55 61.36 -40.28
CA THR A 117 35.99 61.74 -38.98
C THR A 117 36.46 63.15 -38.70
N GLY A 118 35.87 63.85 -37.71
CA GLY A 118 36.28 65.22 -37.43
C GLY A 118 35.86 65.69 -36.07
N HIS A 119 36.05 66.99 -35.79
CA HIS A 119 35.53 67.62 -34.60
C HIS A 119 34.87 68.92 -35.04
N PRO A 120 33.62 69.27 -34.67
CA PRO A 120 33.01 70.56 -34.96
C PRO A 120 33.76 71.76 -34.41
N LEU A 121 34.55 71.57 -33.33
CA LEU A 121 35.25 72.62 -32.64
C LEU A 121 36.69 72.16 -32.40
N PHE A 122 37.44 71.96 -33.49
CA PHE A 122 38.83 71.54 -33.46
C PHE A 122 39.74 72.70 -33.07
N ASN A 123 40.71 72.47 -32.16
CA ASN A 123 41.80 73.39 -31.80
C ASN A 123 42.81 73.54 -32.94
N LYS A 124 42.42 74.30 -33.98
CA LYS A 124 43.24 74.70 -35.09
C LYS A 124 43.19 76.20 -35.15
N LEU A 125 44.34 76.90 -34.97
CA LEU A 125 44.35 78.34 -35.13
C LEU A 125 44.39 78.74 -36.61
N GLY A 126 45.32 78.16 -37.39
CA GLY A 126 45.54 78.54 -38.78
C GLY A 126 46.08 77.39 -39.57
N ASP A 127 46.55 77.69 -40.77
CA ASP A 127 47.25 76.80 -41.64
C ASP A 127 48.65 77.39 -41.74
N THR A 128 49.69 76.57 -41.52
CA THR A 128 51.08 76.96 -41.59
C THR A 128 51.80 76.21 -42.67
N GLU A 129 51.08 75.47 -43.54
CA GLU A 129 51.71 74.85 -44.70
C GLU A 129 52.22 75.89 -45.68
N ASN A 130 51.42 76.94 -45.95
CA ASN A 130 51.83 78.01 -46.81
C ASN A 130 51.11 79.30 -46.40
N PRO A 131 51.51 79.98 -45.33
CA PRO A 131 50.81 81.15 -44.84
C PRO A 131 51.18 82.41 -45.61
N ASN A 132 50.19 83.24 -46.01
CA ASN A 132 50.42 84.47 -46.73
C ASN A 132 51.14 85.57 -45.93
N LYS A 133 50.78 85.76 -44.66
CA LYS A 133 51.35 86.78 -43.80
C LYS A 133 51.01 86.47 -42.34
N TYR A 134 51.61 87.23 -41.39
CA TYR A 134 51.48 87.06 -39.94
C TYR A 134 50.13 87.54 -39.38
N GLN A 135 49.59 86.91 -38.31
CA GLN A 135 48.29 87.20 -37.71
C GLN A 135 48.25 86.93 -36.17
N GLN A 136 47.09 86.54 -35.58
CA GLN A 136 46.76 86.71 -34.15
C GLN A 136 46.08 85.51 -33.50
N GLY A 137 45.51 85.70 -32.29
CA GLY A 137 44.72 84.70 -31.57
C GLY A 137 43.73 85.35 -30.62
N SER A 138 42.40 85.07 -30.71
CA SER A 138 41.35 85.73 -29.93
C SER A 138 40.77 84.84 -28.81
N LYS A 139 39.45 84.53 -28.84
CA LYS A 139 38.75 83.71 -27.87
C LYS A 139 37.91 82.78 -28.71
N ASP A 140 37.96 81.48 -28.41
CA ASP A 140 37.28 80.43 -29.16
C ASP A 140 37.58 80.36 -30.66
N ASN A 141 38.87 80.19 -31.02
CA ASN A 141 39.31 80.22 -32.40
C ASN A 141 39.19 78.87 -33.08
N ARG A 142 38.21 78.04 -32.67
CA ARG A 142 38.08 76.67 -33.12
C ARG A 142 37.32 76.56 -34.44
N GLN A 143 37.62 75.53 -35.25
CA GLN A 143 37.00 75.36 -36.56
C GLN A 143 36.53 73.93 -36.72
N ASN A 144 35.59 73.69 -37.65
CA ASN A 144 35.13 72.36 -37.99
C ASN A 144 36.12 71.76 -38.99
N THR A 145 36.91 70.77 -38.53
CA THR A 145 38.01 70.19 -39.31
C THR A 145 37.83 68.70 -39.29
N SER A 146 37.81 68.08 -40.49
CA SER A 146 37.71 66.64 -40.66
C SER A 146 38.99 66.11 -41.25
N MET A 147 39.21 64.78 -41.11
CA MET A 147 40.39 64.11 -41.59
C MET A 147 40.14 62.62 -41.76
N ASP A 148 40.94 61.97 -42.63
CA ASP A 148 41.03 60.54 -42.80
C ASP A 148 42.19 60.08 -41.90
N PRO A 149 42.07 59.08 -41.04
CA PRO A 149 43.14 58.68 -40.16
C PRO A 149 44.16 57.79 -40.86
N LYS A 150 45.27 57.43 -40.18
CA LYS A 150 46.23 56.45 -40.65
C LYS A 150 45.59 55.12 -41.03
N GLN A 151 46.01 54.51 -42.17
CA GLN A 151 45.51 53.20 -42.51
C GLN A 151 46.31 52.18 -41.74
N THR A 152 45.62 51.26 -41.07
CA THR A 152 46.25 50.24 -40.26
C THR A 152 45.45 49.00 -40.53
N GLN A 153 46.13 47.86 -40.74
CA GLN A 153 45.53 46.55 -40.70
C GLN A 153 46.41 45.73 -39.78
N LEU A 154 45.83 44.89 -38.92
CA LEU A 154 46.63 43.97 -38.15
C LEU A 154 45.81 42.79 -37.77
N PHE A 155 46.54 41.71 -37.50
CA PHE A 155 45.95 40.49 -37.05
C PHE A 155 46.88 39.93 -35.98
N ILE A 156 46.37 39.63 -34.76
CA ILE A 156 47.08 38.97 -33.66
C ILE A 156 46.30 37.73 -33.31
N VAL A 157 46.99 36.59 -33.12
CA VAL A 157 46.39 35.35 -32.63
C VAL A 157 47.16 34.90 -31.41
N GLY A 158 46.48 34.58 -30.29
CA GLY A 158 47.13 33.99 -29.12
C GLY A 158 46.11 33.21 -28.33
N CYS A 159 46.51 32.53 -27.24
CA CYS A 159 45.58 31.84 -26.34
C CYS A 159 45.24 32.69 -25.14
N GLU A 160 45.90 33.84 -24.98
CA GLU A 160 45.63 34.76 -23.91
C GLU A 160 45.38 36.11 -24.57
N PRO A 161 44.76 37.10 -23.93
CA PRO A 161 44.36 38.32 -24.61
C PRO A 161 45.55 39.23 -24.93
N PRO A 162 45.54 39.97 -26.04
CA PRO A 162 46.61 40.90 -26.42
C PRO A 162 46.97 41.96 -25.38
N THR A 163 48.23 42.42 -25.39
CA THR A 163 48.72 43.45 -24.49
C THR A 163 49.00 44.68 -25.33
N GLY A 164 48.42 45.84 -24.97
CA GLY A 164 48.60 47.10 -25.69
C GLY A 164 49.22 48.15 -24.82
N GLU A 165 49.93 49.08 -25.45
CA GLU A 165 50.64 50.14 -24.79
C GLU A 165 50.01 51.48 -25.15
N HIS A 166 50.09 52.47 -24.25
CA HIS A 166 49.75 53.84 -24.57
C HIS A 166 50.41 54.76 -23.55
N TRP A 167 50.58 56.06 -23.89
CA TRP A 167 51.10 57.06 -22.98
C TRP A 167 49.96 57.67 -22.15
N ASP A 168 50.10 57.60 -20.83
CA ASP A 168 49.12 58.01 -19.86
C ASP A 168 49.73 59.09 -18.97
N VAL A 169 48.93 59.64 -18.03
CA VAL A 169 49.37 60.62 -17.04
C VAL A 169 50.11 59.94 -15.88
N ALA A 170 51.34 60.39 -15.59
CA ALA A 170 52.11 59.94 -14.45
C ALA A 170 51.84 60.75 -13.19
N LYS A 171 52.24 60.21 -12.03
CA LYS A 171 52.28 61.00 -10.81
C LYS A 171 53.64 61.72 -10.77
N PRO A 172 53.76 63.05 -10.79
CA PRO A 172 55.05 63.72 -10.61
C PRO A 172 55.63 63.49 -9.22
N CYS A 173 56.95 63.74 -9.05
CA CYS A 173 57.70 63.53 -7.80
C CYS A 173 57.37 64.57 -6.73
N GLY A 174 56.85 65.73 -7.15
CA GLY A 174 56.32 66.76 -6.28
C GLY A 174 55.17 67.38 -7.01
N ALA A 175 54.55 68.44 -6.45
CA ALA A 175 53.45 69.11 -7.10
C ALA A 175 53.89 70.04 -8.22
N LEU A 176 52.93 70.43 -9.07
CA LEU A 176 53.10 71.37 -10.15
C LEU A 176 51.92 72.31 -10.04
N GLU A 177 52.00 73.52 -10.65
CA GLU A 177 50.96 74.53 -10.60
C GLU A 177 49.80 74.24 -11.56
N LYS A 178 48.72 75.02 -11.45
CA LYS A 178 47.58 74.86 -12.35
C LYS A 178 47.89 75.22 -13.81
N GLY A 179 47.79 74.24 -14.72
CA GLY A 179 48.04 74.44 -16.15
C GLY A 179 49.36 73.90 -16.61
N ASP A 180 50.21 73.42 -15.68
CA ASP A 180 51.43 72.71 -15.99
C ASP A 180 51.27 71.45 -16.84
N CYS A 181 52.31 71.11 -17.62
CA CYS A 181 52.32 69.95 -18.50
C CYS A 181 52.20 68.63 -17.71
N PRO A 182 51.30 67.68 -18.03
CA PRO A 182 51.19 66.45 -17.26
C PRO A 182 52.37 65.53 -17.60
N PRO A 183 53.03 64.85 -16.67
CA PRO A 183 54.17 63.99 -16.98
C PRO A 183 53.70 62.71 -17.65
N ILE A 184 54.44 62.21 -18.65
CA ILE A 184 54.06 61.05 -19.42
C ILE A 184 54.55 59.75 -18.78
N GLN A 185 53.76 58.67 -18.90
CA GLN A 185 54.20 57.35 -18.51
C GLN A 185 53.62 56.34 -19.47
N LEU A 186 54.43 55.35 -19.90
CA LEU A 186 53.94 54.30 -20.78
C LEU A 186 53.19 53.26 -19.97
N VAL A 187 51.90 53.06 -20.28
CA VAL A 187 51.01 52.17 -19.55
C VAL A 187 50.72 50.97 -20.42
N ASN A 188 50.96 49.77 -19.85
CA ASN A 188 50.57 48.50 -20.43
C ASN A 188 49.18 48.16 -19.94
N SER A 189 48.30 47.78 -20.87
CA SER A 189 46.92 47.49 -20.57
C SER A 189 46.45 46.47 -21.57
N VAL A 190 45.60 45.49 -21.19
CA VAL A 190 45.02 44.54 -22.13
C VAL A 190 44.19 45.28 -23.20
N ILE A 191 44.18 44.81 -24.46
CA ILE A 191 43.31 45.37 -25.48
C ILE A 191 41.99 44.63 -25.45
N GLU A 192 40.88 45.39 -25.37
CA GLU A 192 39.53 44.91 -25.29
C GLU A 192 38.85 45.14 -26.63
N ASP A 193 37.66 44.53 -26.86
CA ASP A 193 36.85 44.89 -28.01
C ASP A 193 36.30 46.31 -27.84
N GLY A 194 36.54 47.17 -28.85
CA GLY A 194 36.05 48.53 -28.86
C GLY A 194 37.03 49.59 -28.46
N ASP A 195 38.24 49.20 -27.97
CA ASP A 195 39.37 50.10 -27.81
C ASP A 195 39.72 50.77 -29.15
N MET A 196 40.24 52.00 -29.15
CA MET A 196 40.65 52.64 -30.39
C MET A 196 42.10 52.31 -30.72
N CYS A 197 42.38 52.05 -32.02
CA CYS A 197 43.74 51.95 -32.54
C CYS A 197 44.28 53.36 -32.78
N ASP A 198 45.61 53.58 -32.73
CA ASP A 198 46.19 54.86 -33.09
C ASP A 198 45.94 55.28 -34.54
N ILE A 199 45.71 56.58 -34.73
CA ILE A 199 45.26 57.08 -36.01
C ILE A 199 46.24 58.06 -36.61
N GLY A 200 47.46 58.17 -36.04
CA GLY A 200 48.46 59.17 -36.44
C GLY A 200 48.64 60.31 -35.48
N PHE A 201 47.86 60.39 -34.38
CA PHE A 201 48.08 61.36 -33.30
C PHE A 201 48.84 60.74 -32.13
N GLY A 202 49.36 59.51 -32.31
CA GLY A 202 50.04 58.78 -31.26
C GLY A 202 49.13 57.88 -30.46
N ASN A 203 49.76 56.96 -29.71
CA ASN A 203 49.14 56.04 -28.81
C ASN A 203 49.09 56.66 -27.41
N MET A 204 48.03 57.41 -27.10
CA MET A 204 47.99 58.17 -25.86
C MET A 204 46.58 58.25 -25.33
N ASN A 205 46.46 58.59 -24.05
CA ASN A 205 45.20 58.84 -23.40
C ASN A 205 44.72 60.26 -23.67
N PHE A 206 43.68 60.42 -24.52
CA PHE A 206 43.14 61.71 -24.87
C PHE A 206 42.29 62.34 -23.77
N LYS A 207 41.60 61.53 -22.94
CA LYS A 207 40.80 62.04 -21.85
C LYS A 207 41.64 62.70 -20.76
N GLU A 208 42.77 62.06 -20.37
CA GLU A 208 43.60 62.54 -19.30
C GLU A 208 44.64 63.57 -19.73
N LEU A 209 45.36 63.34 -20.86
CA LEU A 209 46.42 64.24 -21.31
C LEU A 209 45.90 65.48 -22.04
N GLN A 210 44.64 65.52 -22.52
CA GLN A 210 44.12 66.68 -23.22
C GLN A 210 42.78 67.12 -22.65
N GLN A 211 42.83 67.93 -21.57
CA GLN A 211 41.65 68.44 -20.87
C GLN A 211 40.85 69.44 -21.71
N ASP A 212 41.45 69.97 -22.81
CA ASP A 212 40.83 70.75 -23.86
C ASP A 212 39.60 70.08 -24.47
N ARG A 213 39.64 68.73 -24.65
CA ARG A 213 38.61 67.91 -25.28
C ARG A 213 38.25 68.36 -26.70
N SER A 214 39.24 68.92 -27.42
CA SER A 214 38.97 69.65 -28.65
C SER A 214 40.17 69.58 -29.57
N GLY A 215 41.13 68.69 -29.27
CA GLY A 215 42.43 68.64 -29.92
C GLY A 215 42.62 67.52 -30.90
N VAL A 216 41.64 66.59 -30.99
CA VAL A 216 41.65 65.47 -31.91
C VAL A 216 40.20 65.20 -32.30
N PRO A 217 39.84 64.44 -33.35
CA PRO A 217 38.45 64.13 -33.71
C PRO A 217 37.55 63.48 -32.67
N LEU A 218 36.21 63.53 -32.89
CA LEU A 218 35.17 63.11 -31.95
C LEU A 218 35.25 61.68 -31.47
N ASP A 219 35.58 60.71 -32.35
CA ASP A 219 35.74 59.32 -31.97
C ASP A 219 36.83 59.08 -30.94
N ILE A 220 37.97 59.77 -31.07
CA ILE A 220 39.10 59.57 -30.18
C ILE A 220 39.24 60.63 -29.07
N VAL A 221 38.40 61.68 -29.03
CA VAL A 221 38.57 62.82 -28.11
C VAL A 221 38.45 62.52 -26.62
N SER A 222 37.68 61.48 -26.23
CA SER A 222 37.46 61.13 -24.83
C SER A 222 37.79 59.67 -24.60
N THR A 223 38.88 59.13 -25.21
CA THR A 223 39.19 57.70 -25.10
C THR A 223 40.69 57.47 -25.17
N ARG A 224 41.14 56.21 -25.03
CA ARG A 224 42.54 55.83 -25.08
C ARG A 224 42.84 55.17 -26.41
N CYS A 225 43.88 55.63 -27.12
CA CYS A 225 44.34 54.96 -28.33
C CYS A 225 45.51 54.10 -27.96
N LYS A 226 45.44 52.78 -28.23
CA LYS A 226 46.49 51.84 -27.85
C LYS A 226 47.15 51.31 -29.11
N TRP A 227 48.44 50.92 -29.00
CA TRP A 227 49.16 50.22 -30.05
C TRP A 227 49.48 48.83 -29.47
N PRO A 228 49.47 47.69 -30.15
CA PRO A 228 49.95 46.42 -29.59
C PRO A 228 51.41 46.44 -29.14
N ASP A 229 51.71 46.09 -27.88
CA ASP A 229 53.07 46.01 -27.40
C ASP A 229 53.71 44.71 -27.92
N PHE A 230 54.21 44.74 -29.18
CA PHE A 230 54.93 43.66 -29.80
C PHE A 230 56.22 43.34 -29.08
N LEU A 231 56.93 44.36 -28.54
CA LEU A 231 58.17 44.17 -27.81
C LEU A 231 57.97 43.36 -26.53
N LYS A 232 56.91 43.64 -25.76
CA LYS A 232 56.55 42.81 -24.62
C LYS A 232 55.92 41.46 -24.97
N MET A 233 54.98 41.41 -25.94
CA MET A 233 54.29 40.20 -26.37
C MET A 233 55.19 39.14 -26.98
N THR A 234 56.25 39.51 -27.72
CA THR A 234 57.17 38.48 -28.24
C THR A 234 58.23 38.08 -27.22
N ASN A 235 58.47 38.90 -26.18
CA ASN A 235 59.52 38.64 -25.20
C ASN A 235 59.00 38.01 -23.91
N GLU A 236 57.69 37.77 -23.77
CA GLU A 236 57.14 37.00 -22.67
C GLU A 236 57.56 35.53 -22.71
N ALA A 237 57.79 34.93 -21.52
CA ALA A 237 58.49 33.66 -21.39
C ALA A 237 57.87 32.44 -22.10
N TYR A 238 56.54 32.28 -22.03
CA TYR A 238 55.86 31.14 -22.59
C TYR A 238 55.34 31.41 -24.01
N GLY A 239 55.15 32.69 -24.39
CA GLY A 239 54.70 33.06 -25.73
C GLY A 239 53.21 32.87 -25.99
N ASP A 240 52.39 32.82 -24.92
CA ASP A 240 50.97 32.52 -24.96
C ASP A 240 50.08 33.56 -25.64
N LYS A 241 50.40 34.87 -25.57
CA LYS A 241 49.56 35.93 -26.11
C LYS A 241 49.84 36.20 -27.57
N MET A 242 50.83 35.51 -28.14
CA MET A 242 51.20 35.73 -29.52
C MET A 242 51.69 34.46 -30.20
N PHE A 243 50.89 33.87 -31.10
CA PHE A 243 51.29 32.75 -31.92
C PHE A 243 51.93 33.26 -33.20
N PHE A 244 51.24 34.18 -33.89
CA PHE A 244 51.75 34.84 -35.07
C PHE A 244 51.03 36.17 -35.16
N PHE A 245 51.52 37.08 -36.01
CA PHE A 245 50.81 38.31 -36.30
C PHE A 245 51.06 38.73 -37.72
N GLY A 246 50.19 39.61 -38.23
CA GLY A 246 50.42 40.40 -39.43
C GLY A 246 50.16 41.82 -39.07
N ARG A 247 50.84 42.78 -39.71
CA ARG A 247 50.49 44.18 -39.59
C ARG A 247 50.84 44.89 -40.87
N ARG A 248 50.01 45.88 -41.27
CA ARG A 248 50.28 46.68 -42.45
C ARG A 248 49.77 48.08 -42.20
N GLU A 249 50.67 49.06 -42.04
CA GLU A 249 50.30 50.42 -41.68
C GLU A 249 50.83 51.39 -42.73
N GLN A 250 50.09 52.46 -43.05
CA GLN A 250 50.62 53.54 -43.87
C GLN A 250 50.02 54.90 -43.56
N VAL A 251 50.85 55.96 -43.57
CA VAL A 251 50.43 57.32 -43.32
C VAL A 251 51.29 58.27 -44.11
N TYR A 252 50.72 59.40 -44.54
CA TYR A 252 51.50 60.55 -44.93
C TYR A 252 50.83 61.74 -44.27
N ALA A 253 51.56 62.84 -44.04
CA ALA A 253 50.98 64.05 -43.45
C ALA A 253 50.28 64.87 -44.53
N ARG A 254 48.99 65.20 -44.32
CA ARG A 254 48.18 65.82 -45.36
C ARG A 254 48.16 67.34 -45.34
N HIS A 255 47.98 67.96 -44.16
CA HIS A 255 48.03 69.41 -44.00
C HIS A 255 48.77 69.72 -42.72
N PHE A 256 49.42 70.90 -42.66
CA PHE A 256 50.20 71.33 -41.52
C PHE A 256 49.48 72.45 -40.79
N PHE A 257 49.05 72.20 -39.55
CA PHE A 257 48.19 73.12 -38.82
C PHE A 257 48.84 73.53 -37.50
N THR A 258 48.23 74.51 -36.83
CA THR A 258 48.67 75.07 -35.55
C THR A 258 47.62 74.88 -34.52
N ARG A 259 47.95 75.10 -33.24
CA ARG A 259 46.98 75.04 -32.17
C ARG A 259 46.90 76.39 -31.49
N ASN A 260 45.69 76.78 -31.04
CA ASN A 260 45.45 77.98 -30.29
C ASN A 260 45.52 77.65 -28.80
N GLY A 261 45.86 78.64 -27.96
CA GLY A 261 45.91 78.47 -26.53
C GLY A 261 47.08 79.21 -25.97
N SER A 262 47.21 79.20 -24.64
CA SER A 262 48.38 79.73 -23.95
C SER A 262 49.61 78.88 -24.24
N VAL A 263 50.74 79.53 -24.63
CA VAL A 263 52.03 78.88 -24.79
C VAL A 263 52.60 78.46 -23.44
N GLY A 264 52.56 77.14 -23.13
CA GLY A 264 52.98 76.64 -21.82
C GLY A 264 54.47 76.67 -21.61
N GLU A 265 55.24 76.36 -22.66
CA GLU A 265 56.67 76.48 -22.69
C GLU A 265 56.94 77.45 -23.83
N PRO A 266 57.49 78.64 -23.63
CA PRO A 266 57.81 79.55 -24.71
C PRO A 266 59.06 79.11 -25.45
N ILE A 267 59.20 79.52 -26.72
CA ILE A 267 60.43 79.42 -27.47
C ILE A 267 61.58 80.15 -26.75
N PRO A 268 62.79 79.61 -26.60
CA PRO A 268 63.94 80.35 -26.07
C PRO A 268 64.32 81.58 -26.88
N ASN A 269 65.02 82.56 -26.29
CA ASN A 269 65.40 83.79 -26.98
C ASN A 269 66.81 83.71 -27.57
N SER A 270 67.38 82.50 -27.55
CA SER A 270 68.65 82.16 -28.15
C SER A 270 68.44 81.79 -29.62
N VAL A 271 69.55 81.59 -30.36
CA VAL A 271 69.61 81.03 -31.72
C VAL A 271 69.56 82.13 -32.80
N SER A 272 70.73 82.50 -33.38
CA SER A 272 70.90 83.51 -34.42
C SER A 272 70.31 83.23 -35.81
N PRO A 273 70.29 82.04 -36.45
CA PRO A 273 69.89 81.94 -37.85
C PRO A 273 68.44 81.55 -38.05
N SER A 274 67.52 81.63 -37.06
CA SER A 274 66.13 81.30 -37.32
C SER A 274 65.34 82.53 -36.92
N ASP A 275 64.48 83.01 -37.85
CA ASP A 275 63.67 84.22 -37.88
C ASP A 275 62.72 84.39 -36.70
N PHE A 276 62.17 83.28 -36.16
CA PHE A 276 61.37 83.27 -34.96
C PHE A 276 62.09 83.78 -33.72
N TYR A 277 63.42 83.55 -33.65
CA TYR A 277 64.11 83.71 -32.39
C TYR A 277 64.87 85.03 -32.33
N TYR A 278 65.27 85.58 -33.48
CA TYR A 278 65.66 86.98 -33.63
C TYR A 278 64.42 87.84 -33.40
N ALA A 279 64.37 88.59 -32.29
CA ALA A 279 63.19 89.32 -31.83
C ALA A 279 62.56 90.22 -32.89
N PRO A 280 61.34 90.00 -33.39
CA PRO A 280 60.85 90.78 -34.53
C PRO A 280 60.28 92.14 -34.13
N ASP A 281 60.92 92.85 -33.19
CA ASP A 281 60.54 94.12 -32.56
C ASP A 281 60.37 95.25 -33.58
N SER A 282 61.16 95.19 -34.67
CA SER A 282 61.17 96.13 -35.78
C SER A 282 59.91 96.06 -36.62
N THR A 283 59.18 94.93 -36.57
CA THR A 283 58.00 94.66 -37.36
C THR A 283 56.81 94.79 -36.46
N GLN A 284 55.81 95.65 -36.80
CA GLN A 284 54.66 95.87 -35.95
C GLN A 284 53.77 94.65 -35.70
N ASP A 285 53.65 93.75 -36.70
CA ASP A 285 52.84 92.54 -36.70
C ASP A 285 53.50 91.31 -36.05
N GLN A 286 54.85 91.24 -36.01
CA GLN A 286 55.53 89.98 -35.69
C GLN A 286 56.03 89.93 -34.25
N LYS A 287 55.74 90.97 -33.43
CA LYS A 287 56.29 91.16 -32.09
C LYS A 287 56.05 89.99 -31.14
N THR A 288 54.84 89.41 -31.21
CA THR A 288 54.46 88.26 -30.41
C THR A 288 54.46 87.08 -31.33
N LEU A 289 55.21 86.02 -30.98
CA LEU A 289 55.30 84.81 -31.77
C LEU A 289 53.98 84.09 -31.95
N ALA A 290 53.69 83.67 -33.21
CA ALA A 290 52.59 82.78 -33.50
C ALA A 290 52.78 81.42 -32.81
N PRO A 291 51.75 80.73 -32.33
CA PRO A 291 51.92 79.44 -31.65
C PRO A 291 52.67 78.37 -32.42
N SER A 292 53.78 77.86 -31.85
CA SER A 292 54.67 76.90 -32.49
C SER A 292 54.29 75.47 -32.15
N VAL A 293 53.13 75.30 -31.51
CA VAL A 293 52.51 74.03 -31.21
C VAL A 293 51.83 73.44 -32.46
N TYR A 294 52.63 73.15 -33.51
CA TYR A 294 52.19 72.53 -34.74
C TYR A 294 51.56 71.16 -34.55
N PHE A 295 50.65 70.78 -35.45
CA PHE A 295 50.17 69.42 -35.54
C PHE A 295 49.93 69.14 -37.01
N GLY A 296 50.08 67.88 -37.45
CA GLY A 296 49.75 67.48 -38.81
C GLY A 296 48.46 66.72 -38.80
N THR A 297 47.67 66.83 -39.89
CA THR A 297 46.56 65.92 -40.11
C THR A 297 47.11 64.64 -40.72
N PRO A 298 46.89 63.45 -40.15
CA PRO A 298 47.23 62.20 -40.81
C PRO A 298 46.42 61.97 -42.08
N SER A 299 46.88 61.03 -42.91
CA SER A 299 46.12 60.52 -44.03
C SER A 299 46.65 59.13 -44.30
N GLY A 300 45.76 58.12 -44.17
CA GLY A 300 45.95 56.79 -44.72
C GLY A 300 45.61 56.82 -46.17
N SER A 301 46.64 56.85 -47.04
CA SER A 301 46.54 56.77 -48.50
C SER A 301 45.74 55.58 -49.03
N LEU A 302 45.54 55.55 -50.36
CA LEU A 302 44.81 54.55 -51.14
C LEU A 302 44.71 53.12 -50.60
N VAL A 303 43.48 52.65 -50.35
CA VAL A 303 43.22 51.29 -49.95
C VAL A 303 43.15 50.41 -51.20
N SER A 304 43.98 49.36 -51.27
CA SER A 304 44.05 48.48 -52.42
C SER A 304 43.59 47.08 -52.04
N SER A 305 43.22 46.27 -53.06
CA SER A 305 42.75 44.90 -52.85
C SER A 305 43.90 43.91 -52.77
N ASP A 306 45.04 44.21 -53.44
CA ASP A 306 46.30 43.50 -53.44
C ASP A 306 46.97 43.46 -52.05
N GLY A 307 46.92 44.59 -51.32
CA GLY A 307 47.57 44.79 -50.02
C GLY A 307 46.84 44.18 -48.84
N GLN A 308 45.68 43.54 -49.06
CA GLN A 308 44.85 42.99 -47.99
C GLN A 308 45.49 41.91 -47.14
N LEU A 309 45.45 42.08 -45.81
CA LEU A 309 45.80 41.02 -44.90
C LEU A 309 44.80 39.86 -44.91
N PHE A 310 43.49 40.19 -44.92
CA PHE A 310 42.35 39.31 -44.66
C PHE A 310 41.82 38.59 -45.90
N ASN A 311 40.91 37.62 -45.69
CA ASN A 311 40.34 36.75 -46.72
C ASN A 311 41.37 35.79 -47.32
N ARG A 312 42.39 35.42 -46.53
CA ARG A 312 43.43 34.51 -46.94
C ARG A 312 43.59 33.50 -45.81
N PRO A 313 43.83 32.22 -46.06
CA PRO A 313 44.12 31.27 -45.01
C PRO A 313 45.54 31.45 -44.48
N PHE A 314 45.72 31.35 -43.15
CA PHE A 314 47.01 31.44 -42.49
C PHE A 314 47.25 30.13 -41.77
N TRP A 315 48.29 29.39 -42.18
CA TRP A 315 48.61 28.07 -41.64
C TRP A 315 49.71 28.16 -40.61
N LEU A 316 49.47 27.67 -39.38
CA LEU A 316 50.48 27.70 -38.34
C LEU A 316 51.38 26.49 -38.41
N GLN A 317 52.53 26.66 -39.09
CA GLN A 317 53.61 25.71 -39.14
C GLN A 317 54.41 25.68 -37.84
N ARG A 318 54.75 26.89 -37.36
CA ARG A 318 55.58 27.14 -36.22
C ARG A 318 55.12 28.48 -35.68
N ALA A 319 54.76 28.57 -34.38
CA ALA A 319 54.51 29.83 -33.72
C ALA A 319 55.80 30.56 -33.34
N GLN A 320 55.71 31.87 -33.07
CA GLN A 320 56.85 32.70 -32.73
C GLN A 320 57.58 32.35 -31.42
N GLY A 321 56.83 31.96 -30.37
CA GLY A 321 57.38 31.66 -29.05
C GLY A 321 57.37 30.19 -28.74
N ASN A 322 57.44 29.83 -27.43
CA ASN A 322 57.49 28.45 -27.00
C ASN A 322 56.15 27.73 -27.08
N ASN A 323 55.03 28.48 -27.01
CA ASN A 323 53.73 27.91 -27.26
C ASN A 323 53.48 27.81 -28.77
N ASN A 324 53.74 26.61 -29.34
CA ASN A 324 53.43 26.26 -30.70
C ASN A 324 51.92 26.02 -30.93
N GLY A 325 51.09 27.08 -30.78
CA GLY A 325 49.69 27.09 -31.19
C GLY A 325 48.72 26.36 -30.28
N VAL A 326 49.16 25.95 -29.07
CA VAL A 326 48.34 25.19 -28.14
C VAL A 326 47.31 26.09 -27.46
N CYS A 327 46.03 25.79 -27.67
CA CYS A 327 44.93 26.54 -27.12
C CYS A 327 44.60 26.02 -25.74
N TRP A 328 45.48 26.39 -24.76
CA TRP A 328 45.32 26.15 -23.34
C TRP A 328 44.00 26.72 -22.85
N HIS A 329 43.37 26.07 -21.84
CA HIS A 329 42.13 26.53 -21.24
C HIS A 329 40.89 26.44 -22.14
N ASN A 330 41.06 25.90 -23.38
CA ASN A 330 40.05 25.78 -24.43
C ASN A 330 39.59 27.13 -24.98
N GLU A 331 40.52 28.10 -25.07
CA GLU A 331 40.23 29.44 -25.51
C GLU A 331 41.23 29.87 -26.55
N LEU A 332 40.86 30.88 -27.35
CA LEU A 332 41.72 31.45 -28.35
C LEU A 332 41.29 32.90 -28.54
N PHE A 333 42.25 33.82 -28.78
CA PHE A 333 41.99 35.23 -28.97
C PHE A 333 42.43 35.62 -30.36
N VAL A 334 41.53 36.32 -31.06
CA VAL A 334 41.73 36.78 -32.42
C VAL A 334 41.57 38.29 -32.35
N THR A 335 42.63 39.07 -32.59
CA THR A 335 42.53 40.54 -32.55
C THR A 335 42.67 41.06 -33.94
N VAL A 336 41.62 41.73 -34.44
CA VAL A 336 41.56 42.22 -35.81
C VAL A 336 41.38 43.73 -35.75
N VAL A 337 42.12 44.45 -36.62
CA VAL A 337 41.87 45.86 -36.89
C VAL A 337 41.97 45.98 -38.39
N ASP A 338 40.98 46.58 -39.08
CA ASP A 338 41.22 47.06 -40.42
C ASP A 338 40.48 48.34 -40.76
N ASN A 339 41.25 49.41 -41.06
CA ASN A 339 40.72 50.70 -41.45
C ASN A 339 40.69 50.80 -42.98
N THR A 340 40.35 49.69 -43.67
CA THR A 340 40.27 49.63 -45.13
C THR A 340 38.86 49.40 -45.59
N ARG A 341 37.90 49.27 -44.65
CA ARG A 341 36.49 49.04 -44.92
C ARG A 341 35.71 49.87 -43.93
N ASN A 342 36.15 51.12 -43.68
CA ASN A 342 35.60 51.95 -42.63
C ASN A 342 34.61 52.97 -43.18
N THR A 343 33.94 52.67 -44.31
CA THR A 343 32.95 53.56 -44.93
C THR A 343 31.72 53.81 -44.09
N ASN A 344 31.59 55.05 -43.59
CA ASN A 344 30.42 55.46 -42.85
C ASN A 344 29.28 55.73 -43.83
N PHE A 345 28.13 55.07 -43.64
CA PHE A 345 26.98 55.23 -44.51
C PHE A 345 26.14 56.39 -44.01
N THR A 346 26.01 57.42 -44.85
CA THR A 346 25.25 58.64 -44.57
C THR A 346 23.83 58.43 -45.01
N ILE A 347 22.92 58.18 -44.04
CA ILE A 347 21.52 57.88 -44.28
C ILE A 347 20.73 58.99 -43.63
N SER A 348 19.70 59.51 -44.30
CA SER A 348 18.89 60.59 -43.79
C SER A 348 17.45 60.16 -43.72
N GLN A 349 16.62 60.93 -43.01
CA GLN A 349 15.20 60.72 -42.96
C GLN A 349 14.55 62.06 -43.11
N GLN A 350 13.36 62.07 -43.68
CA GLN A 350 12.49 63.22 -43.81
C GLN A 350 11.67 63.42 -42.55
N THR A 351 11.03 64.59 -42.43
CA THR A 351 9.86 64.81 -41.55
C THR A 351 8.73 63.85 -41.89
N ASN A 352 8.03 63.30 -40.86
CA ASN A 352 7.03 62.23 -40.97
C ASN A 352 5.95 62.43 -42.04
N THR A 353 5.63 63.69 -42.33
CA THR A 353 4.82 64.13 -43.46
C THR A 353 5.73 64.51 -44.65
N PRO A 354 6.09 63.67 -45.64
CA PRO A 354 6.81 64.10 -46.86
C PRO A 354 5.92 64.74 -47.90
N ASN A 355 4.97 65.55 -47.43
CA ASN A 355 4.10 66.41 -48.21
C ASN A 355 4.76 67.72 -48.67
N PRO A 356 5.92 68.27 -48.25
CA PRO A 356 6.59 69.32 -49.03
C PRO A 356 7.12 68.89 -50.40
N ASP A 357 6.81 69.65 -51.48
CA ASP A 357 7.30 69.42 -52.84
C ASP A 357 8.58 70.22 -53.14
N THR A 358 9.20 70.84 -52.12
CA THR A 358 10.39 71.66 -52.29
C THR A 358 11.40 71.23 -51.24
N TYR A 359 12.69 71.56 -51.47
CA TYR A 359 13.78 71.23 -50.59
C TYR A 359 13.88 72.27 -49.50
N ASP A 360 14.13 71.81 -48.26
CA ASP A 360 14.37 72.67 -47.14
C ASP A 360 15.36 71.90 -46.27
N SER A 361 16.29 72.61 -45.60
CA SER A 361 17.36 72.04 -44.78
C SER A 361 16.86 71.63 -43.40
N THR A 362 15.69 72.15 -42.98
CA THR A 362 15.04 71.84 -41.71
C THR A 362 14.03 70.70 -41.91
N ASN A 363 13.85 70.20 -43.17
CA ASN A 363 12.90 69.14 -43.45
C ASN A 363 13.56 67.75 -43.45
N PHE A 364 14.90 67.67 -43.37
CA PHE A 364 15.61 66.40 -43.43
C PHE A 364 16.54 66.27 -42.24
N LYS A 365 16.42 65.16 -41.50
CA LYS A 365 17.27 64.85 -40.38
C LYS A 365 18.31 63.83 -40.83
N ASN A 366 19.59 64.21 -40.80
CA ASN A 366 20.69 63.38 -41.25
C ASN A 366 21.27 62.56 -40.11
N TYR A 367 21.68 61.31 -40.42
CA TYR A 367 22.23 60.39 -39.45
C TYR A 367 23.46 59.74 -40.06
N LEU A 368 24.22 59.00 -39.22
CA LEU A 368 25.45 58.36 -39.61
C LEU A 368 25.49 56.95 -39.05
N ARG A 369 25.83 55.96 -39.88
CA ARG A 369 25.92 54.57 -39.48
C ARG A 369 27.23 53.99 -39.99
N HIS A 370 27.69 52.90 -39.39
CA HIS A 370 28.79 52.11 -39.89
C HIS A 370 28.39 50.67 -39.64
N VAL A 371 28.67 49.77 -40.61
CA VAL A 371 28.33 48.36 -40.55
C VAL A 371 29.59 47.55 -40.79
N GLU A 372 30.03 46.72 -39.83
CA GLU A 372 31.10 45.77 -40.11
C GLU A 372 30.52 44.39 -40.30
N GLN A 373 31.28 43.54 -41.02
CA GLN A 373 30.94 42.16 -41.25
C GLN A 373 32.21 41.33 -41.21
N PHE A 374 32.20 40.26 -40.38
CA PHE A 374 33.28 39.33 -40.17
C PHE A 374 32.76 37.91 -40.27
N GLU A 375 33.62 36.96 -40.66
CA GLU A 375 33.32 35.55 -40.65
C GLU A 375 34.63 34.86 -40.32
N LEU A 376 34.71 33.99 -39.30
CA LEU A 376 35.97 33.45 -38.84
C LEU A 376 35.93 31.93 -38.97
N SER A 377 36.86 31.34 -39.75
CA SER A 377 36.94 29.89 -39.93
C SER A 377 38.26 29.41 -39.38
N LEU A 378 38.24 28.27 -38.67
CA LEU A 378 39.38 27.72 -37.97
C LEU A 378 39.58 26.26 -38.31
N ILE A 379 40.84 25.79 -38.25
CA ILE A 379 41.19 24.39 -38.31
C ILE A 379 41.97 24.09 -37.05
N ALA A 380 41.43 23.18 -36.21
CA ALA A 380 42.01 22.78 -34.95
C ALA A 380 42.45 21.33 -35.06
N GLN A 381 43.58 21.01 -34.42
CA GLN A 381 44.14 19.68 -34.34
C GLN A 381 44.06 19.25 -32.91
N LEU A 382 43.59 18.02 -32.66
CA LEU A 382 43.65 17.46 -31.33
C LEU A 382 45.08 17.13 -30.91
N CYS A 383 45.40 17.30 -29.62
CA CYS A 383 46.67 16.90 -29.09
C CYS A 383 46.47 16.24 -27.74
N LYS A 384 47.42 15.38 -27.34
CA LYS A 384 47.38 14.64 -26.09
C LYS A 384 48.55 15.05 -25.23
N VAL A 385 48.32 15.26 -23.93
CA VAL A 385 49.38 15.57 -22.98
C VAL A 385 49.40 14.42 -21.99
N PRO A 386 50.45 13.62 -21.87
CA PRO A 386 50.49 12.55 -20.89
C PRO A 386 51.13 13.14 -19.65
N LEU A 387 50.34 13.28 -18.57
CA LEU A 387 50.70 14.08 -17.44
C LEU A 387 51.44 13.27 -16.39
N ASP A 388 52.77 13.15 -16.61
CA ASP A 388 53.70 12.52 -15.71
C ASP A 388 54.01 13.46 -14.52
N PRO A 389 54.71 13.09 -13.45
CA PRO A 389 55.17 14.01 -12.40
C PRO A 389 55.85 15.32 -12.83
N GLY A 390 56.73 15.30 -13.85
CA GLY A 390 57.53 16.45 -14.26
C GLY A 390 56.77 17.34 -15.21
N VAL A 391 55.98 16.73 -16.11
CA VAL A 391 55.04 17.40 -16.99
C VAL A 391 53.95 18.09 -16.17
N LEU A 392 53.41 17.41 -15.13
CA LEU A 392 52.44 17.97 -14.19
C LEU A 392 52.99 19.20 -13.47
N ALA A 393 54.24 19.11 -12.95
CA ALA A 393 54.91 20.23 -12.30
C ALA A 393 55.12 21.44 -13.22
N HIS A 394 55.58 21.20 -14.47
CA HIS A 394 55.76 22.21 -15.52
C HIS A 394 54.45 22.90 -15.93
N ILE A 395 53.37 22.12 -16.15
CA ILE A 395 52.05 22.68 -16.48
C ILE A 395 51.50 23.55 -15.34
N ASN A 396 51.66 23.09 -14.07
CA ASN A 396 51.27 23.82 -12.88
C ASN A 396 52.04 25.15 -12.69
N THR A 397 53.38 25.14 -12.88
CA THR A 397 54.23 26.33 -12.75
C THR A 397 54.00 27.35 -13.85
N MET A 398 53.73 26.90 -15.09
CA MET A 398 53.30 27.75 -16.18
C MET A 398 51.98 28.44 -15.90
N ASN A 399 50.94 27.71 -15.46
CA ASN A 399 49.64 28.31 -15.29
C ASN A 399 48.78 27.36 -14.45
N PRO A 400 48.46 27.64 -13.19
CA PRO A 400 47.78 26.69 -12.31
C PRO A 400 46.35 26.40 -12.77
N THR A 401 45.68 27.35 -13.44
CA THR A 401 44.29 27.24 -13.88
C THR A 401 44.11 26.18 -14.96
N ILE A 402 45.15 25.95 -15.80
CA ILE A 402 45.16 24.89 -16.81
C ILE A 402 44.99 23.52 -16.17
N LEU A 403 45.72 23.26 -15.08
CA LEU A 403 45.78 21.96 -14.47
C LEU A 403 44.71 21.72 -13.41
N GLU A 404 44.07 22.81 -12.94
CA GLU A 404 42.89 22.83 -12.08
C GLU A 404 41.58 22.72 -12.86
N ASN A 405 41.43 23.47 -13.99
CA ASN A 405 40.17 23.53 -14.72
C ASN A 405 39.81 22.22 -15.41
N TRP A 406 40.80 21.36 -15.72
CA TRP A 406 40.52 19.95 -15.86
C TRP A 406 40.85 19.28 -14.53
N ASN A 407 39.87 18.62 -13.87
CA ASN A 407 40.15 17.99 -12.58
C ASN A 407 40.97 16.72 -12.81
N LEU A 408 42.29 16.77 -12.53
CA LEU A 408 43.17 15.63 -12.67
C LEU A 408 43.55 15.02 -11.34
N GLY A 409 44.36 15.73 -10.52
CA GLY A 409 44.93 15.19 -9.29
C GLY A 409 44.09 15.48 -8.08
N PHE A 410 42.76 15.29 -8.17
CA PHE A 410 41.83 15.68 -7.13
C PHE A 410 40.92 14.53 -6.80
N VAL A 411 40.80 14.18 -5.50
CA VAL A 411 39.81 13.23 -5.00
C VAL A 411 38.51 13.98 -4.73
N PRO A 412 37.34 13.36 -4.64
CA PRO A 412 36.15 13.97 -4.04
C PRO A 412 36.38 14.50 -2.62
N PRO A 413 36.11 15.74 -2.23
CA PRO A 413 36.20 16.18 -0.84
C PRO A 413 35.21 15.44 0.07
N PRO A 414 35.43 15.24 1.38
CA PRO A 414 34.56 14.37 2.18
C PRO A 414 33.16 14.91 2.43
N GLN A 415 32.91 16.18 2.08
CA GLN A 415 31.64 16.88 2.26
C GLN A 415 30.51 16.48 1.33
N GLN A 416 30.83 16.23 0.03
CA GLN A 416 29.92 16.01 -1.09
C GLN A 416 29.52 17.31 -1.81
N SER A 417 28.99 17.19 -3.06
CA SER A 417 28.58 18.31 -3.92
C SER A 417 27.14 18.11 -4.36
N ILE A 418 26.21 17.85 -3.41
CA ILE A 418 24.78 17.75 -3.72
C ILE A 418 24.25 19.18 -3.73
N SER A 419 23.80 19.68 -4.91
CA SER A 419 23.16 20.97 -5.06
C SER A 419 21.66 20.89 -4.85
N ASP A 420 21.10 21.89 -4.15
CA ASP A 420 19.67 21.99 -3.93
C ASP A 420 19.09 22.97 -4.95
N ASP A 421 18.51 22.46 -6.05
CA ASP A 421 18.01 23.29 -7.13
C ASP A 421 16.48 23.39 -7.06
N TYR A 422 15.94 24.62 -6.86
CA TYR A 422 14.51 24.87 -6.86
C TYR A 422 14.00 24.99 -8.30
N ARG A 423 12.78 24.53 -8.60
CA ARG A 423 12.29 24.60 -9.98
C ARG A 423 11.78 25.97 -10.45
N TYR A 424 11.51 26.92 -9.52
CA TYR A 424 10.92 28.22 -9.85
C TYR A 424 11.74 29.34 -9.25
N ILE A 425 13.04 29.43 -9.61
CA ILE A 425 13.99 30.44 -9.13
C ILE A 425 13.74 31.83 -9.72
N THR A 426 12.65 32.44 -9.25
CA THR A 426 12.29 33.85 -9.35
C THR A 426 11.15 34.13 -8.36
N SER A 427 10.55 33.07 -7.77
CA SER A 427 9.42 33.15 -6.87
C SER A 427 9.77 33.75 -5.52
N SER A 428 8.78 34.43 -4.89
CA SER A 428 8.89 34.85 -3.51
C SER A 428 8.84 33.64 -2.57
N ALA A 429 9.47 33.79 -1.38
CA ALA A 429 9.44 32.86 -0.26
C ALA A 429 10.44 31.70 -0.33
N THR A 430 11.39 31.74 -1.29
CA THR A 430 12.49 30.77 -1.36
C THR A 430 13.83 31.46 -1.17
N ARG A 431 13.91 32.44 -0.25
CA ARG A 431 15.16 32.89 0.36
C ARG A 431 16.05 33.85 -0.43
N CYS A 432 16.35 33.57 -1.72
CA CYS A 432 17.36 34.26 -2.53
C CYS A 432 17.23 33.69 -3.95
N PRO A 433 17.91 34.20 -4.98
CA PRO A 433 18.28 33.42 -6.17
C PRO A 433 19.38 32.38 -5.91
N ASP A 434 19.93 32.34 -4.68
CA ASP A 434 20.90 31.39 -4.14
C ASP A 434 22.33 31.44 -4.70
N GLN A 435 22.58 32.10 -5.85
CA GLN A 435 23.87 32.09 -6.52
C GLN A 435 24.38 33.49 -6.84
N ASN A 436 24.50 34.36 -5.81
CA ASN A 436 25.24 35.61 -5.90
C ASN A 436 26.78 35.50 -6.01
N PRO A 437 27.56 34.67 -5.28
CA PRO A 437 28.99 34.91 -5.20
C PRO A 437 29.75 34.07 -6.23
N PRO A 438 30.67 34.59 -7.01
CA PRO A 438 31.21 33.81 -8.12
C PRO A 438 32.52 33.19 -7.66
N LYS A 439 32.42 32.15 -6.81
CA LYS A 439 33.54 31.48 -6.18
C LYS A 439 34.31 30.50 -7.07
N GLU A 440 33.60 29.65 -7.83
CA GLU A 440 34.19 28.50 -8.49
C GLU A 440 34.29 28.71 -9.98
N ARG A 441 35.51 28.54 -10.54
CA ARG A 441 35.78 28.61 -11.97
C ARG A 441 35.44 29.90 -12.69
N GLU A 442 35.81 31.04 -12.09
CA GLU A 442 35.70 32.35 -12.73
C GLU A 442 37.05 32.70 -13.29
N ASP A 443 37.14 32.83 -14.64
CA ASP A 443 38.30 33.36 -15.30
C ASP A 443 38.57 34.83 -14.91
N PRO A 444 39.83 35.29 -14.77
CA PRO A 444 40.13 36.65 -14.34
C PRO A 444 39.75 37.69 -15.39
N TYR A 445 39.25 37.27 -16.57
CA TYR A 445 38.83 38.13 -17.64
C TYR A 445 37.40 38.64 -17.46
N LYS A 446 36.82 38.49 -16.26
CA LYS A 446 35.55 39.07 -15.85
C LYS A 446 35.47 40.59 -16.02
N GLY A 447 36.60 41.29 -15.81
CA GLY A 447 36.68 42.74 -15.95
C GLY A 447 36.86 43.27 -17.34
N LEU A 448 36.96 42.42 -18.38
CA LEU A 448 37.30 42.87 -19.72
C LEU A 448 36.20 42.51 -20.70
N ILE A 449 35.93 43.39 -21.69
CA ILE A 449 34.89 43.17 -22.68
C ILE A 449 35.49 42.68 -23.99
N PHE A 450 35.02 41.51 -24.48
CA PHE A 450 35.47 40.93 -25.72
C PHE A 450 34.26 40.61 -26.55
N TRP A 451 34.47 40.39 -27.86
CA TRP A 451 33.43 39.85 -28.72
C TRP A 451 33.45 38.34 -28.51
N GLU A 452 32.74 37.87 -27.46
CA GLU A 452 32.66 36.47 -27.07
C GLU A 452 31.98 35.61 -28.13
N VAL A 453 32.71 34.64 -28.71
CA VAL A 453 32.21 33.81 -29.79
C VAL A 453 32.21 32.38 -29.30
N ASP A 454 31.02 31.74 -29.27
CA ASP A 454 30.87 30.37 -28.85
C ASP A 454 30.98 29.47 -30.09
N LEU A 455 32.00 28.59 -30.12
CA LEU A 455 32.17 27.61 -31.15
C LEU A 455 31.99 26.20 -30.58
N THR A 456 31.35 26.04 -29.40
CA THR A 456 31.15 24.72 -28.80
C THR A 456 30.38 23.75 -29.69
N GLU A 457 29.29 24.24 -30.31
CA GLU A 457 28.41 23.48 -31.19
C GLU A 457 28.80 23.59 -32.67
N ARG A 458 29.99 24.13 -33.00
CA ARG A 458 30.38 24.42 -34.37
C ARG A 458 31.53 23.57 -34.88
N PHE A 459 31.98 22.57 -34.10
CA PHE A 459 33.09 21.72 -34.51
C PHE A 459 32.62 20.59 -35.41
N SER A 460 33.29 20.40 -36.56
CA SER A 460 32.97 19.33 -37.49
C SER A 460 34.25 18.67 -37.96
N GLN A 461 34.23 17.34 -38.18
CA GLN A 461 35.36 16.58 -38.68
C GLN A 461 35.33 16.47 -40.20
N ASP A 462 34.18 16.83 -40.82
CA ASP A 462 33.99 16.78 -42.26
C ASP A 462 34.67 17.97 -42.97
N LEU A 463 36.00 17.92 -43.13
CA LEU A 463 36.77 19.06 -43.60
C LEU A 463 36.43 19.59 -44.99
N ASP A 464 36.21 18.73 -46.01
CA ASP A 464 36.04 19.14 -47.40
C ASP A 464 34.78 19.96 -47.67
N GLN A 465 33.78 19.82 -46.79
CA GLN A 465 32.50 20.50 -46.82
C GLN A 465 32.63 22.01 -46.68
N PHE A 466 33.63 22.51 -45.93
CA PHE A 466 33.79 23.93 -45.65
C PHE A 466 34.92 24.53 -46.47
N ALA A 467 34.84 25.86 -46.74
CA ALA A 467 35.80 26.55 -47.60
C ALA A 467 37.25 26.53 -47.12
N LEU A 468 37.50 26.84 -45.83
CA LEU A 468 38.82 26.70 -45.21
C LEU A 468 39.28 25.25 -45.12
N GLY A 469 38.35 24.31 -44.85
CA GLY A 469 38.69 22.90 -44.68
C GLY A 469 39.14 22.24 -45.95
N ARG A 470 38.53 22.55 -47.12
CA ARG A 470 39.07 22.08 -48.38
C ARG A 470 40.32 22.84 -48.86
N LYS A 471 40.55 24.10 -48.43
CA LYS A 471 41.84 24.79 -48.58
C LYS A 471 42.96 24.10 -47.80
N PHE A 472 42.68 23.67 -46.55
CA PHE A 472 43.56 22.85 -45.72
C PHE A 472 43.85 21.51 -46.38
N LEU A 473 42.83 20.81 -46.90
CA LEU A 473 43.05 19.57 -47.64
C LEU A 473 43.93 19.72 -48.88
N TYR A 474 43.75 20.80 -49.67
CA TYR A 474 44.63 21.12 -50.78
C TYR A 474 46.08 21.39 -50.35
N GLN A 475 46.27 22.19 -49.28
CA GLN A 475 47.57 22.49 -48.69
C GLN A 475 48.29 21.26 -48.12
N ALA A 476 47.55 20.33 -47.47
CA ALA A 476 48.07 19.08 -46.99
C ALA A 476 48.22 17.99 -48.07
N GLY A 477 47.63 18.18 -49.27
CA GLY A 477 47.69 17.23 -50.39
C GLY A 477 46.70 16.09 -50.30
N ILE A 478 45.68 16.22 -49.43
CA ILE A 478 44.69 15.19 -49.14
C ILE A 478 43.40 15.52 -49.91
N ARG A 479 42.58 14.50 -50.21
CA ARG A 479 41.23 14.71 -50.64
C ARG A 479 40.42 13.68 -49.87
N THR A 480 39.11 13.92 -49.64
CA THR A 480 38.19 12.95 -49.04
C THR A 480 38.09 11.68 -49.89
N ALA A 481 37.93 10.50 -49.23
CA ALA A 481 37.71 9.24 -49.88
C ALA A 481 36.40 9.24 -50.66
N VAL A 482 36.42 8.64 -51.85
CA VAL A 482 35.29 8.68 -52.78
C VAL A 482 34.01 8.05 -52.24
N THR A 483 32.85 8.68 -52.51
CA THR A 483 31.53 8.15 -52.15
C THR A 483 30.85 7.51 -53.34
N GLY A 484 31.53 7.49 -54.50
CA GLY A 484 31.03 6.94 -55.75
C GLY A 484 32.23 6.54 -56.62
N THR B 17 43.77 13.34 -9.02
CA THR B 17 44.83 12.35 -8.57
C THR B 17 44.34 11.10 -7.90
N PRO B 18 43.70 11.02 -6.73
CA PRO B 18 43.67 9.76 -5.99
C PRO B 18 42.71 8.74 -6.57
N VAL B 19 41.42 9.09 -6.61
CA VAL B 19 40.38 8.18 -7.03
C VAL B 19 39.16 9.04 -7.33
N ALA B 20 38.11 8.45 -7.90
CA ALA B 20 36.77 8.99 -8.03
C ALA B 20 35.92 7.76 -7.80
N LYS B 21 34.57 7.82 -7.94
CA LYS B 21 33.73 6.62 -7.93
C LYS B 21 33.80 5.76 -6.67
N VAL B 22 33.08 6.18 -5.61
CA VAL B 22 32.95 5.44 -4.34
C VAL B 22 32.78 3.93 -4.49
N GLN B 23 33.75 3.16 -3.96
CA GLN B 23 33.80 1.73 -4.08
C GLN B 23 33.18 1.04 -2.87
N SER B 24 32.80 -0.26 -2.99
CA SER B 24 32.23 -1.04 -1.90
C SER B 24 33.21 -1.29 -0.77
N THR B 25 32.76 -1.41 0.49
CA THR B 25 33.68 -1.71 1.60
C THR B 25 34.31 -3.08 1.47
N ASP B 26 33.66 -4.01 0.75
CA ASP B 26 34.14 -5.34 0.43
C ASP B 26 35.45 -5.40 -0.37
N GLU B 27 35.97 -4.26 -0.87
CA GLU B 27 37.23 -4.19 -1.60
C GLU B 27 38.45 -3.83 -0.75
N TYR B 28 38.29 -3.05 0.34
CA TYR B 28 39.42 -2.67 1.20
C TYR B 28 39.25 -3.06 2.66
N VAL B 29 38.08 -3.62 3.03
CA VAL B 29 37.82 -4.11 4.37
C VAL B 29 37.72 -5.61 4.30
N TYR B 30 38.72 -6.31 4.85
CA TYR B 30 38.82 -7.75 4.79
C TYR B 30 38.19 -8.36 6.04
N PRO B 31 37.18 -9.22 5.94
CA PRO B 31 36.55 -9.82 7.10
C PRO B 31 37.43 -10.87 7.75
N THR B 32 37.12 -11.21 9.01
CA THR B 32 37.71 -12.36 9.70
C THR B 32 36.56 -13.26 10.10
N SER B 33 36.86 -14.42 10.71
CA SER B 33 35.83 -15.33 11.18
C SER B 33 35.55 -15.15 12.66
N LEU B 34 36.00 -14.03 13.25
CA LEU B 34 35.79 -13.73 14.65
C LEU B 34 34.54 -12.89 14.84
N PHE B 35 33.56 -13.47 15.54
CA PHE B 35 32.29 -12.86 15.79
C PHE B 35 32.12 -12.64 17.28
N CYS B 36 31.58 -11.48 17.66
CA CYS B 36 31.32 -11.13 19.03
C CYS B 36 29.86 -10.78 19.17
N HIS B 37 29.30 -11.04 20.36
CA HIS B 37 27.95 -10.71 20.71
C HIS B 37 28.01 -9.54 21.68
N ALA B 38 27.07 -8.59 21.55
CA ALA B 38 26.96 -7.51 22.50
C ALA B 38 25.51 -7.14 22.65
N HIS B 39 25.03 -6.91 23.88
CA HIS B 39 23.64 -6.57 24.10
C HIS B 39 23.44 -5.63 25.25
N THR B 40 22.29 -4.95 25.28
CA THR B 40 21.92 -4.09 26.39
C THR B 40 21.15 -4.91 27.41
N ASP B 41 21.28 -4.59 28.71
CA ASP B 41 20.65 -5.37 29.75
C ASP B 41 19.11 -5.36 29.68
N ARG B 42 18.52 -4.16 29.52
CA ARG B 42 17.10 -3.88 29.36
C ARG B 42 16.93 -2.38 29.53
N LEU B 43 16.31 -1.70 28.55
CA LEU B 43 16.20 -0.27 28.54
C LEU B 43 14.76 0.11 28.78
N LEU B 44 14.49 0.72 29.94
CA LEU B 44 13.16 1.13 30.35
C LEU B 44 13.13 2.64 30.41
N THR B 45 11.98 3.24 30.09
CA THR B 45 11.78 4.67 30.23
C THR B 45 10.34 4.91 30.61
N VAL B 46 10.08 5.79 31.59
CA VAL B 46 8.75 6.08 32.09
C VAL B 46 8.55 7.56 31.99
N GLY B 47 7.41 8.02 31.44
CA GLY B 47 7.16 9.45 31.41
C GLY B 47 5.72 9.78 31.22
N HIS B 48 5.45 11.03 30.81
CA HIS B 48 4.13 11.49 30.46
C HIS B 48 3.97 11.44 28.95
N PRO B 49 2.85 10.98 28.39
CA PRO B 49 2.72 10.85 26.94
C PRO B 49 2.67 12.15 26.18
N PHE B 50 2.22 13.27 26.78
CA PHE B 50 1.90 14.44 25.99
C PHE B 50 2.94 15.54 26.16
N PHE B 51 3.31 15.85 27.40
CA PHE B 51 4.14 16.99 27.69
C PHE B 51 5.02 16.67 28.89
N SER B 52 6.23 17.24 28.95
CA SER B 52 7.09 17.05 30.11
C SER B 52 6.57 17.81 31.32
N VAL B 53 6.54 17.17 32.49
CA VAL B 53 6.20 17.82 33.73
C VAL B 53 7.45 18.44 34.29
N ILE B 54 7.40 19.73 34.58
CA ILE B 54 8.45 20.46 35.23
C ILE B 54 7.86 21.02 36.50
N ASP B 55 8.73 21.49 37.41
CA ASP B 55 8.32 22.43 38.44
C ASP B 55 8.23 23.80 37.77
N ASN B 56 9.36 24.49 37.61
CA ASN B 56 9.47 25.59 36.66
C ASN B 56 10.89 25.58 36.13
N ASP B 57 11.28 24.60 35.29
CA ASP B 57 12.63 24.55 34.76
C ASP B 57 13.27 23.15 34.69
N LYS B 58 13.45 22.53 35.87
CA LYS B 58 13.95 21.16 35.96
C LYS B 58 12.85 20.17 35.63
N VAL B 59 13.14 19.18 34.74
CA VAL B 59 12.18 18.17 34.35
C VAL B 59 11.95 17.13 35.45
N THR B 60 10.72 17.07 35.98
CA THR B 60 10.30 16.13 37.02
C THR B 60 9.81 14.84 36.42
N VAL B 61 9.00 14.89 35.35
CA VAL B 61 8.59 13.70 34.60
C VAL B 61 8.81 14.01 33.13
N PRO B 62 9.72 13.37 32.41
CA PRO B 62 9.92 13.65 31.00
C PRO B 62 8.76 13.24 30.12
N LYS B 63 8.74 13.75 28.88
CA LYS B 63 7.83 13.29 27.88
C LYS B 63 8.31 12.02 27.24
N VAL B 64 7.61 10.92 27.49
CA VAL B 64 7.85 9.63 26.88
C VAL B 64 6.55 9.27 26.21
N SER B 65 6.51 9.32 24.88
CA SER B 65 5.33 9.02 24.10
C SER B 65 5.68 7.91 23.16
N GLY B 66 4.68 7.09 22.79
CA GLY B 66 4.87 5.97 21.87
C GLY B 66 4.98 6.38 20.43
N ASN B 67 4.89 7.69 20.14
CA ASN B 67 5.03 8.24 18.81
C ASN B 67 6.33 9.03 18.67
N GLN B 68 7.33 8.76 19.52
CA GLN B 68 8.63 9.40 19.37
C GLN B 68 9.61 8.53 18.61
N TYR B 69 10.58 9.18 17.97
CA TYR B 69 11.77 8.48 17.49
C TYR B 69 12.64 8.08 18.64
N ARG B 70 13.02 6.79 18.67
CA ARG B 70 14.03 6.31 19.57
C ARG B 70 15.29 6.11 18.80
N VAL B 71 16.26 7.02 18.98
CA VAL B 71 17.49 7.00 18.23
C VAL B 71 18.59 6.63 19.20
N PHE B 72 18.98 5.35 19.19
CA PHE B 72 19.97 4.82 20.08
C PHE B 72 21.34 5.01 19.48
N ARG B 73 22.26 5.67 20.21
CA ARG B 73 23.64 5.82 19.79
C ARG B 73 24.45 4.81 20.56
N LEU B 74 24.86 3.73 19.86
CA LEU B 74 25.57 2.62 20.43
C LEU B 74 27.06 2.87 20.35
N LYS B 75 27.75 2.70 21.48
CA LYS B 75 29.19 2.87 21.53
C LYS B 75 29.86 1.53 21.62
N PHE B 76 30.78 1.25 20.69
CA PHE B 76 31.50 -0.01 20.67
C PHE B 76 32.89 0.18 21.25
N PRO B 77 33.49 -0.84 21.86
CA PRO B 77 34.88 -0.76 22.27
C PRO B 77 35.79 -0.76 21.05
N ASP B 78 36.84 0.06 21.09
CA ASP B 78 37.81 0.18 20.02
C ASP B 78 38.54 -1.16 19.77
N PRO B 79 38.42 -1.80 18.61
CA PRO B 79 38.90 -3.17 18.44
C PRO B 79 40.40 -3.18 18.30
N ASN B 80 41.03 -2.01 18.10
CA ASN B 80 42.47 -1.91 17.97
C ASN B 80 43.19 -2.04 19.31
N LYS B 81 42.47 -1.87 20.44
CA LYS B 81 43.01 -2.04 21.77
C LYS B 81 42.46 -3.28 22.45
N PHE B 82 41.87 -4.21 21.68
CA PHE B 82 41.53 -5.54 22.16
C PHE B 82 42.77 -6.41 22.32
N ALA B 83 43.00 -6.98 23.52
CA ALA B 83 44.10 -7.87 23.74
C ALA B 83 43.83 -9.30 23.31
N LEU B 84 43.87 -9.57 22.00
CA LEU B 84 43.79 -10.92 21.48
C LEU B 84 44.99 -11.78 21.86
N PRO B 85 44.84 -13.11 22.05
CA PRO B 85 45.93 -13.97 22.52
C PRO B 85 47.05 -14.09 21.51
N GLN B 86 46.74 -14.49 20.28
CA GLN B 86 47.67 -14.48 19.18
C GLN B 86 47.22 -13.38 18.23
N LYS B 87 47.99 -12.28 18.14
CA LYS B 87 47.60 -11.14 17.33
C LYS B 87 48.19 -11.25 15.96
N ASP B 88 48.91 -12.35 15.65
CA ASP B 88 49.64 -12.61 14.42
C ASP B 88 48.78 -12.60 13.15
N PHE B 89 47.45 -12.52 13.27
CA PHE B 89 46.54 -12.38 12.17
C PHE B 89 46.44 -10.95 11.64
N TYR B 90 46.92 -9.93 12.38
CA TYR B 90 46.95 -8.57 11.89
C TYR B 90 48.20 -7.85 12.35
N ASP B 91 48.72 -6.92 11.53
CA ASP B 91 49.90 -6.17 11.86
C ASP B 91 49.53 -4.75 12.28
N PRO B 92 49.64 -4.30 13.53
CA PRO B 92 49.32 -2.92 13.88
C PRO B 92 50.28 -1.88 13.33
N GLU B 93 51.38 -2.24 12.63
CA GLU B 93 52.16 -1.29 11.87
C GLU B 93 51.46 -0.86 10.58
N LYS B 94 50.82 -1.80 9.85
CA LYS B 94 50.20 -1.48 8.57
C LYS B 94 48.70 -1.71 8.51
N GLU B 95 48.08 -2.28 9.55
CA GLU B 95 46.68 -2.61 9.56
C GLU B 95 45.97 -2.01 10.75
N ARG B 96 44.64 -1.85 10.63
CA ARG B 96 43.77 -1.39 11.69
C ARG B 96 42.51 -2.21 11.63
N LEU B 97 41.76 -2.27 12.74
CA LEU B 97 40.59 -3.11 12.85
C LEU B 97 39.34 -2.27 12.96
N VAL B 98 38.20 -2.86 12.59
CA VAL B 98 36.91 -2.19 12.67
C VAL B 98 35.86 -3.24 12.96
N TRP B 99 34.69 -2.82 13.47
CA TRP B 99 33.57 -3.71 13.68
C TRP B 99 32.63 -3.64 12.50
N ARG B 100 32.09 -4.79 12.08
CA ARG B 100 31.05 -4.86 11.07
C ARG B 100 29.82 -5.51 11.65
N LEU B 101 28.66 -4.83 11.59
CA LEU B 101 27.41 -5.36 12.09
C LEU B 101 26.84 -6.43 11.20
N ARG B 102 26.58 -7.63 11.75
CA ARG B 102 26.13 -8.77 10.97
C ARG B 102 24.79 -9.26 11.39
N GLY B 103 24.43 -9.07 12.66
CA GLY B 103 23.15 -9.48 13.15
C GLY B 103 22.71 -8.50 14.16
N LEU B 104 21.41 -8.32 14.28
CA LEU B 104 20.82 -7.39 15.20
C LEU B 104 19.47 -7.92 15.60
N GLU B 105 18.98 -7.55 16.79
CA GLU B 105 17.61 -7.79 17.19
C GLU B 105 17.17 -6.62 18.01
N ILE B 106 15.97 -6.06 17.70
CA ILE B 106 15.38 -5.00 18.49
C ILE B 106 14.24 -5.62 19.26
N GLY B 107 14.47 -5.90 20.55
CA GLY B 107 13.49 -6.44 21.45
C GLY B 107 12.51 -5.41 21.93
N ARG B 108 11.24 -5.80 22.10
CA ARG B 108 10.21 -4.90 22.58
C ARG B 108 9.36 -5.57 23.63
N GLY B 109 9.26 -4.95 24.82
CA GLY B 109 8.75 -5.66 26.00
C GLY B 109 7.30 -5.52 26.36
N GLY B 110 6.69 -4.34 26.16
CA GLY B 110 5.29 -4.12 26.54
C GLY B 110 4.28 -4.90 25.72
N PRO B 111 3.05 -5.09 26.17
CA PRO B 111 1.98 -5.61 25.33
C PRO B 111 1.60 -4.68 24.19
N LEU B 112 1.04 -5.25 23.11
CA LEU B 112 0.45 -4.48 22.03
C LEU B 112 -0.75 -3.64 22.49
N GLY B 113 -0.91 -2.44 21.93
CA GLY B 113 -2.02 -1.59 22.32
C GLY B 113 -1.94 -0.25 21.68
N ILE B 114 -3.09 0.45 21.62
CA ILE B 114 -3.21 1.73 20.96
C ILE B 114 -3.55 2.78 22.00
N GLY B 115 -2.73 3.85 22.09
CA GLY B 115 -3.03 5.03 22.89
C GLY B 115 -3.50 6.18 22.04
N THR B 116 -4.31 7.05 22.64
CA THR B 116 -4.93 8.19 21.94
C THR B 116 -4.35 9.49 22.46
N THR B 117 -4.36 10.54 21.61
CA THR B 117 -3.95 11.89 22.00
C THR B 117 -5.03 12.88 21.59
N GLY B 118 -5.11 14.05 22.25
CA GLY B 118 -6.15 15.03 21.97
C GLY B 118 -5.71 16.40 22.34
N HIS B 119 -6.61 17.38 22.21
CA HIS B 119 -6.41 18.73 22.68
C HIS B 119 -7.65 19.14 23.44
N PRO B 120 -7.61 19.72 24.65
CA PRO B 120 -8.80 20.26 25.29
C PRO B 120 -9.48 21.38 24.51
N LEU B 121 -8.71 22.12 23.69
CA LEU B 121 -9.23 23.22 22.91
C LEU B 121 -8.74 23.08 21.48
N PHE B 122 -9.33 22.16 20.72
CA PHE B 122 -8.98 21.89 19.34
C PHE B 122 -9.79 22.76 18.39
N ASN B 123 -9.13 23.40 17.39
CA ASN B 123 -9.75 24.17 16.33
C ASN B 123 -10.53 23.27 15.34
N LYS B 124 -11.75 22.88 15.74
CA LYS B 124 -12.71 22.10 14.99
C LYS B 124 -14.07 22.78 15.09
N LEU B 125 -14.69 23.20 13.97
CA LEU B 125 -15.97 23.89 14.03
C LEU B 125 -17.16 22.94 14.11
N GLY B 126 -17.21 21.94 13.21
CA GLY B 126 -18.32 21.01 13.16
C GLY B 126 -17.88 19.70 12.61
N ASP B 127 -18.86 18.82 12.38
CA ASP B 127 -18.67 17.56 11.70
C ASP B 127 -19.31 17.72 10.34
N THR B 128 -18.53 17.50 9.28
CA THR B 128 -18.97 17.71 7.90
C THR B 128 -19.02 16.41 7.16
N GLU B 129 -18.92 15.26 7.87
CA GLU B 129 -19.16 13.95 7.31
C GLU B 129 -20.60 13.79 6.80
N ASN B 130 -21.57 14.32 7.57
CA ASN B 130 -22.97 14.30 7.20
C ASN B 130 -23.71 15.40 7.99
N PRO B 131 -24.05 16.56 7.40
CA PRO B 131 -24.67 17.64 8.17
C PRO B 131 -26.17 17.62 8.02
N ASN B 132 -26.92 17.49 9.13
CA ASN B 132 -28.38 17.50 9.10
C ASN B 132 -28.98 18.85 8.69
N LYS B 133 -28.23 19.95 8.85
CA LYS B 133 -28.63 21.27 8.41
C LYS B 133 -27.41 22.17 8.36
N TYR B 134 -27.55 23.33 7.70
CA TYR B 134 -26.50 24.35 7.61
C TYR B 134 -26.22 25.04 8.96
N GLN B 135 -25.04 25.68 9.12
CA GLN B 135 -24.45 26.01 10.42
C GLN B 135 -24.17 27.50 10.70
N GLN B 136 -23.27 27.81 11.67
CA GLN B 136 -23.13 29.12 12.30
C GLN B 136 -21.64 29.51 12.53
N GLY B 137 -21.36 30.55 13.37
CA GLY B 137 -19.99 30.95 13.74
C GLY B 137 -19.95 32.03 14.79
N SER B 138 -19.12 31.88 15.84
CA SER B 138 -18.98 32.90 16.88
C SER B 138 -17.50 33.11 17.18
N LYS B 139 -17.14 33.26 18.46
CA LYS B 139 -15.79 33.34 18.94
C LYS B 139 -15.52 32.15 19.85
N ASP B 140 -14.31 31.56 19.76
CA ASP B 140 -13.91 30.35 20.47
C ASP B 140 -14.85 29.15 20.33
N ASN B 141 -14.95 28.61 19.10
CA ASN B 141 -15.75 27.44 18.81
C ASN B 141 -14.96 26.16 18.97
N ARG B 142 -13.80 26.23 19.66
CA ARG B 142 -12.94 25.10 19.96
C ARG B 142 -13.60 24.02 20.81
N GLN B 143 -13.21 22.76 20.56
CA GLN B 143 -13.82 21.61 21.19
C GLN B 143 -12.75 20.73 21.77
N ASN B 144 -13.11 19.84 22.71
CA ASN B 144 -12.20 18.84 23.23
C ASN B 144 -12.30 17.60 22.36
N THR B 145 -11.26 17.34 21.55
CA THR B 145 -11.30 16.29 20.53
C THR B 145 -10.05 15.44 20.66
N SER B 146 -10.22 14.12 20.77
CA SER B 146 -9.15 13.14 20.81
C SER B 146 -9.17 12.20 19.61
N MET B 147 -8.03 11.55 19.35
CA MET B 147 -7.87 10.70 18.20
C MET B 147 -6.73 9.74 18.44
N ASP B 148 -6.77 8.56 17.81
CA ASP B 148 -5.65 7.67 17.69
C ASP B 148 -4.82 8.05 16.45
N PRO B 149 -3.49 8.09 16.47
CA PRO B 149 -2.76 8.58 15.31
C PRO B 149 -2.58 7.47 14.30
N LYS B 150 -1.96 7.77 13.15
CA LYS B 150 -1.48 6.78 12.20
C LYS B 150 -0.54 5.75 12.82
N GLN B 151 -0.67 4.47 12.44
CA GLN B 151 0.21 3.43 12.93
C GLN B 151 1.50 3.43 12.12
N THR B 152 2.65 3.36 12.81
CA THR B 152 3.95 3.46 12.18
C THR B 152 4.86 2.54 12.94
N GLN B 153 5.63 1.72 12.21
CA GLN B 153 6.77 1.03 12.74
C GLN B 153 7.89 1.32 11.78
N LEU B 154 9.09 1.63 12.27
CA LEU B 154 10.23 1.64 11.40
C LEU B 154 11.45 1.34 12.20
N PHE B 155 12.46 0.86 11.49
CA PHE B 155 13.76 0.65 12.06
C PHE B 155 14.76 1.02 10.99
N ILE B 156 15.72 1.87 11.32
CA ILE B 156 16.87 2.24 10.52
C ILE B 156 18.14 1.94 11.32
N VAL B 157 19.15 1.33 10.67
CA VAL B 157 20.46 1.11 11.26
C VAL B 157 21.55 1.66 10.33
N GLY B 158 22.51 2.43 10.89
CA GLY B 158 23.63 2.99 10.14
C GLY B 158 24.74 3.40 11.06
N CYS B 159 25.86 3.92 10.52
CA CYS B 159 26.98 4.37 11.35
C CYS B 159 26.99 5.88 11.53
N GLU B 160 26.09 6.58 10.82
CA GLU B 160 25.83 7.99 10.96
C GLU B 160 24.42 8.19 11.46
N PRO B 161 24.05 9.33 12.03
CA PRO B 161 22.68 9.58 12.46
C PRO B 161 21.71 9.73 11.29
N PRO B 162 20.47 9.29 11.39
CA PRO B 162 19.48 9.40 10.31
C PRO B 162 19.16 10.84 9.90
N THR B 163 18.70 11.02 8.65
CA THR B 163 18.24 12.31 8.12
C THR B 163 16.74 12.29 8.10
N GLY B 164 16.07 13.30 8.65
CA GLY B 164 14.62 13.44 8.55
C GLY B 164 14.22 14.66 7.80
N GLU B 165 13.02 14.65 7.23
CA GLU B 165 12.49 15.76 6.46
C GLU B 165 11.23 16.31 7.13
N HIS B 166 10.97 17.62 6.97
CA HIS B 166 9.70 18.23 7.37
C HIS B 166 9.50 19.53 6.63
N TRP B 167 8.25 20.01 6.52
CA TRP B 167 7.93 21.27 5.90
C TRP B 167 7.94 22.40 6.92
N ASP B 168 8.65 23.48 6.62
CA ASP B 168 8.90 24.56 7.56
C ASP B 168 8.63 25.93 6.94
N VAL B 169 8.63 26.99 7.77
CA VAL B 169 8.46 28.37 7.32
C VAL B 169 9.73 28.88 6.66
N ALA B 170 9.60 29.38 5.42
CA ALA B 170 10.69 30.04 4.75
C ALA B 170 10.55 31.55 4.76
N LYS B 171 11.63 32.25 4.40
CA LYS B 171 11.58 33.68 4.17
C LYS B 171 11.02 34.00 2.78
N PRO B 172 9.95 34.76 2.61
CA PRO B 172 9.46 35.12 1.29
C PRO B 172 10.37 36.12 0.61
N CYS B 173 10.22 36.26 -0.72
CA CYS B 173 11.04 37.16 -1.54
C CYS B 173 10.64 38.63 -1.43
N GLY B 174 9.45 38.91 -0.88
CA GLY B 174 8.98 40.26 -0.57
C GLY B 174 8.21 40.24 0.71
N ALA B 175 7.81 41.41 1.23
CA ALA B 175 7.00 41.48 2.44
C ALA B 175 5.54 41.13 2.23
N LEU B 176 4.88 40.69 3.32
CA LEU B 176 3.49 40.27 3.33
C LEU B 176 2.74 41.07 4.35
N GLU B 177 1.41 40.94 4.42
CA GLU B 177 0.63 41.55 5.47
C GLU B 177 0.46 40.63 6.70
N LYS B 178 -0.07 41.17 7.80
CA LYS B 178 -0.26 40.40 9.01
C LYS B 178 -1.38 39.37 8.89
N GLY B 179 -1.03 38.07 8.98
CA GLY B 179 -1.99 36.98 8.85
C GLY B 179 -1.90 36.19 7.58
N ASP B 180 -1.05 36.62 6.62
CA ASP B 180 -0.78 35.91 5.38
C ASP B 180 -0.17 34.52 5.59
N CYS B 181 -0.43 33.61 4.63
CA CYS B 181 0.05 32.24 4.66
C CYS B 181 1.60 32.12 4.68
N PRO B 182 2.23 31.36 5.58
CA PRO B 182 3.68 31.26 5.60
C PRO B 182 4.18 30.38 4.45
N PRO B 183 5.24 30.72 3.73
CA PRO B 183 5.69 29.90 2.61
C PRO B 183 6.40 28.66 3.11
N ILE B 184 6.15 27.52 2.44
CA ILE B 184 6.68 26.24 2.83
C ILE B 184 8.06 25.96 2.25
N GLN B 185 8.89 25.23 2.99
CA GLN B 185 10.16 24.75 2.50
C GLN B 185 10.45 23.39 3.09
N LEU B 186 11.01 22.46 2.29
CA LEU B 186 11.38 21.15 2.80
C LEU B 186 12.73 21.25 3.50
N VAL B 187 12.74 21.00 4.83
CA VAL B 187 13.92 21.19 5.65
C VAL B 187 14.41 19.85 6.10
N ASN B 188 15.69 19.55 5.80
CA ASN B 188 16.34 18.36 6.28
C ASN B 188 16.99 18.60 7.62
N SER B 189 16.90 17.61 8.50
CA SER B 189 17.49 17.69 9.82
C SER B 189 17.94 16.33 10.22
N VAL B 190 18.83 16.22 11.22
CA VAL B 190 19.03 14.95 11.91
C VAL B 190 17.79 14.58 12.72
N ILE B 191 17.44 13.28 12.76
CA ILE B 191 16.38 12.79 13.63
C ILE B 191 17.01 12.44 14.95
N GLU B 192 16.48 12.99 16.04
CA GLU B 192 17.03 12.85 17.37
C GLU B 192 16.12 12.02 18.26
N ASP B 193 16.63 11.60 19.43
CA ASP B 193 15.82 10.86 20.39
C ASP B 193 14.80 11.77 21.05
N GLY B 194 13.51 11.46 20.88
CA GLY B 194 12.44 12.29 21.40
C GLY B 194 11.79 13.20 20.38
N ASP B 195 12.31 13.32 19.14
CA ASP B 195 11.57 13.89 18.03
C ASP B 195 10.27 13.15 17.75
N MET B 196 9.23 13.82 17.28
CA MET B 196 7.95 13.17 17.03
C MET B 196 7.90 12.59 15.62
N CYS B 197 7.32 11.38 15.47
CA CYS B 197 7.05 10.84 14.15
C CYS B 197 5.84 11.50 13.51
N ASP B 198 5.68 11.38 12.17
CA ASP B 198 4.43 11.79 11.55
C ASP B 198 3.25 10.96 12.06
N ILE B 199 2.11 11.62 12.28
CA ILE B 199 0.97 10.96 12.88
C ILE B 199 -0.26 11.00 11.98
N GLY B 200 -0.10 11.42 10.71
CA GLY B 200 -1.23 11.61 9.78
C GLY B 200 -1.62 13.04 9.54
N PHE B 201 -1.02 14.03 10.24
CA PHE B 201 -1.25 15.44 9.94
C PHE B 201 -0.14 16.03 9.10
N GLY B 202 0.76 15.17 8.58
CA GLY B 202 1.89 15.58 7.76
C GLY B 202 3.16 15.81 8.51
N ASN B 203 4.24 16.01 7.74
CA ASN B 203 5.55 16.31 8.28
C ASN B 203 5.75 17.79 8.26
N MET B 204 5.47 18.47 9.37
CA MET B 204 5.46 19.91 9.37
C MET B 204 5.85 20.45 10.73
N ASN B 205 6.40 21.68 10.71
CA ASN B 205 6.78 22.41 11.89
C ASN B 205 5.54 23.10 12.47
N PHE B 206 4.88 22.43 13.43
CA PHE B 206 3.65 22.92 14.02
C PHE B 206 3.84 24.20 14.81
N LYS B 207 5.01 24.38 15.44
CA LYS B 207 5.35 25.58 16.19
C LYS B 207 5.34 26.85 15.35
N GLU B 208 5.85 26.78 14.11
CA GLU B 208 5.94 27.93 13.24
C GLU B 208 4.80 28.00 12.23
N LEU B 209 4.38 26.88 11.63
CA LEU B 209 3.33 26.90 10.62
C LEU B 209 1.92 27.03 11.17
N GLN B 210 1.66 26.81 12.47
CA GLN B 210 0.34 26.97 13.03
C GLN B 210 0.38 27.83 14.29
N GLN B 211 0.18 29.16 14.15
CA GLN B 211 0.20 30.08 15.27
C GLN B 211 -1.03 29.99 16.17
N ASP B 212 -2.10 29.31 15.69
CA ASP B 212 -3.29 28.98 16.45
C ASP B 212 -3.00 28.24 17.76
N ARG B 213 -2.02 27.31 17.75
CA ARG B 213 -1.66 26.45 18.88
C ARG B 213 -2.78 25.54 19.35
N SER B 214 -3.71 25.21 18.43
CA SER B 214 -4.93 24.49 18.71
C SER B 214 -5.31 23.65 17.53
N GLY B 215 -4.40 23.47 16.56
CA GLY B 215 -4.75 22.87 15.29
C GLY B 215 -4.54 21.38 15.20
N VAL B 216 -3.82 20.79 16.16
CA VAL B 216 -3.41 19.40 16.17
C VAL B 216 -3.31 18.99 17.64
N PRO B 217 -3.29 17.73 18.06
CA PRO B 217 -3.24 17.36 19.48
C PRO B 217 -2.06 17.87 20.29
N LEU B 218 -2.19 17.82 21.64
CA LEU B 218 -1.24 18.35 22.59
C LEU B 218 0.18 17.82 22.47
N ASP B 219 0.41 16.54 22.11
CA ASP B 219 1.75 16.02 22.05
C ASP B 219 2.54 16.52 20.84
N ILE B 220 1.86 17.07 19.81
CA ILE B 220 2.54 17.57 18.62
C ILE B 220 2.36 19.04 18.37
N VAL B 221 1.53 19.74 19.17
CA VAL B 221 1.11 21.12 18.92
C VAL B 221 2.25 22.13 18.88
N SER B 222 3.35 21.84 19.60
CA SER B 222 4.55 22.64 19.62
C SER B 222 5.78 21.92 19.09
N THR B 223 5.62 20.69 18.57
CA THR B 223 6.74 19.87 18.13
C THR B 223 6.98 20.04 16.64
N ARG B 224 7.98 19.30 16.13
CA ARG B 224 8.20 19.15 14.72
C ARG B 224 8.05 17.67 14.41
N CYS B 225 7.01 17.28 13.67
CA CYS B 225 6.89 15.90 13.23
C CYS B 225 7.72 15.70 11.99
N LYS B 226 8.63 14.72 12.05
CA LYS B 226 9.59 14.46 11.00
C LYS B 226 9.33 13.08 10.43
N TRP B 227 9.67 12.88 9.15
CA TRP B 227 9.64 11.58 8.48
C TRP B 227 11.06 11.24 8.08
N PRO B 228 11.54 10.00 8.12
CA PRO B 228 12.84 9.65 7.57
C PRO B 228 12.98 9.97 6.10
N ASP B 229 13.98 10.76 5.68
CA ASP B 229 14.25 11.01 4.27
C ASP B 229 14.96 9.81 3.65
N PHE B 230 14.18 8.81 3.21
CA PHE B 230 14.70 7.66 2.50
C PHE B 230 15.32 8.03 1.15
N LEU B 231 14.74 9.02 0.43
CA LEU B 231 15.23 9.45 -0.87
C LEU B 231 16.64 10.04 -0.79
N LYS B 232 16.95 10.89 0.19
CA LYS B 232 18.29 11.39 0.42
C LYS B 232 19.20 10.39 1.11
N MET B 233 18.70 9.60 2.07
CA MET B 233 19.50 8.60 2.75
C MET B 233 19.98 7.45 1.88
N THR B 234 19.21 6.96 0.89
CA THR B 234 19.74 5.96 -0.04
C THR B 234 20.66 6.56 -1.09
N ASN B 235 20.47 7.84 -1.45
CA ASN B 235 21.17 8.46 -2.57
C ASN B 235 22.41 9.24 -2.14
N GLU B 236 22.77 9.24 -0.85
CA GLU B 236 24.08 9.71 -0.41
C GLU B 236 25.22 8.81 -0.91
N ALA B 237 26.42 9.39 -1.15
CA ALA B 237 27.50 8.72 -1.83
C ALA B 237 28.08 7.48 -1.16
N TYR B 238 28.25 7.49 0.18
CA TYR B 238 28.93 6.40 0.85
C TYR B 238 27.94 5.38 1.41
N GLY B 239 26.72 5.81 1.76
CA GLY B 239 25.65 4.94 2.24
C GLY B 239 25.76 4.63 3.72
N ASP B 240 26.14 5.63 4.52
CA ASP B 240 26.51 5.46 5.90
C ASP B 240 25.37 5.75 6.87
N LYS B 241 24.41 6.61 6.52
CA LYS B 241 23.24 6.93 7.34
C LYS B 241 22.30 5.78 7.54
N MET B 242 22.12 4.94 6.51
CA MET B 242 21.42 3.70 6.71
C MET B 242 21.95 2.64 5.78
N PHE B 243 22.19 1.43 6.30
CA PHE B 243 22.55 0.29 5.49
C PHE B 243 21.52 -0.83 5.58
N PHE B 244 20.47 -0.63 6.38
CA PHE B 244 19.32 -1.51 6.43
C PHE B 244 18.17 -0.66 6.94
N PHE B 245 16.93 -0.95 6.47
CA PHE B 245 15.76 -0.34 7.03
C PHE B 245 14.55 -1.21 6.79
N GLY B 246 13.57 -1.17 7.71
CA GLY B 246 12.26 -1.77 7.54
C GLY B 246 11.23 -0.76 7.96
N ARG B 247 10.03 -0.77 7.34
CA ARG B 247 8.97 0.12 7.74
C ARG B 247 7.61 -0.50 7.45
N ARG B 248 6.62 -0.15 8.28
CA ARG B 248 5.22 -0.51 8.10
C ARG B 248 4.42 0.68 8.58
N GLU B 249 3.42 1.13 7.81
CA GLU B 249 2.62 2.25 8.23
C GLU B 249 1.22 2.11 7.64
N GLN B 250 0.17 2.45 8.43
CA GLN B 250 -1.21 2.32 7.98
C GLN B 250 -2.08 3.38 8.63
N VAL B 251 -3.03 3.93 7.85
CA VAL B 251 -3.90 5.00 8.31
C VAL B 251 -5.18 4.94 7.50
N TYR B 252 -6.32 5.31 8.11
CA TYR B 252 -7.53 5.62 7.37
C TYR B 252 -8.12 6.89 7.98
N ALA B 253 -9.05 7.55 7.27
CA ALA B 253 -9.70 8.74 7.79
C ALA B 253 -10.89 8.35 8.65
N ARG B 254 -10.87 8.67 9.95
CA ARG B 254 -11.90 8.22 10.88
C ARG B 254 -13.12 9.12 10.95
N HIS B 255 -12.90 10.45 10.96
CA HIS B 255 -13.95 11.45 10.96
C HIS B 255 -13.45 12.62 10.14
N PHE B 256 -14.39 13.42 9.61
CA PHE B 256 -14.08 14.45 8.65
C PHE B 256 -14.60 15.77 9.17
N PHE B 257 -13.69 16.70 9.46
CA PHE B 257 -13.99 17.87 10.25
C PHE B 257 -13.60 19.14 9.55
N THR B 258 -14.04 20.26 10.11
CA THR B 258 -13.89 21.61 9.59
C THR B 258 -13.09 22.47 10.53
N ARG B 259 -12.38 23.48 10.01
CA ARG B 259 -11.69 24.47 10.80
C ARG B 259 -12.58 25.67 11.09
N ASN B 260 -12.20 26.45 12.10
CA ASN B 260 -12.83 27.71 12.41
C ASN B 260 -11.76 28.78 12.31
N GLY B 261 -12.14 30.00 11.88
CA GLY B 261 -11.22 31.11 11.77
C GLY B 261 -11.56 31.96 10.59
N SER B 262 -10.87 33.10 10.42
CA SER B 262 -11.00 33.91 9.23
C SER B 262 -10.48 33.20 8.00
N VAL B 263 -11.31 33.03 6.95
CA VAL B 263 -10.94 32.29 5.77
C VAL B 263 -9.85 32.99 4.96
N GLY B 264 -8.60 32.49 4.99
CA GLY B 264 -7.44 33.20 4.42
C GLY B 264 -7.44 33.31 2.92
N GLU B 265 -8.00 32.30 2.25
CA GLU B 265 -8.14 32.27 0.82
C GLU B 265 -9.61 31.99 0.54
N PRO B 266 -10.39 32.87 -0.09
CA PRO B 266 -11.78 32.58 -0.37
C PRO B 266 -11.90 31.60 -1.51
N ILE B 267 -13.02 30.86 -1.56
CA ILE B 267 -13.37 30.06 -2.73
C ILE B 267 -13.57 30.95 -3.96
N PRO B 268 -12.97 30.69 -5.12
CA PRO B 268 -13.27 31.41 -6.36
C PRO B 268 -14.75 31.43 -6.71
N ASN B 269 -15.30 32.59 -7.12
CA ASN B 269 -16.74 32.75 -7.35
C ASN B 269 -17.27 31.95 -8.54
N SER B 270 -16.36 31.43 -9.39
CA SER B 270 -16.69 30.64 -10.55
C SER B 270 -16.65 29.15 -10.28
N VAL B 271 -17.71 28.44 -10.68
CA VAL B 271 -17.85 27.01 -10.50
C VAL B 271 -17.39 26.27 -11.73
N SER B 272 -16.18 25.69 -11.72
CA SER B 272 -15.66 24.93 -12.84
C SER B 272 -16.37 23.61 -13.15
N PRO B 273 -17.15 22.94 -12.30
CA PRO B 273 -17.97 21.83 -12.76
C PRO B 273 -19.11 22.21 -13.67
N SER B 274 -19.67 23.42 -13.57
CA SER B 274 -20.86 23.78 -14.32
C SER B 274 -20.62 24.88 -15.32
N ASP B 275 -19.43 25.52 -15.25
CA ASP B 275 -19.01 26.66 -16.03
C ASP B 275 -19.82 27.93 -15.77
N PHE B 276 -20.24 28.15 -14.52
CA PHE B 276 -21.08 29.27 -14.15
C PHE B 276 -20.65 29.90 -12.85
N TYR B 277 -21.13 31.11 -12.56
CA TYR B 277 -21.02 31.71 -11.23
C TYR B 277 -22.08 31.10 -10.33
N TYR B 278 -21.83 31.08 -9.01
CA TYR B 278 -22.78 30.52 -8.07
C TYR B 278 -22.70 31.35 -6.79
N ALA B 279 -23.86 31.60 -6.17
CA ALA B 279 -23.93 32.20 -4.87
C ALA B 279 -25.20 31.72 -4.19
N PRO B 280 -25.32 31.62 -2.87
CA PRO B 280 -26.58 31.16 -2.28
C PRO B 280 -27.50 32.33 -2.02
N ASP B 281 -27.71 33.20 -3.02
CA ASP B 281 -28.57 34.36 -2.93
C ASP B 281 -30.04 34.03 -2.73
N SER B 282 -30.52 32.93 -3.32
CA SER B 282 -31.90 32.50 -3.20
C SER B 282 -32.22 31.84 -1.87
N THR B 283 -31.18 31.46 -1.10
CA THR B 283 -31.33 30.83 0.19
C THR B 283 -30.63 31.63 1.27
N GLN B 284 -31.41 32.35 2.11
CA GLN B 284 -30.88 33.30 3.09
C GLN B 284 -29.90 32.68 4.08
N ASP B 285 -30.16 31.45 4.54
CA ASP B 285 -29.29 30.72 5.44
C ASP B 285 -27.93 30.31 4.90
N GLN B 286 -27.75 30.14 3.57
CA GLN B 286 -26.51 29.64 3.06
C GLN B 286 -25.71 30.70 2.40
N LYS B 287 -26.03 31.99 2.41
CA LYS B 287 -25.34 33.10 1.78
C LYS B 287 -23.91 33.27 2.31
N THR B 288 -23.69 33.15 3.63
CA THR B 288 -22.32 33.18 4.18
C THR B 288 -21.71 31.81 4.03
N LEU B 289 -20.67 31.63 3.18
CA LEU B 289 -20.05 30.34 3.00
C LEU B 289 -19.42 29.75 4.26
N ALA B 290 -19.83 28.53 4.62
CA ALA B 290 -19.19 27.69 5.59
C ALA B 290 -17.71 27.38 5.29
N PRO B 291 -16.84 27.18 6.29
CA PRO B 291 -15.43 26.91 6.08
C PRO B 291 -15.12 25.74 5.19
N SER B 292 -14.29 26.00 4.16
CA SER B 292 -13.85 25.01 3.20
C SER B 292 -12.46 24.51 3.54
N VAL B 293 -12.02 24.81 4.77
CA VAL B 293 -10.79 24.28 5.30
C VAL B 293 -11.12 23.05 6.11
N TYR B 294 -10.85 21.88 5.53
CA TYR B 294 -11.21 20.61 6.10
C TYR B 294 -9.99 19.93 6.68
N PHE B 295 -10.21 19.01 7.62
CA PHE B 295 -9.16 18.12 8.08
C PHE B 295 -9.79 16.82 8.50
N GLY B 296 -9.09 15.68 8.29
CA GLY B 296 -9.57 14.42 8.83
C GLY B 296 -8.87 14.11 10.09
N THR B 297 -9.52 13.37 11.00
CA THR B 297 -8.80 12.75 12.10
C THR B 297 -8.20 11.43 11.62
N PRO B 298 -6.89 11.20 11.75
CA PRO B 298 -6.31 9.91 11.41
C PRO B 298 -6.76 8.81 12.35
N SER B 299 -6.50 7.57 11.95
CA SER B 299 -6.73 6.41 12.77
C SER B 299 -5.86 5.31 12.21
N GLY B 300 -4.91 4.80 13.00
CA GLY B 300 -4.20 3.57 12.69
C GLY B 300 -5.00 2.40 13.17
N SER B 301 -5.64 1.64 12.25
CA SER B 301 -6.52 0.53 12.61
C SER B 301 -5.88 -0.61 13.38
N LEU B 302 -6.60 -1.74 13.55
CA LEU B 302 -6.18 -2.92 14.28
C LEU B 302 -4.68 -3.24 14.27
N VAL B 303 -4.05 -3.21 15.44
CA VAL B 303 -2.69 -3.68 15.58
C VAL B 303 -2.66 -5.19 15.72
N SER B 304 -1.62 -5.87 15.19
CA SER B 304 -1.59 -7.31 15.20
C SER B 304 -0.17 -7.77 15.45
N SER B 305 -0.03 -8.94 16.08
CA SER B 305 1.26 -9.55 16.35
C SER B 305 1.88 -10.19 15.13
N ASP B 306 1.05 -10.54 14.13
CA ASP B 306 1.47 -11.02 12.83
C ASP B 306 2.25 -9.98 12.01
N GLY B 307 1.86 -8.69 12.14
CA GLY B 307 2.44 -7.59 11.36
C GLY B 307 3.72 -7.03 11.92
N GLN B 308 4.18 -7.56 13.05
CA GLN B 308 5.29 -7.06 13.82
C GLN B 308 6.66 -7.08 13.17
N LEU B 309 7.30 -5.89 13.06
CA LEU B 309 8.67 -5.76 12.64
C LEU B 309 9.70 -6.19 13.69
N PHE B 310 9.44 -5.87 14.97
CA PHE B 310 10.36 -6.06 16.07
C PHE B 310 10.24 -7.43 16.73
N ASN B 311 11.22 -7.78 17.62
CA ASN B 311 11.37 -9.09 18.23
C ASN B 311 11.68 -10.17 17.20
N ARG B 312 12.54 -9.84 16.22
CA ARG B 312 12.96 -10.73 15.17
C ARG B 312 14.42 -10.44 14.86
N PRO B 313 15.28 -11.43 14.65
CA PRO B 313 16.66 -11.17 14.27
C PRO B 313 16.76 -10.77 12.81
N PHE B 314 17.62 -9.80 12.51
CA PHE B 314 17.88 -9.39 11.14
C PHE B 314 19.35 -9.61 10.86
N TRP B 315 19.64 -10.32 9.77
CA TRP B 315 21.00 -10.65 9.39
C TRP B 315 21.42 -9.78 8.23
N LEU B 316 22.42 -8.91 8.42
CA LEU B 316 22.75 -7.91 7.43
C LEU B 316 23.78 -8.43 6.45
N GLN B 317 23.36 -9.25 5.48
CA GLN B 317 24.28 -9.88 4.55
C GLN B 317 24.83 -8.96 3.49
N ARG B 318 23.93 -8.26 2.79
CA ARG B 318 24.26 -7.29 1.77
C ARG B 318 23.56 -5.99 2.13
N ALA B 319 24.33 -4.97 2.51
CA ALA B 319 23.80 -3.63 2.69
C ALA B 319 23.26 -2.97 1.42
N GLN B 320 22.35 -1.99 1.60
CA GLN B 320 21.81 -1.19 0.51
C GLN B 320 22.83 -0.35 -0.26
N GLY B 321 23.83 0.23 0.45
CA GLY B 321 24.82 1.11 -0.15
C GLY B 321 26.19 0.49 -0.21
N ASN B 322 27.21 1.33 -0.42
CA ASN B 322 28.59 0.86 -0.52
C ASN B 322 29.19 0.50 0.84
N ASN B 323 28.64 1.04 1.95
CA ASN B 323 29.01 0.60 3.26
C ASN B 323 28.26 -0.67 3.65
N ASN B 324 28.92 -1.84 3.46
CA ASN B 324 28.43 -3.14 3.84
C ASN B 324 28.52 -3.40 5.34
N GLY B 325 27.80 -2.59 6.13
CA GLY B 325 27.62 -2.75 7.57
C GLY B 325 28.81 -2.38 8.41
N VAL B 326 29.80 -1.66 7.86
CA VAL B 326 31.00 -1.29 8.60
C VAL B 326 30.73 -0.14 9.55
N CYS B 327 30.93 -0.41 10.85
CA CYS B 327 30.69 0.53 11.92
C CYS B 327 31.88 1.44 12.13
N TRP B 328 32.14 2.34 11.17
CA TRP B 328 33.20 3.32 11.25
C TRP B 328 33.09 4.18 12.52
N HIS B 329 34.24 4.45 13.17
CA HIS B 329 34.35 5.23 14.41
C HIS B 329 33.92 4.50 15.67
N ASN B 330 33.58 3.19 15.59
CA ASN B 330 33.12 2.41 16.72
C ASN B 330 31.76 2.90 17.21
N GLU B 331 30.91 3.34 16.26
CA GLU B 331 29.61 3.95 16.52
C GLU B 331 28.56 3.23 15.71
N LEU B 332 27.32 3.18 16.20
CA LEU B 332 26.19 2.65 15.46
C LEU B 332 24.93 3.36 15.89
N PHE B 333 24.05 3.73 14.95
CA PHE B 333 22.81 4.43 15.24
C PHE B 333 21.66 3.52 14.89
N VAL B 334 20.76 3.27 15.85
CA VAL B 334 19.62 2.39 15.72
C VAL B 334 18.39 3.24 15.95
N THR B 335 17.57 3.47 14.92
CA THR B 335 16.45 4.41 14.99
C THR B 335 15.17 3.65 14.89
N VAL B 336 14.36 3.65 15.97
CA VAL B 336 13.16 2.86 16.12
C VAL B 336 11.95 3.77 16.33
N VAL B 337 10.83 3.47 15.65
CA VAL B 337 9.51 4.01 15.95
C VAL B 337 8.60 2.80 16.12
N ASP B 338 7.77 2.74 17.18
CA ASP B 338 6.87 1.63 17.38
C ASP B 338 5.56 2.16 17.94
N ASN B 339 4.61 2.53 17.06
CA ASN B 339 3.34 3.11 17.46
C ASN B 339 2.33 2.01 17.80
N THR B 340 2.83 0.77 18.04
CA THR B 340 2.04 -0.43 18.25
C THR B 340 2.01 -0.80 19.72
N ARG B 341 2.77 -0.07 20.56
CA ARG B 341 2.82 -0.29 22.00
C ARG B 341 2.71 1.05 22.70
N ASN B 342 1.77 1.88 22.26
CA ASN B 342 1.61 3.24 22.76
C ASN B 342 0.52 3.37 23.82
N THR B 343 0.16 2.26 24.50
CA THR B 343 -0.79 2.24 25.61
C THR B 343 -0.38 3.13 26.76
N ASN B 344 -1.11 4.25 26.92
CA ASN B 344 -0.94 5.16 28.03
C ASN B 344 -1.74 4.67 29.22
N PHE B 345 -1.08 4.45 30.37
CA PHE B 345 -1.72 3.95 31.56
C PHE B 345 -2.24 5.10 32.40
N THR B 346 -3.52 5.01 32.78
CA THR B 346 -4.20 6.04 33.55
C THR B 346 -4.07 5.73 35.02
N ILE B 347 -3.34 6.57 35.77
CA ILE B 347 -3.10 6.42 37.18
C ILE B 347 -4.04 7.36 37.91
N SER B 348 -4.39 7.07 39.17
CA SER B 348 -5.19 7.96 39.98
C SER B 348 -4.69 7.86 41.40
N GLN B 349 -4.74 8.99 42.14
CA GLN B 349 -4.37 9.02 43.54
C GLN B 349 -5.48 9.65 44.33
N GLN B 350 -5.79 9.07 45.51
CA GLN B 350 -6.76 9.64 46.43
C GLN B 350 -6.12 10.69 47.30
N THR B 351 -6.44 11.97 47.03
CA THR B 351 -5.87 13.09 47.75
C THR B 351 -6.69 13.42 48.96
N ASN B 352 -6.19 14.34 49.80
CA ASN B 352 -6.93 14.96 50.90
C ASN B 352 -7.04 14.07 52.12
N THR B 353 -7.54 12.83 51.95
CA THR B 353 -7.90 11.99 53.07
C THR B 353 -8.25 10.59 52.58
N PRO B 354 -7.78 9.50 53.20
CA PRO B 354 -8.07 8.18 52.67
C PRO B 354 -9.19 7.58 53.50
N ASN B 355 -10.20 8.42 53.83
CA ASN B 355 -11.31 8.08 54.69
C ASN B 355 -12.72 8.16 54.07
N PRO B 356 -13.09 8.88 52.99
CA PRO B 356 -14.48 8.93 52.56
C PRO B 356 -15.06 7.63 52.05
N ASP B 357 -16.35 7.44 52.27
CA ASP B 357 -17.14 6.28 51.89
C ASP B 357 -17.98 6.51 50.63
N THR B 358 -17.90 7.72 50.05
CA THR B 358 -18.68 8.16 48.89
C THR B 358 -17.74 8.73 47.85
N TYR B 359 -17.94 8.39 46.55
CA TYR B 359 -17.16 8.92 45.44
C TYR B 359 -17.42 10.41 45.19
N ASP B 360 -16.34 11.23 45.12
CA ASP B 360 -16.41 12.60 44.66
C ASP B 360 -15.33 12.76 43.60
N SER B 361 -15.56 13.62 42.61
CA SER B 361 -14.60 13.89 41.56
C SER B 361 -13.45 14.75 42.04
N THR B 362 -13.65 15.51 43.15
CA THR B 362 -12.63 16.37 43.70
C THR B 362 -11.65 15.62 44.60
N ASN B 363 -11.99 14.37 44.96
CA ASN B 363 -11.22 13.54 45.87
C ASN B 363 -10.10 12.75 45.20
N PHE B 364 -10.11 12.69 43.86
CA PHE B 364 -9.15 11.89 43.12
C PHE B 364 -8.37 12.73 42.13
N LYS B 365 -7.05 12.56 42.07
CA LYS B 365 -6.22 13.19 41.07
C LYS B 365 -5.82 12.19 40.00
N ASN B 366 -6.36 12.39 38.78
CA ASN B 366 -6.03 11.59 37.61
C ASN B 366 -4.68 11.96 37.01
N TYR B 367 -3.93 10.96 36.53
CA TYR B 367 -2.63 11.14 35.92
C TYR B 367 -2.50 10.24 34.70
N LEU B 368 -1.55 10.56 33.81
CA LEU B 368 -1.19 9.70 32.70
C LEU B 368 0.28 9.35 32.77
N ARG B 369 0.61 8.08 32.47
CA ARG B 369 1.97 7.60 32.42
C ARG B 369 2.12 6.64 31.25
N HIS B 370 3.25 6.74 30.53
CA HIS B 370 3.59 5.81 29.46
C HIS B 370 4.89 5.15 29.84
N VAL B 371 5.03 3.83 29.57
CA VAL B 371 6.25 3.10 29.88
C VAL B 371 6.69 2.39 28.61
N GLU B 372 7.94 2.62 28.18
CA GLU B 372 8.52 1.89 27.07
C GLU B 372 9.57 0.93 27.57
N GLN B 373 9.79 -0.18 26.84
CA GLN B 373 10.79 -1.18 27.18
C GLN B 373 11.47 -1.71 25.93
N PHE B 374 12.80 -1.63 25.87
CA PHE B 374 13.60 -2.06 24.74
C PHE B 374 14.70 -2.97 25.22
N GLU B 375 15.18 -3.86 24.35
CA GLU B 375 16.36 -4.66 24.62
C GLU B 375 17.08 -4.79 23.30
N LEU B 376 18.38 -4.48 23.22
CA LEU B 376 19.06 -4.45 21.94
C LEU B 376 20.17 -5.45 21.96
N SER B 377 20.33 -6.23 20.90
CA SER B 377 21.30 -7.30 20.84
C SER B 377 21.90 -7.30 19.46
N LEU B 378 23.22 -7.46 19.35
CA LEU B 378 23.92 -7.37 18.08
C LEU B 378 24.95 -8.48 17.99
N ILE B 379 25.29 -8.86 16.74
CA ILE B 379 26.41 -9.73 16.42
C ILE B 379 27.34 -8.92 15.54
N ALA B 380 28.58 -8.71 16.01
CA ALA B 380 29.58 -7.93 15.34
C ALA B 380 30.67 -8.85 14.85
N GLN B 381 31.13 -8.65 13.61
CA GLN B 381 32.23 -9.39 13.03
C GLN B 381 33.42 -8.47 13.00
N LEU B 382 34.59 -8.95 13.44
CA LEU B 382 35.81 -8.20 13.35
C LEU B 382 36.33 -8.17 11.91
N CYS B 383 36.81 -7.01 11.43
CA CYS B 383 37.33 -6.91 10.10
C CYS B 383 38.61 -6.11 10.15
N LYS B 384 39.53 -6.38 9.22
CA LYS B 384 40.83 -5.76 9.18
C LYS B 384 40.97 -4.92 7.93
N VAL B 385 41.54 -3.73 8.09
CA VAL B 385 41.74 -2.79 7.01
C VAL B 385 43.24 -2.62 6.85
N PRO B 386 43.85 -3.01 5.73
CA PRO B 386 45.27 -2.82 5.54
C PRO B 386 45.46 -1.49 4.85
N LEU B 387 46.21 -0.59 5.49
CA LEU B 387 46.21 0.81 5.16
C LEU B 387 47.37 1.13 4.25
N ASP B 388 47.25 0.73 2.98
CA ASP B 388 48.14 1.10 1.89
C ASP B 388 47.90 2.55 1.44
N PRO B 389 48.82 3.23 0.71
CA PRO B 389 48.69 4.64 0.31
C PRO B 389 47.36 5.04 -0.30
N GLY B 390 46.83 4.23 -1.24
CA GLY B 390 45.55 4.52 -1.89
C GLY B 390 44.36 4.30 -1.00
N VAL B 391 44.42 3.27 -0.13
CA VAL B 391 43.41 3.01 0.88
C VAL B 391 43.38 4.14 1.90
N LEU B 392 44.56 4.63 2.34
CA LEU B 392 44.67 5.79 3.20
C LEU B 392 44.10 7.05 2.60
N ALA B 393 44.41 7.35 1.33
CA ALA B 393 43.84 8.50 0.64
C ALA B 393 42.34 8.42 0.48
N HIS B 394 41.79 7.25 0.08
CA HIS B 394 40.36 7.00 0.01
C HIS B 394 39.63 7.12 1.34
N ILE B 395 40.18 6.56 2.44
CA ILE B 395 39.58 6.71 3.76
C ILE B 395 39.64 8.15 4.24
N ASN B 396 40.76 8.86 4.00
CA ASN B 396 40.88 10.27 4.33
C ASN B 396 39.90 11.17 3.58
N THR B 397 39.68 10.94 2.26
CA THR B 397 38.67 11.67 1.50
C THR B 397 37.25 11.35 1.93
N MET B 398 36.94 10.08 2.24
CA MET B 398 35.67 9.69 2.83
C MET B 398 35.40 10.31 4.20
N ASN B 399 36.37 10.31 5.13
CA ASN B 399 36.10 10.75 6.49
C ASN B 399 37.41 10.93 7.29
N PRO B 400 37.91 12.14 7.57
CA PRO B 400 39.24 12.34 8.16
C PRO B 400 39.30 11.83 9.59
N THR B 401 38.20 11.97 10.37
CA THR B 401 38.11 11.47 11.75
C THR B 401 38.40 9.98 11.90
N ILE B 402 38.19 9.13 10.86
CA ILE B 402 38.63 7.74 10.89
C ILE B 402 40.14 7.60 11.03
N LEU B 403 40.94 8.40 10.30
CA LEU B 403 42.38 8.29 10.35
C LEU B 403 42.99 9.17 11.43
N GLU B 404 42.18 10.01 12.08
CA GLU B 404 42.54 10.67 13.33
C GLU B 404 42.32 9.77 14.53
N ASN B 405 41.15 9.10 14.63
CA ASN B 405 40.83 8.15 15.70
C ASN B 405 41.80 6.98 15.74
N TRP B 406 42.22 6.50 14.55
CA TRP B 406 43.15 5.40 14.46
C TRP B 406 44.55 5.93 14.23
N ASN B 407 45.40 5.95 15.29
CA ASN B 407 46.76 6.48 15.24
C ASN B 407 47.60 6.02 14.06
N LEU B 408 47.89 6.97 13.13
CA LEU B 408 48.63 6.68 11.92
C LEU B 408 48.90 7.94 11.11
N GLY B 409 47.84 8.75 10.82
CA GLY B 409 48.02 10.05 10.17
C GLY B 409 48.57 11.10 11.09
N PHE B 410 48.74 12.33 10.57
CA PHE B 410 49.26 13.45 11.34
C PHE B 410 50.63 13.21 11.97
N VAL B 411 51.62 12.78 11.14
CA VAL B 411 53.01 12.62 11.52
C VAL B 411 53.61 13.93 12.03
N PRO B 412 54.53 14.01 12.99
CA PRO B 412 54.52 15.11 13.94
C PRO B 412 55.27 16.31 13.38
N PRO B 413 54.62 17.42 12.97
CA PRO B 413 55.30 18.43 12.18
C PRO B 413 56.36 19.27 12.89
N PRO B 414 56.25 19.80 14.13
CA PRO B 414 57.17 20.81 14.57
C PRO B 414 58.30 20.18 15.34
N GLN B 415 59.22 21.02 15.82
CA GLN B 415 60.28 20.60 16.70
C GLN B 415 60.01 21.07 18.11
N GLN B 416 60.95 20.80 19.03
CA GLN B 416 60.85 21.29 20.39
C GLN B 416 61.05 22.78 20.52
N SER B 417 60.48 23.38 21.57
CA SER B 417 60.63 24.81 21.85
C SER B 417 60.66 24.97 23.34
N ILE B 418 61.53 25.85 23.85
CA ILE B 418 61.62 26.15 25.27
C ILE B 418 60.36 26.87 25.80
N SER B 419 59.96 26.57 27.04
CA SER B 419 58.80 27.21 27.67
C SER B 419 59.17 28.01 28.89
N ASP B 420 60.48 28.02 29.23
CA ASP B 420 61.14 28.88 30.19
C ASP B 420 60.80 28.71 31.67
N ASP B 421 59.70 27.98 31.98
CA ASP B 421 59.32 27.41 33.27
C ASP B 421 59.68 28.23 34.53
N TYR B 422 59.03 29.41 34.70
CA TYR B 422 59.28 30.30 35.82
C TYR B 422 58.97 29.65 37.16
N ARG B 423 60.00 29.47 38.01
CA ARG B 423 59.94 28.66 39.22
C ARG B 423 58.85 29.03 40.22
N TYR B 424 58.71 30.32 40.55
CA TYR B 424 57.69 30.77 41.46
C TYR B 424 56.61 31.48 40.68
N ILE B 425 55.58 30.73 40.25
CA ILE B 425 54.58 31.21 39.31
C ILE B 425 53.59 32.19 39.90
N THR B 426 53.49 32.23 41.24
CA THR B 426 52.50 33.03 41.96
C THR B 426 53.20 34.13 42.75
N SER B 427 54.30 34.66 42.20
CA SER B 427 55.03 35.77 42.77
C SER B 427 54.79 37.05 41.97
N SER B 428 55.03 38.22 42.59
CA SER B 428 54.79 39.52 41.98
C SER B 428 56.05 40.18 41.49
N ALA B 429 57.15 39.41 41.36
CA ALA B 429 58.39 39.89 40.79
C ALA B 429 58.57 39.47 39.34
N THR B 430 57.59 38.74 38.78
CA THR B 430 57.58 38.28 37.40
C THR B 430 56.26 38.68 36.77
N ARG B 431 56.09 38.46 35.44
CA ARG B 431 54.80 38.63 34.78
C ARG B 431 53.84 37.51 35.14
N CYS B 432 52.58 37.56 34.67
CA CYS B 432 51.62 36.49 34.95
C CYS B 432 51.84 35.21 34.11
N PRO B 433 52.06 34.03 34.68
CA PRO B 433 51.97 32.79 33.93
C PRO B 433 50.65 32.13 34.22
N ASP B 434 49.74 32.21 33.26
CA ASP B 434 48.36 31.80 33.44
C ASP B 434 48.09 30.53 32.65
N GLN B 435 48.70 30.46 31.44
CA GLN B 435 48.16 29.87 30.23
C GLN B 435 47.08 28.81 30.36
N ASN B 436 47.48 27.53 30.55
CA ASN B 436 46.64 26.33 30.62
C ASN B 436 45.30 26.33 29.86
N PRO B 437 45.18 26.70 28.57
CA PRO B 437 43.89 27.15 28.06
C PRO B 437 42.87 26.09 27.71
N PRO B 438 43.08 24.83 27.28
CA PRO B 438 42.08 24.22 26.44
C PRO B 438 41.21 23.32 27.26
N LYS B 439 39.89 23.52 27.20
CA LYS B 439 38.99 22.46 27.55
C LYS B 439 38.92 21.49 26.38
N GLU B 440 38.68 20.20 26.63
CA GLU B 440 38.56 19.17 25.64
C GLU B 440 37.47 19.45 24.61
N ARG B 441 37.83 19.35 23.32
CA ARG B 441 36.94 19.69 22.23
C ARG B 441 36.96 18.56 21.23
N GLU B 442 36.14 17.52 21.47
CA GLU B 442 36.17 16.34 20.63
C GLU B 442 34.89 16.08 19.85
N ASP B 443 33.74 16.07 20.56
CA ASP B 443 32.48 15.56 20.08
C ASP B 443 31.79 16.45 19.04
N PRO B 444 31.59 16.03 17.77
CA PRO B 444 30.97 16.89 16.77
C PRO B 444 29.47 16.71 16.82
N TYR B 445 28.96 15.65 17.47
CA TYR B 445 27.55 15.36 17.54
C TYR B 445 26.98 15.74 18.90
N LYS B 446 27.69 16.59 19.66
CA LYS B 446 27.31 17.06 20.98
C LYS B 446 26.02 17.88 21.03
N GLY B 447 25.68 18.57 19.92
CA GLY B 447 24.47 19.39 19.91
C GLY B 447 23.20 18.59 19.75
N LEU B 448 23.32 17.29 19.46
CA LEU B 448 22.20 16.40 19.23
C LEU B 448 21.98 15.48 20.41
N ILE B 449 20.72 15.12 20.69
CA ILE B 449 20.36 14.28 21.81
C ILE B 449 19.97 12.90 21.32
N PHE B 450 20.65 11.85 21.83
CA PHE B 450 20.39 10.49 21.45
C PHE B 450 20.21 9.64 22.71
N TRP B 451 19.56 8.47 22.60
CA TRP B 451 19.60 7.48 23.67
C TRP B 451 20.92 6.74 23.64
N GLU B 452 21.93 7.32 24.27
CA GLU B 452 23.27 6.80 24.30
C GLU B 452 23.35 5.52 25.09
N VAL B 453 23.79 4.45 24.41
CA VAL B 453 23.91 3.13 24.96
C VAL B 453 25.38 2.79 24.88
N ASP B 454 25.95 2.32 26.00
CA ASP B 454 27.34 1.97 26.06
C ASP B 454 27.47 0.45 26.03
N LEU B 455 28.17 -0.08 25.02
CA LEU B 455 28.40 -1.50 24.89
C LEU B 455 29.89 -1.81 24.98
N THR B 456 30.72 -0.90 25.53
CA THR B 456 32.15 -1.10 25.65
C THR B 456 32.51 -2.28 26.55
N GLU B 457 31.84 -2.40 27.70
CA GLU B 457 31.99 -3.50 28.63
C GLU B 457 30.91 -4.57 28.45
N ARG B 458 30.40 -4.77 27.22
CA ARG B 458 29.35 -5.74 26.98
C ARG B 458 29.67 -6.67 25.82
N PHE B 459 30.90 -6.64 25.26
CA PHE B 459 31.27 -7.56 24.21
C PHE B 459 31.67 -8.93 24.76
N SER B 460 31.22 -10.01 24.09
CA SER B 460 31.48 -11.36 24.50
C SER B 460 31.68 -12.22 23.27
N GLN B 461 32.56 -13.23 23.33
CA GLN B 461 32.83 -14.11 22.20
C GLN B 461 32.03 -15.39 22.30
N ASP B 462 31.35 -15.63 23.44
CA ASP B 462 30.59 -16.83 23.69
C ASP B 462 29.17 -16.74 23.16
N LEU B 463 29.00 -16.80 21.83
CA LEU B 463 27.72 -16.59 21.16
C LEU B 463 26.62 -17.57 21.60
N ASP B 464 26.97 -18.82 21.89
CA ASP B 464 26.09 -19.90 22.32
C ASP B 464 25.24 -19.55 23.56
N GLN B 465 25.83 -18.73 24.46
CA GLN B 465 25.25 -18.34 25.72
C GLN B 465 24.14 -17.31 25.61
N PHE B 466 23.98 -16.65 24.44
CA PHE B 466 23.04 -15.56 24.28
C PHE B 466 21.99 -15.89 23.22
N ALA B 467 20.75 -15.37 23.37
CA ALA B 467 19.65 -15.74 22.49
C ALA B 467 19.84 -15.40 21.01
N LEU B 468 20.29 -14.17 20.69
CA LEU B 468 20.66 -13.81 19.34
C LEU B 468 21.90 -14.54 18.85
N GLY B 469 22.90 -14.72 19.73
CA GLY B 469 24.10 -15.49 19.43
C GLY B 469 23.87 -16.90 18.95
N ARG B 470 23.06 -17.68 19.67
CA ARG B 470 22.71 -19.01 19.24
C ARG B 470 21.77 -19.03 18.02
N LYS B 471 20.93 -17.99 17.83
CA LYS B 471 20.18 -17.80 16.59
C LYS B 471 21.10 -17.59 15.38
N PHE B 472 22.16 -16.78 15.52
CA PHE B 472 23.21 -16.61 14.52
C PHE B 472 23.96 -17.91 14.25
N LEU B 473 24.36 -18.65 15.30
CA LEU B 473 25.00 -19.94 15.12
C LEU B 473 24.14 -20.96 14.41
N TYR B 474 22.83 -21.06 14.75
CA TYR B 474 21.89 -21.91 14.06
C TYR B 474 21.68 -21.54 12.59
N GLN B 475 21.55 -20.22 12.29
CA GLN B 475 21.43 -19.71 10.93
C GLN B 475 22.66 -19.95 10.07
N ALA B 476 23.87 -19.90 10.64
CA ALA B 476 25.10 -20.11 9.92
C ALA B 476 25.55 -21.56 9.91
N GLY B 477 24.82 -22.46 10.59
CA GLY B 477 25.17 -23.88 10.71
C GLY B 477 25.89 -24.17 11.98
N ILE B 478 27.20 -23.87 12.03
CA ILE B 478 28.09 -23.62 13.17
C ILE B 478 27.55 -23.97 14.56
N ARG B 479 27.38 -25.27 14.85
CA ARG B 479 27.00 -25.71 16.18
C ARG B 479 28.17 -25.55 17.13
N THR B 480 27.87 -25.31 18.42
CA THR B 480 28.86 -25.22 19.48
C THR B 480 29.72 -26.46 19.63
N ALA B 481 30.99 -26.29 20.04
CA ALA B 481 31.84 -27.42 20.32
C ALA B 481 31.36 -28.26 21.51
N VAL B 482 31.41 -29.58 21.36
CA VAL B 482 30.90 -30.51 22.35
C VAL B 482 31.92 -30.73 23.50
N MET C 1 64.18 15.26 21.19
CA MET C 1 63.42 15.28 19.90
C MET C 1 61.99 14.82 20.10
N ALA C 2 61.67 13.54 19.86
CA ALA C 2 60.38 12.96 20.15
C ALA C 2 60.44 12.50 21.61
N MET C 3 59.66 13.16 22.48
CA MET C 3 59.53 12.81 23.88
C MET C 3 58.71 11.55 24.11
N TRP C 4 58.77 11.02 25.35
CA TRP C 4 58.15 9.77 25.74
C TRP C 4 57.16 10.07 26.84
N THR C 5 56.16 10.92 26.52
CA THR C 5 55.06 11.26 27.42
C THR C 5 54.26 10.03 27.87
N PRO C 6 53.93 9.84 29.15
CA PRO C 6 53.16 8.69 29.60
C PRO C 6 51.69 8.88 29.29
N GLN C 7 50.89 7.80 29.31
CA GLN C 7 49.49 7.88 29.02
C GLN C 7 48.79 6.76 29.72
N THR C 8 47.49 6.94 30.01
CA THR C 8 46.58 5.91 30.45
C THR C 8 46.27 4.96 29.32
N GLY C 9 46.87 3.76 29.33
CA GLY C 9 46.65 2.74 28.30
C GLY C 9 45.47 1.88 28.61
N LYS C 10 44.44 1.92 27.74
CA LYS C 10 43.27 1.09 27.90
C LYS C 10 43.38 -0.15 27.04
N LEU C 11 43.37 -1.33 27.68
CA LEU C 11 43.39 -2.61 26.98
C LEU C 11 42.17 -3.38 27.43
N TYR C 12 41.49 -4.04 26.48
CA TYR C 12 40.36 -4.90 26.76
C TYR C 12 40.88 -6.32 26.77
N LEU C 13 40.41 -7.15 27.72
CA LEU C 13 40.72 -8.56 27.70
C LEU C 13 39.43 -9.38 27.75
N PRO C 14 38.85 -9.78 26.61
CA PRO C 14 37.63 -10.59 26.62
C PRO C 14 37.86 -12.02 26.12
N PRO C 15 37.23 -13.04 26.72
CA PRO C 15 36.74 -13.05 28.09
C PRO C 15 37.88 -12.94 29.09
N THR C 16 37.62 -12.36 30.27
CA THR C 16 38.60 -12.15 31.33
C THR C 16 39.14 -13.45 31.88
N THR C 17 38.28 -14.48 31.91
CA THR C 17 38.62 -15.82 32.32
C THR C 17 37.62 -16.72 31.59
N PRO C 18 37.88 -17.92 31.06
CA PRO C 18 36.84 -18.90 30.72
C PRO C 18 36.07 -19.37 31.95
N VAL C 19 34.72 -19.28 31.95
CA VAL C 19 33.92 -19.48 33.17
C VAL C 19 33.22 -20.82 33.28
N ALA C 20 32.05 -20.96 32.64
CA ALA C 20 31.16 -22.07 32.82
C ALA C 20 30.69 -22.62 31.50
N LYS C 21 30.31 -21.73 30.55
CA LYS C 21 29.84 -22.17 29.24
C LYS C 21 28.68 -23.16 29.30
N VAL C 22 27.48 -22.74 29.78
CA VAL C 22 26.25 -23.53 29.68
C VAL C 22 26.08 -24.17 28.30
N GLN C 23 25.89 -25.51 28.28
CA GLN C 23 25.80 -26.30 27.07
C GLN C 23 24.39 -26.75 26.86
N SER C 24 24.10 -27.19 25.62
CA SER C 24 22.82 -27.79 25.23
C SER C 24 22.53 -29.10 25.94
N THR C 25 21.24 -29.47 26.10
CA THR C 25 20.85 -30.74 26.69
C THR C 25 21.13 -31.93 25.80
N ASP C 26 21.40 -31.70 24.50
CA ASP C 26 21.73 -32.75 23.55
C ASP C 26 23.13 -33.34 23.77
N GLU C 27 23.99 -32.66 24.58
CA GLU C 27 25.37 -33.09 24.86
C GLU C 27 25.50 -34.20 25.91
N TYR C 28 24.55 -34.25 26.87
CA TYR C 28 24.61 -35.17 27.99
C TYR C 28 23.32 -35.97 28.19
N VAL C 29 22.20 -35.56 27.56
CA VAL C 29 20.95 -36.26 27.71
C VAL C 29 20.70 -37.04 26.43
N TYR C 30 20.93 -38.36 26.47
CA TYR C 30 20.94 -39.22 25.30
C TYR C 30 19.49 -39.65 25.00
N PRO C 31 18.92 -39.35 23.83
CA PRO C 31 17.58 -39.78 23.46
C PRO C 31 17.48 -41.27 23.18
N THR C 32 16.32 -41.91 23.46
CA THR C 32 16.09 -43.32 23.16
C THR C 32 14.90 -43.39 22.24
N SER C 33 14.64 -44.55 21.59
CA SER C 33 13.55 -44.65 20.65
C SER C 33 12.24 -45.07 21.31
N LEU C 34 12.07 -44.78 22.62
CA LEU C 34 10.89 -45.14 23.37
C LEU C 34 10.05 -43.91 23.64
N PHE C 35 8.79 -43.93 23.14
CA PHE C 35 7.87 -42.82 23.21
C PHE C 35 6.61 -43.26 23.93
N CYS C 36 6.03 -42.36 24.72
CA CYS C 36 4.84 -42.60 25.49
C CYS C 36 3.85 -41.46 25.27
N HIS C 37 2.55 -41.76 25.23
CA HIS C 37 1.49 -40.79 25.12
C HIS C 37 0.93 -40.57 26.51
N ALA C 38 0.55 -39.32 26.82
CA ALA C 38 -0.15 -39.04 28.05
C ALA C 38 -1.18 -37.98 27.75
N HIS C 39 -2.37 -38.08 28.38
CA HIS C 39 -3.44 -37.15 28.08
C HIS C 39 -4.30 -36.93 29.31
N THR C 40 -5.04 -35.80 29.33
CA THR C 40 -5.98 -35.41 30.38
C THR C 40 -7.36 -35.88 30.01
N ASP C 41 -8.21 -36.29 30.98
CA ASP C 41 -9.52 -36.85 30.70
C ASP C 41 -10.45 -35.87 29.97
N ARG C 42 -10.73 -34.71 30.60
CA ARG C 42 -11.35 -33.57 29.97
C ARG C 42 -11.53 -32.52 31.04
N LEU C 43 -10.86 -31.37 30.90
CA LEU C 43 -10.76 -30.40 31.97
C LEU C 43 -11.79 -29.30 31.76
N LEU C 44 -12.80 -29.22 32.65
CA LEU C 44 -13.88 -28.26 32.56
C LEU C 44 -13.79 -27.36 33.75
N THR C 45 -14.30 -26.13 33.64
CA THR C 45 -14.36 -25.24 34.78
C THR C 45 -15.52 -24.31 34.50
N VAL C 46 -16.42 -24.13 35.49
CA VAL C 46 -17.60 -23.28 35.38
C VAL C 46 -17.53 -22.26 36.49
N GLY C 47 -17.74 -20.98 36.17
CA GLY C 47 -17.75 -19.99 37.23
C GLY C 47 -18.41 -18.73 36.78
N HIS C 48 -18.13 -17.62 37.50
CA HIS C 48 -18.62 -16.31 37.14
C HIS C 48 -17.52 -15.57 36.38
N PRO C 49 -17.80 -14.82 35.32
CA PRO C 49 -16.78 -14.13 34.54
C PRO C 49 -16.10 -12.98 35.25
N PHE C 50 -16.78 -12.25 36.14
CA PHE C 50 -16.26 -10.99 36.63
C PHE C 50 -15.65 -11.09 38.01
N PHE C 51 -16.31 -11.83 38.91
CA PHE C 51 -15.89 -11.86 40.28
C PHE C 51 -16.36 -13.12 40.93
N SER C 52 -15.65 -13.56 41.98
CA SER C 52 -16.05 -14.73 42.74
C SER C 52 -17.35 -14.48 43.49
N VAL C 53 -18.23 -15.48 43.58
CA VAL C 53 -19.48 -15.40 44.31
C VAL C 53 -19.20 -16.03 45.65
N ILE C 54 -19.00 -15.22 46.71
CA ILE C 54 -18.70 -15.69 48.05
C ILE C 54 -19.95 -16.05 48.83
N ASP C 55 -19.80 -16.93 49.84
CA ASP C 55 -20.81 -17.21 50.85
C ASP C 55 -20.06 -17.48 52.13
N ASN C 56 -20.21 -16.61 53.16
CA ASN C 56 -19.59 -16.77 54.46
C ASN C 56 -18.08 -17.05 54.42
N ASP C 57 -17.32 -16.22 53.69
CA ASP C 57 -15.89 -16.31 53.49
C ASP C 57 -15.43 -17.43 52.54
N LYS C 58 -16.31 -18.38 52.19
CA LYS C 58 -16.01 -19.46 51.29
C LYS C 58 -16.52 -19.12 49.90
N VAL C 59 -15.77 -19.46 48.86
CA VAL C 59 -16.20 -19.22 47.49
C VAL C 59 -17.24 -20.25 47.04
N THR C 60 -18.49 -19.81 46.75
CA THR C 60 -19.57 -20.62 46.19
C THR C 60 -19.39 -20.85 44.72
N VAL C 61 -19.07 -19.78 43.98
CA VAL C 61 -18.84 -19.88 42.56
C VAL C 61 -17.52 -19.17 42.27
N PRO C 62 -16.47 -19.79 41.72
CA PRO C 62 -15.20 -19.14 41.50
C PRO C 62 -15.26 -18.20 40.31
N LYS C 63 -14.18 -17.42 40.13
CA LYS C 63 -14.02 -16.59 38.97
C LYS C 63 -13.39 -17.40 37.86
N VAL C 64 -14.13 -17.55 36.76
CA VAL C 64 -13.68 -18.26 35.58
C VAL C 64 -14.04 -17.30 34.47
N SER C 65 -13.03 -16.78 33.77
CA SER C 65 -13.22 -15.94 32.61
C SER C 65 -12.21 -16.29 31.58
N GLY C 66 -12.53 -15.95 30.31
CA GLY C 66 -11.69 -16.31 29.17
C GLY C 66 -10.43 -15.48 29.03
N ASN C 67 -10.21 -14.53 29.97
CA ASN C 67 -9.10 -13.60 30.02
C ASN C 67 -8.15 -13.94 31.16
N GLN C 68 -8.27 -15.15 31.77
CA GLN C 68 -7.31 -15.60 32.77
C GLN C 68 -6.22 -16.43 32.14
N TYR C 69 -5.00 -16.36 32.70
CA TYR C 69 -3.96 -17.33 32.42
C TYR C 69 -4.34 -18.68 32.97
N ARG C 70 -4.31 -19.70 32.10
CA ARG C 70 -4.45 -21.08 32.49
C ARG C 70 -3.09 -21.70 32.55
N VAL C 71 -2.47 -21.64 33.75
CA VAL C 71 -1.16 -22.21 33.97
C VAL C 71 -1.33 -23.59 34.53
N PHE C 72 -1.20 -24.61 33.66
CA PHE C 72 -1.30 -25.98 34.04
C PHE C 72 0.03 -26.43 34.58
N ARG C 73 0.03 -27.23 35.65
CA ARG C 73 1.23 -27.87 36.13
C ARG C 73 0.99 -29.34 35.92
N LEU C 74 1.68 -29.93 34.94
CA LEU C 74 1.56 -31.33 34.60
C LEU C 74 2.57 -32.11 35.41
N LYS C 75 2.10 -33.15 36.11
CA LYS C 75 2.91 -34.04 36.91
C LYS C 75 3.11 -35.34 36.17
N PHE C 76 4.37 -35.80 36.06
CA PHE C 76 4.75 -36.93 35.24
C PHE C 76 5.15 -38.03 36.20
N PRO C 77 5.00 -39.30 35.90
CA PRO C 77 5.55 -40.34 36.72
C PRO C 77 7.07 -40.37 36.61
N ASP C 78 7.79 -40.72 37.69
CA ASP C 78 9.23 -40.83 37.65
C ASP C 78 9.67 -41.99 36.74
N PRO C 79 10.47 -41.83 35.68
CA PRO C 79 10.73 -42.90 34.72
C PRO C 79 11.71 -43.89 35.31
N ASN C 80 12.41 -43.51 36.40
CA ASN C 80 13.29 -44.38 37.15
C ASN C 80 12.51 -45.41 37.96
N LYS C 81 11.19 -45.16 38.16
CA LYS C 81 10.25 -46.03 38.83
C LYS C 81 9.44 -46.83 37.84
N PHE C 82 9.82 -46.83 36.55
CA PHE C 82 9.18 -47.66 35.57
C PHE C 82 9.84 -49.04 35.53
N ALA C 83 9.01 -50.10 35.67
CA ALA C 83 9.49 -51.46 35.59
C ALA C 83 9.52 -51.87 34.13
N LEU C 84 10.67 -51.71 33.45
CA LEU C 84 10.79 -52.14 32.06
C LEU C 84 11.08 -53.66 31.99
N PRO C 85 10.52 -54.46 31.07
CA PRO C 85 10.78 -55.91 30.97
C PRO C 85 12.24 -56.24 30.75
N GLN C 86 12.96 -55.40 29.98
CA GLN C 86 14.39 -55.43 29.82
C GLN C 86 14.94 -54.15 30.41
N LYS C 87 15.08 -54.10 31.76
CA LYS C 87 15.58 -52.94 32.46
C LYS C 87 17.09 -52.71 32.31
N ASP C 88 17.83 -53.67 31.72
CA ASP C 88 19.25 -53.67 31.41
C ASP C 88 19.67 -52.61 30.40
N PHE C 89 18.67 -51.86 29.85
CA PHE C 89 18.89 -50.74 28.98
C PHE C 89 19.45 -49.54 29.73
N TYR C 90 19.26 -49.45 31.06
CA TYR C 90 19.74 -48.33 31.83
C TYR C 90 20.33 -48.90 33.10
N ASP C 91 21.49 -48.39 33.52
CA ASP C 91 22.09 -48.85 34.74
C ASP C 91 21.65 -47.96 35.92
N PRO C 92 21.03 -48.45 37.00
CA PRO C 92 20.64 -47.63 38.14
C PRO C 92 21.81 -47.17 39.02
N GLU C 93 23.06 -47.65 38.81
CA GLU C 93 24.20 -47.31 39.65
C GLU C 93 25.14 -46.33 38.95
N LYS C 94 24.74 -45.82 37.75
CA LYS C 94 25.53 -44.82 37.03
C LYS C 94 24.70 -43.98 36.06
N GLU C 95 23.42 -44.33 35.77
CA GLU C 95 22.57 -43.58 34.85
C GLU C 95 21.24 -43.27 35.53
N ARG C 96 20.53 -42.29 34.94
CA ARG C 96 19.22 -41.89 35.38
C ARG C 96 18.41 -41.48 34.17
N LEU C 97 17.07 -41.59 34.28
CA LEU C 97 16.17 -41.35 33.18
C LEU C 97 15.44 -40.05 33.40
N VAL C 98 14.87 -39.50 32.31
CA VAL C 98 14.09 -38.29 32.36
C VAL C 98 13.16 -38.33 31.15
N TRP C 99 12.06 -37.55 31.17
CA TRP C 99 11.20 -37.40 30.02
C TRP C 99 11.59 -36.17 29.23
N ARG C 100 11.50 -36.26 27.89
CA ARG C 100 11.61 -35.12 27.02
C ARG C 100 10.29 -34.95 26.31
N LEU C 101 9.69 -33.75 26.40
CA LEU C 101 8.47 -33.44 25.69
C LEU C 101 8.75 -33.28 24.21
N ARG C 102 8.14 -34.13 23.36
CA ARG C 102 8.37 -34.09 21.93
C ARG C 102 7.23 -33.54 21.15
N GLY C 103 6.01 -33.71 21.66
CA GLY C 103 4.86 -33.13 21.02
C GLY C 103 3.85 -32.73 22.03
N LEU C 104 3.10 -31.67 21.71
CA LEU C 104 2.04 -31.14 22.54
C LEU C 104 0.86 -30.77 21.68
N GLU C 105 -0.37 -30.99 22.18
CA GLU C 105 -1.57 -30.42 21.61
C GLU C 105 -2.41 -29.94 22.78
N ILE C 106 -2.89 -28.69 22.69
CA ILE C 106 -3.81 -28.10 23.64
C ILE C 106 -5.14 -28.06 22.94
N GLY C 107 -6.03 -28.98 23.32
CA GLY C 107 -7.38 -29.05 22.82
C GLY C 107 -8.29 -28.06 23.49
N ARG C 108 -9.15 -27.39 22.71
CA ARG C 108 -10.14 -26.47 23.20
C ARG C 108 -11.50 -26.89 22.68
N GLY C 109 -12.51 -26.85 23.56
CA GLY C 109 -13.79 -27.50 23.25
C GLY C 109 -14.98 -26.63 23.04
N GLY C 110 -15.04 -25.41 23.59
CA GLY C 110 -16.22 -24.57 23.38
C GLY C 110 -16.28 -23.97 21.99
N PRO C 111 -17.39 -23.39 21.57
CA PRO C 111 -17.45 -22.65 20.32
C PRO C 111 -16.71 -21.32 20.44
N LEU C 112 -16.24 -20.78 19.29
CA LEU C 112 -15.68 -19.45 19.18
C LEU C 112 -16.68 -18.38 19.58
N GLY C 113 -16.22 -17.36 20.32
CA GLY C 113 -17.13 -16.34 20.78
C GLY C 113 -16.38 -15.27 21.50
N ILE C 114 -16.99 -14.08 21.56
CA ILE C 114 -16.44 -12.91 22.19
C ILE C 114 -17.33 -12.63 23.37
N GLY C 115 -16.71 -12.54 24.57
CA GLY C 115 -17.31 -12.07 25.81
C GLY C 115 -17.11 -10.58 25.99
N THR C 116 -17.75 -10.03 27.04
CA THR C 116 -17.92 -8.60 27.17
C THR C 116 -17.75 -8.32 28.64
N THR C 117 -17.05 -7.25 29.03
CA THR C 117 -16.85 -6.88 30.43
C THR C 117 -17.24 -5.43 30.62
N GLY C 118 -17.64 -5.00 31.82
CA GLY C 118 -17.99 -3.61 32.05
C GLY C 118 -17.94 -3.26 33.50
N HIS C 119 -18.12 -1.97 33.82
CA HIS C 119 -18.18 -1.50 35.19
C HIS C 119 -19.53 -0.80 35.34
N PRO C 120 -20.37 -1.04 36.36
CA PRO C 120 -21.57 -0.26 36.62
C PRO C 120 -21.31 1.20 36.83
N LEU C 121 -20.11 1.58 37.31
CA LEU C 121 -19.77 2.95 37.55
C LEU C 121 -18.36 3.17 37.07
N PHE C 122 -18.19 3.29 35.77
CA PHE C 122 -16.92 3.53 35.14
C PHE C 122 -16.63 5.03 35.20
N ASN C 123 -15.37 5.42 35.47
CA ASN C 123 -14.87 6.78 35.40
C ASN C 123 -14.71 7.26 33.97
N LYS C 124 -15.82 7.72 33.37
CA LYS C 124 -15.90 8.32 32.08
C LYS C 124 -16.63 9.64 32.24
N LEU C 125 -16.14 10.74 31.61
CA LEU C 125 -16.85 12.00 31.62
C LEU C 125 -17.69 12.24 30.38
N GLY C 126 -17.09 12.11 29.19
CA GLY C 126 -17.79 12.39 27.94
C GLY C 126 -17.16 11.66 26.81
N ASP C 127 -17.82 11.66 25.65
CA ASP C 127 -17.31 11.07 24.44
C ASP C 127 -16.56 12.18 23.70
N THR C 128 -15.22 12.01 23.52
CA THR C 128 -14.37 13.03 22.92
C THR C 128 -14.04 12.73 21.52
N GLU C 129 -14.49 11.57 21.03
CA GLU C 129 -14.27 11.13 19.68
C GLU C 129 -14.87 12.12 18.70
N ASN C 130 -16.11 12.55 19.00
CA ASN C 130 -16.75 13.62 18.28
C ASN C 130 -17.60 14.43 19.26
N PRO C 131 -17.21 15.60 19.73
CA PRO C 131 -17.96 16.31 20.75
C PRO C 131 -18.96 17.25 20.10
N ASN C 132 -20.27 17.08 20.39
CA ASN C 132 -21.34 17.94 19.89
C ASN C 132 -21.16 19.41 20.26
N LYS C 133 -20.69 19.69 21.50
CA LYS C 133 -20.41 21.01 21.98
C LYS C 133 -19.55 20.85 23.24
N TYR C 134 -19.01 21.96 23.81
CA TYR C 134 -18.38 21.99 25.14
C TYR C 134 -19.38 21.58 26.28
N GLN C 135 -18.91 20.89 27.37
CA GLN C 135 -19.75 20.32 28.41
C GLN C 135 -19.32 20.62 29.88
N GLN C 136 -19.58 19.71 30.86
CA GLN C 136 -19.62 20.01 32.29
C GLN C 136 -19.13 18.84 33.15
N GLY C 137 -19.22 18.98 34.50
CA GLY C 137 -18.79 17.96 35.47
C GLY C 137 -19.16 18.33 36.91
N SER C 138 -20.12 17.60 37.54
CA SER C 138 -20.59 17.76 38.93
C SER C 138 -19.79 16.86 39.88
N LYS C 139 -20.44 16.16 40.84
CA LYS C 139 -19.83 15.21 41.76
C LYS C 139 -20.43 13.87 41.43
N ASP C 140 -19.60 12.81 41.29
CA ASP C 140 -20.00 11.47 40.89
C ASP C 140 -20.65 11.39 39.50
N ASN C 141 -19.88 11.71 38.43
CA ASN C 141 -20.39 11.65 37.07
C ASN C 141 -20.04 10.34 36.37
N ARG C 142 -19.92 9.25 37.13
CA ARG C 142 -19.61 7.95 36.58
C ARG C 142 -20.77 7.35 35.80
N GLN C 143 -20.46 6.48 34.82
CA GLN C 143 -21.49 5.91 33.96
C GLN C 143 -21.26 4.42 33.79
N ASN C 144 -22.32 3.65 33.49
CA ASN C 144 -22.22 2.23 33.27
C ASN C 144 -21.79 2.00 31.84
N THR C 145 -20.62 1.35 31.65
CA THR C 145 -20.01 1.22 30.33
C THR C 145 -19.37 -0.14 30.21
N SER C 146 -19.69 -0.87 29.13
CA SER C 146 -19.13 -2.17 28.80
C SER C 146 -18.24 -2.09 27.59
N MET C 147 -17.35 -3.08 27.43
CA MET C 147 -16.43 -3.20 26.32
C MET C 147 -15.93 -4.63 26.18
N ASP C 148 -15.45 -5.04 25.00
CA ASP C 148 -14.82 -6.29 24.78
C ASP C 148 -13.31 -5.97 24.81
N PRO C 149 -12.44 -6.83 25.30
CA PRO C 149 -11.05 -6.50 25.48
C PRO C 149 -10.24 -6.89 24.27
N LYS C 150 -8.91 -6.67 24.34
CA LYS C 150 -7.94 -7.18 23.40
C LYS C 150 -8.04 -8.69 23.20
N GLN C 151 -7.90 -9.16 21.95
CA GLN C 151 -7.92 -10.56 21.65
C GLN C 151 -6.51 -11.07 21.77
N THR C 152 -6.34 -12.17 22.52
CA THR C 152 -5.02 -12.70 22.85
C THR C 152 -5.15 -14.19 22.83
N GLN C 153 -4.21 -14.86 22.16
CA GLN C 153 -4.01 -16.27 22.31
C GLN C 153 -2.53 -16.48 22.54
N LEU C 154 -2.14 -17.38 23.47
CA LEU C 154 -0.74 -17.72 23.67
C LEU C 154 -0.61 -19.09 24.28
N PHE C 155 0.55 -19.74 24.07
CA PHE C 155 0.85 -21.04 24.63
C PHE C 155 2.33 -21.11 24.98
N ILE C 156 2.69 -21.09 26.28
CA ILE C 156 4.08 -21.20 26.71
C ILE C 156 4.26 -22.56 27.32
N VAL C 157 5.36 -23.26 26.96
CA VAL C 157 5.67 -24.57 27.52
C VAL C 157 7.08 -24.58 28.04
N GLY C 158 7.29 -25.00 29.30
CA GLY C 158 8.60 -25.11 29.91
C GLY C 158 8.54 -26.03 31.09
N CYS C 159 9.66 -26.22 31.83
CA CYS C 159 9.71 -27.07 33.00
C CYS C 159 9.69 -26.25 34.29
N GLU C 160 9.79 -24.92 34.18
CA GLU C 160 9.64 -24.02 35.31
C GLU C 160 8.37 -23.23 35.08
N PRO C 161 7.74 -22.63 36.07
CA PRO C 161 6.59 -21.78 35.84
C PRO C 161 6.97 -20.52 35.06
N PRO C 162 6.11 -19.99 34.21
CA PRO C 162 6.37 -18.76 33.46
C PRO C 162 6.55 -17.51 34.31
N THR C 163 7.14 -16.45 33.70
CA THR C 163 7.47 -15.21 34.37
C THR C 163 6.70 -14.14 33.63
N GLY C 164 5.97 -13.31 34.39
CA GLY C 164 5.15 -12.22 33.91
C GLY C 164 5.69 -10.93 34.45
N GLU C 165 5.38 -9.85 33.72
CA GLU C 165 5.78 -8.51 34.06
C GLU C 165 4.56 -7.62 34.20
N HIS C 166 4.63 -6.61 35.07
CA HIS C 166 3.60 -5.60 35.21
C HIS C 166 4.21 -4.38 35.85
N TRP C 167 3.57 -3.22 35.68
CA TRP C 167 3.94 -2.00 36.33
C TRP C 167 3.22 -1.94 37.67
N ASP C 168 3.99 -1.81 38.76
CA ASP C 168 3.49 -1.72 40.11
C ASP C 168 3.89 -0.37 40.70
N VAL C 169 3.47 -0.12 41.95
CA VAL C 169 3.84 1.04 42.76
C VAL C 169 5.17 0.82 43.44
N ALA C 170 6.14 1.69 43.15
CA ALA C 170 7.40 1.71 43.85
C ALA C 170 7.37 2.62 45.04
N LYS C 171 8.51 2.65 45.73
CA LYS C 171 8.70 3.58 46.80
C LYS C 171 9.42 4.79 46.21
N PRO C 172 8.93 6.02 46.32
CA PRO C 172 9.70 7.21 45.99
C PRO C 172 10.95 7.39 46.85
N CYS C 173 11.91 8.21 46.39
CA CYS C 173 13.14 8.57 47.10
C CYS C 173 12.91 9.37 48.38
N GLY C 174 11.76 10.05 48.45
CA GLY C 174 11.31 10.83 49.58
C GLY C 174 9.81 10.83 49.53
N ALA C 175 9.12 11.43 50.52
CA ALA C 175 7.68 11.43 50.56
C ALA C 175 7.04 12.32 49.51
N LEU C 176 5.80 11.97 49.15
CA LEU C 176 4.94 12.74 48.27
C LEU C 176 3.68 13.06 49.07
N GLU C 177 3.00 14.17 48.76
CA GLU C 177 1.78 14.62 49.43
C GLU C 177 0.60 13.71 49.14
N LYS C 178 -0.55 13.95 49.81
CA LYS C 178 -1.74 13.16 49.57
C LYS C 178 -2.42 13.53 48.25
N GLY C 179 -2.51 12.57 47.30
CA GLY C 179 -3.03 12.80 45.96
C GLY C 179 -1.97 12.83 44.90
N ASP C 180 -0.70 12.56 45.28
CA ASP C 180 0.38 12.48 44.32
C ASP C 180 0.35 11.24 43.45
N CYS C 181 0.92 11.33 42.22
CA CYS C 181 1.02 10.21 41.31
C CYS C 181 1.92 9.10 41.86
N PRO C 182 1.51 7.84 41.97
CA PRO C 182 2.38 6.78 42.50
C PRO C 182 3.55 6.51 41.55
N PRO C 183 4.80 6.37 41.97
CA PRO C 183 5.92 6.12 41.08
C PRO C 183 5.87 4.69 40.57
N ILE C 184 6.22 4.46 39.30
CA ILE C 184 6.08 3.18 38.65
C ILE C 184 7.31 2.31 38.77
N GLN C 185 7.15 0.99 38.75
CA GLN C 185 8.27 0.07 38.68
C GLN C 185 7.87 -1.14 37.92
N LEU C 186 8.78 -1.67 37.08
CA LEU C 186 8.52 -2.91 36.39
C LEU C 186 8.80 -4.06 37.33
N VAL C 187 7.76 -4.83 37.67
CA VAL C 187 7.79 -5.91 38.63
C VAL C 187 7.67 -7.21 37.89
N ASN C 188 8.64 -8.11 38.15
CA ASN C 188 8.67 -9.44 37.60
C ASN C 188 8.13 -10.40 38.62
N SER C 189 7.19 -11.25 38.19
CA SER C 189 6.56 -12.20 39.05
C SER C 189 6.36 -13.49 38.32
N VAL C 190 6.00 -14.56 39.04
CA VAL C 190 5.56 -15.77 38.38
C VAL C 190 4.09 -15.56 38.01
N ILE C 191 3.71 -15.94 36.76
CA ILE C 191 2.32 -16.02 36.34
C ILE C 191 1.70 -17.28 36.93
N GLU C 192 0.60 -17.13 37.67
CA GLU C 192 -0.17 -18.18 38.30
C GLU C 192 -1.43 -18.46 37.51
N ASP C 193 -2.08 -19.60 37.77
CA ASP C 193 -3.39 -19.92 37.23
C ASP C 193 -4.41 -18.99 37.87
N GLY C 194 -5.19 -18.29 37.02
CA GLY C 194 -6.18 -17.34 37.49
C GLY C 194 -5.74 -15.90 37.46
N ASP C 195 -4.43 -15.62 37.22
CA ASP C 195 -3.94 -14.28 36.93
C ASP C 195 -4.63 -13.73 35.69
N MET C 196 -4.81 -12.41 35.60
CA MET C 196 -5.47 -11.82 34.46
C MET C 196 -4.45 -11.45 33.39
N CYS C 197 -4.76 -11.77 32.12
CA CYS C 197 -4.04 -11.25 30.97
C CYS C 197 -4.29 -9.75 30.83
N ASP C 198 -3.35 -8.99 30.22
CA ASP C 198 -3.66 -7.64 29.80
C ASP C 198 -4.77 -7.60 28.74
N ILE C 199 -5.62 -6.56 28.80
CA ILE C 199 -6.79 -6.50 27.96
C ILE C 199 -6.85 -5.26 27.07
N GLY C 200 -5.83 -4.36 27.15
CA GLY C 200 -5.81 -3.11 26.40
C GLY C 200 -5.58 -1.89 27.24
N PHE C 201 -5.49 -2.03 28.58
CA PHE C 201 -5.25 -0.93 29.52
C PHE C 201 -3.85 -0.99 30.10
N GLY C 202 -2.97 -1.81 29.52
CA GLY C 202 -1.62 -2.04 30.00
C GLY C 202 -1.52 -3.13 31.03
N ASN C 203 -0.28 -3.58 31.28
CA ASN C 203 0.05 -4.55 32.28
C ASN C 203 0.40 -3.82 33.56
N MET C 204 -0.58 -3.63 34.46
CA MET C 204 -0.37 -2.82 35.63
C MET C 204 -1.13 -3.39 36.81
N ASN C 205 -0.72 -3.01 38.03
CA ASN C 205 -1.39 -3.38 39.25
C ASN C 205 -2.54 -2.41 39.52
N PHE C 206 -3.76 -2.73 39.05
CA PHE C 206 -4.91 -1.83 39.15
C PHE C 206 -5.34 -1.56 40.58
N LYS C 207 -5.07 -2.52 41.49
CA LYS C 207 -5.39 -2.41 42.89
C LYS C 207 -4.69 -1.26 43.61
N GLU C 208 -3.37 -1.08 43.38
CA GLU C 208 -2.58 -0.10 44.09
C GLU C 208 -2.32 1.16 43.24
N LEU C 209 -2.58 1.11 41.91
CA LEU C 209 -2.33 2.24 41.02
C LEU C 209 -3.56 3.06 40.72
N GLN C 210 -4.76 2.52 40.98
CA GLN C 210 -5.97 3.23 40.68
C GLN C 210 -6.91 3.14 41.87
N GLN C 211 -6.75 4.07 42.83
CA GLN C 211 -7.51 4.09 44.06
C GLN C 211 -8.96 4.51 43.89
N ASP C 212 -9.30 5.09 42.71
CA ASP C 212 -10.63 5.37 42.26
C ASP C 212 -11.51 4.13 42.20
N ARG C 213 -10.91 2.95 41.87
CA ARG C 213 -11.55 1.65 41.80
C ARG C 213 -12.63 1.54 40.75
N SER C 214 -12.53 2.41 39.73
CA SER C 214 -13.59 2.62 38.76
C SER C 214 -13.02 3.01 37.42
N GLY C 215 -11.71 2.80 37.22
CA GLY C 215 -11.03 3.19 36.03
C GLY C 215 -10.96 2.13 34.96
N VAL C 216 -11.30 0.86 35.27
CA VAL C 216 -11.22 -0.23 34.31
C VAL C 216 -12.35 -1.21 34.67
N PRO C 217 -12.88 -2.06 33.79
CA PRO C 217 -14.00 -2.98 34.11
C PRO C 217 -13.84 -3.92 35.29
N LEU C 218 -14.96 -4.51 35.78
CA LEU C 218 -15.04 -5.24 37.03
C LEU C 218 -14.07 -6.38 37.24
N ASP C 219 -13.76 -7.14 36.18
CA ASP C 219 -12.88 -8.28 36.23
C ASP C 219 -11.42 -7.93 36.41
N ILE C 220 -11.02 -6.69 36.11
CA ILE C 220 -9.65 -6.27 36.26
C ILE C 220 -9.45 -5.09 37.20
N VAL C 221 -10.53 -4.53 37.78
CA VAL C 221 -10.44 -3.31 38.57
C VAL C 221 -9.74 -3.48 39.89
N SER C 222 -9.67 -4.73 40.36
CA SER C 222 -9.00 -5.12 41.57
C SER C 222 -7.89 -6.13 41.36
N THR C 223 -7.61 -6.54 40.11
CA THR C 223 -6.63 -7.58 39.80
C THR C 223 -5.33 -6.97 39.33
N ARG C 224 -4.35 -7.83 38.99
CA ARG C 224 -3.14 -7.42 38.32
C ARG C 224 -3.18 -8.01 36.95
N CYS C 225 -2.99 -7.17 35.91
CA CYS C 225 -2.85 -7.65 34.57
C CYS C 225 -1.38 -7.81 34.28
N LYS C 226 -0.97 -9.02 33.87
CA LYS C 226 0.41 -9.34 33.61
C LYS C 226 0.59 -9.63 32.14
N TRP C 227 1.79 -9.36 31.60
CA TRP C 227 2.16 -9.76 30.25
C TRP C 227 3.30 -10.77 30.44
N PRO C 228 3.50 -11.86 29.69
CA PRO C 228 4.69 -12.70 29.76
C PRO C 228 6.01 -12.00 29.45
N ASP C 229 7.01 -12.06 30.35
CA ASP C 229 8.30 -11.45 30.11
C ASP C 229 9.12 -12.30 29.14
N PHE C 230 8.85 -12.15 27.82
CA PHE C 230 9.56 -12.85 26.76
C PHE C 230 11.04 -12.52 26.73
N LEU C 231 11.40 -11.23 26.94
CA LEU C 231 12.77 -10.80 27.00
C LEU C 231 13.53 -11.45 28.15
N LYS C 232 12.95 -11.54 29.34
CA LYS C 232 13.61 -12.21 30.44
C LYS C 232 13.63 -13.71 30.40
N MET C 233 12.51 -14.37 30.03
CA MET C 233 12.43 -15.82 29.91
C MET C 233 13.35 -16.38 28.82
N THR C 234 13.50 -15.67 27.68
CA THR C 234 14.44 -15.99 26.61
C THR C 234 15.90 -15.82 27.00
N ASN C 235 16.22 -14.78 27.79
CA ASN C 235 17.60 -14.48 28.18
C ASN C 235 18.03 -15.22 29.43
N GLU C 236 17.17 -16.09 30.00
CA GLU C 236 17.62 -17.01 30.99
C GLU C 236 18.61 -18.02 30.46
N ALA C 237 19.69 -18.26 31.23
CA ALA C 237 20.85 -19.01 30.81
C ALA C 237 20.61 -20.47 30.40
N TYR C 238 19.74 -21.20 31.12
CA TYR C 238 19.46 -22.60 30.87
C TYR C 238 18.28 -22.79 29.90
N GLY C 239 17.40 -21.77 29.78
CA GLY C 239 16.21 -21.85 28.95
C GLY C 239 15.09 -22.75 29.45
N ASP C 240 14.82 -22.78 30.77
CA ASP C 240 13.89 -23.68 31.40
C ASP C 240 12.45 -23.15 31.52
N LYS C 241 12.26 -21.84 31.78
CA LYS C 241 10.94 -21.20 31.89
C LYS C 241 10.05 -21.32 30.68
N MET C 242 10.65 -21.31 29.49
CA MET C 242 9.94 -21.66 28.30
C MET C 242 10.92 -22.29 27.34
N PHE C 243 10.48 -23.30 26.56
CA PHE C 243 11.29 -23.79 25.47
C PHE C 243 10.53 -23.82 24.15
N PHE C 244 9.31 -23.28 24.16
CA PHE C 244 8.48 -23.18 22.99
C PHE C 244 7.39 -22.19 23.39
N PHE C 245 6.94 -21.37 22.42
CA PHE C 245 5.86 -20.44 22.65
C PHE C 245 5.21 -20.00 21.37
N GLY C 246 3.96 -19.50 21.48
CA GLY C 246 3.29 -18.81 20.41
C GLY C 246 2.47 -17.71 20.97
N ARG C 247 2.07 -16.78 20.09
CA ARG C 247 1.25 -15.67 20.48
C ARG C 247 0.52 -15.10 19.27
N ARG C 248 -0.74 -14.68 19.46
CA ARG C 248 -1.52 -13.92 18.50
C ARG C 248 -2.28 -12.88 19.30
N GLU C 249 -1.91 -11.59 19.15
CA GLU C 249 -2.55 -10.50 19.85
C GLU C 249 -3.11 -9.52 18.83
N GLN C 250 -4.30 -8.95 19.06
CA GLN C 250 -4.78 -7.88 18.20
C GLN C 250 -5.77 -6.98 18.90
N VAL C 251 -5.80 -5.69 18.52
CA VAL C 251 -6.65 -4.72 19.17
C VAL C 251 -6.82 -3.55 18.25
N TYR C 252 -7.96 -2.86 18.34
CA TYR C 252 -8.11 -1.53 17.78
C TYR C 252 -8.81 -0.69 18.83
N ALA C 253 -8.68 0.64 18.76
CA ALA C 253 -9.40 1.55 19.64
C ALA C 253 -10.82 1.74 19.12
N ARG C 254 -11.84 1.34 19.90
CA ARG C 254 -13.21 1.43 19.49
C ARG C 254 -13.88 2.77 19.79
N HIS C 255 -13.64 3.29 21.00
CA HIS C 255 -14.23 4.54 21.45
C HIS C 255 -13.20 5.30 22.24
N PHE C 256 -13.32 6.64 22.27
CA PHE C 256 -12.34 7.54 22.86
C PHE C 256 -13.01 8.43 23.88
N PHE C 257 -12.58 8.32 25.15
CA PHE C 257 -13.25 8.94 26.25
C PHE C 257 -12.26 9.78 27.07
N THR C 258 -12.76 10.38 28.15
CA THR C 258 -12.10 11.22 29.12
C THR C 258 -12.21 10.57 30.48
N ARG C 259 -11.46 11.12 31.46
CA ARG C 259 -11.58 10.75 32.84
C ARG C 259 -12.09 11.92 33.64
N ASN C 260 -13.07 11.70 34.54
CA ASN C 260 -13.57 12.72 35.42
C ASN C 260 -12.75 12.64 36.71
N GLY C 261 -12.23 13.78 37.16
CA GLY C 261 -11.63 13.85 38.46
C GLY C 261 -10.87 15.13 38.52
N SER C 262 -10.31 15.43 39.70
CA SER C 262 -9.38 16.54 39.88
C SER C 262 -8.14 16.30 39.02
N VAL C 263 -7.77 17.30 38.18
CA VAL C 263 -6.61 17.20 37.30
C VAL C 263 -5.32 17.07 38.09
N GLY C 264 -4.45 16.09 37.74
CA GLY C 264 -3.23 15.86 38.52
C GLY C 264 -2.09 16.73 38.12
N GLU C 265 -1.93 16.93 36.80
CA GLU C 265 -0.88 17.74 36.26
C GLU C 265 -1.63 18.65 35.30
N PRO C 266 -1.68 19.97 35.52
CA PRO C 266 -2.32 20.85 34.60
C PRO C 266 -1.50 20.95 33.38
N ILE C 267 -2.21 21.09 32.29
CA ILE C 267 -1.68 21.36 31.02
C ILE C 267 -0.75 22.67 31.08
N PRO C 268 0.57 22.72 30.71
CA PRO C 268 1.42 23.91 30.81
C PRO C 268 0.89 25.02 29.91
N ASN C 269 0.96 26.32 30.26
CA ASN C 269 0.33 27.33 29.41
C ASN C 269 1.10 27.79 28.14
N SER C 270 2.09 27.00 27.66
CA SER C 270 2.93 27.28 26.51
C SER C 270 2.39 26.56 25.25
N VAL C 271 3.17 25.89 24.37
CA VAL C 271 2.63 25.17 23.21
C VAL C 271 2.43 23.66 23.44
N SER C 272 2.90 23.16 24.60
CA SER C 272 2.53 21.86 25.16
C SER C 272 1.03 21.49 25.35
N PRO C 273 0.10 22.39 25.61
CA PRO C 273 -1.34 22.19 25.60
C PRO C 273 -2.04 22.18 24.26
N SER C 274 -1.33 22.45 23.16
CA SER C 274 -1.93 22.40 21.83
C SER C 274 -2.99 23.50 21.60
N ASP C 275 -4.28 23.13 21.40
CA ASP C 275 -5.39 24.02 21.17
C ASP C 275 -5.88 24.73 22.42
N PHE C 276 -5.60 24.12 23.58
CA PHE C 276 -5.99 24.61 24.88
C PHE C 276 -5.00 25.61 25.42
N TYR C 277 -3.86 25.75 24.70
CA TYR C 277 -2.88 26.81 24.87
C TYR C 277 -3.45 28.16 24.98
N TYR C 278 -4.01 28.60 23.85
CA TYR C 278 -4.49 29.93 23.72
C TYR C 278 -5.75 29.99 24.54
N ALA C 279 -5.63 30.56 25.77
CA ALA C 279 -6.67 30.50 26.75
C ALA C 279 -7.95 31.14 26.25
N PRO C 280 -9.09 30.47 26.21
CA PRO C 280 -10.32 31.13 25.84
C PRO C 280 -10.93 31.90 27.02
N ASP C 281 -10.13 32.66 27.80
CA ASP C 281 -10.51 33.44 28.96
C ASP C 281 -11.55 34.50 28.68
N SER C 282 -11.60 35.01 27.44
CA SER C 282 -12.57 36.01 27.02
C SER C 282 -13.98 35.42 26.79
N THR C 283 -14.10 34.09 26.68
CA THR C 283 -15.30 33.36 26.28
C THR C 283 -15.79 32.50 27.43
N GLN C 284 -17.01 32.76 27.99
CA GLN C 284 -17.60 32.05 29.13
C GLN C 284 -17.83 30.54 28.97
N ASP C 285 -17.61 30.01 27.76
CA ASP C 285 -17.71 28.61 27.42
C ASP C 285 -16.44 27.85 27.79
N GLN C 286 -15.26 28.31 27.35
CA GLN C 286 -14.06 27.50 27.37
C GLN C 286 -12.98 28.02 28.32
N LYS C 287 -13.36 28.76 29.40
CA LYS C 287 -12.42 29.31 30.38
C LYS C 287 -11.65 28.23 31.13
N THR C 288 -12.37 27.16 31.51
CA THR C 288 -11.80 26.03 32.20
C THR C 288 -11.72 24.90 31.22
N LEU C 289 -10.52 24.34 31.10
CA LEU C 289 -10.21 23.21 30.27
C LEU C 289 -11.01 21.96 30.57
N ALA C 290 -11.39 21.20 29.52
CA ALA C 290 -11.92 19.87 29.71
C ALA C 290 -10.81 18.93 30.21
N PRO C 291 -11.03 17.87 30.96
CA PRO C 291 -9.98 16.92 31.30
C PRO C 291 -9.22 16.34 30.13
N SER C 292 -7.89 16.44 30.18
CA SER C 292 -6.97 16.00 29.15
C SER C 292 -6.38 14.65 29.49
N VAL C 293 -7.15 13.85 30.25
CA VAL C 293 -6.80 12.48 30.59
C VAL C 293 -7.72 11.60 29.77
N TYR C 294 -7.29 11.28 28.54
CA TYR C 294 -8.06 10.46 27.62
C TYR C 294 -7.79 8.99 27.84
N PHE C 295 -8.79 8.12 27.65
CA PHE C 295 -8.55 6.71 27.65
C PHE C 295 -9.35 6.16 26.47
N GLY C 296 -8.79 5.19 25.73
CA GLY C 296 -9.50 4.50 24.68
C GLY C 296 -10.11 3.25 25.24
N THR C 297 -11.30 2.91 24.72
CA THR C 297 -11.97 1.63 24.95
C THR C 297 -11.38 0.65 23.96
N PRO C 298 -10.71 -0.44 24.36
CA PRO C 298 -10.16 -1.43 23.45
C PRO C 298 -11.24 -2.22 22.75
N SER C 299 -10.84 -3.01 21.75
CA SER C 299 -11.69 -3.94 21.03
C SER C 299 -10.76 -4.88 20.30
N GLY C 300 -10.79 -6.18 20.66
CA GLY C 300 -10.24 -7.26 19.89
C GLY C 300 -11.25 -7.58 18.83
N SER C 301 -10.87 -7.44 17.55
CA SER C 301 -11.77 -7.60 16.42
C SER C 301 -12.31 -9.03 16.24
N LEU C 302 -12.94 -9.29 15.08
CA LEU C 302 -13.44 -10.58 14.63
C LEU C 302 -12.58 -11.81 14.93
N VAL C 303 -13.14 -12.77 15.68
CA VAL C 303 -12.48 -14.03 15.95
C VAL C 303 -12.76 -14.94 14.77
N SER C 304 -11.74 -15.65 14.27
CA SER C 304 -11.89 -16.49 13.10
C SER C 304 -11.35 -17.86 13.41
N SER C 305 -11.81 -18.88 12.66
CA SER C 305 -11.38 -20.25 12.88
C SER C 305 -9.98 -20.49 12.29
N ASP C 306 -9.61 -19.68 11.27
CA ASP C 306 -8.35 -19.73 10.55
C ASP C 306 -7.16 -19.34 11.44
N GLY C 307 -7.37 -18.31 12.29
CA GLY C 307 -6.36 -17.73 13.16
C GLY C 307 -6.13 -18.48 14.44
N GLN C 308 -6.78 -19.64 14.61
CA GLN C 308 -6.68 -20.46 15.79
C GLN C 308 -5.31 -21.09 16.02
N LEU C 309 -4.69 -20.82 17.19
CA LEU C 309 -3.46 -21.47 17.61
C LEU C 309 -3.64 -22.89 18.13
N PHE C 310 -4.78 -23.16 18.79
CA PHE C 310 -5.07 -24.40 19.49
C PHE C 310 -5.71 -25.44 18.59
N ASN C 311 -5.82 -26.71 19.08
CA ASN C 311 -6.33 -27.84 18.30
C ASN C 311 -5.42 -28.18 17.11
N ARG C 312 -4.11 -27.95 17.27
CA ARG C 312 -3.11 -28.28 16.29
C ARG C 312 -1.97 -28.94 17.06
N PRO C 313 -1.39 -30.04 16.60
CA PRO C 313 -0.24 -30.63 17.24
C PRO C 313 1.02 -29.83 16.94
N PHE C 314 1.86 -29.65 17.95
CA PHE C 314 3.12 -28.97 17.85
C PHE C 314 4.21 -29.97 18.16
N TRP C 315 5.31 -29.92 17.40
CA TRP C 315 6.39 -30.86 17.55
C TRP C 315 7.65 -30.12 17.94
N LEU C 316 8.15 -30.35 19.17
CA LEU C 316 9.25 -29.60 19.73
C LEU C 316 10.56 -30.28 19.31
N GLN C 317 11.07 -29.90 18.13
CA GLN C 317 12.28 -30.50 17.59
C GLN C 317 13.53 -29.80 18.03
N ARG C 318 13.51 -28.46 17.96
CA ARG C 318 14.60 -27.65 18.43
C ARG C 318 13.99 -26.57 19.28
N ALA C 319 14.25 -26.60 20.59
CA ALA C 319 13.89 -25.54 21.49
C ALA C 319 14.67 -24.25 21.28
N GLN C 320 14.10 -23.14 21.78
CA GLN C 320 14.72 -21.82 21.72
C GLN C 320 16.04 -21.68 22.50
N GLY C 321 16.10 -22.26 23.71
CA GLY C 321 17.24 -22.17 24.61
C GLY C 321 18.09 -23.41 24.59
N ASN C 322 18.85 -23.65 25.68
CA ASN C 322 19.71 -24.81 25.79
C ASN C 322 18.97 -26.05 26.25
N ASN C 323 17.89 -25.87 27.03
CA ASN C 323 17.00 -26.97 27.36
C ASN C 323 16.12 -27.35 26.16
N ASN C 324 16.50 -28.42 25.44
CA ASN C 324 15.75 -29.00 24.36
C ASN C 324 14.62 -29.96 24.81
N GLY C 325 13.64 -29.41 25.58
CA GLY C 325 12.40 -30.10 25.93
C GLY C 325 12.51 -31.07 27.08
N VAL C 326 13.65 -31.10 27.81
CA VAL C 326 13.85 -31.98 28.95
C VAL C 326 13.01 -31.51 30.11
N CYS C 327 12.11 -32.38 30.58
CA CYS C 327 11.21 -32.09 31.65
C CYS C 327 11.90 -32.46 32.95
N TRP C 328 12.82 -31.56 33.41
CA TRP C 328 13.52 -31.73 34.65
C TRP C 328 12.52 -31.82 35.80
N HIS C 329 12.79 -32.71 36.77
CA HIS C 329 11.98 -32.90 37.97
C HIS C 329 10.66 -33.63 37.76
N ASN C 330 10.44 -34.16 36.54
CA ASN C 330 9.23 -34.85 36.16
C ASN C 330 8.00 -33.93 36.15
N GLU C 331 8.17 -32.74 35.54
CA GLU C 331 7.28 -31.62 35.74
C GLU C 331 7.23 -30.83 34.45
N LEU C 332 6.10 -30.21 34.12
CA LEU C 332 6.00 -29.43 32.91
C LEU C 332 4.93 -28.39 33.12
N PHE C 333 5.12 -27.16 32.63
CA PHE C 333 4.17 -26.09 32.80
C PHE C 333 3.66 -25.71 31.44
N VAL C 334 2.33 -25.67 31.29
CA VAL C 334 1.71 -25.29 30.04
C VAL C 334 0.87 -24.08 30.37
N THR C 335 1.15 -22.93 29.73
CA THR C 335 0.42 -21.71 30.00
C THR C 335 -0.42 -21.36 28.83
N VAL C 336 -1.74 -21.19 29.04
CA VAL C 336 -2.67 -20.97 27.96
C VAL C 336 -3.49 -19.74 28.22
N VAL C 337 -3.64 -18.88 27.20
CA VAL C 337 -4.63 -17.82 27.20
C VAL C 337 -5.40 -18.02 25.92
N ASP C 338 -6.74 -18.03 25.97
CA ASP C 338 -7.57 -18.13 24.78
C ASP C 338 -8.77 -17.23 24.95
N ASN C 339 -8.66 -15.97 24.46
CA ASN C 339 -9.69 -14.97 24.58
C ASN C 339 -10.67 -15.07 23.41
N THR C 340 -10.66 -16.19 22.66
CA THR C 340 -11.51 -16.40 21.47
C THR C 340 -12.70 -17.29 21.75
N ARG C 341 -12.86 -17.72 23.00
CA ARG C 341 -13.94 -18.55 23.48
C ARG C 341 -14.41 -18.01 24.82
N ASN C 342 -14.43 -16.68 24.97
CA ASN C 342 -14.69 -16.02 26.24
C ASN C 342 -16.17 -15.63 26.39
N THR C 343 -17.08 -16.26 25.61
CA THR C 343 -18.51 -15.96 25.62
C THR C 343 -19.21 -16.33 26.91
N ASN C 344 -19.79 -15.33 27.61
CA ASN C 344 -20.43 -15.56 28.90
C ASN C 344 -21.89 -15.85 28.66
N PHE C 345 -22.39 -16.98 29.17
CA PHE C 345 -23.76 -17.40 28.95
C PHE C 345 -24.66 -16.77 30.01
N THR C 346 -25.73 -16.11 29.53
CA THR C 346 -26.77 -15.49 30.35
C THR C 346 -27.76 -16.52 30.85
N ILE C 347 -27.89 -16.66 32.19
CA ILE C 347 -28.82 -17.57 32.85
C ILE C 347 -29.94 -16.72 33.42
N SER C 348 -31.14 -17.32 33.61
CA SER C 348 -32.27 -16.66 34.22
C SER C 348 -32.95 -17.65 35.16
N GLN C 349 -33.66 -17.15 36.19
CA GLN C 349 -34.44 -17.96 37.10
C GLN C 349 -35.72 -17.23 37.44
N GLN C 350 -36.86 -17.97 37.45
CA GLN C 350 -38.20 -17.51 37.68
C GLN C 350 -38.57 -17.62 39.16
N THR C 351 -37.80 -16.92 40.00
CA THR C 351 -37.83 -17.04 41.46
C THR C 351 -39.17 -16.80 42.11
N ASN C 352 -39.96 -15.85 41.59
CA ASN C 352 -41.19 -15.45 42.24
C ASN C 352 -42.37 -16.34 41.88
N THR C 353 -42.12 -17.49 41.20
CA THR C 353 -43.09 -18.55 40.87
C THR C 353 -43.39 -18.54 39.36
N PRO C 354 -43.47 -19.64 38.57
CA PRO C 354 -43.89 -19.65 37.16
C PRO C 354 -45.39 -19.42 36.94
N ASN C 355 -46.19 -19.25 38.01
CA ASN C 355 -47.63 -19.00 38.05
C ASN C 355 -48.14 -17.75 37.31
N PRO C 356 -47.63 -16.53 37.46
CA PRO C 356 -48.28 -15.39 36.86
C PRO C 356 -48.05 -15.26 35.37
N ASP C 357 -49.01 -14.61 34.69
CA ASP C 357 -49.13 -14.64 33.25
C ASP C 357 -48.52 -13.40 32.60
N THR C 358 -47.99 -12.46 33.40
CA THR C 358 -47.48 -11.16 32.94
C THR C 358 -46.01 -11.10 33.28
N TYR C 359 -45.19 -10.65 32.31
CA TYR C 359 -43.78 -10.36 32.50
C TYR C 359 -43.57 -9.20 33.48
N ASP C 360 -42.76 -9.43 34.53
CA ASP C 360 -42.33 -8.40 35.44
C ASP C 360 -40.81 -8.58 35.48
N SER C 361 -40.06 -7.47 35.48
CA SER C 361 -38.63 -7.42 35.68
C SER C 361 -38.23 -7.88 37.07
N THR C 362 -39.11 -7.63 38.08
CA THR C 362 -38.87 -7.99 39.48
C THR C 362 -39.05 -9.49 39.73
N ASN C 363 -39.63 -10.23 38.75
CA ASN C 363 -39.86 -11.66 38.77
C ASN C 363 -38.61 -12.48 38.45
N PHE C 364 -37.75 -11.99 37.55
CA PHE C 364 -36.72 -12.82 37.00
C PHE C 364 -35.38 -12.37 37.54
N LYS C 365 -34.60 -13.32 38.07
CA LYS C 365 -33.26 -13.05 38.52
C LYS C 365 -32.31 -13.48 37.42
N ASN C 366 -31.40 -12.58 37.02
CA ASN C 366 -30.44 -12.82 35.97
C ASN C 366 -29.11 -13.20 36.57
N TYR C 367 -28.39 -14.13 35.92
CA TYR C 367 -27.08 -14.56 36.38
C TYR C 367 -26.15 -14.64 35.18
N LEU C 368 -24.84 -14.53 35.43
CA LEU C 368 -23.81 -14.71 34.42
C LEU C 368 -22.91 -15.86 34.80
N ARG C 369 -22.58 -16.69 33.79
CA ARG C 369 -21.71 -17.83 33.94
C ARG C 369 -20.81 -17.96 32.73
N HIS C 370 -19.69 -18.65 32.91
CA HIS C 370 -18.73 -18.92 31.85
C HIS C 370 -18.27 -20.35 32.05
N VAL C 371 -18.07 -21.09 30.95
CA VAL C 371 -17.67 -22.49 30.93
C VAL C 371 -16.46 -22.61 30.01
N GLU C 372 -15.34 -23.13 30.53
CA GLU C 372 -14.19 -23.48 29.73
C GLU C 372 -14.08 -24.98 29.61
N GLN C 373 -13.33 -25.43 28.58
CA GLN C 373 -13.11 -26.82 28.28
C GLN C 373 -11.71 -26.92 27.65
N PHE C 374 -10.82 -27.71 28.28
CA PHE C 374 -9.45 -27.98 27.87
C PHE C 374 -9.23 -29.48 27.83
N GLU C 375 -8.33 -29.93 26.94
CA GLU C 375 -7.94 -31.31 26.82
C GLU C 375 -6.49 -31.33 26.38
N LEU C 376 -5.56 -31.90 27.16
CA LEU C 376 -4.15 -31.74 26.89
C LEU C 376 -3.60 -33.09 26.54
N SER C 377 -2.82 -33.16 25.45
CA SER C 377 -2.20 -34.40 25.05
C SER C 377 -0.74 -34.13 24.81
N LEU C 378 0.13 -35.08 25.20
CA LEU C 378 1.55 -34.97 24.98
C LEU C 378 2.12 -36.26 24.49
N ILE C 379 3.29 -36.18 23.84
CA ILE C 379 4.11 -37.32 23.45
C ILE C 379 5.44 -37.07 24.14
N ALA C 380 5.84 -37.99 25.03
CA ALA C 380 7.05 -37.90 25.82
C ALA C 380 8.00 -38.96 25.33
N GLN C 381 9.27 -38.60 25.13
CA GLN C 381 10.32 -39.51 24.77
C GLN C 381 11.12 -39.78 26.01
N LEU C 382 11.44 -41.06 26.24
CA LEU C 382 12.33 -41.44 27.31
C LEU C 382 13.76 -41.08 26.98
N CYS C 383 14.46 -40.44 27.92
CA CYS C 383 15.83 -40.06 27.75
C CYS C 383 16.63 -40.59 28.92
N LYS C 384 17.94 -40.80 28.71
CA LYS C 384 18.83 -41.26 29.75
C LYS C 384 20.04 -40.37 29.83
N VAL C 385 20.61 -40.22 31.03
CA VAL C 385 21.75 -39.38 31.30
C VAL C 385 22.82 -40.24 31.98
N PRO C 386 24.06 -40.31 31.51
CA PRO C 386 25.11 -41.02 32.21
C PRO C 386 25.82 -40.03 33.08
N LEU C 387 25.81 -40.29 34.39
CA LEU C 387 26.22 -39.33 35.36
C LEU C 387 27.65 -39.57 35.80
N ASP C 388 28.56 -39.07 34.94
CA ASP C 388 29.98 -38.98 35.17
C ASP C 388 30.28 -37.76 36.04
N PRO C 389 31.46 -37.65 36.69
CA PRO C 389 31.80 -36.47 37.50
C PRO C 389 31.54 -35.11 36.87
N GLY C 390 31.83 -34.92 35.56
CA GLY C 390 31.60 -33.65 34.88
C GLY C 390 30.14 -33.33 34.65
N VAL C 391 29.35 -34.34 34.29
CA VAL C 391 27.90 -34.26 34.20
C VAL C 391 27.26 -33.99 35.56
N LEU C 392 27.68 -34.70 36.63
CA LEU C 392 27.23 -34.45 38.00
C LEU C 392 27.52 -33.04 38.47
N ALA C 393 28.73 -32.51 38.19
CA ALA C 393 29.08 -31.13 38.49
C ALA C 393 28.21 -30.09 37.76
N HIS C 394 28.02 -30.25 36.42
CA HIS C 394 27.14 -29.44 35.59
C HIS C 394 25.68 -29.49 36.00
N ILE C 395 25.15 -30.68 36.36
CA ILE C 395 23.79 -30.77 36.86
C ILE C 395 23.61 -30.13 38.24
N ASN C 396 24.54 -30.34 39.20
CA ASN C 396 24.52 -29.74 40.52
C ASN C 396 24.59 -28.19 40.46
N THR C 397 25.39 -27.63 39.52
CA THR C 397 25.45 -26.19 39.24
C THR C 397 24.21 -25.63 38.57
N MET C 398 23.59 -26.38 37.64
CA MET C 398 22.30 -26.05 37.05
C MET C 398 21.17 -26.05 38.04
N ASN C 399 21.06 -27.09 38.89
CA ASN C 399 19.97 -27.15 39.85
C ASN C 399 20.20 -28.30 40.85
N PRO C 400 20.40 -28.05 42.15
CA PRO C 400 20.68 -29.10 43.13
C PRO C 400 19.55 -30.11 43.27
N THR C 401 18.28 -29.68 43.13
CA THR C 401 17.11 -30.52 43.38
C THR C 401 16.95 -31.64 42.36
N ILE C 402 17.60 -31.53 41.18
CA ILE C 402 17.68 -32.58 40.16
C ILE C 402 18.44 -33.79 40.69
N LEU C 403 19.60 -33.54 41.34
CA LEU C 403 20.45 -34.59 41.90
C LEU C 403 20.12 -34.92 43.34
N GLU C 404 19.21 -34.18 43.98
CA GLU C 404 18.59 -34.58 45.22
C GLU C 404 17.40 -35.51 45.03
N ASN C 405 16.52 -35.24 44.03
CA ASN C 405 15.41 -36.12 43.69
C ASN C 405 15.90 -37.47 43.18
N TRP C 406 16.91 -37.47 42.30
CA TRP C 406 17.60 -38.69 41.97
C TRP C 406 18.59 -39.00 43.07
N ASN C 407 18.37 -40.04 43.91
CA ASN C 407 19.22 -40.36 45.07
C ASN C 407 20.72 -40.58 44.86
N LEU C 408 21.21 -40.40 43.64
CA LEU C 408 22.52 -40.84 43.23
C LEU C 408 23.74 -40.27 43.94
N GLY C 409 23.79 -38.93 44.13
CA GLY C 409 24.87 -38.28 44.84
C GLY C 409 24.31 -37.63 46.06
N PHE C 410 24.49 -38.28 47.23
CA PHE C 410 24.04 -37.73 48.50
C PHE C 410 25.22 -37.12 49.26
N VAL C 411 26.24 -37.93 49.64
CA VAL C 411 27.47 -37.43 50.26
C VAL C 411 27.25 -36.71 51.62
N PRO C 412 27.02 -37.37 52.77
CA PRO C 412 26.35 -36.80 53.94
C PRO C 412 26.78 -35.40 54.35
N PRO C 413 25.90 -34.42 54.57
CA PRO C 413 26.28 -33.02 54.58
C PRO C 413 27.07 -32.69 55.84
N PRO C 414 28.07 -31.79 55.82
CA PRO C 414 28.80 -31.41 57.02
C PRO C 414 27.82 -30.98 58.11
N GLN C 415 27.86 -31.61 59.30
CA GLN C 415 27.16 -31.30 60.55
C GLN C 415 26.44 -32.50 61.16
N GLN C 416 26.16 -33.55 60.35
CA GLN C 416 25.38 -34.71 60.75
C GLN C 416 23.90 -34.41 61.04
N SER C 417 23.17 -35.39 61.61
CA SER C 417 21.76 -35.33 61.87
C SER C 417 21.43 -36.10 63.15
N ILE C 418 22.36 -36.13 64.14
CA ILE C 418 22.14 -36.72 65.46
C ILE C 418 20.89 -36.15 66.11
N SER C 419 19.90 -37.03 66.38
CA SER C 419 18.59 -36.64 66.88
C SER C 419 18.40 -37.08 68.31
N ASP C 420 17.57 -36.35 69.08
CA ASP C 420 17.31 -36.59 70.48
C ASP C 420 15.91 -37.21 70.65
N ASP C 421 15.76 -38.22 71.54
CA ASP C 421 14.55 -39.00 71.70
C ASP C 421 14.37 -39.28 73.20
N TYR C 422 14.33 -38.18 74.01
CA TYR C 422 14.60 -38.17 75.46
C TYR C 422 14.34 -39.43 76.28
N ARG C 423 13.06 -39.66 76.65
CA ARG C 423 12.51 -41.01 76.68
C ARG C 423 11.00 -40.92 76.69
N TYR C 424 10.46 -39.82 77.26
CA TYR C 424 9.04 -39.62 77.39
C TYR C 424 8.71 -38.30 76.73
N ILE C 425 7.98 -38.34 75.59
CA ILE C 425 7.56 -37.13 74.91
C ILE C 425 6.40 -36.40 75.57
N THR C 426 5.63 -37.09 76.44
CA THR C 426 4.45 -36.51 77.09
C THR C 426 4.78 -35.92 78.46
N SER C 427 6.03 -36.13 78.94
CA SER C 427 6.47 -35.59 80.22
C SER C 427 6.61 -34.07 80.22
N SER C 428 6.41 -33.40 81.35
CA SER C 428 6.42 -31.94 81.39
C SER C 428 7.75 -31.36 81.86
N ALA C 429 8.76 -32.23 82.07
CA ALA C 429 10.13 -31.83 82.35
C ALA C 429 10.97 -31.88 81.08
N THR C 430 10.36 -32.29 79.94
CA THR C 430 11.00 -32.52 78.66
C THR C 430 10.39 -31.57 77.65
N ARG C 431 10.05 -30.34 78.13
CA ARG C 431 8.90 -29.50 77.79
C ARG C 431 8.17 -29.66 76.45
N CYS C 432 8.89 -29.62 75.30
CA CYS C 432 8.23 -29.79 74.00
C CYS C 432 8.99 -30.73 73.09
N PRO C 433 8.41 -31.90 72.88
CA PRO C 433 8.89 -32.79 71.84
C PRO C 433 7.78 -33.22 70.88
N ASP C 434 6.85 -32.33 70.46
CA ASP C 434 5.92 -32.61 69.39
C ASP C 434 6.55 -32.05 68.11
N GLN C 435 7.07 -32.95 67.23
CA GLN C 435 7.72 -32.62 65.99
C GLN C 435 6.80 -32.83 64.79
N ASN C 436 7.13 -32.15 63.67
CA ASN C 436 6.36 -32.27 62.45
C ASN C 436 6.73 -33.56 61.73
N PRO C 437 5.92 -34.14 60.83
CA PRO C 437 6.36 -35.20 59.92
C PRO C 437 7.70 -34.93 59.24
N PRO C 438 8.64 -35.88 59.08
CA PRO C 438 9.99 -35.57 58.68
C PRO C 438 10.06 -35.15 57.22
N LYS C 439 10.88 -34.13 56.90
CA LYS C 439 11.04 -33.63 55.55
C LYS C 439 9.81 -33.01 54.90
N GLU C 440 9.13 -32.04 55.56
CA GLU C 440 7.99 -31.34 55.00
C GLU C 440 8.35 -30.29 53.94
N ARG C 441 9.66 -29.94 53.87
CA ARG C 441 10.20 -29.03 52.89
C ARG C 441 10.49 -29.73 51.56
N GLU C 442 9.43 -30.01 50.78
CA GLU C 442 9.51 -30.73 49.52
C GLU C 442 9.03 -29.91 48.33
N ASP C 443 8.15 -28.89 48.55
CA ASP C 443 7.55 -28.14 47.46
C ASP C 443 7.95 -26.65 47.53
N PRO C 444 8.84 -26.14 46.67
CA PRO C 444 9.25 -24.74 46.67
C PRO C 444 8.24 -23.91 45.90
N TYR C 445 7.31 -24.56 45.17
CA TYR C 445 6.32 -23.89 44.33
C TYR C 445 4.93 -23.94 44.95
N LYS C 446 4.86 -24.17 46.29
CA LYS C 446 3.62 -24.27 47.04
C LYS C 446 2.90 -22.94 47.26
N GLY C 447 3.63 -21.81 47.15
CA GLY C 447 3.01 -20.51 47.36
C GLY C 447 2.20 -20.02 46.20
N LEU C 448 2.35 -20.68 45.05
CA LEU C 448 1.71 -20.30 43.81
C LEU C 448 0.52 -21.20 43.54
N ILE C 449 -0.44 -20.70 42.76
CA ILE C 449 -1.62 -21.42 42.35
C ILE C 449 -1.47 -21.88 40.92
N PHE C 450 -1.56 -23.21 40.65
CA PHE C 450 -1.55 -23.71 39.30
C PHE C 450 -2.74 -24.63 39.11
N TRP C 451 -3.16 -24.84 37.85
CA TRP C 451 -4.11 -25.88 37.54
C TRP C 451 -3.32 -27.18 37.50
N GLU C 452 -3.28 -27.90 38.64
CA GLU C 452 -2.50 -29.12 38.77
C GLU C 452 -3.12 -30.28 38.01
N VAL C 453 -2.35 -30.92 37.12
CA VAL C 453 -2.82 -32.03 36.33
C VAL C 453 -1.94 -33.20 36.64
N ASP C 454 -2.56 -34.35 36.91
CA ASP C 454 -1.85 -35.55 37.27
C ASP C 454 -1.87 -36.48 36.06
N LEU C 455 -0.67 -36.77 35.51
CA LEU C 455 -0.47 -37.67 34.41
C LEU C 455 0.36 -38.88 34.85
N THR C 456 0.49 -39.18 36.15
CA THR C 456 1.22 -40.36 36.62
C THR C 456 0.63 -41.69 36.09
N GLU C 457 -0.71 -41.84 36.20
CA GLU C 457 -1.49 -42.99 35.78
C GLU C 457 -2.09 -42.84 34.39
N ARG C 458 -1.43 -42.09 33.48
CA ARG C 458 -1.95 -41.82 32.15
C ARG C 458 -0.97 -42.11 31.03
N PHE C 459 0.21 -42.69 31.34
CA PHE C 459 1.19 -43.00 30.32
C PHE C 459 0.85 -44.28 29.59
N SER C 460 0.95 -44.25 28.26
CA SER C 460 0.71 -45.42 27.45
C SER C 460 1.75 -45.47 26.35
N GLN C 461 2.25 -46.69 26.02
CA GLN C 461 3.32 -46.90 25.07
C GLN C 461 2.78 -47.18 23.66
N ASP C 462 1.49 -47.52 23.51
CA ASP C 462 0.87 -47.76 22.23
C ASP C 462 0.25 -46.46 21.71
N LEU C 463 1.04 -45.70 20.93
CA LEU C 463 0.64 -44.38 20.51
C LEU C 463 -0.56 -44.32 19.58
N ASP C 464 -0.69 -45.30 18.66
CA ASP C 464 -1.68 -45.28 17.63
C ASP C 464 -3.13 -45.44 18.10
N GLN C 465 -3.34 -45.65 19.42
CA GLN C 465 -4.64 -45.75 20.02
C GLN C 465 -5.15 -44.39 20.49
N PHE C 466 -4.32 -43.33 20.36
CA PHE C 466 -4.66 -41.98 20.74
C PHE C 466 -4.51 -41.07 19.53
N ALA C 467 -5.31 -39.98 19.47
CA ALA C 467 -5.35 -39.08 18.33
C ALA C 467 -4.02 -38.38 18.02
N LEU C 468 -3.37 -37.80 19.05
CA LEU C 468 -2.03 -37.23 18.97
C LEU C 468 -0.98 -38.25 18.66
N GLY C 469 -1.16 -39.50 19.15
CA GLY C 469 -0.23 -40.58 18.93
C GLY C 469 -0.18 -41.05 17.49
N ARG C 470 -1.33 -41.23 16.81
CA ARG C 470 -1.37 -41.45 15.37
C ARG C 470 -0.85 -40.29 14.55
N LYS C 471 -1.13 -39.04 14.98
CA LYS C 471 -0.58 -37.85 14.35
C LYS C 471 0.94 -37.76 14.43
N PHE C 472 1.53 -38.08 15.60
CA PHE C 472 2.96 -38.22 15.80
C PHE C 472 3.52 -39.33 14.93
N LEU C 473 2.88 -40.52 14.90
CA LEU C 473 3.34 -41.57 14.02
C LEU C 473 3.32 -41.18 12.56
N TYR C 474 2.19 -40.67 12.04
CA TYR C 474 2.05 -40.25 10.66
C TYR C 474 3.05 -39.18 10.25
N GLN C 475 3.36 -38.23 11.17
CA GLN C 475 4.42 -37.24 11.00
C GLN C 475 5.83 -37.85 10.87
N ALA C 476 6.17 -38.88 11.66
CA ALA C 476 7.46 -39.57 11.62
C ALA C 476 7.47 -40.80 10.69
N GLY C 477 6.34 -41.10 10.01
CA GLY C 477 6.14 -42.24 9.12
C GLY C 477 5.47 -43.37 9.84
N ILE C 478 6.22 -44.48 10.16
CA ILE C 478 5.83 -45.44 11.18
C ILE C 478 4.38 -45.95 11.13
N ARG C 479 4.03 -46.74 10.08
CA ARG C 479 2.83 -47.56 10.16
C ARG C 479 3.01 -48.60 11.27
N THR C 480 2.00 -48.75 12.16
CA THR C 480 2.15 -49.29 13.53
C THR C 480 2.84 -50.62 13.74
N ALA C 481 2.13 -51.72 13.46
CA ALA C 481 2.64 -53.06 13.59
C ALA C 481 2.49 -53.76 12.23
N VAL C 482 1.32 -53.79 11.53
CA VAL C 482 -0.09 -53.65 11.93
C VAL C 482 -0.49 -54.93 12.71
N MET D 1 23.21 -44.33 50.64
CA MET D 1 22.45 -45.05 51.72
C MET D 1 23.38 -45.92 52.55
N ALA D 2 23.35 -45.79 53.89
CA ALA D 2 24.18 -46.61 54.75
C ALA D 2 23.33 -47.43 55.70
N MET D 3 21.99 -47.36 55.59
CA MET D 3 21.08 -48.07 56.46
C MET D 3 20.25 -49.02 55.63
N TRP D 4 19.96 -50.22 56.18
CA TRP D 4 19.11 -51.20 55.54
C TRP D 4 17.72 -51.04 56.08
N THR D 5 16.84 -50.41 55.28
CA THR D 5 15.48 -50.05 55.66
C THR D 5 14.52 -51.10 55.12
N PRO D 6 13.33 -51.31 55.70
CA PRO D 6 12.55 -52.52 55.46
C PRO D 6 12.04 -52.74 54.05
N GLN D 7 11.31 -51.78 53.46
CA GLN D 7 10.50 -52.01 52.28
C GLN D 7 10.82 -51.03 51.17
N THR D 8 10.08 -51.14 50.05
CA THR D 8 10.36 -50.47 48.81
C THR D 8 9.26 -49.48 48.49
N GLY D 9 9.35 -48.84 47.31
CA GLY D 9 8.45 -47.80 46.88
C GLY D 9 7.75 -48.16 45.61
N LYS D 10 7.12 -47.17 44.98
CA LYS D 10 6.35 -47.35 43.76
C LYS D 10 7.14 -47.90 42.58
N LEU D 11 6.55 -48.87 41.86
CA LEU D 11 7.12 -49.39 40.64
C LEU D 11 6.00 -49.44 39.64
N TYR D 12 6.06 -48.58 38.60
CA TYR D 12 5.08 -48.60 37.53
C TYR D 12 5.29 -49.79 36.63
N LEU D 13 4.23 -50.55 36.30
CA LEU D 13 4.32 -51.65 35.37
C LEU D 13 3.53 -51.35 34.10
N PRO D 14 4.18 -50.90 33.03
CA PRO D 14 3.51 -50.78 31.75
C PRO D 14 4.08 -51.65 30.61
N PRO D 15 3.24 -52.17 29.71
CA PRO D 15 1.80 -52.23 29.85
C PRO D 15 1.44 -53.18 30.96
N THR D 16 0.31 -52.91 31.65
CA THR D 16 -0.12 -53.74 32.77
C THR D 16 -0.56 -55.11 32.31
N THR D 17 -0.92 -55.23 31.01
CA THR D 17 -1.31 -56.49 30.41
C THR D 17 -1.36 -56.26 28.90
N PRO D 18 -1.03 -57.21 28.00
CA PRO D 18 -1.27 -57.10 26.57
C PRO D 18 -2.72 -56.91 26.22
N VAL D 19 -3.05 -55.80 25.53
CA VAL D 19 -4.39 -55.45 25.14
C VAL D 19 -4.55 -55.71 23.66
N ALA D 20 -5.72 -56.23 23.24
CA ALA D 20 -6.06 -56.32 21.84
C ALA D 20 -6.37 -54.93 21.32
N LYS D 21 -5.37 -54.31 20.67
CA LYS D 21 -5.44 -52.95 20.20
C LYS D 21 -6.40 -52.74 19.05
N VAL D 22 -6.89 -51.50 18.91
CA VAL D 22 -7.64 -51.12 17.74
C VAL D 22 -6.66 -50.94 16.58
N GLN D 23 -6.92 -51.61 15.45
CA GLN D 23 -6.09 -51.54 14.27
C GLN D 23 -6.80 -50.76 13.21
N SER D 24 -6.01 -50.20 12.27
CA SER D 24 -6.51 -49.52 11.10
C SER D 24 -7.29 -50.44 10.19
N THR D 25 -8.30 -49.93 9.47
CA THR D 25 -9.07 -50.72 8.50
C THR D 25 -8.27 -51.16 7.30
N ASP D 26 -7.05 -50.61 7.10
CA ASP D 26 -6.13 -50.97 6.06
C ASP D 26 -5.53 -52.37 6.25
N GLU D 27 -5.71 -52.99 7.44
CA GLU D 27 -5.11 -54.27 7.79
C GLU D 27 -6.02 -55.47 7.56
N TYR D 28 -7.36 -55.28 7.50
CA TYR D 28 -8.29 -56.39 7.31
C TYR D 28 -9.32 -56.11 6.23
N VAL D 29 -9.38 -54.86 5.71
CA VAL D 29 -10.33 -54.53 4.67
C VAL D 29 -9.57 -54.26 3.39
N TYR D 30 -9.69 -55.18 2.40
CA TYR D 30 -8.89 -55.14 1.19
C TYR D 30 -9.60 -54.30 0.13
N PRO D 31 -9.01 -53.29 -0.50
CA PRO D 31 -9.69 -52.53 -1.53
C PRO D 31 -9.70 -53.22 -2.87
N THR D 32 -10.64 -52.84 -3.76
CA THR D 32 -10.69 -53.34 -5.13
C THR D 32 -10.68 -52.17 -6.07
N SER D 33 -10.65 -52.41 -7.39
CA SER D 33 -10.63 -51.33 -8.35
C SER D 33 -12.03 -50.90 -8.77
N LEU D 34 -13.08 -51.39 -8.07
CA LEU D 34 -14.44 -51.11 -8.46
C LEU D 34 -14.93 -49.87 -7.73
N PHE D 35 -15.12 -48.77 -8.48
CA PHE D 35 -15.60 -47.51 -7.95
C PHE D 35 -16.98 -47.24 -8.53
N CYS D 36 -17.85 -46.61 -7.73
CA CYS D 36 -19.22 -46.35 -8.09
C CYS D 36 -19.55 -44.93 -7.73
N HIS D 37 -20.35 -44.25 -8.56
CA HIS D 37 -20.82 -42.90 -8.30
C HIS D 37 -22.24 -42.98 -7.80
N ALA D 38 -22.54 -42.22 -6.73
CA ALA D 38 -23.87 -42.10 -6.23
C ALA D 38 -24.21 -40.66 -5.94
N HIS D 39 -25.45 -40.24 -6.22
CA HIS D 39 -25.81 -38.86 -6.04
C HIS D 39 -27.29 -38.65 -5.82
N THR D 40 -27.61 -37.55 -5.10
CA THR D 40 -28.96 -37.09 -4.88
C THR D 40 -29.47 -36.29 -6.07
N ASP D 41 -30.79 -36.27 -6.37
CA ASP D 41 -31.32 -35.53 -7.50
C ASP D 41 -31.16 -34.03 -7.31
N ARG D 42 -31.80 -33.49 -6.27
CA ARG D 42 -31.60 -32.13 -5.84
C ARG D 42 -32.50 -31.92 -4.65
N LEU D 43 -31.95 -31.49 -3.52
CA LEU D 43 -32.67 -31.50 -2.27
C LEU D 43 -33.03 -30.11 -1.85
N LEU D 44 -34.35 -29.83 -1.81
CA LEU D 44 -34.87 -28.53 -1.52
C LEU D 44 -35.71 -28.59 -0.29
N THR D 45 -35.70 -27.51 0.49
CA THR D 45 -36.45 -27.46 1.72
C THR D 45 -36.93 -26.05 1.87
N VAL D 46 -38.26 -25.81 1.95
CA VAL D 46 -38.85 -24.48 2.09
C VAL D 46 -39.60 -24.42 3.39
N GLY D 47 -39.42 -23.34 4.17
CA GLY D 47 -40.11 -23.24 5.45
C GLY D 47 -39.98 -21.88 6.02
N HIS D 48 -40.38 -21.73 7.29
CA HIS D 48 -40.26 -20.48 7.99
C HIS D 48 -38.92 -20.41 8.73
N PRO D 49 -38.18 -19.32 8.77
CA PRO D 49 -36.89 -19.26 9.43
C PRO D 49 -36.96 -19.36 10.94
N PHE D 50 -38.08 -18.95 11.58
CA PHE D 50 -38.08 -18.75 13.02
C PHE D 50 -38.82 -19.83 13.77
N PHE D 51 -40.03 -20.17 13.31
CA PHE D 51 -40.89 -21.09 14.03
C PHE D 51 -41.72 -21.85 13.05
N SER D 52 -42.15 -23.06 13.45
CA SER D 52 -42.97 -23.89 12.61
C SER D 52 -44.40 -23.42 12.68
N VAL D 53 -44.96 -22.90 11.56
CA VAL D 53 -46.36 -22.51 11.45
C VAL D 53 -47.21 -23.77 11.45
N ILE D 54 -47.84 -24.09 12.58
CA ILE D 54 -48.83 -25.15 12.67
C ILE D 54 -50.19 -24.54 12.47
N ASP D 55 -51.22 -25.38 12.42
CA ASP D 55 -52.57 -24.96 12.72
C ASP D 55 -52.71 -24.87 14.26
N ASN D 56 -53.07 -25.99 14.92
CA ASN D 56 -52.85 -26.18 16.35
C ASN D 56 -52.55 -27.68 16.58
N ASP D 57 -51.47 -28.22 15.97
CA ASP D 57 -51.16 -29.64 15.89
C ASP D 57 -50.37 -29.98 14.65
N LYS D 58 -51.07 -30.21 13.54
CA LYS D 58 -50.39 -30.46 12.31
C LYS D 58 -49.50 -29.30 11.83
N VAL D 59 -48.24 -29.58 11.45
CA VAL D 59 -47.32 -28.57 10.98
C VAL D 59 -47.64 -28.28 9.53
N THR D 60 -48.12 -27.04 9.26
CA THR D 60 -48.45 -26.54 7.94
C THR D 60 -47.21 -26.12 7.22
N VAL D 61 -46.33 -25.36 7.90
CA VAL D 61 -45.07 -24.91 7.35
C VAL D 61 -43.98 -25.28 8.33
N PRO D 62 -42.98 -26.10 8.00
CA PRO D 62 -41.91 -26.44 8.93
C PRO D 62 -40.94 -25.31 9.14
N LYS D 63 -40.04 -25.48 10.12
CA LYS D 63 -38.97 -24.54 10.38
C LYS D 63 -37.75 -24.89 9.59
N VAL D 64 -37.31 -23.97 8.73
CA VAL D 64 -36.15 -24.15 7.90
C VAL D 64 -35.38 -22.87 8.03
N SER D 65 -34.24 -22.94 8.73
CA SER D 65 -33.37 -21.80 8.89
C SER D 65 -32.01 -22.20 8.39
N GLY D 66 -31.19 -21.22 7.96
CA GLY D 66 -29.81 -21.46 7.56
C GLY D 66 -28.86 -21.70 8.72
N ASN D 67 -29.37 -21.57 9.97
CA ASN D 67 -28.64 -21.79 11.21
C ASN D 67 -29.01 -23.13 11.84
N GLN D 68 -29.43 -24.12 11.04
CA GLN D 68 -29.74 -25.47 11.50
C GLN D 68 -28.65 -26.44 11.09
N TYR D 69 -28.56 -27.58 11.80
CA TYR D 69 -27.76 -28.71 11.42
C TYR D 69 -28.47 -29.52 10.38
N ARG D 70 -27.84 -29.71 9.20
CA ARG D 70 -28.30 -30.66 8.22
C ARG D 70 -27.56 -31.94 8.36
N VAL D 71 -28.20 -32.93 9.01
CA VAL D 71 -27.61 -34.22 9.19
C VAL D 71 -28.33 -35.17 8.28
N PHE D 72 -27.66 -35.56 7.18
CA PHE D 72 -28.21 -36.48 6.22
C PHE D 72 -27.85 -37.89 6.64
N ARG D 73 -28.80 -38.84 6.55
CA ARG D 73 -28.50 -40.23 6.73
C ARG D 73 -28.58 -40.87 5.38
N LEU D 74 -27.41 -41.19 4.80
CA LEU D 74 -27.36 -41.78 3.49
C LEU D 74 -27.48 -43.29 3.59
N LYS D 75 -28.26 -43.89 2.69
CA LYS D 75 -28.47 -45.32 2.63
C LYS D 75 -27.82 -45.84 1.39
N PHE D 76 -26.89 -46.79 1.52
CA PHE D 76 -26.22 -47.41 0.41
C PHE D 76 -26.83 -48.75 0.11
N PRO D 77 -26.81 -49.26 -1.12
CA PRO D 77 -27.29 -50.59 -1.42
C PRO D 77 -26.36 -51.61 -0.81
N ASP D 78 -26.87 -52.74 -0.29
CA ASP D 78 -26.04 -53.76 0.31
C ASP D 78 -25.11 -54.39 -0.74
N PRO D 79 -23.78 -54.34 -0.70
CA PRO D 79 -22.91 -54.87 -1.75
C PRO D 79 -22.97 -56.37 -1.79
N ASN D 80 -23.44 -57.01 -0.71
CA ASN D 80 -23.64 -58.45 -0.66
C ASN D 80 -24.90 -58.88 -1.41
N LYS D 81 -25.84 -57.95 -1.67
CA LYS D 81 -27.03 -58.22 -2.48
C LYS D 81 -27.00 -57.52 -3.81
N PHE D 82 -26.08 -56.54 -3.97
CA PHE D 82 -25.92 -55.73 -5.16
C PHE D 82 -25.66 -56.56 -6.41
N ALA D 83 -26.18 -56.12 -7.56
CA ALA D 83 -26.01 -56.85 -8.78
C ALA D 83 -24.85 -56.28 -9.57
N LEU D 84 -23.68 -56.94 -9.48
CA LEU D 84 -22.54 -56.58 -10.29
C LEU D 84 -22.58 -57.34 -11.60
N PRO D 85 -21.98 -56.83 -12.70
CA PRO D 85 -21.85 -57.52 -13.97
C PRO D 85 -21.06 -58.80 -13.86
N GLN D 86 -20.14 -58.91 -12.88
CA GLN D 86 -19.38 -60.10 -12.65
C GLN D 86 -19.05 -60.20 -11.18
N LYS D 87 -19.50 -61.27 -10.49
CA LYS D 87 -19.37 -61.41 -9.07
C LYS D 87 -18.22 -62.34 -8.68
N ASP D 88 -17.22 -62.50 -9.56
CA ASP D 88 -16.17 -63.49 -9.39
C ASP D 88 -14.89 -62.88 -8.79
N PHE D 89 -15.00 -61.69 -8.17
CA PHE D 89 -13.86 -61.01 -7.56
C PHE D 89 -13.80 -61.26 -6.05
N TYR D 90 -14.81 -61.95 -5.48
CA TYR D 90 -14.86 -62.27 -4.07
C TYR D 90 -15.56 -63.61 -3.90
N ASP D 91 -15.23 -64.35 -2.83
CA ASP D 91 -15.86 -65.60 -2.51
C ASP D 91 -16.86 -65.37 -1.36
N PRO D 92 -18.17 -65.48 -1.53
CA PRO D 92 -19.11 -65.27 -0.44
C PRO D 92 -19.10 -66.34 0.63
N GLU D 93 -18.37 -67.46 0.50
CA GLU D 93 -18.29 -68.45 1.56
C GLU D 93 -17.33 -68.03 2.66
N LYS D 94 -16.38 -67.12 2.38
CA LYS D 94 -15.38 -66.72 3.37
C LYS D 94 -15.08 -65.24 3.33
N GLU D 95 -15.85 -64.44 2.56
CA GLU D 95 -15.62 -63.02 2.46
C GLU D 95 -16.93 -62.27 2.50
N ARG D 96 -16.87 -60.98 2.86
CA ARG D 96 -18.00 -60.09 2.84
C ARG D 96 -17.61 -58.76 2.31
N LEU D 97 -18.56 -58.07 1.64
CA LEU D 97 -18.28 -56.84 0.98
C LEU D 97 -18.78 -55.66 1.78
N VAL D 98 -18.16 -54.49 1.57
CA VAL D 98 -18.59 -53.26 2.21
C VAL D 98 -18.21 -52.09 1.30
N TRP D 99 -18.99 -51.01 1.34
CA TRP D 99 -18.65 -49.79 0.62
C TRP D 99 -17.70 -48.91 1.42
N ARG D 100 -16.75 -48.26 0.72
CA ARG D 100 -15.87 -47.29 1.31
C ARG D 100 -16.05 -45.97 0.61
N LEU D 101 -15.99 -44.85 1.36
CA LEU D 101 -16.11 -43.53 0.80
C LEU D 101 -14.77 -43.02 0.33
N ARG D 102 -14.65 -42.65 -0.96
CA ARG D 102 -13.40 -42.19 -1.52
C ARG D 102 -13.46 -40.72 -1.86
N GLY D 103 -14.63 -40.22 -2.29
CA GLY D 103 -14.78 -38.80 -2.58
C GLY D 103 -16.14 -38.33 -2.27
N LEU D 104 -16.26 -37.05 -1.92
CA LEU D 104 -17.51 -36.48 -1.52
C LEU D 104 -17.59 -35.06 -2.03
N GLU D 105 -18.75 -34.66 -2.54
CA GLU D 105 -19.08 -33.33 -2.97
C GLU D 105 -20.38 -32.97 -2.34
N ILE D 106 -20.36 -31.90 -1.52
CA ILE D 106 -21.56 -31.33 -0.94
C ILE D 106 -21.86 -30.07 -1.71
N GLY D 107 -22.79 -30.14 -2.67
CA GLY D 107 -23.16 -29.01 -3.49
C GLY D 107 -24.20 -28.16 -2.86
N ARG D 108 -24.01 -26.83 -2.93
CA ARG D 108 -24.95 -25.86 -2.40
C ARG D 108 -25.44 -24.98 -3.51
N GLY D 109 -26.72 -24.60 -3.46
CA GLY D 109 -27.34 -24.05 -4.65
C GLY D 109 -27.78 -22.63 -4.65
N GLY D 110 -28.16 -22.07 -3.48
CA GLY D 110 -28.65 -20.70 -3.46
C GLY D 110 -27.53 -19.68 -3.54
N PRO D 111 -27.81 -18.40 -3.73
CA PRO D 111 -26.79 -17.38 -3.64
C PRO D 111 -26.39 -17.14 -2.21
N LEU D 112 -25.16 -16.62 -2.00
CA LEU D 112 -24.66 -16.16 -0.72
C LEU D 112 -25.50 -15.04 -0.16
N GLY D 113 -25.64 -15.00 1.16
CA GLY D 113 -26.42 -13.96 1.80
C GLY D 113 -26.50 -14.24 3.24
N ILE D 114 -26.80 -13.19 4.03
CA ILE D 114 -26.85 -13.21 5.47
C ILE D 114 -28.28 -12.92 5.85
N GLY D 115 -28.88 -13.78 6.69
CA GLY D 115 -30.20 -13.60 7.27
C GLY D 115 -30.14 -13.08 8.67
N THR D 116 -31.20 -12.38 9.06
CA THR D 116 -31.28 -11.62 10.30
C THR D 116 -32.36 -12.22 11.14
N THR D 117 -32.13 -12.38 12.45
CA THR D 117 -33.10 -12.94 13.37
C THR D 117 -33.22 -12.03 14.57
N GLY D 118 -34.38 -12.03 15.26
CA GLY D 118 -34.56 -11.17 16.41
C GLY D 118 -35.77 -11.54 17.18
N HIS D 119 -35.89 -10.98 18.40
CA HIS D 119 -37.03 -11.23 19.26
C HIS D 119 -37.89 -9.97 19.30
N PRO D 120 -39.22 -9.99 19.17
CA PRO D 120 -40.06 -8.83 19.32
C PRO D 120 -40.01 -8.23 20.71
N LEU D 121 -39.71 -9.04 21.75
CA LEU D 121 -39.60 -8.59 23.11
C LEU D 121 -38.36 -9.18 23.74
N PHE D 122 -37.21 -8.59 23.44
CA PHE D 122 -35.92 -9.00 23.87
C PHE D 122 -35.58 -8.28 25.16
N ASN D 123 -35.01 -9.01 26.13
CA ASN D 123 -34.59 -8.54 27.43
C ASN D 123 -33.33 -7.71 27.29
N LYS D 124 -33.52 -6.42 27.08
CA LYS D 124 -32.47 -5.45 26.96
C LYS D 124 -32.86 -4.26 27.76
N LEU D 125 -31.98 -3.76 28.66
CA LEU D 125 -32.29 -2.57 29.40
C LEU D 125 -31.82 -1.29 28.69
N GLY D 126 -30.53 -1.20 28.32
CA GLY D 126 -29.93 -0.05 27.65
C GLY D 126 -28.77 -0.47 26.81
N ASP D 127 -28.17 0.50 26.10
CA ASP D 127 -26.95 0.34 25.34
C ASP D 127 -25.80 0.86 26.21
N THR D 128 -24.90 -0.05 26.61
CA THR D 128 -23.81 0.29 27.51
C THR D 128 -22.52 0.49 26.80
N GLU D 129 -22.55 0.44 25.47
CA GLU D 129 -21.37 0.67 24.68
C GLU D 129 -20.88 2.09 24.84
N ASN D 130 -21.78 3.08 24.76
CA ASN D 130 -21.43 4.46 24.97
C ASN D 130 -22.59 5.14 25.69
N PRO D 131 -22.68 5.22 27.01
CA PRO D 131 -23.77 5.91 27.64
C PRO D 131 -23.48 7.38 27.82
N ASN D 132 -24.50 8.24 27.67
CA ASN D 132 -24.33 9.67 27.88
C ASN D 132 -24.51 10.06 29.34
N LYS D 133 -25.65 9.68 29.96
CA LYS D 133 -25.91 9.93 31.37
C LYS D 133 -26.28 8.61 31.99
N TYR D 134 -26.30 8.51 33.34
CA TYR D 134 -26.75 7.32 34.02
C TYR D 134 -28.25 7.01 33.76
N GLN D 135 -28.60 5.71 33.76
CA GLN D 135 -29.90 5.14 33.46
C GLN D 135 -31.14 5.52 34.31
N GLN D 136 -32.28 4.84 34.00
CA GLN D 136 -33.55 4.85 34.73
C GLN D 136 -34.08 3.40 34.91
N GLY D 137 -35.43 3.15 34.88
CA GLY D 137 -36.03 1.78 34.75
C GLY D 137 -37.36 1.45 35.44
N SER D 138 -38.25 0.66 34.77
CA SER D 138 -39.64 0.34 35.19
C SER D 138 -39.91 -1.18 35.20
N LYS D 139 -41.09 -1.61 34.71
CA LYS D 139 -41.53 -2.99 34.57
C LYS D 139 -41.73 -3.28 33.09
N ASP D 140 -41.23 -4.44 32.61
CA ASP D 140 -41.26 -4.84 31.21
C ASP D 140 -40.50 -3.86 30.30
N ASN D 141 -39.18 -3.75 30.50
CA ASN D 141 -38.36 -2.86 29.68
C ASN D 141 -37.86 -3.53 28.42
N ARG D 142 -38.50 -4.63 27.98
CA ARG D 142 -38.10 -5.34 26.79
C ARG D 142 -38.36 -4.59 25.50
N GLN D 143 -37.57 -4.86 24.44
CA GLN D 143 -37.66 -4.14 23.19
C GLN D 143 -37.53 -5.07 22.02
N ASN D 144 -37.78 -4.61 20.78
CA ASN D 144 -37.63 -5.43 19.61
C ASN D 144 -36.25 -5.21 19.02
N THR D 145 -35.39 -6.24 19.11
CA THR D 145 -33.99 -6.15 18.72
C THR D 145 -33.65 -7.31 17.83
N SER D 146 -32.96 -7.06 16.71
CA SER D 146 -32.54 -8.06 15.76
C SER D 146 -31.03 -8.10 15.66
N MET D 147 -30.49 -9.23 15.18
CA MET D 147 -29.07 -9.46 15.00
C MET D 147 -28.82 -10.51 13.95
N ASP D 148 -27.69 -10.41 13.25
CA ASP D 148 -27.19 -11.43 12.37
C ASP D 148 -26.26 -12.33 13.18
N PRO D 149 -26.23 -13.63 13.07
CA PRO D 149 -25.49 -14.41 14.03
C PRO D 149 -24.09 -14.59 13.58
N LYS D 150 -23.30 -15.33 14.36
CA LYS D 150 -22.01 -15.82 13.94
C LYS D 150 -22.06 -16.62 12.63
N GLN D 151 -21.06 -16.41 11.76
CA GLN D 151 -20.93 -17.15 10.54
C GLN D 151 -20.26 -18.47 10.80
N THR D 152 -20.82 -19.56 10.24
CA THR D 152 -20.38 -20.92 10.51
C THR D 152 -20.57 -21.74 9.27
N GLN D 153 -19.53 -22.49 8.87
CA GLN D 153 -19.62 -23.55 7.89
C GLN D 153 -18.96 -24.77 8.49
N LEU D 154 -19.50 -25.97 8.27
CA LEU D 154 -18.82 -27.17 8.69
C LEU D 154 -19.36 -28.34 7.92
N PHE D 155 -18.57 -29.42 7.93
CA PHE D 155 -18.96 -30.61 7.26
C PHE D 155 -18.27 -31.78 7.96
N ILE D 156 -19.04 -32.66 8.63
CA ILE D 156 -18.55 -33.89 9.25
C ILE D 156 -19.08 -35.07 8.48
N VAL D 157 -18.22 -36.03 8.13
CA VAL D 157 -18.63 -37.28 7.50
C VAL D 157 -18.21 -38.45 8.39
N GLY D 158 -19.08 -39.44 8.55
CA GLY D 158 -18.76 -40.63 9.33
C GLY D 158 -19.82 -41.65 9.10
N CYS D 159 -19.68 -42.84 9.71
CA CYS D 159 -20.67 -43.91 9.58
C CYS D 159 -21.55 -44.00 10.80
N GLU D 160 -21.31 -43.17 11.82
CA GLU D 160 -22.17 -43.07 12.98
C GLU D 160 -22.63 -41.63 13.07
N PRO D 161 -23.75 -41.30 13.72
CA PRO D 161 -24.23 -39.94 13.81
C PRO D 161 -23.31 -39.09 14.68
N PRO D 162 -23.07 -37.82 14.36
CA PRO D 162 -22.20 -36.97 15.14
C PRO D 162 -22.71 -36.67 16.53
N THR D 163 -21.79 -36.28 17.42
CA THR D 163 -22.06 -36.06 18.81
C THR D 163 -21.81 -34.60 19.05
N GLY D 164 -22.81 -33.90 19.62
CA GLY D 164 -22.74 -32.48 19.94
C GLY D 164 -22.82 -32.27 21.40
N GLU D 165 -22.26 -31.15 21.86
CA GLU D 165 -22.20 -30.78 23.24
C GLU D 165 -22.98 -29.49 23.48
N HIS D 166 -23.52 -29.35 24.69
CA HIS D 166 -24.15 -28.12 25.12
C HIS D 166 -24.19 -28.11 26.64
N TRP D 167 -24.34 -26.92 27.23
CA TRP D 167 -24.51 -26.73 28.64
C TRP D 167 -25.99 -26.77 29.00
N ASP D 168 -26.36 -27.69 29.90
CA ASP D 168 -27.70 -27.97 30.33
C ASP D 168 -27.83 -27.71 31.82
N VAL D 169 -29.01 -28.00 32.39
CA VAL D 169 -29.37 -27.92 33.79
C VAL D 169 -29.09 -29.21 34.50
N ALA D 170 -28.15 -29.21 35.44
CA ALA D 170 -28.03 -30.31 36.36
C ALA D 170 -28.87 -30.12 37.59
N LYS D 171 -28.96 -31.19 38.41
CA LYS D 171 -29.63 -31.09 39.67
C LYS D 171 -28.58 -30.82 40.73
N PRO D 172 -28.66 -29.76 41.53
CA PRO D 172 -27.70 -29.51 42.60
C PRO D 172 -27.68 -30.63 43.60
N CYS D 173 -26.55 -30.77 44.31
CA CYS D 173 -26.36 -31.74 45.37
C CYS D 173 -27.24 -31.51 46.59
N GLY D 174 -27.86 -30.31 46.67
CA GLY D 174 -28.82 -29.95 47.70
C GLY D 174 -30.06 -29.39 47.11
N ALA D 175 -30.96 -28.88 47.96
CA ALA D 175 -32.17 -28.25 47.50
C ALA D 175 -31.99 -26.88 46.88
N LEU D 176 -32.98 -26.45 46.08
CA LEU D 176 -33.03 -25.14 45.48
C LEU D 176 -34.04 -24.29 46.18
N GLU D 177 -33.74 -22.99 46.32
CA GLU D 177 -34.69 -21.98 46.66
C GLU D 177 -35.24 -21.39 45.37
N LYS D 178 -36.28 -20.56 45.44
CA LYS D 178 -36.89 -20.02 44.24
C LYS D 178 -36.07 -18.89 43.63
N GLY D 179 -35.90 -18.87 42.29
CA GLY D 179 -35.10 -17.85 41.63
C GLY D 179 -33.62 -18.03 41.71
N ASP D 180 -33.14 -19.22 42.16
CA ASP D 180 -31.74 -19.53 42.24
C ASP D 180 -31.16 -19.88 40.87
N CYS D 181 -29.85 -19.66 40.71
CA CYS D 181 -29.15 -19.98 39.47
C CYS D 181 -29.13 -21.49 39.19
N PRO D 182 -29.48 -21.98 38.00
CA PRO D 182 -29.43 -23.39 37.72
C PRO D 182 -27.99 -23.88 37.65
N PRO D 183 -27.58 -24.99 38.27
CA PRO D 183 -26.21 -25.47 38.17
C PRO D 183 -25.98 -26.07 36.80
N ILE D 184 -24.83 -25.76 36.19
CA ILE D 184 -24.54 -26.11 34.82
C ILE D 184 -23.95 -27.50 34.70
N GLN D 185 -24.16 -28.16 33.56
CA GLN D 185 -23.57 -29.44 33.28
C GLN D 185 -23.40 -29.55 31.80
N LEU D 186 -22.27 -30.11 31.35
CA LEU D 186 -22.04 -30.35 29.94
C LEU D 186 -22.64 -31.69 29.54
N VAL D 187 -23.50 -31.69 28.50
CA VAL D 187 -24.24 -32.86 28.05
C VAL D 187 -23.85 -33.14 26.63
N ASN D 188 -23.64 -34.44 26.31
CA ASN D 188 -23.34 -34.90 24.97
C ASN D 188 -24.56 -35.55 24.39
N SER D 189 -24.97 -35.14 23.19
CA SER D 189 -26.16 -35.66 22.56
C SER D 189 -25.88 -35.87 21.12
N VAL D 190 -26.53 -36.86 20.49
CA VAL D 190 -26.45 -37.01 19.04
C VAL D 190 -27.07 -35.80 18.35
N ILE D 191 -26.33 -35.18 17.41
CA ILE D 191 -26.85 -34.09 16.61
C ILE D 191 -27.82 -34.65 15.57
N GLU D 192 -29.08 -34.20 15.62
CA GLU D 192 -30.08 -34.58 14.66
C GLU D 192 -30.25 -33.47 13.64
N ASP D 193 -30.86 -33.79 12.47
CA ASP D 193 -31.25 -32.80 11.49
C ASP D 193 -32.32 -31.88 12.09
N GLY D 194 -32.01 -30.58 12.11
CA GLY D 194 -32.92 -29.56 12.60
C GLY D 194 -32.50 -28.93 13.89
N ASP D 195 -31.37 -29.37 14.49
CA ASP D 195 -30.84 -28.76 15.68
C ASP D 195 -30.23 -27.40 15.35
N MET D 196 -30.22 -26.46 16.29
CA MET D 196 -29.63 -25.16 16.03
C MET D 196 -28.15 -25.17 16.33
N CYS D 197 -27.36 -24.46 15.50
CA CYS D 197 -25.94 -24.29 15.75
C CYS D 197 -25.67 -23.37 16.92
N ASP D 198 -24.44 -23.33 17.47
CA ASP D 198 -24.03 -22.21 18.27
C ASP D 198 -24.02 -20.89 17.45
N ILE D 199 -24.49 -19.78 18.02
CA ILE D 199 -24.71 -18.61 17.17
C ILE D 199 -24.08 -17.37 17.77
N GLY D 200 -23.23 -17.52 18.80
CA GLY D 200 -22.66 -16.39 19.53
C GLY D 200 -23.22 -16.13 20.90
N PHE D 201 -24.22 -16.90 21.35
CA PHE D 201 -24.75 -16.81 22.71
C PHE D 201 -24.38 -18.04 23.53
N GLY D 202 -23.53 -18.92 22.99
CA GLY D 202 -23.10 -20.14 23.67
C GLY D 202 -23.84 -21.35 23.22
N ASN D 203 -23.23 -22.53 23.43
CA ASN D 203 -23.88 -23.80 23.23
C ASN D 203 -24.61 -24.20 24.51
N MET D 204 -25.88 -23.84 24.63
CA MET D 204 -26.60 -24.04 25.86
C MET D 204 -28.04 -24.36 25.59
N ASN D 205 -28.74 -24.86 26.62
CA ASN D 205 -30.14 -25.19 26.55
C ASN D 205 -30.98 -23.98 26.89
N PHE D 206 -31.53 -23.26 25.88
CA PHE D 206 -32.24 -22.03 26.15
C PHE D 206 -33.66 -22.24 26.68
N LYS D 207 -34.10 -23.51 26.81
CA LYS D 207 -35.40 -23.82 27.36
C LYS D 207 -35.37 -23.96 28.87
N GLU D 208 -34.33 -24.62 29.43
CA GLU D 208 -34.24 -24.89 30.85
C GLU D 208 -33.35 -23.88 31.59
N LEU D 209 -32.46 -23.14 30.89
CA LEU D 209 -31.52 -22.19 31.50
C LEU D 209 -32.04 -20.79 31.48
N GLN D 210 -33.09 -20.50 30.71
CA GLN D 210 -33.62 -19.16 30.63
C GLN D 210 -35.12 -19.22 30.65
N GLN D 211 -35.70 -19.15 31.86
CA GLN D 211 -37.15 -19.13 32.02
C GLN D 211 -37.76 -17.80 31.64
N ASP D 212 -36.93 -16.75 31.44
CA ASP D 212 -37.32 -15.46 30.94
C ASP D 212 -37.99 -15.56 29.57
N ARG D 213 -37.48 -16.47 28.70
CA ARG D 213 -37.98 -16.74 27.36
C ARG D 213 -37.85 -15.55 26.40
N SER D 214 -36.95 -14.62 26.73
CA SER D 214 -36.89 -13.32 26.06
C SER D 214 -35.48 -12.83 26.02
N GLY D 215 -34.46 -13.71 26.16
CA GLY D 215 -33.06 -13.31 26.20
C GLY D 215 -32.25 -13.68 25.00
N VAL D 216 -32.84 -14.43 24.05
CA VAL D 216 -32.20 -14.74 22.78
C VAL D 216 -33.25 -14.56 21.68
N PRO D 217 -32.94 -14.37 20.38
CA PRO D 217 -33.91 -14.31 19.29
C PRO D 217 -34.88 -15.47 19.15
N LEU D 218 -35.92 -15.31 18.29
CA LEU D 218 -37.04 -16.22 18.21
C LEU D 218 -36.73 -17.64 17.79
N ASP D 219 -35.76 -17.84 16.89
CA ASP D 219 -35.38 -19.16 16.45
C ASP D 219 -34.70 -20.00 17.49
N ILE D 220 -33.94 -19.41 18.41
CA ILE D 220 -33.27 -20.16 19.45
C ILE D 220 -33.85 -19.93 20.82
N VAL D 221 -35.03 -19.31 20.89
CA VAL D 221 -35.68 -18.93 22.13
C VAL D 221 -35.97 -20.12 23.01
N SER D 222 -36.36 -21.25 22.39
CA SER D 222 -36.72 -22.47 23.09
C SER D 222 -35.96 -23.66 22.56
N THR D 223 -34.94 -23.46 21.71
CA THR D 223 -34.16 -24.56 21.14
C THR D 223 -32.96 -24.90 22.00
N ARG D 224 -32.21 -25.94 21.57
CA ARG D 224 -30.94 -26.26 22.17
C ARG D 224 -29.88 -26.03 21.15
N CYS D 225 -28.99 -25.03 21.39
CA CYS D 225 -27.87 -24.76 20.52
C CYS D 225 -26.72 -25.68 20.83
N LYS D 226 -26.28 -26.45 19.83
CA LYS D 226 -25.30 -27.50 20.00
C LYS D 226 -24.05 -27.18 19.25
N TRP D 227 -22.87 -27.52 19.81
CA TRP D 227 -21.60 -27.38 19.15
C TRP D 227 -21.05 -28.78 18.92
N PRO D 228 -20.42 -29.19 17.82
CA PRO D 228 -19.83 -30.50 17.65
C PRO D 228 -18.76 -30.86 18.66
N ASP D 229 -18.83 -32.05 19.28
CA ASP D 229 -17.86 -32.47 20.26
C ASP D 229 -16.66 -33.06 19.54
N PHE D 230 -15.74 -32.20 19.07
CA PHE D 230 -14.54 -32.63 18.35
C PHE D 230 -13.60 -33.38 19.25
N LEU D 231 -13.43 -32.92 20.52
CA LEU D 231 -12.60 -33.57 21.52
C LEU D 231 -13.08 -34.98 21.82
N LYS D 232 -14.40 -35.23 21.81
CA LYS D 232 -14.87 -36.58 22.03
C LYS D 232 -14.96 -37.44 20.79
N MET D 233 -15.22 -36.83 19.61
CA MET D 233 -15.35 -37.57 18.37
C MET D 233 -14.02 -38.00 17.79
N THR D 234 -12.93 -37.22 17.94
CA THR D 234 -11.60 -37.65 17.48
C THR D 234 -10.95 -38.60 18.46
N ASN D 235 -11.42 -38.65 19.72
CA ASN D 235 -10.85 -39.50 20.76
C ASN D 235 -11.61 -40.80 20.94
N GLU D 236 -12.70 -41.03 20.17
CA GLU D 236 -13.32 -42.33 20.09
C GLU D 236 -12.37 -43.37 19.53
N ALA D 237 -12.33 -44.57 20.14
CA ALA D 237 -11.33 -45.59 19.88
C ALA D 237 -11.30 -46.10 18.43
N TYR D 238 -12.47 -46.23 17.77
CA TYR D 238 -12.57 -46.79 16.44
C TYR D 238 -12.64 -45.71 15.35
N GLY D 239 -13.06 -44.48 15.68
CA GLY D 239 -13.12 -43.40 14.70
C GLY D 239 -14.25 -43.46 13.71
N ASP D 240 -15.38 -44.09 14.08
CA ASP D 240 -16.52 -44.29 13.22
C ASP D 240 -17.37 -43.04 13.07
N LYS D 241 -17.58 -42.27 14.16
CA LYS D 241 -18.45 -41.11 14.18
C LYS D 241 -17.94 -39.94 13.37
N MET D 242 -16.63 -39.90 13.10
CA MET D 242 -16.06 -38.85 12.33
C MET D 242 -14.80 -39.33 11.66
N PHE D 243 -14.75 -39.33 10.32
CA PHE D 243 -13.51 -39.65 9.63
C PHE D 243 -13.07 -38.58 8.67
N PHE D 244 -13.71 -37.40 8.73
CA PHE D 244 -13.31 -36.24 7.96
C PHE D 244 -14.16 -35.12 8.49
N PHE D 245 -13.57 -33.92 8.62
CA PHE D 245 -14.30 -32.76 9.05
C PHE D 245 -13.67 -31.46 8.55
N GLY D 246 -14.51 -30.45 8.27
CA GLY D 246 -14.07 -29.09 8.04
C GLY D 246 -14.85 -28.18 8.91
N ARG D 247 -14.32 -26.98 9.18
CA ARG D 247 -15.07 -25.95 9.89
C ARG D 247 -14.52 -24.57 9.61
N ARG D 248 -15.39 -23.54 9.47
CA ARG D 248 -15.00 -22.15 9.35
C ARG D 248 -15.95 -21.35 10.15
N GLU D 249 -15.44 -20.54 11.07
CA GLU D 249 -16.27 -19.82 12.00
C GLU D 249 -15.70 -18.44 12.19
N GLN D 250 -16.57 -17.42 12.26
CA GLN D 250 -16.11 -16.07 12.52
C GLN D 250 -17.23 -15.25 13.12
N VAL D 251 -16.88 -14.27 13.97
CA VAL D 251 -17.83 -13.51 14.73
C VAL D 251 -17.11 -12.36 15.38
N TYR D 252 -17.74 -11.19 15.45
CA TYR D 252 -17.23 -10.10 16.25
C TYR D 252 -18.40 -9.54 17.03
N ALA D 253 -18.11 -8.78 18.10
CA ALA D 253 -19.12 -8.15 18.90
C ALA D 253 -19.57 -6.86 18.25
N ARG D 254 -20.85 -6.75 17.87
CA ARG D 254 -21.34 -5.57 17.19
C ARG D 254 -21.89 -4.52 18.12
N HIS D 255 -22.82 -4.89 19.01
CA HIS D 255 -23.38 -3.98 19.97
C HIS D 255 -23.31 -4.59 21.35
N PHE D 256 -23.25 -3.74 22.38
CA PHE D 256 -22.98 -4.16 23.74
C PHE D 256 -24.11 -3.67 24.62
N PHE D 257 -24.91 -4.59 25.19
CA PHE D 257 -26.15 -4.24 25.84
C PHE D 257 -26.16 -4.70 27.28
N THR D 258 -27.30 -4.52 27.97
CA THR D 258 -27.51 -4.91 29.35
C THR D 258 -28.73 -5.78 29.45
N ARG D 259 -28.90 -6.43 30.60
CA ARG D 259 -30.09 -7.17 30.91
C ARG D 259 -30.94 -6.46 31.93
N ASN D 260 -32.25 -6.76 31.94
CA ASN D 260 -33.19 -6.25 32.92
C ASN D 260 -33.65 -7.41 33.76
N GLY D 261 -33.78 -7.18 35.06
CA GLY D 261 -34.29 -8.17 35.99
C GLY D 261 -33.69 -7.93 37.33
N SER D 262 -34.21 -8.66 38.33
CA SER D 262 -33.62 -8.72 39.66
C SER D 262 -32.19 -9.25 39.60
N VAL D 263 -31.27 -8.60 40.33
CA VAL D 263 -29.89 -9.01 40.41
C VAL D 263 -29.75 -10.33 41.12
N GLY D 264 -29.10 -11.33 40.47
CA GLY D 264 -28.88 -12.63 41.10
C GLY D 264 -27.76 -12.58 42.09
N GLU D 265 -26.61 -12.02 41.70
CA GLU D 265 -25.47 -11.88 42.58
C GLU D 265 -25.04 -10.41 42.51
N PRO D 266 -25.08 -9.61 43.55
CA PRO D 266 -24.66 -8.23 43.45
C PRO D 266 -23.17 -8.11 43.40
N ILE D 267 -22.68 -6.99 42.85
CA ILE D 267 -21.27 -6.65 42.82
C ILE D 267 -20.75 -6.57 44.25
N PRO D 268 -19.70 -7.29 44.67
CA PRO D 268 -19.12 -7.17 45.98
C PRO D 268 -18.74 -5.77 46.34
N ASN D 269 -18.71 -5.46 47.64
CA ASN D 269 -18.53 -4.10 48.10
C ASN D 269 -17.12 -3.55 47.84
N SER D 270 -16.15 -4.42 47.50
CA SER D 270 -14.75 -4.09 47.29
C SER D 270 -14.40 -4.00 45.84
N VAL D 271 -13.58 -3.00 45.47
CA VAL D 271 -13.14 -2.70 44.13
C VAL D 271 -11.72 -3.16 44.06
N SER D 272 -11.45 -4.27 43.35
CA SER D 272 -10.12 -4.79 43.07
C SER D 272 -9.21 -3.88 42.25
N PRO D 273 -9.60 -2.95 41.35
CA PRO D 273 -8.65 -2.03 40.75
C PRO D 273 -8.01 -1.06 41.71
N SER D 274 -8.78 -0.55 42.69
CA SER D 274 -8.29 0.47 43.59
C SER D 274 -7.96 -0.04 44.97
N ASP D 275 -8.44 -1.25 45.32
CA ASP D 275 -8.28 -1.93 46.60
C ASP D 275 -9.15 -1.30 47.68
N PHE D 276 -10.36 -0.84 47.29
CA PHE D 276 -11.17 -0.03 48.19
C PHE D 276 -12.62 -0.31 47.97
N TYR D 277 -13.46 0.03 48.96
CA TYR D 277 -14.88 -0.06 48.83
C TYR D 277 -15.40 1.14 48.04
N TYR D 278 -16.55 1.02 47.35
CA TYR D 278 -17.01 2.11 46.53
C TYR D 278 -18.51 2.13 46.53
N ALA D 279 -19.10 3.32 46.52
CA ALA D 279 -20.51 3.46 46.42
C ALA D 279 -20.79 4.88 45.97
N PRO D 280 -21.80 5.17 45.17
CA PRO D 280 -22.02 6.55 44.77
C PRO D 280 -23.03 7.23 45.68
N ASP D 281 -22.85 7.14 47.00
CA ASP D 281 -23.74 7.67 48.01
C ASP D 281 -23.72 9.19 48.17
N SER D 282 -22.77 9.85 47.49
CA SER D 282 -22.62 11.27 47.50
C SER D 282 -23.43 11.93 46.38
N THR D 283 -24.04 11.13 45.47
CA THR D 283 -24.76 11.64 44.31
C THR D 283 -26.20 11.21 44.37
N GLN D 284 -27.14 11.94 43.74
CA GLN D 284 -28.54 11.52 43.73
C GLN D 284 -28.93 10.79 42.46
N ASP D 285 -27.99 10.05 41.84
CA ASP D 285 -28.25 9.30 40.63
C ASP D 285 -27.63 7.95 40.83
N GLN D 286 -26.30 7.91 41.04
CA GLN D 286 -25.60 6.68 40.91
C GLN D 286 -25.77 5.79 42.14
N LYS D 287 -26.55 6.21 43.19
CA LYS D 287 -26.67 5.53 44.48
C LYS D 287 -27.04 4.08 44.34
N THR D 288 -27.79 3.78 43.27
CA THR D 288 -28.13 2.45 42.85
C THR D 288 -27.33 2.05 41.65
N LEU D 289 -26.66 0.87 41.69
CA LEU D 289 -25.97 0.30 40.55
C LEU D 289 -26.88 -0.09 39.41
N ALA D 290 -26.42 0.14 38.16
CA ALA D 290 -27.08 -0.34 36.98
C ALA D 290 -26.82 -1.83 36.86
N PRO D 291 -27.63 -2.61 36.18
CA PRO D 291 -27.33 -4.01 35.96
C PRO D 291 -26.00 -4.29 35.27
N SER D 292 -25.16 -5.10 35.92
CA SER D 292 -23.84 -5.51 35.44
C SER D 292 -23.94 -6.79 34.62
N VAL D 293 -25.16 -7.16 34.21
CA VAL D 293 -25.33 -8.32 33.37
C VAL D 293 -25.27 -7.86 31.93
N TYR D 294 -24.08 -7.94 31.31
CA TYR D 294 -23.86 -7.47 29.96
C TYR D 294 -24.01 -8.61 28.97
N PHE D 295 -24.39 -8.31 27.72
CA PHE D 295 -24.38 -9.31 26.68
C PHE D 295 -24.06 -8.59 25.38
N GLY D 296 -23.25 -9.21 24.50
CA GLY D 296 -23.03 -8.68 23.17
C GLY D 296 -23.93 -9.34 22.17
N THR D 297 -24.24 -8.59 21.09
CA THR D 297 -24.94 -9.13 19.93
C THR D 297 -23.87 -9.62 18.95
N PRO D 298 -23.87 -10.87 18.51
CA PRO D 298 -22.87 -11.35 17.57
C PRO D 298 -23.06 -10.74 16.21
N SER D 299 -22.06 -10.93 15.34
CA SER D 299 -22.14 -10.53 13.95
C SER D 299 -21.09 -11.31 13.22
N GLY D 300 -21.52 -12.30 12.39
CA GLY D 300 -20.68 -12.90 11.37
C GLY D 300 -20.55 -11.93 10.26
N SER D 301 -19.32 -11.44 10.04
CA SER D 301 -19.04 -10.39 9.07
C SER D 301 -19.25 -10.83 7.63
N LEU D 302 -18.72 -10.07 6.65
CA LEU D 302 -18.72 -10.38 5.24
C LEU D 302 -18.63 -11.85 4.85
N VAL D 303 -19.66 -12.36 4.16
CA VAL D 303 -19.64 -13.66 3.57
C VAL D 303 -18.97 -13.51 2.23
N SER D 304 -18.02 -14.38 1.91
CA SER D 304 -17.20 -14.23 0.72
C SER D 304 -17.24 -15.52 -0.01
N SER D 305 -17.13 -15.47 -1.36
CA SER D 305 -17.16 -16.65 -2.20
C SER D 305 -15.87 -17.46 -2.11
N ASP D 306 -14.75 -16.83 -1.66
CA ASP D 306 -13.46 -17.48 -1.57
C ASP D 306 -13.30 -18.29 -0.29
N GLY D 307 -14.07 -17.95 0.78
CA GLY D 307 -14.06 -18.67 2.04
C GLY D 307 -15.04 -19.81 2.08
N GLN D 308 -15.59 -20.18 0.92
CA GLN D 308 -16.54 -21.26 0.79
C GLN D 308 -15.89 -22.62 0.83
N LEU D 309 -16.38 -23.50 1.73
CA LEU D 309 -15.85 -24.85 1.80
C LEU D 309 -16.68 -25.86 1.04
N PHE D 310 -17.87 -25.46 0.58
CA PHE D 310 -18.76 -26.32 -0.19
C PHE D 310 -18.50 -26.19 -1.68
N ASN D 311 -19.16 -27.03 -2.51
CA ASN D 311 -19.01 -27.06 -3.97
C ASN D 311 -17.59 -27.42 -4.40
N ARG D 312 -16.88 -28.20 -3.57
CA ARG D 312 -15.55 -28.67 -3.85
C ARG D 312 -15.46 -30.14 -3.52
N PRO D 313 -14.82 -30.97 -4.32
CA PRO D 313 -14.66 -32.37 -4.00
C PRO D 313 -13.62 -32.58 -2.94
N PHE D 314 -13.89 -33.47 -1.98
CA PHE D 314 -12.93 -33.84 -0.96
C PHE D 314 -12.57 -35.27 -1.24
N TRP D 315 -11.26 -35.58 -1.34
CA TRP D 315 -10.80 -36.90 -1.61
C TRP D 315 -10.24 -37.50 -0.33
N LEU D 316 -10.96 -38.47 0.24
CA LEU D 316 -10.60 -39.05 1.51
C LEU D 316 -9.57 -40.14 1.29
N GLN D 317 -8.29 -39.84 1.57
CA GLN D 317 -7.19 -40.77 1.39
C GLN D 317 -6.71 -41.35 2.70
N ARG D 318 -6.59 -40.51 3.74
CA ARG D 318 -6.27 -40.99 5.06
C ARG D 318 -7.22 -40.33 6.00
N ALA D 319 -8.16 -41.11 6.55
CA ALA D 319 -9.01 -40.64 7.61
C ALA D 319 -8.29 -40.27 8.89
N GLN D 320 -8.93 -39.43 9.74
CA GLN D 320 -8.32 -39.00 10.99
C GLN D 320 -8.11 -40.12 12.01
N GLY D 321 -9.06 -41.08 12.07
CA GLY D 321 -9.02 -42.19 13.01
C GLY D 321 -8.57 -43.46 12.36
N ASN D 322 -8.98 -44.61 12.94
CA ASN D 322 -8.59 -45.91 12.43
C ASN D 322 -9.53 -46.40 11.34
N ASN D 323 -10.81 -46.00 11.38
CA ASN D 323 -11.74 -46.23 10.30
C ASN D 323 -11.42 -45.35 9.09
N ASN D 324 -10.81 -45.94 8.04
CA ASN D 324 -10.37 -45.25 6.84
C ASN D 324 -11.50 -45.11 5.83
N GLY D 325 -12.62 -44.49 6.26
CA GLY D 325 -13.73 -44.21 5.36
C GLY D 325 -14.61 -45.39 5.05
N VAL D 326 -14.50 -46.50 5.82
CA VAL D 326 -15.31 -47.68 5.62
C VAL D 326 -16.71 -47.42 6.15
N CYS D 327 -17.71 -47.48 5.25
CA CYS D 327 -19.09 -47.22 5.61
C CYS D 327 -19.69 -48.51 6.08
N TRP D 328 -19.45 -48.86 7.36
CA TRP D 328 -20.07 -50.00 8.01
C TRP D 328 -21.56 -49.86 7.99
N HIS D 329 -22.30 -50.98 7.97
CA HIS D 329 -23.76 -50.97 7.99
C HIS D 329 -24.41 -50.51 6.71
N ASN D 330 -23.62 -50.20 5.67
CA ASN D 330 -24.12 -49.66 4.42
C ASN D 330 -24.84 -48.32 4.59
N GLU D 331 -24.17 -47.36 5.26
CA GLU D 331 -24.82 -46.21 5.81
C GLU D 331 -23.77 -45.14 6.02
N LEU D 332 -24.13 -43.86 5.87
CA LEU D 332 -23.20 -42.76 5.99
C LEU D 332 -23.94 -41.58 6.55
N PHE D 333 -23.22 -40.67 7.22
CA PHE D 333 -23.79 -39.52 7.87
C PHE D 333 -23.01 -38.32 7.44
N VAL D 334 -23.69 -37.42 6.71
CA VAL D 334 -23.13 -36.17 6.25
C VAL D 334 -23.75 -35.07 7.05
N THR D 335 -22.97 -34.38 7.89
CA THR D 335 -23.50 -33.27 8.68
C THR D 335 -23.04 -31.97 8.13
N VAL D 336 -23.95 -31.04 7.86
CA VAL D 336 -23.65 -29.78 7.20
C VAL D 336 -24.26 -28.65 7.97
N VAL D 337 -23.45 -27.64 8.31
CA VAL D 337 -23.96 -26.32 8.70
C VAL D 337 -23.44 -25.35 7.68
N ASP D 338 -24.32 -24.47 7.15
CA ASP D 338 -23.93 -23.45 6.22
C ASP D 338 -24.78 -22.21 6.46
N ASN D 339 -24.27 -21.25 7.23
CA ASN D 339 -24.96 -20.01 7.54
C ASN D 339 -24.51 -18.90 6.58
N THR D 340 -24.02 -19.24 5.37
CA THR D 340 -23.61 -18.22 4.39
C THR D 340 -24.57 -18.11 3.25
N ARG D 341 -25.63 -18.93 3.24
CA ARG D 341 -26.70 -18.89 2.26
C ARG D 341 -28.01 -18.83 3.00
N ASN D 342 -28.07 -18.01 4.07
CA ASN D 342 -29.21 -17.98 4.97
C ASN D 342 -30.15 -16.81 4.69
N THR D 343 -30.25 -16.38 3.43
CA THR D 343 -31.12 -15.28 3.03
C THR D 343 -32.59 -15.60 3.20
N ASN D 344 -33.32 -14.80 3.98
CA ASN D 344 -34.73 -15.06 4.24
C ASN D 344 -35.53 -14.18 3.31
N PHE D 345 -36.23 -14.79 2.34
CA PHE D 345 -37.05 -14.07 1.39
C PHE D 345 -38.36 -13.64 2.05
N THR D 346 -38.64 -12.33 2.01
CA THR D 346 -39.82 -11.72 2.59
C THR D 346 -40.87 -11.61 1.53
N ILE D 347 -42.00 -12.33 1.68
CA ILE D 347 -43.12 -12.29 0.75
C ILE D 347 -44.20 -11.37 1.28
N SER D 348 -45.21 -11.06 0.45
CA SER D 348 -46.36 -10.31 0.88
C SER D 348 -47.55 -10.77 0.07
N GLN D 349 -48.77 -10.53 0.58
CA GLN D 349 -49.99 -10.86 -0.11
C GLN D 349 -50.98 -9.77 0.15
N GLN D 350 -51.71 -9.34 -0.89
CA GLN D 350 -52.68 -8.27 -0.90
C GLN D 350 -54.10 -8.71 -0.56
N THR D 351 -54.23 -9.78 0.26
CA THR D 351 -55.48 -10.42 0.69
C THR D 351 -56.66 -9.49 0.89
N ASN D 352 -56.49 -8.42 1.71
CA ASN D 352 -57.59 -7.57 2.16
C ASN D 352 -57.56 -6.10 1.69
N THR D 353 -56.87 -5.76 0.61
CA THR D 353 -57.25 -4.68 -0.34
C THR D 353 -57.35 -5.13 -1.83
N PRO D 354 -57.90 -6.12 -2.24
CA PRO D 354 -57.91 -6.36 -3.69
C PRO D 354 -58.66 -5.22 -4.32
N ASN D 355 -58.11 -4.47 -5.32
CA ASN D 355 -58.74 -3.25 -5.88
C ASN D 355 -58.10 -1.89 -5.44
N PRO D 356 -58.04 -1.40 -4.17
CA PRO D 356 -57.29 -0.23 -3.75
C PRO D 356 -56.01 0.16 -4.44
N ASP D 357 -55.95 1.43 -4.81
CA ASP D 357 -54.88 2.05 -5.52
C ASP D 357 -54.11 2.99 -4.60
N THR D 358 -54.41 2.93 -3.29
CA THR D 358 -53.70 3.70 -2.28
C THR D 358 -53.13 2.71 -1.31
N TYR D 359 -51.84 2.87 -0.95
CA TYR D 359 -51.18 2.02 0.02
C TYR D 359 -51.76 2.16 1.43
N ASP D 360 -52.12 1.04 2.05
CA ASP D 360 -52.52 0.99 3.42
C ASP D 360 -51.68 -0.10 4.04
N SER D 361 -51.19 0.00 5.28
CA SER D 361 -50.50 -1.09 5.95
C SER D 361 -51.40 -2.25 6.32
N THR D 362 -52.72 -2.02 6.55
CA THR D 362 -53.68 -3.05 7.00
C THR D 362 -54.18 -3.93 5.88
N ASN D 363 -53.48 -3.80 4.77
CA ASN D 363 -53.65 -4.50 3.57
C ASN D 363 -52.92 -5.86 3.63
N PHE D 364 -51.61 -5.72 3.80
CA PHE D 364 -50.67 -6.57 3.14
C PHE D 364 -50.31 -7.46 4.26
N LYS D 365 -50.45 -8.76 4.03
CA LYS D 365 -49.97 -9.68 5.01
C LYS D 365 -48.57 -10.01 4.62
N ASN D 366 -47.60 -9.71 5.50
CA ASN D 366 -46.20 -9.94 5.24
C ASN D 366 -45.79 -11.25 5.86
N TYR D 367 -45.08 -12.11 5.11
CA TYR D 367 -44.62 -13.37 5.65
C TYR D 367 -43.13 -13.48 5.38
N LEU D 368 -42.46 -14.38 6.10
CA LEU D 368 -41.07 -14.70 5.89
C LEU D 368 -40.95 -16.13 5.46
N ARG D 369 -39.97 -16.40 4.57
CA ARG D 369 -39.67 -17.72 4.06
C ARG D 369 -38.20 -17.93 3.86
N HIS D 370 -37.78 -19.19 3.76
CA HIS D 370 -36.41 -19.56 3.57
C HIS D 370 -36.39 -20.81 2.73
N VAL D 371 -35.44 -20.89 1.78
CA VAL D 371 -35.29 -21.98 0.84
C VAL D 371 -33.86 -22.48 0.87
N GLU D 372 -33.69 -23.80 0.99
CA GLU D 372 -32.40 -24.44 0.94
C GLU D 372 -32.29 -25.26 -0.31
N GLN D 373 -31.04 -25.52 -0.77
CA GLN D 373 -30.78 -26.32 -1.94
C GLN D 373 -29.49 -27.11 -1.75
N PHE D 374 -29.55 -28.45 -1.82
CA PHE D 374 -28.41 -29.32 -1.64
C PHE D 374 -28.37 -30.29 -2.80
N GLU D 375 -27.18 -30.85 -3.07
CA GLU D 375 -26.98 -31.86 -4.08
C GLU D 375 -25.73 -32.61 -3.67
N LEU D 376 -25.90 -33.85 -3.20
CA LEU D 376 -24.81 -34.60 -2.63
C LEU D 376 -24.33 -35.61 -3.62
N SER D 377 -23.01 -35.73 -3.79
CA SER D 377 -22.41 -36.68 -4.68
C SER D 377 -21.28 -37.36 -3.97
N LEU D 378 -21.20 -38.70 -4.08
CA LEU D 378 -20.14 -39.48 -3.48
C LEU D 378 -19.55 -40.44 -4.48
N ILE D 379 -18.23 -40.66 -4.38
CA ILE D 379 -17.56 -41.74 -5.07
C ILE D 379 -17.28 -42.81 -4.05
N ALA D 380 -17.75 -44.04 -4.30
CA ALA D 380 -17.65 -45.15 -3.39
C ALA D 380 -16.80 -46.25 -3.99
N GLN D 381 -15.84 -46.76 -3.22
CA GLN D 381 -15.04 -47.91 -3.58
C GLN D 381 -15.61 -49.15 -2.97
N LEU D 382 -15.43 -50.30 -3.62
CA LEU D 382 -15.88 -51.57 -3.11
C LEU D 382 -14.77 -52.25 -2.36
N CYS D 383 -15.04 -52.74 -1.14
CA CYS D 383 -14.02 -53.39 -0.37
C CYS D 383 -14.52 -54.72 0.10
N LYS D 384 -13.61 -55.67 0.34
CA LYS D 384 -13.96 -56.98 0.81
C LYS D 384 -13.14 -57.33 2.04
N VAL D 385 -13.77 -58.04 2.99
CA VAL D 385 -13.17 -58.45 4.24
C VAL D 385 -13.17 -59.97 4.25
N PRO D 386 -12.07 -60.71 4.38
CA PRO D 386 -12.11 -62.15 4.52
C PRO D 386 -12.20 -62.44 5.99
N LEU D 387 -13.32 -63.03 6.39
CA LEU D 387 -13.68 -63.13 7.77
C LEU D 387 -13.15 -64.42 8.37
N ASP D 388 -11.93 -64.36 8.93
CA ASP D 388 -11.32 -65.41 9.69
C ASP D 388 -11.80 -65.36 11.14
N PRO D 389 -11.47 -66.27 12.06
CA PRO D 389 -11.85 -66.11 13.47
C PRO D 389 -11.36 -64.82 14.12
N GLY D 390 -10.15 -64.33 13.79
CA GLY D 390 -9.59 -63.13 14.40
C GLY D 390 -10.26 -61.88 13.94
N VAL D 391 -10.51 -61.76 12.61
CA VAL D 391 -11.27 -60.68 12.03
C VAL D 391 -12.72 -60.67 12.50
N LEU D 392 -13.37 -61.87 12.60
CA LEU D 392 -14.69 -62.00 13.16
C LEU D 392 -14.75 -61.51 14.59
N ALA D 393 -13.79 -61.91 15.45
CA ALA D 393 -13.74 -61.46 16.83
C ALA D 393 -13.56 -59.97 16.96
N HIS D 394 -12.62 -59.37 16.18
CA HIS D 394 -12.40 -57.92 16.13
C HIS D 394 -13.64 -57.16 15.68
N ILE D 395 -14.33 -57.64 14.64
CA ILE D 395 -15.56 -57.00 14.19
C ILE D 395 -16.70 -57.09 15.18
N ASN D 396 -16.92 -58.27 15.80
CA ASN D 396 -17.93 -58.49 16.82
C ASN D 396 -17.69 -57.63 18.06
N THR D 397 -16.41 -57.37 18.42
CA THR D 397 -16.07 -56.47 19.51
C THR D 397 -16.19 -55.00 19.16
N MET D 398 -15.92 -54.60 17.89
CA MET D 398 -16.04 -53.22 17.47
C MET D 398 -17.49 -52.79 17.32
N ASN D 399 -18.30 -53.53 16.56
CA ASN D 399 -19.69 -53.17 16.41
C ASN D 399 -20.50 -54.47 16.33
N PRO D 400 -21.45 -54.77 17.21
CA PRO D 400 -22.06 -56.09 17.29
C PRO D 400 -22.89 -56.40 16.07
N THR D 401 -23.48 -55.38 15.43
CA THR D 401 -24.55 -55.63 14.48
C THR D 401 -24.03 -55.78 13.06
N ILE D 402 -22.72 -55.55 12.84
CA ILE D 402 -22.08 -55.76 11.56
C ILE D 402 -22.13 -57.21 11.13
N LEU D 403 -21.73 -58.11 12.05
CA LEU D 403 -21.71 -59.52 11.81
C LEU D 403 -23.07 -60.15 11.75
N GLU D 404 -24.12 -59.44 12.19
CA GLU D 404 -25.45 -59.99 12.15
C GLU D 404 -26.22 -59.48 10.95
N ASN D 405 -25.93 -58.25 10.46
CA ASN D 405 -26.47 -57.78 9.18
C ASN D 405 -25.95 -58.64 8.03
N TRP D 406 -24.65 -58.96 8.06
CA TRP D 406 -24.03 -59.74 7.01
C TRP D 406 -24.04 -61.16 7.48
N ASN D 407 -24.70 -62.08 6.74
CA ASN D 407 -24.91 -63.46 7.16
C ASN D 407 -23.63 -64.18 7.54
N LEU D 408 -23.24 -64.15 8.82
CA LEU D 408 -22.04 -64.77 9.30
C LEU D 408 -22.07 -64.84 10.79
N GLY D 409 -21.60 -65.94 11.37
CA GLY D 409 -21.49 -65.99 12.81
C GLY D 409 -21.55 -67.40 13.25
N PHE D 410 -22.40 -68.21 12.58
CA PHE D 410 -22.64 -69.62 12.87
C PHE D 410 -23.07 -69.85 14.32
N VAL D 411 -23.69 -68.83 14.93
CA VAL D 411 -24.13 -68.82 16.31
C VAL D 411 -25.31 -69.74 16.49
N PRO D 412 -25.51 -70.39 17.64
CA PRO D 412 -26.60 -71.31 17.83
C PRO D 412 -27.97 -70.68 17.56
N PRO D 413 -28.87 -71.24 16.77
CA PRO D 413 -30.20 -70.69 16.57
C PRO D 413 -31.06 -70.64 17.82
N PRO D 414 -31.29 -71.67 18.66
CA PRO D 414 -32.33 -71.59 19.64
C PRO D 414 -31.77 -71.05 20.95
N GLN D 415 -30.52 -71.43 21.32
CA GLN D 415 -29.85 -71.04 22.56
C GLN D 415 -30.67 -71.27 23.81
N GLN D 416 -31.53 -72.30 23.83
CA GLN D 416 -32.54 -72.43 24.85
C GLN D 416 -32.46 -73.81 25.44
N SER D 417 -32.94 -73.92 26.69
CA SER D 417 -32.90 -75.15 27.45
C SER D 417 -34.24 -75.84 27.42
N ILE D 418 -35.31 -75.18 27.90
CA ILE D 418 -36.59 -75.82 28.04
C ILE D 418 -37.67 -74.75 27.94
N SER D 419 -38.77 -75.05 27.22
CA SER D 419 -39.93 -74.16 27.13
C SER D 419 -41.13 -74.91 27.63
N ASP D 420 -42.04 -74.23 28.36
CA ASP D 420 -43.20 -74.83 28.97
C ASP D 420 -44.38 -74.83 27.99
N ASP D 421 -45.15 -75.93 27.94
CA ASP D 421 -46.33 -76.05 27.13
C ASP D 421 -47.36 -76.81 27.97
N TYR D 422 -48.26 -76.06 28.62
CA TYR D 422 -49.35 -76.65 29.36
C TYR D 422 -50.36 -77.32 28.44
N ARG D 423 -50.67 -78.61 28.68
CA ARG D 423 -51.87 -79.19 28.09
C ARG D 423 -53.13 -78.54 28.66
N TYR D 424 -54.24 -78.54 27.89
CA TYR D 424 -55.48 -77.86 28.24
C TYR D 424 -55.25 -76.36 28.29
N ILE D 425 -54.80 -75.79 27.16
CA ILE D 425 -54.40 -74.39 27.04
C ILE D 425 -55.60 -73.44 27.17
N THR D 426 -56.82 -74.00 27.15
CA THR D 426 -58.11 -73.31 27.23
C THR D 426 -58.75 -73.45 28.60
N SER D 427 -58.05 -74.00 29.60
CA SER D 427 -58.59 -74.12 30.96
C SER D 427 -58.56 -72.78 31.72
N SER D 428 -59.23 -72.73 32.88
CA SER D 428 -59.37 -71.54 33.71
C SER D 428 -58.49 -71.61 34.95
N ALA D 429 -57.62 -72.64 35.06
CA ALA D 429 -56.73 -72.81 36.19
C ALA D 429 -55.32 -73.00 35.70
N THR D 430 -54.96 -72.27 34.64
CA THR D 430 -53.67 -72.42 33.99
C THR D 430 -52.96 -71.09 33.92
N ARG D 431 -53.61 -70.01 34.40
CA ARG D 431 -53.03 -68.68 34.55
C ARG D 431 -52.56 -68.03 33.27
N CYS D 432 -53.49 -67.87 32.29
CA CYS D 432 -53.21 -67.20 31.03
C CYS D 432 -52.10 -67.85 30.19
N PRO D 433 -52.22 -69.04 29.64
CA PRO D 433 -51.08 -69.66 28.96
C PRO D 433 -51.23 -69.38 27.49
N ASP D 434 -51.09 -68.11 27.07
CA ASP D 434 -51.03 -67.75 25.69
C ASP D 434 -49.57 -67.56 25.32
N GLN D 435 -49.01 -68.50 24.56
CA GLN D 435 -47.69 -68.40 23.96
C GLN D 435 -47.75 -67.64 22.63
N ASN D 436 -48.03 -66.32 22.67
CA ASN D 436 -48.22 -65.51 21.47
C ASN D 436 -47.53 -64.18 21.70
N PRO D 437 -46.24 -64.04 21.47
CA PRO D 437 -45.52 -62.85 21.85
C PRO D 437 -45.55 -61.80 20.73
N PRO D 438 -45.59 -60.51 20.99
CA PRO D 438 -45.39 -59.49 19.98
C PRO D 438 -43.94 -59.36 19.56
N LYS D 439 -43.64 -58.38 18.69
CA LYS D 439 -42.32 -58.09 18.21
C LYS D 439 -41.91 -56.73 18.71
N GLU D 440 -40.64 -56.62 19.13
CA GLU D 440 -40.03 -55.42 19.65
C GLU D 440 -39.51 -54.50 18.54
N ARG D 441 -39.01 -53.32 18.92
CA ARG D 441 -38.27 -52.42 18.05
C ARG D 441 -36.92 -53.01 17.61
N GLU D 442 -36.40 -52.59 16.42
CA GLU D 442 -35.17 -53.16 15.86
C GLU D 442 -34.07 -52.13 15.68
N ASP D 443 -34.38 -50.95 15.10
CA ASP D 443 -33.34 -50.02 14.73
C ASP D 443 -33.03 -49.09 15.93
N PRO D 444 -31.81 -48.96 16.43
CA PRO D 444 -31.50 -48.12 17.58
C PRO D 444 -31.56 -46.63 17.23
N TYR D 445 -31.54 -46.25 15.95
CA TYR D 445 -31.49 -44.86 15.53
C TYR D 445 -32.89 -44.37 15.19
N LYS D 446 -33.95 -44.97 15.76
CA LYS D 446 -35.32 -44.52 15.55
C LYS D 446 -35.73 -43.34 16.37
N GLY D 447 -35.01 -43.04 17.47
CA GLY D 447 -35.34 -41.90 18.29
C GLY D 447 -34.85 -40.57 17.78
N LEU D 448 -34.09 -40.56 16.68
CA LEU D 448 -33.51 -39.36 16.12
C LEU D 448 -34.08 -39.05 14.76
N ILE D 449 -34.00 -37.78 14.35
CA ILE D 449 -34.54 -37.28 13.10
C ILE D 449 -33.39 -36.93 12.18
N PHE D 450 -33.27 -37.59 11.01
CA PHE D 450 -32.26 -37.22 10.03
C PHE D 450 -32.94 -36.96 8.72
N TRP D 451 -32.30 -36.16 7.85
CA TRP D 451 -32.71 -36.05 6.47
C TRP D 451 -32.31 -37.32 5.74
N GLU D 452 -33.24 -38.28 5.63
CA GLU D 452 -32.98 -39.57 5.04
C GLU D 452 -32.78 -39.50 3.53
N VAL D 453 -31.65 -40.04 3.05
CA VAL D 453 -31.35 -40.04 1.64
C VAL D 453 -31.18 -41.47 1.21
N ASP D 454 -32.00 -41.91 0.24
CA ASP D 454 -31.97 -43.25 -0.26
C ASP D 454 -31.14 -43.28 -1.55
N LEU D 455 -29.87 -43.73 -1.44
CA LEU D 455 -29.00 -43.91 -2.58
C LEU D 455 -28.94 -45.36 -3.00
N THR D 456 -29.97 -46.17 -2.66
CA THR D 456 -30.02 -47.59 -3.05
C THR D 456 -30.08 -47.80 -4.55
N GLU D 457 -30.88 -46.99 -5.26
CA GLU D 457 -31.11 -47.13 -6.68
C GLU D 457 -30.28 -46.13 -7.49
N ARG D 458 -29.36 -45.40 -6.83
CA ARG D 458 -28.67 -44.27 -7.44
C ARG D 458 -27.22 -44.56 -7.70
N PHE D 459 -26.78 -45.82 -7.55
CA PHE D 459 -25.41 -46.21 -7.79
C PHE D 459 -25.18 -46.48 -9.26
N SER D 460 -24.12 -45.88 -9.82
CA SER D 460 -23.76 -46.05 -11.21
C SER D 460 -22.29 -46.39 -11.32
N GLN D 461 -21.87 -47.13 -12.37
CA GLN D 461 -20.53 -47.65 -12.51
C GLN D 461 -19.70 -46.84 -13.49
N ASP D 462 -20.33 -46.04 -14.38
CA ASP D 462 -19.66 -45.22 -15.35
C ASP D 462 -19.50 -43.82 -14.80
N LEU D 463 -18.31 -43.55 -14.24
CA LEU D 463 -18.13 -42.33 -13.48
C LEU D 463 -18.08 -41.15 -14.40
N ASP D 464 -17.59 -41.35 -15.63
CA ASP D 464 -17.39 -40.21 -16.50
C ASP D 464 -18.68 -39.60 -17.08
N GLN D 465 -19.87 -40.04 -16.64
CA GLN D 465 -21.08 -39.38 -17.00
C GLN D 465 -21.57 -38.41 -15.93
N PHE D 466 -20.85 -38.32 -14.79
CA PHE D 466 -21.23 -37.52 -13.65
C PHE D 466 -20.11 -36.56 -13.37
N ALA D 467 -20.44 -35.34 -12.88
CA ALA D 467 -19.47 -34.29 -12.64
C ALA D 467 -18.38 -34.67 -11.64
N LEU D 468 -18.75 -35.21 -10.46
CA LEU D 468 -17.80 -35.73 -9.50
C LEU D 468 -17.06 -36.95 -9.99
N GLY D 469 -17.72 -37.80 -10.79
CA GLY D 469 -17.09 -38.95 -11.39
C GLY D 469 -15.96 -38.63 -12.34
N ARG D 470 -16.11 -37.63 -13.24
CA ARG D 470 -15.01 -37.17 -14.07
C ARG D 470 -13.97 -36.36 -13.33
N LYS D 471 -14.34 -35.62 -12.28
CA LYS D 471 -13.37 -35.00 -11.40
C LYS D 471 -12.48 -36.01 -10.71
N PHE D 472 -13.06 -37.14 -10.23
CA PHE D 472 -12.34 -38.26 -9.68
C PHE D 472 -11.43 -38.95 -10.69
N LEU D 473 -11.91 -39.19 -11.92
CA LEU D 473 -11.07 -39.73 -12.95
C LEU D 473 -9.90 -38.86 -13.33
N TYR D 474 -10.13 -37.54 -13.43
CA TYR D 474 -9.09 -36.57 -13.69
C TYR D 474 -8.04 -36.51 -12.57
N GLN D 475 -8.46 -36.49 -11.29
CA GLN D 475 -7.52 -36.43 -10.19
C GLN D 475 -6.74 -37.73 -9.99
N ALA D 476 -7.29 -38.87 -10.46
CA ALA D 476 -6.71 -40.18 -10.30
C ALA D 476 -6.02 -40.65 -11.57
N GLY D 477 -5.76 -39.76 -12.54
CA GLY D 477 -5.04 -40.10 -13.75
C GLY D 477 -5.91 -40.59 -14.87
N ILE D 478 -6.23 -41.89 -14.84
CA ILE D 478 -6.96 -42.64 -15.85
C ILE D 478 -8.16 -41.93 -16.54
N ARG D 479 -8.23 -42.01 -17.88
CA ARG D 479 -9.44 -41.66 -18.59
C ARG D 479 -10.40 -42.85 -18.55
N THR D 480 -11.50 -42.86 -19.31
CA THR D 480 -12.40 -44.02 -19.23
C THR D 480 -12.90 -44.42 -20.58
N ALA D 481 -12.84 -43.51 -21.58
CA ALA D 481 -13.51 -43.71 -22.83
C ALA D 481 -12.51 -43.71 -23.96
N VAL D 482 -12.11 -44.93 -24.36
CA VAL D 482 -11.36 -45.24 -25.55
C VAL D 482 -12.35 -45.47 -26.74
N MET E 3 -36.06 -83.11 -3.46
CA MET E 3 -37.30 -82.99 -4.30
C MET E 3 -38.01 -81.65 -4.27
N TRP E 4 -37.55 -80.67 -3.47
CA TRP E 4 -38.06 -79.31 -3.54
C TRP E 4 -37.53 -78.54 -4.75
N THR E 5 -38.25 -77.47 -5.13
CA THR E 5 -38.03 -76.71 -6.35
C THR E 5 -37.77 -75.25 -6.00
N PRO E 6 -36.72 -74.58 -6.46
CA PRO E 6 -36.50 -73.15 -6.21
C PRO E 6 -37.61 -72.25 -6.71
N GLN E 7 -38.13 -71.37 -5.84
CA GLN E 7 -39.12 -70.38 -6.21
C GLN E 7 -38.76 -68.99 -5.70
N THR E 8 -37.61 -68.83 -5.03
CA THR E 8 -37.23 -67.56 -4.43
C THR E 8 -36.38 -66.76 -5.39
N GLY E 9 -36.82 -65.55 -5.76
CA GLY E 9 -36.05 -64.63 -6.59
C GLY E 9 -34.93 -63.97 -5.84
N LYS E 10 -33.80 -64.67 -5.66
CA LYS E 10 -32.61 -64.11 -5.03
C LYS E 10 -31.64 -63.56 -6.08
N LEU E 11 -32.04 -63.55 -7.36
CA LEU E 11 -31.22 -63.03 -8.42
C LEU E 11 -31.46 -61.56 -8.61
N TYR E 12 -30.38 -60.78 -8.53
CA TYR E 12 -30.40 -59.36 -8.79
C TYR E 12 -29.46 -59.15 -9.95
N LEU E 13 -29.88 -58.37 -10.96
CA LEU E 13 -29.10 -58.15 -12.15
C LEU E 13 -28.63 -56.71 -12.24
N PRO E 14 -27.57 -56.25 -11.53
CA PRO E 14 -27.07 -54.91 -11.72
C PRO E 14 -25.85 -54.91 -12.64
N PRO E 15 -25.52 -53.80 -13.30
CA PRO E 15 -26.34 -52.62 -13.44
C PRO E 15 -27.55 -52.91 -14.31
N THR E 16 -28.54 -52.01 -14.31
CA THR E 16 -29.64 -52.04 -15.27
C THR E 16 -29.11 -52.04 -16.71
N THR E 17 -29.88 -52.60 -17.69
CA THR E 17 -29.52 -52.68 -19.12
C THR E 17 -28.67 -51.52 -19.62
N PRO E 18 -27.48 -51.72 -20.18
CA PRO E 18 -26.53 -50.64 -20.42
C PRO E 18 -27.02 -49.51 -21.30
N VAL E 19 -26.97 -48.29 -20.79
CA VAL E 19 -27.39 -47.10 -21.48
C VAL E 19 -26.27 -46.52 -22.31
N ALA E 20 -26.66 -45.73 -23.34
CA ALA E 20 -25.75 -44.97 -24.16
C ALA E 20 -24.94 -43.97 -23.34
N LYS E 21 -23.66 -43.78 -23.71
CA LYS E 21 -22.73 -43.01 -22.91
C LYS E 21 -22.30 -41.81 -23.67
N VAL E 22 -22.35 -40.64 -23.02
CA VAL E 22 -21.77 -39.42 -23.55
C VAL E 22 -20.26 -39.48 -23.48
N GLN E 23 -19.59 -39.23 -24.61
CA GLN E 23 -18.15 -39.25 -24.69
C GLN E 23 -17.63 -37.84 -24.78
N SER E 24 -16.34 -37.63 -24.43
CA SER E 24 -15.68 -36.33 -24.58
C SER E 24 -15.54 -35.92 -26.04
N THR E 25 -15.46 -34.61 -26.32
CA THR E 25 -15.27 -34.15 -27.70
C THR E 25 -13.88 -34.44 -28.23
N ASP E 26 -12.90 -34.71 -27.35
CA ASP E 26 -11.55 -35.11 -27.70
C ASP E 26 -11.50 -36.39 -28.57
N GLU E 27 -12.51 -37.29 -28.48
CA GLU E 27 -12.63 -38.52 -29.24
C GLU E 27 -12.91 -38.36 -30.73
N TYR E 28 -13.92 -37.54 -31.09
CA TYR E 28 -14.42 -37.45 -32.45
C TYR E 28 -14.18 -36.10 -33.10
N VAL E 29 -13.58 -35.15 -32.36
CA VAL E 29 -13.25 -33.84 -32.89
C VAL E 29 -11.74 -33.65 -32.86
N TYR E 30 -11.10 -33.72 -34.03
CA TYR E 30 -9.65 -33.62 -34.15
C TYR E 30 -9.20 -32.16 -34.20
N PRO E 31 -8.25 -31.72 -33.39
CA PRO E 31 -7.77 -30.36 -33.43
C PRO E 31 -6.81 -30.12 -34.59
N THR E 32 -6.98 -28.99 -35.29
CA THR E 32 -6.04 -28.56 -36.33
C THR E 32 -5.14 -27.51 -35.70
N SER E 33 -3.97 -27.23 -36.28
CA SER E 33 -3.00 -26.28 -35.74
C SER E 33 -3.25 -24.86 -36.21
N LEU E 34 -4.42 -24.60 -36.81
CA LEU E 34 -4.81 -23.29 -37.28
C LEU E 34 -5.63 -22.59 -36.23
N PHE E 35 -5.16 -21.41 -35.82
CA PHE E 35 -5.78 -20.59 -34.80
C PHE E 35 -6.13 -19.25 -35.41
N CYS E 36 -7.21 -18.64 -34.91
CA CYS E 36 -7.68 -17.36 -35.37
C CYS E 36 -7.99 -16.48 -34.17
N HIS E 37 -7.81 -15.16 -34.34
CA HIS E 37 -8.20 -14.17 -33.38
C HIS E 37 -9.51 -13.56 -33.82
N ALA E 38 -10.39 -13.19 -32.86
CA ALA E 38 -11.61 -12.49 -33.15
C ALA E 38 -11.95 -11.54 -32.00
N HIS E 39 -12.36 -10.29 -32.29
CA HIS E 39 -12.67 -9.35 -31.22
C HIS E 39 -13.79 -8.37 -31.52
N THR E 40 -14.46 -7.92 -30.45
CA THR E 40 -15.42 -6.84 -30.52
C THR E 40 -14.72 -5.51 -30.47
N ASP E 41 -15.21 -4.52 -31.22
CA ASP E 41 -14.50 -3.26 -31.41
C ASP E 41 -14.39 -2.46 -30.13
N ARG E 42 -15.52 -2.34 -29.43
CA ARG E 42 -15.72 -1.72 -28.14
C ARG E 42 -17.22 -1.61 -27.97
N LEU E 43 -17.78 -2.29 -26.95
CA LEU E 43 -19.21 -2.36 -26.75
C LEU E 43 -19.59 -1.42 -25.65
N LEU E 44 -20.23 -0.31 -26.01
CA LEU E 44 -20.70 0.70 -25.10
C LEU E 44 -22.20 0.63 -25.00
N THR E 45 -22.74 0.90 -23.81
CA THR E 45 -24.18 1.00 -23.63
C THR E 45 -24.43 2.03 -22.56
N VAL E 46 -25.35 2.99 -22.82
CA VAL E 46 -25.64 4.09 -21.90
C VAL E 46 -27.12 4.06 -21.62
N GLY E 47 -27.52 4.14 -20.34
CA GLY E 47 -28.93 4.17 -20.03
C GLY E 47 -29.19 4.69 -18.66
N HIS E 48 -30.41 4.45 -18.14
CA HIS E 48 -30.78 4.80 -16.80
C HIS E 48 -30.60 3.60 -15.88
N PRO E 49 -30.13 3.72 -14.65
CA PRO E 49 -29.83 2.55 -13.85
C PRO E 49 -31.07 1.90 -13.26
N PHE E 50 -32.15 2.64 -12.99
CA PHE E 50 -33.23 2.08 -12.21
C PHE E 50 -34.39 1.56 -13.05
N PHE E 51 -34.75 2.27 -14.12
CA PHE E 51 -35.93 1.93 -14.89
C PHE E 51 -35.75 2.47 -16.29
N SER E 52 -36.54 1.99 -17.27
CA SER E 52 -36.50 2.56 -18.61
C SER E 52 -37.27 3.85 -18.69
N VAL E 53 -36.78 4.80 -19.48
CA VAL E 53 -37.47 6.06 -19.69
C VAL E 53 -38.30 5.92 -20.94
N ILE E 54 -39.60 6.12 -20.80
CA ILE E 54 -40.54 5.99 -21.89
C ILE E 54 -41.21 7.33 -22.09
N ASP E 55 -41.76 7.57 -23.30
CA ASP E 55 -42.67 8.67 -23.52
C ASP E 55 -44.04 8.28 -22.96
N ASN E 56 -45.11 8.38 -23.78
CA ASN E 56 -46.39 7.72 -23.52
C ASN E 56 -46.29 6.20 -23.56
N ASP E 57 -45.31 5.65 -24.31
CA ASP E 57 -45.16 4.21 -24.48
C ASP E 57 -43.72 3.76 -24.74
N LYS E 58 -43.12 4.16 -25.88
CA LYS E 58 -41.84 3.72 -26.38
C LYS E 58 -40.62 4.15 -25.57
N VAL E 59 -39.56 3.31 -25.57
CA VAL E 59 -38.35 3.52 -24.80
C VAL E 59 -37.39 4.51 -25.43
N THR E 60 -37.20 5.66 -24.76
CA THR E 60 -36.27 6.72 -25.15
C THR E 60 -34.90 6.50 -24.54
N VAL E 61 -34.82 6.07 -23.26
CA VAL E 61 -33.56 5.73 -22.62
C VAL E 61 -33.71 4.34 -22.03
N PRO E 62 -32.98 3.31 -22.45
CA PRO E 62 -33.12 1.97 -21.89
C PRO E 62 -32.58 1.87 -20.48
N LYS E 63 -32.90 0.75 -19.80
CA LYS E 63 -32.36 0.48 -18.49
C LYS E 63 -31.00 -0.19 -18.62
N VAL E 64 -29.94 0.50 -18.19
CA VAL E 64 -28.60 -0.04 -18.19
C VAL E 64 -28.09 0.07 -16.78
N SER E 65 -28.00 -1.06 -16.06
CA SER E 65 -27.58 -1.07 -14.68
C SER E 65 -26.41 -2.00 -14.54
N GLY E 66 -25.53 -1.74 -13.57
CA GLY E 66 -24.37 -2.59 -13.31
C GLY E 66 -24.68 -3.88 -12.60
N ASN E 67 -25.97 -4.11 -12.25
CA ASN E 67 -26.41 -5.30 -11.56
C ASN E 67 -27.25 -6.18 -12.49
N GLN E 68 -27.01 -6.11 -13.81
CA GLN E 68 -27.71 -6.93 -14.76
C GLN E 68 -26.80 -7.99 -15.32
N TYR E 69 -27.41 -9.09 -15.79
CA TYR E 69 -26.72 -10.02 -16.65
C TYR E 69 -26.44 -9.43 -18.02
N ARG E 70 -25.18 -9.53 -18.46
CA ARG E 70 -24.79 -9.24 -19.81
C ARG E 70 -24.59 -10.57 -20.50
N VAL E 71 -25.52 -10.97 -21.37
CA VAL E 71 -25.42 -12.25 -22.06
C VAL E 71 -25.18 -11.95 -23.50
N PHE E 72 -23.93 -12.17 -23.94
CA PHE E 72 -23.52 -11.92 -25.30
C PHE E 72 -23.74 -13.17 -26.12
N ARG E 73 -24.35 -13.03 -27.29
CA ARG E 73 -24.51 -14.11 -28.23
C ARG E 73 -23.56 -13.85 -29.38
N LEU E 74 -22.48 -14.63 -29.48
CA LEU E 74 -21.40 -14.38 -30.40
C LEU E 74 -21.59 -15.21 -31.64
N LYS E 75 -21.67 -14.56 -32.80
CA LYS E 75 -21.83 -15.24 -34.07
C LYS E 75 -20.49 -15.47 -34.73
N PHE E 76 -20.10 -16.73 -34.95
CA PHE E 76 -18.87 -17.05 -35.64
C PHE E 76 -19.15 -17.30 -37.12
N PRO E 77 -18.22 -17.01 -38.02
CA PRO E 77 -18.38 -17.36 -39.41
C PRO E 77 -18.30 -18.85 -39.59
N ASP E 78 -19.05 -19.39 -40.56
CA ASP E 78 -19.10 -20.80 -40.85
C ASP E 78 -17.76 -21.29 -41.41
N PRO E 79 -17.01 -22.17 -40.75
CA PRO E 79 -15.68 -22.55 -41.22
C PRO E 79 -15.76 -23.48 -42.39
N ASN E 80 -16.94 -24.02 -42.73
CA ASN E 80 -17.11 -24.82 -43.92
C ASN E 80 -17.20 -23.96 -45.17
N LYS E 81 -17.46 -22.64 -45.00
CA LYS E 81 -17.46 -21.67 -46.08
C LYS E 81 -16.16 -20.88 -46.14
N PHE E 82 -15.17 -21.21 -45.28
CA PHE E 82 -13.84 -20.65 -45.37
C PHE E 82 -13.09 -21.17 -46.60
N ALA E 83 -12.79 -20.26 -47.54
CA ALA E 83 -11.93 -20.58 -48.65
C ALA E 83 -10.47 -20.51 -48.22
N LEU E 84 -9.86 -21.69 -48.02
CA LEU E 84 -8.50 -21.81 -47.53
C LEU E 84 -7.55 -22.04 -48.69
N PRO E 85 -6.27 -21.66 -48.63
CA PRO E 85 -5.36 -21.73 -49.78
C PRO E 85 -4.93 -23.13 -50.12
N GLN E 86 -4.60 -23.96 -49.12
CA GLN E 86 -4.34 -25.37 -49.29
C GLN E 86 -5.46 -26.09 -48.57
N LYS E 87 -6.40 -26.71 -49.28
CA LYS E 87 -7.59 -27.27 -48.66
C LYS E 87 -7.44 -28.75 -48.41
N ASP E 88 -6.23 -29.29 -48.63
CA ASP E 88 -5.97 -30.71 -48.60
C ASP E 88 -5.65 -31.22 -47.21
N PHE E 89 -5.66 -30.36 -46.18
CA PHE E 89 -5.53 -30.80 -44.81
C PHE E 89 -6.77 -31.55 -44.32
N TYR E 90 -7.95 -31.32 -44.95
CA TYR E 90 -9.20 -31.97 -44.61
C TYR E 90 -9.92 -32.39 -45.87
N ASP E 91 -10.90 -33.30 -45.77
CA ASP E 91 -11.68 -33.73 -46.91
C ASP E 91 -13.10 -33.18 -46.78
N PRO E 92 -13.57 -32.23 -47.59
CA PRO E 92 -14.91 -31.69 -47.45
C PRO E 92 -16.01 -32.66 -47.81
N GLU E 93 -15.72 -33.80 -48.47
CA GLU E 93 -16.73 -34.79 -48.77
C GLU E 93 -17.21 -35.50 -47.51
N LYS E 94 -16.27 -35.91 -46.62
CA LYS E 94 -16.61 -36.66 -45.43
C LYS E 94 -16.40 -35.91 -44.12
N GLU E 95 -15.66 -34.80 -44.11
CA GLU E 95 -15.38 -34.07 -42.89
C GLU E 95 -16.15 -32.76 -42.86
N ARG E 96 -16.35 -32.22 -41.66
CA ARG E 96 -16.91 -30.91 -41.48
C ARG E 96 -16.06 -30.20 -40.45
N LEU E 97 -15.96 -28.87 -40.58
CA LEU E 97 -15.11 -28.07 -39.73
C LEU E 97 -15.97 -27.38 -38.68
N VAL E 98 -15.37 -27.11 -37.51
CA VAL E 98 -16.06 -26.41 -36.44
C VAL E 98 -15.01 -25.65 -35.66
N TRP E 99 -15.39 -24.49 -35.07
CA TRP E 99 -14.47 -23.75 -34.23
C TRP E 99 -14.47 -24.29 -32.82
N ARG E 100 -13.33 -24.22 -32.15
CA ARG E 100 -13.20 -24.51 -30.73
C ARG E 100 -12.60 -23.31 -30.05
N LEU E 101 -13.23 -22.81 -28.98
CA LEU E 101 -12.65 -21.76 -28.17
C LEU E 101 -11.42 -22.23 -27.40
N ARG E 102 -10.33 -21.45 -27.43
CA ARG E 102 -9.09 -21.81 -26.78
C ARG E 102 -8.66 -20.76 -25.79
N GLY E 103 -8.92 -19.49 -26.07
CA GLY E 103 -8.58 -18.41 -25.18
C GLY E 103 -9.59 -17.34 -25.31
N LEU E 104 -9.83 -16.60 -24.24
CA LEU E 104 -10.86 -15.61 -24.19
C LEU E 104 -10.39 -14.52 -23.26
N GLU E 105 -10.85 -13.27 -23.46
CA GLU E 105 -10.57 -12.19 -22.55
C GLU E 105 -11.77 -11.28 -22.55
N ILE E 106 -12.24 -10.91 -21.34
CA ILE E 106 -13.38 -10.01 -21.19
C ILE E 106 -12.83 -8.70 -20.69
N GLY E 107 -12.74 -7.71 -21.57
CA GLY E 107 -12.29 -6.36 -21.26
C GLY E 107 -13.36 -5.57 -20.55
N ARG E 108 -12.95 -4.74 -19.58
CA ARG E 108 -13.85 -3.86 -18.86
C ARG E 108 -13.25 -2.47 -18.73
N GLY E 109 -13.96 -1.46 -19.26
CA GLY E 109 -13.35 -0.15 -19.51
C GLY E 109 -13.52 0.93 -18.49
N GLY E 110 -14.68 1.01 -17.83
CA GLY E 110 -14.94 2.06 -16.84
C GLY E 110 -14.04 1.97 -15.61
N PRO E 111 -13.84 3.04 -14.85
CA PRO E 111 -13.20 2.97 -13.54
C PRO E 111 -13.98 2.13 -12.55
N LEU E 112 -13.28 1.54 -11.56
CA LEU E 112 -13.93 0.87 -10.44
C LEU E 112 -14.77 1.81 -9.60
N GLY E 113 -15.90 1.33 -9.06
CA GLY E 113 -16.77 2.17 -8.27
C GLY E 113 -18.03 1.46 -7.87
N ILE E 114 -18.58 1.82 -6.70
CA ILE E 114 -19.77 1.19 -6.16
C ILE E 114 -20.98 2.07 -6.39
N GLY E 115 -22.02 1.52 -7.04
CA GLY E 115 -23.31 2.15 -7.22
C GLY E 115 -24.21 2.08 -6.03
N THR E 116 -25.41 2.65 -6.18
CA THR E 116 -26.37 2.78 -5.08
C THR E 116 -27.74 2.71 -5.69
N THR E 117 -28.70 2.09 -4.98
CA THR E 117 -30.09 1.94 -5.41
C THR E 117 -30.98 2.18 -4.22
N GLY E 118 -32.26 2.51 -4.44
CA GLY E 118 -33.17 2.73 -3.34
C GLY E 118 -34.58 2.75 -3.81
N HIS E 119 -35.52 2.97 -2.89
CA HIS E 119 -36.91 3.20 -3.21
C HIS E 119 -37.36 4.49 -2.54
N PRO E 120 -38.09 5.40 -3.18
CA PRO E 120 -38.62 6.59 -2.53
C PRO E 120 -39.57 6.27 -1.39
N LEU E 121 -40.27 5.12 -1.45
CA LEU E 121 -41.24 4.72 -0.46
C LEU E 121 -41.02 3.25 -0.11
N PHE E 122 -39.89 2.93 0.51
CA PHE E 122 -39.53 1.59 0.91
C PHE E 122 -40.31 1.12 2.13
N ASN E 123 -40.84 -0.13 2.12
CA ASN E 123 -41.50 -0.73 3.27
C ASN E 123 -40.49 -1.08 4.38
N LYS E 124 -40.17 -0.05 5.19
CA LYS E 124 -39.39 -0.11 6.40
C LYS E 124 -40.24 0.56 7.47
N LEU E 125 -40.42 -0.06 8.66
CA LEU E 125 -41.10 0.62 9.77
C LEU E 125 -40.12 1.33 10.68
N GLY E 126 -39.08 0.65 11.15
CA GLY E 126 -38.09 1.24 12.05
C GLY E 126 -36.76 0.58 11.89
N ASP E 127 -35.82 0.94 12.76
CA ASP E 127 -34.53 0.29 12.88
C ASP E 127 -34.57 -0.58 14.14
N THR E 128 -34.05 -1.81 14.04
CA THR E 128 -34.02 -2.74 15.17
C THR E 128 -32.61 -3.14 15.51
N GLU E 129 -31.60 -2.54 14.85
CA GLU E 129 -30.21 -2.74 15.21
C GLU E 129 -29.91 -2.23 16.61
N ASN E 130 -30.44 -1.05 16.96
CA ASN E 130 -30.38 -0.55 18.32
C ASN E 130 -31.65 0.23 18.67
N PRO E 131 -32.66 -0.33 19.34
CA PRO E 131 -33.91 0.38 19.55
C PRO E 131 -33.94 1.05 20.91
N ASN E 132 -34.13 2.39 20.93
CA ASN E 132 -34.13 3.20 22.15
C ASN E 132 -35.18 2.78 23.18
N LYS E 133 -36.40 2.50 22.71
CA LYS E 133 -37.49 2.04 23.53
C LYS E 133 -38.48 1.45 22.57
N TYR E 134 -39.56 0.84 23.07
CA TYR E 134 -40.61 0.30 22.25
C TYR E 134 -41.34 1.38 21.45
N GLN E 135 -41.56 1.15 20.13
CA GLN E 135 -41.99 2.20 19.22
C GLN E 135 -43.50 2.26 19.01
N GLN E 136 -43.97 2.61 17.79
CA GLN E 136 -45.37 2.92 17.44
C GLN E 136 -45.73 2.41 16.03
N GLY E 137 -46.79 2.93 15.34
CA GLY E 137 -47.13 2.53 13.98
C GLY E 137 -48.39 3.16 13.43
N SER E 138 -48.57 3.28 12.09
CA SER E 138 -49.73 3.99 11.51
C SER E 138 -50.17 3.47 10.13
N LYS E 139 -50.47 4.37 9.17
CA LYS E 139 -50.84 4.04 7.82
C LYS E 139 -49.79 4.66 6.92
N ASP E 140 -49.29 3.92 5.90
CA ASP E 140 -48.18 4.31 5.05
C ASP E 140 -46.95 4.86 5.76
N ASN E 141 -46.25 3.98 6.48
CA ASN E 141 -45.04 4.32 7.19
C ASN E 141 -43.80 4.16 6.32
N ARG E 142 -43.97 4.06 5.00
CA ARG E 142 -42.87 3.89 4.07
C ARG E 142 -41.91 5.06 4.01
N GLN E 143 -40.62 4.78 3.77
CA GLN E 143 -39.58 5.79 3.90
C GLN E 143 -38.62 5.70 2.73
N ASN E 144 -37.88 6.78 2.44
CA ASN E 144 -36.87 6.77 1.41
C ASN E 144 -35.59 6.13 1.95
N THR E 145 -35.25 4.94 1.43
CA THR E 145 -34.13 4.15 1.93
C THR E 145 -33.31 3.68 0.75
N SER E 146 -32.00 3.98 0.77
CA SER E 146 -31.06 3.57 -0.24
C SER E 146 -30.02 2.61 0.29
N MET E 147 -29.36 1.89 -0.62
CA MET E 147 -28.44 0.85 -0.29
C MET E 147 -27.57 0.53 -1.48
N ASP E 148 -26.37 0.02 -1.21
CA ASP E 148 -25.49 -0.59 -2.15
C ASP E 148 -25.68 -2.12 -2.12
N PRO E 149 -25.88 -2.81 -3.24
CA PRO E 149 -26.21 -4.24 -3.18
C PRO E 149 -24.95 -5.06 -2.96
N LYS E 150 -25.08 -6.41 -2.86
CA LYS E 150 -23.91 -7.27 -2.79
C LYS E 150 -22.99 -7.14 -4.00
N GLN E 151 -21.68 -7.31 -3.79
CA GLN E 151 -20.73 -7.24 -4.88
C GLN E 151 -20.62 -8.61 -5.49
N THR E 152 -20.84 -8.69 -6.81
CA THR E 152 -20.85 -9.93 -7.55
C THR E 152 -20.09 -9.70 -8.82
N GLN E 153 -19.17 -10.61 -9.15
CA GLN E 153 -18.55 -10.69 -10.44
C GLN E 153 -18.72 -12.12 -10.88
N LEU E 154 -19.08 -12.37 -12.14
CA LEU E 154 -19.06 -13.72 -12.64
C LEU E 154 -18.91 -13.74 -14.11
N PHE E 155 -18.47 -14.90 -14.62
CA PHE E 155 -18.39 -15.12 -16.03
C PHE E 155 -18.68 -16.60 -16.30
N ILE E 156 -19.54 -16.88 -17.32
CA ILE E 156 -19.82 -18.21 -17.84
C ILE E 156 -19.61 -18.15 -19.33
N VAL E 157 -18.97 -19.19 -19.90
CA VAL E 157 -18.85 -19.38 -21.34
C VAL E 157 -19.42 -20.74 -21.75
N GLY E 158 -20.22 -20.78 -22.84
CA GLY E 158 -20.76 -22.02 -23.37
C GLY E 158 -21.20 -21.87 -24.80
N CYS E 159 -21.74 -22.93 -25.42
CA CYS E 159 -22.32 -22.85 -26.76
C CYS E 159 -23.84 -22.83 -26.71
N GLU E 160 -24.40 -23.00 -25.50
CA GLU E 160 -25.79 -22.86 -25.20
C GLU E 160 -25.95 -21.77 -24.16
N PRO E 161 -27.12 -21.13 -24.00
CA PRO E 161 -27.28 -20.05 -23.05
C PRO E 161 -27.25 -20.51 -21.61
N PRO E 162 -26.79 -19.69 -20.66
CA PRO E 162 -26.85 -20.01 -19.24
C PRO E 162 -28.25 -20.33 -18.72
N THR E 163 -28.33 -21.10 -17.64
CA THR E 163 -29.59 -21.43 -16.96
C THR E 163 -29.54 -20.77 -15.62
N GLY E 164 -30.58 -20.01 -15.24
CA GLY E 164 -30.66 -19.38 -13.94
C GLY E 164 -31.85 -19.87 -13.18
N GLU E 165 -31.76 -19.79 -11.85
CA GLU E 165 -32.81 -20.26 -10.97
C GLU E 165 -33.35 -19.08 -10.16
N HIS E 166 -34.63 -19.16 -9.80
CA HIS E 166 -35.25 -18.19 -8.91
C HIS E 166 -36.48 -18.80 -8.28
N TRP E 167 -36.97 -18.21 -7.17
CA TRP E 167 -38.19 -18.66 -6.52
C TRP E 167 -39.40 -17.90 -7.04
N ASP E 168 -40.46 -18.63 -7.44
CA ASP E 168 -41.64 -18.06 -8.06
C ASP E 168 -42.92 -18.57 -7.42
N VAL E 169 -44.08 -17.99 -7.78
CA VAL E 169 -45.39 -18.41 -7.27
C VAL E 169 -45.78 -19.77 -7.84
N ALA E 170 -46.03 -20.74 -6.96
CA ALA E 170 -46.64 -21.99 -7.34
C ALA E 170 -48.14 -21.96 -7.16
N LYS E 171 -48.83 -22.95 -7.74
CA LYS E 171 -50.24 -23.14 -7.47
C LYS E 171 -50.40 -24.07 -6.28
N PRO E 172 -51.14 -23.73 -5.22
CA PRO E 172 -51.37 -24.64 -4.11
C PRO E 172 -52.20 -25.83 -4.50
N CYS E 173 -52.21 -26.87 -3.63
CA CYS E 173 -52.97 -28.07 -3.85
C CYS E 173 -54.47 -27.90 -3.57
N GLY E 174 -54.84 -26.78 -2.93
CA GLY E 174 -56.22 -26.41 -2.66
C GLY E 174 -56.44 -24.95 -2.90
N ALA E 175 -57.43 -24.36 -2.23
CA ALA E 175 -57.70 -22.95 -2.33
C ALA E 175 -56.93 -22.13 -1.30
N LEU E 176 -56.93 -20.79 -1.49
CA LEU E 176 -56.31 -19.86 -0.58
C LEU E 176 -57.35 -18.88 -0.11
N GLU E 177 -57.22 -18.37 1.12
CA GLU E 177 -57.99 -17.24 1.59
C GLU E 177 -57.33 -15.97 1.08
N LYS E 178 -58.07 -14.85 1.01
CA LYS E 178 -57.52 -13.64 0.43
C LYS E 178 -56.47 -12.98 1.31
N GLY E 179 -55.21 -12.97 0.84
CA GLY E 179 -54.06 -12.45 1.59
C GLY E 179 -53.14 -13.51 2.14
N ASP E 180 -53.41 -14.80 1.90
CA ASP E 180 -52.49 -15.89 2.19
C ASP E 180 -51.15 -15.79 1.49
N CYS E 181 -50.11 -16.38 2.11
CA CYS E 181 -48.78 -16.47 1.55
C CYS E 181 -48.72 -17.30 0.25
N PRO E 182 -48.19 -16.83 -0.88
CA PRO E 182 -47.99 -17.65 -2.07
C PRO E 182 -47.08 -18.86 -1.83
N PRO E 183 -47.42 -20.10 -2.14
CA PRO E 183 -46.46 -21.20 -2.09
C PRO E 183 -45.30 -21.04 -3.04
N ILE E 184 -44.08 -21.23 -2.53
CA ILE E 184 -42.86 -21.06 -3.30
C ILE E 184 -42.53 -22.28 -4.14
N GLN E 185 -41.91 -22.04 -5.32
CA GLN E 185 -41.40 -23.10 -6.17
C GLN E 185 -40.15 -22.60 -6.85
N LEU E 186 -39.10 -23.44 -6.92
CA LEU E 186 -37.87 -23.08 -7.61
C LEU E 186 -38.03 -23.29 -9.10
N VAL E 187 -37.73 -22.24 -9.90
CA VAL E 187 -37.99 -22.25 -11.33
C VAL E 187 -36.69 -22.07 -12.07
N ASN E 188 -36.42 -22.99 -13.02
CA ASN E 188 -35.30 -22.88 -13.92
C ASN E 188 -35.71 -22.15 -15.18
N SER E 189 -34.88 -21.21 -15.64
CA SER E 189 -35.16 -20.46 -16.85
C SER E 189 -33.85 -20.03 -17.45
N VAL E 190 -33.80 -19.74 -18.75
CA VAL E 190 -32.64 -19.14 -19.37
C VAL E 190 -32.38 -17.75 -18.81
N ILE E 191 -31.10 -17.37 -18.68
CA ILE E 191 -30.74 -16.01 -18.32
C ILE E 191 -30.59 -15.23 -19.61
N GLU E 192 -31.38 -14.15 -19.74
CA GLU E 192 -31.40 -13.29 -20.89
C GLU E 192 -30.58 -12.05 -20.58
N ASP E 193 -30.24 -11.26 -21.62
CA ASP E 193 -29.59 -9.98 -21.39
C ASP E 193 -30.54 -8.99 -20.74
N GLY E 194 -30.05 -8.29 -19.71
CA GLY E 194 -30.86 -7.32 -18.97
C GLY E 194 -31.68 -7.88 -17.85
N ASP E 195 -31.69 -9.22 -17.64
CA ASP E 195 -32.15 -9.85 -16.43
C ASP E 195 -31.34 -9.39 -15.21
N MET E 196 -31.95 -9.33 -14.02
CA MET E 196 -31.27 -8.81 -12.85
C MET E 196 -30.54 -9.93 -12.09
N CYS E 197 -29.32 -9.65 -11.57
CA CYS E 197 -28.61 -10.59 -10.72
C CYS E 197 -29.15 -10.55 -9.30
N ASP E 198 -28.85 -11.57 -8.46
CA ASP E 198 -29.18 -11.46 -7.05
C ASP E 198 -28.43 -10.32 -6.35
N ILE E 199 -29.15 -9.49 -5.58
CA ILE E 199 -28.56 -8.29 -5.04
C ILE E 199 -28.37 -8.34 -3.54
N GLY E 200 -28.85 -9.42 -2.89
CA GLY E 200 -28.73 -9.60 -1.45
C GLY E 200 -30.06 -9.84 -0.79
N PHE E 201 -31.17 -9.75 -1.55
CA PHE E 201 -32.51 -9.98 -1.02
C PHE E 201 -33.04 -11.34 -1.41
N GLY E 202 -32.19 -12.20 -2.01
CA GLY E 202 -32.61 -13.49 -2.53
C GLY E 202 -32.85 -13.47 -4.01
N ASN E 203 -32.85 -14.68 -4.60
CA ASN E 203 -33.14 -14.91 -5.99
C ASN E 203 -34.61 -15.27 -6.18
N MET E 204 -35.47 -14.25 -6.34
CA MET E 204 -36.90 -14.46 -6.31
C MET E 204 -37.62 -13.56 -7.31
N ASN E 205 -38.87 -13.92 -7.66
CA ASN E 205 -39.73 -13.13 -8.52
C ASN E 205 -40.45 -12.08 -7.70
N PHE E 206 -39.90 -10.85 -7.67
CA PHE E 206 -40.47 -9.76 -6.89
C PHE E 206 -41.81 -9.28 -7.42
N LYS E 207 -42.08 -9.46 -8.72
CA LYS E 207 -43.34 -9.08 -9.34
C LYS E 207 -44.55 -9.82 -8.78
N GLU E 208 -44.41 -11.13 -8.50
CA GLU E 208 -45.51 -11.93 -8.03
C GLU E 208 -45.43 -12.23 -6.53
N LEU E 209 -44.22 -12.45 -5.97
CA LEU E 209 -44.06 -12.74 -4.55
C LEU E 209 -44.24 -11.51 -3.65
N GLN E 210 -44.16 -10.28 -4.19
CA GLN E 210 -44.34 -9.08 -3.38
C GLN E 210 -45.30 -8.09 -4.04
N GLN E 211 -46.61 -8.20 -3.73
CA GLN E 211 -47.63 -7.32 -4.28
C GLN E 211 -47.62 -5.92 -3.67
N ASP E 212 -46.89 -5.73 -2.55
CA ASP E 212 -46.61 -4.45 -1.93
C ASP E 212 -45.98 -3.45 -2.88
N ARG E 213 -45.05 -3.93 -3.75
CA ARG E 213 -44.30 -3.13 -4.72
C ARG E 213 -43.38 -2.12 -4.07
N SER E 214 -42.98 -2.37 -2.82
CA SER E 214 -42.25 -1.41 -2.03
C SER E 214 -41.29 -2.14 -1.12
N GLY E 215 -41.11 -3.47 -1.30
CA GLY E 215 -40.31 -4.28 -0.41
C GLY E 215 -38.84 -4.30 -0.74
N VAL E 216 -38.47 -3.77 -1.90
CA VAL E 216 -37.14 -3.86 -2.46
C VAL E 216 -36.92 -2.62 -3.33
N PRO E 217 -35.69 -2.21 -3.67
CA PRO E 217 -35.41 -1.00 -4.44
C PRO E 217 -35.95 -0.96 -5.85
N LEU E 218 -35.96 0.23 -6.49
CA LEU E 218 -36.55 0.46 -7.80
C LEU E 218 -36.02 -0.40 -8.94
N ASP E 219 -34.72 -0.73 -8.96
CA ASP E 219 -34.15 -1.54 -10.01
C ASP E 219 -34.57 -3.01 -9.97
N ILE E 220 -34.98 -3.53 -8.80
CA ILE E 220 -35.40 -4.92 -8.71
C ILE E 220 -36.86 -5.10 -8.31
N VAL E 221 -37.63 -4.00 -8.19
CA VAL E 221 -38.97 -4.00 -7.61
C VAL E 221 -40.00 -4.85 -8.34
N SER E 222 -39.95 -4.88 -9.67
CA SER E 222 -40.93 -5.56 -10.51
C SER E 222 -40.29 -6.57 -11.43
N THR E 223 -39.03 -6.91 -11.19
CA THR E 223 -38.26 -7.79 -12.04
C THR E 223 -37.96 -9.09 -11.32
N ARG E 224 -37.25 -10.02 -11.98
CA ARG E 224 -36.87 -11.28 -11.39
C ARG E 224 -35.38 -11.26 -11.17
N CYS E 225 -34.92 -11.47 -9.93
CA CYS E 225 -33.51 -11.61 -9.65
C CYS E 225 -33.12 -13.08 -9.74
N LYS E 226 -32.16 -13.39 -10.61
CA LYS E 226 -31.78 -14.76 -10.90
C LYS E 226 -30.35 -15.02 -10.48
N TRP E 227 -30.07 -16.27 -10.05
CA TRP E 227 -28.74 -16.75 -9.75
C TRP E 227 -28.43 -17.87 -10.73
N PRO E 228 -27.25 -18.02 -11.33
CA PRO E 228 -26.95 -19.14 -12.20
C PRO E 228 -27.07 -20.50 -11.52
N ASP E 229 -27.82 -21.45 -12.10
CA ASP E 229 -27.91 -22.80 -11.59
C ASP E 229 -26.66 -23.59 -11.96
N PHE E 230 -25.58 -23.43 -11.17
CA PHE E 230 -24.35 -24.18 -11.36
C PHE E 230 -24.54 -25.67 -11.18
N LEU E 231 -25.36 -26.10 -10.21
CA LEU E 231 -25.62 -27.50 -9.93
C LEU E 231 -26.26 -28.22 -11.12
N LYS E 232 -27.27 -27.61 -11.77
CA LYS E 232 -27.84 -28.17 -12.98
C LYS E 232 -27.01 -27.97 -14.23
N MET E 233 -26.29 -26.85 -14.38
CA MET E 233 -25.42 -26.64 -15.53
C MET E 233 -24.25 -27.61 -15.61
N THR E 234 -23.58 -27.94 -14.49
CA THR E 234 -22.48 -28.89 -14.51
C THR E 234 -22.94 -30.33 -14.58
N ASN E 235 -24.19 -30.62 -14.16
CA ASN E 235 -24.73 -31.95 -14.20
C ASN E 235 -25.50 -32.21 -15.51
N GLU E 236 -25.45 -31.27 -16.47
CA GLU E 236 -25.93 -31.53 -17.82
C GLU E 236 -25.08 -32.57 -18.56
N ALA E 237 -25.72 -33.49 -19.30
CA ALA E 237 -25.04 -34.62 -19.91
C ALA E 237 -23.96 -34.28 -20.92
N TYR E 238 -24.18 -33.28 -21.79
CA TYR E 238 -23.21 -32.91 -22.81
C TYR E 238 -22.26 -31.84 -22.29
N GLY E 239 -22.75 -30.93 -21.42
CA GLY E 239 -21.93 -29.91 -20.78
C GLY E 239 -21.80 -28.67 -21.60
N ASP E 240 -22.85 -28.30 -22.35
CA ASP E 240 -22.80 -27.27 -23.36
C ASP E 240 -23.12 -25.87 -22.81
N LYS E 241 -23.95 -25.77 -21.75
CA LYS E 241 -24.31 -24.51 -21.12
C LYS E 241 -23.16 -23.75 -20.50
N MET E 242 -22.23 -24.46 -19.87
CA MET E 242 -21.04 -23.87 -19.30
C MET E 242 -19.92 -24.86 -19.46
N PHE E 243 -18.80 -24.44 -20.08
CA PHE E 243 -17.60 -25.24 -20.08
C PHE E 243 -16.43 -24.54 -19.38
N PHE E 244 -16.61 -23.28 -18.96
CA PHE E 244 -15.69 -22.59 -18.08
C PHE E 244 -16.48 -21.55 -17.29
N PHE E 245 -16.08 -21.26 -16.04
CA PHE E 245 -16.72 -20.23 -15.24
C PHE E 245 -15.78 -19.64 -14.21
N GLY E 246 -16.07 -18.40 -13.79
CA GLY E 246 -15.48 -17.77 -12.63
C GLY E 246 -16.57 -17.08 -11.86
N ARG E 247 -16.44 -16.99 -10.53
CA ARG E 247 -17.37 -16.26 -9.70
C ARG E 247 -16.63 -15.69 -8.52
N ARG E 248 -17.03 -14.49 -8.08
CA ARG E 248 -16.70 -13.93 -6.78
C ARG E 248 -17.92 -13.18 -6.33
N GLU E 249 -18.32 -13.35 -5.07
CA GLU E 249 -19.46 -12.64 -4.53
C GLU E 249 -19.19 -12.38 -3.06
N GLN E 250 -19.45 -11.16 -2.57
CA GLN E 250 -19.17 -10.78 -1.20
C GLN E 250 -20.22 -9.81 -0.71
N VAL E 251 -20.61 -9.96 0.56
CA VAL E 251 -21.70 -9.20 1.13
C VAL E 251 -21.55 -9.18 2.64
N TYR E 252 -22.06 -8.13 3.30
CA TYR E 252 -22.31 -8.14 4.73
C TYR E 252 -23.61 -7.42 4.98
N ALA E 253 -24.16 -7.53 6.20
CA ALA E 253 -25.38 -6.84 6.57
C ALA E 253 -25.07 -5.47 7.16
N ARG E 254 -25.52 -4.39 6.49
CA ARG E 254 -25.18 -3.03 6.88
C ARG E 254 -26.12 -2.43 7.91
N HIS E 255 -27.42 -2.74 7.82
CA HIS E 255 -28.44 -2.20 8.70
C HIS E 255 -29.52 -3.23 8.85
N PHE E 256 -30.19 -3.25 10.01
CA PHE E 256 -31.17 -4.26 10.35
C PHE E 256 -32.51 -3.62 10.61
N PHE E 257 -33.48 -3.91 9.72
CA PHE E 257 -34.70 -3.13 9.65
C PHE E 257 -35.93 -4.00 9.73
N THR E 258 -37.09 -3.37 9.92
CA THR E 258 -38.38 -4.02 10.10
C THR E 258 -39.30 -3.76 8.94
N ARG E 259 -40.39 -4.52 8.82
CA ARG E 259 -41.42 -4.33 7.81
C ARG E 259 -42.71 -3.85 8.44
N ASN E 260 -43.48 -3.02 7.72
CA ASN E 260 -44.82 -2.63 8.14
C ASN E 260 -45.85 -3.44 7.38
N GLY E 261 -47.05 -3.58 7.96
CA GLY E 261 -48.14 -4.35 7.36
C GLY E 261 -48.75 -5.27 8.37
N SER E 262 -49.93 -5.81 8.05
CA SER E 262 -50.56 -6.81 8.90
C SER E 262 -49.74 -8.09 8.99
N VAL E 263 -49.53 -8.63 10.20
CA VAL E 263 -48.78 -9.86 10.40
C VAL E 263 -49.50 -11.07 9.82
N GLY E 264 -48.84 -11.78 8.87
CA GLY E 264 -49.45 -12.94 8.21
C GLY E 264 -49.48 -14.16 9.08
N GLU E 265 -48.37 -14.40 9.78
CA GLU E 265 -48.21 -15.52 10.69
C GLU E 265 -47.86 -14.92 12.04
N PRO E 266 -48.67 -15.05 13.10
CA PRO E 266 -48.34 -14.48 14.39
C PRO E 266 -47.34 -15.37 15.09
N ILE E 267 -46.51 -14.78 15.98
CA ILE E 267 -45.59 -15.54 16.82
C ILE E 267 -46.36 -16.49 17.74
N PRO E 268 -46.05 -17.80 17.84
CA PRO E 268 -46.64 -18.69 18.82
C PRO E 268 -46.55 -18.20 20.26
N ASN E 269 -47.62 -18.36 21.05
CA ASN E 269 -47.67 -17.84 22.41
C ASN E 269 -46.71 -18.54 23.38
N SER E 270 -46.14 -19.70 22.98
CA SER E 270 -45.19 -20.44 23.78
C SER E 270 -43.75 -20.05 23.49
N VAL E 271 -42.97 -19.80 24.55
CA VAL E 271 -41.59 -19.40 24.47
C VAL E 271 -40.69 -20.60 24.66
N SER E 272 -40.12 -21.13 23.57
CA SER E 272 -39.22 -22.28 23.64
C SER E 272 -37.88 -22.06 24.34
N PRO E 273 -37.34 -20.86 24.58
CA PRO E 273 -36.21 -20.72 25.49
C PRO E 273 -36.50 -21.01 26.94
N SER E 274 -37.74 -20.79 27.42
CA SER E 274 -38.04 -20.91 28.84
C SER E 274 -39.06 -21.96 29.15
N ASP E 275 -39.70 -22.52 28.12
CA ASP E 275 -40.79 -23.49 28.18
C ASP E 275 -42.04 -22.95 28.85
N PHE E 276 -42.38 -21.68 28.59
CA PHE E 276 -43.52 -21.03 29.21
C PHE E 276 -44.26 -20.13 28.25
N TYR E 277 -45.48 -19.72 28.59
CA TYR E 277 -46.18 -18.66 27.90
C TYR E 277 -45.63 -17.30 28.31
N TYR E 278 -45.73 -16.29 27.43
CA TYR E 278 -45.24 -14.97 27.71
C TYR E 278 -46.15 -13.94 27.08
N ALA E 279 -46.40 -12.82 27.78
CA ALA E 279 -47.13 -11.70 27.26
C ALA E 279 -46.66 -10.44 27.98
N PRO E 280 -46.69 -9.24 27.39
CA PRO E 280 -46.26 -8.06 28.14
C PRO E 280 -47.44 -7.33 28.75
N ASP E 281 -48.36 -8.05 29.39
CA ASP E 281 -49.59 -7.54 29.97
C ASP E 281 -49.39 -6.49 31.06
N SER E 282 -48.29 -6.60 31.83
CA SER E 282 -47.96 -5.66 32.89
C SER E 282 -47.41 -4.35 32.39
N THR E 283 -47.10 -4.24 31.08
CA THR E 283 -46.51 -3.04 30.49
C THR E 283 -47.46 -2.49 29.47
N GLN E 284 -47.93 -1.25 29.65
CA GLN E 284 -48.91 -0.61 28.80
C GLN E 284 -48.49 -0.49 27.34
N ASP E 285 -47.20 -0.24 27.08
CA ASP E 285 -46.62 -0.12 25.77
C ASP E 285 -46.39 -1.42 25.00
N GLN E 286 -45.85 -2.47 25.67
CA GLN E 286 -45.33 -3.65 24.99
C GLN E 286 -46.39 -4.71 24.79
N LYS E 287 -47.62 -4.50 25.27
CA LYS E 287 -48.75 -5.41 25.11
C LYS E 287 -49.05 -5.80 23.66
N THR E 288 -48.69 -4.93 22.70
CA THR E 288 -48.83 -5.18 21.29
C THR E 288 -47.47 -5.54 20.75
N LEU E 289 -47.32 -6.72 20.15
CA LEU E 289 -46.10 -7.11 19.48
C LEU E 289 -45.70 -6.22 18.32
N ALA E 290 -44.40 -5.92 18.22
CA ALA E 290 -43.77 -5.26 17.10
C ALA E 290 -43.54 -6.24 15.96
N PRO E 291 -43.30 -5.84 14.71
CA PRO E 291 -43.21 -6.80 13.63
C PRO E 291 -41.94 -7.59 13.72
N SER E 292 -42.09 -8.92 13.52
CA SER E 292 -41.02 -9.89 13.58
C SER E 292 -40.53 -10.22 12.18
N VAL E 293 -41.01 -9.43 11.20
CA VAL E 293 -40.55 -9.53 9.84
C VAL E 293 -39.41 -8.57 9.69
N TYR E 294 -38.20 -9.12 9.77
CA TYR E 294 -36.96 -8.38 9.68
C TYR E 294 -36.40 -8.49 8.28
N PHE E 295 -35.63 -7.49 7.87
CA PHE E 295 -34.87 -7.56 6.64
C PHE E 295 -33.56 -6.84 6.84
N GLY E 296 -32.47 -7.36 6.25
CA GLY E 296 -31.20 -6.66 6.29
C GLY E 296 -31.02 -5.80 5.09
N THR E 297 -30.36 -4.65 5.27
CA THR E 297 -29.85 -3.87 4.15
C THR E 297 -28.51 -4.45 3.75
N PRO E 298 -28.31 -5.02 2.56
CA PRO E 298 -27.01 -5.54 2.16
C PRO E 298 -26.00 -4.44 1.97
N SER E 299 -24.72 -4.83 1.94
CA SER E 299 -23.66 -3.98 1.47
C SER E 299 -22.61 -4.87 0.85
N GLY E 300 -22.29 -4.65 -0.43
CA GLY E 300 -21.11 -5.22 -1.04
C GLY E 300 -19.91 -4.40 -0.70
N SER E 301 -19.06 -4.89 0.21
CA SER E 301 -17.88 -4.19 0.72
C SER E 301 -16.90 -3.73 -0.35
N LEU E 302 -15.84 -3.02 0.06
CA LEU E 302 -14.77 -2.45 -0.75
C LEU E 302 -14.44 -3.17 -2.04
N VAL E 303 -14.57 -2.46 -3.18
CA VAL E 303 -14.11 -2.95 -4.45
C VAL E 303 -12.63 -2.65 -4.61
N SER E 304 -11.83 -3.65 -5.00
CA SER E 304 -10.40 -3.45 -5.15
C SER E 304 -9.97 -3.98 -6.49
N SER E 305 -8.85 -3.48 -6.99
CA SER E 305 -8.29 -3.86 -8.26
C SER E 305 -7.71 -5.27 -8.23
N ASP E 306 -7.19 -5.69 -7.06
CA ASP E 306 -6.61 -6.98 -6.79
C ASP E 306 -7.57 -8.15 -7.03
N GLY E 307 -8.86 -7.94 -6.69
CA GLY E 307 -9.88 -8.99 -6.77
C GLY E 307 -10.42 -9.23 -8.14
N GLN E 308 -10.02 -8.47 -9.16
CA GLN E 308 -10.56 -8.52 -10.50
C GLN E 308 -10.42 -9.80 -11.32
N LEU E 309 -11.51 -10.18 -12.03
CA LEU E 309 -11.58 -11.36 -12.88
C LEU E 309 -11.76 -10.97 -14.32
N PHE E 310 -11.59 -9.68 -14.64
CA PHE E 310 -11.77 -9.17 -15.98
C PHE E 310 -10.49 -8.46 -16.35
N ASN E 311 -10.27 -8.25 -17.67
CA ASN E 311 -9.02 -7.76 -18.24
C ASN E 311 -7.88 -8.73 -18.02
N ARG E 312 -8.20 -10.04 -18.04
CA ARG E 312 -7.25 -11.11 -17.87
C ARG E 312 -7.53 -12.14 -18.94
N PRO E 313 -6.54 -12.73 -19.60
CA PRO E 313 -6.78 -13.85 -20.49
C PRO E 313 -7.10 -15.10 -19.70
N PHE E 314 -8.09 -15.86 -20.17
CA PHE E 314 -8.39 -17.17 -19.62
C PHE E 314 -8.25 -18.17 -20.74
N TRP E 315 -7.27 -19.08 -20.61
CA TRP E 315 -7.03 -20.09 -21.61
C TRP E 315 -7.71 -21.38 -21.23
N LEU E 316 -8.82 -21.69 -21.92
CA LEU E 316 -9.53 -22.94 -21.81
C LEU E 316 -8.71 -24.11 -22.36
N GLN E 317 -8.35 -25.05 -21.47
CA GLN E 317 -7.50 -26.17 -21.82
C GLN E 317 -8.18 -27.48 -21.55
N ARG E 318 -8.85 -27.59 -20.39
CA ARG E 318 -9.74 -28.68 -20.08
C ARG E 318 -11.03 -28.08 -19.55
N ALA E 319 -12.12 -28.28 -20.30
CA ALA E 319 -13.47 -27.98 -19.86
C ALA E 319 -13.93 -28.81 -18.67
N GLN E 320 -14.94 -28.29 -17.94
CA GLN E 320 -15.58 -29.02 -16.86
C GLN E 320 -16.30 -30.30 -17.28
N GLY E 321 -16.97 -30.28 -18.45
CA GLY E 321 -17.79 -31.38 -18.92
C GLY E 321 -17.24 -32.02 -20.16
N ASN E 322 -18.10 -32.73 -20.91
CA ASN E 322 -17.70 -33.47 -22.09
C ASN E 322 -17.41 -32.57 -23.28
N ASN E 323 -18.15 -31.47 -23.47
CA ASN E 323 -17.85 -30.49 -24.49
C ASN E 323 -16.63 -29.64 -24.13
N ASN E 324 -15.46 -30.04 -24.68
CA ASN E 324 -14.19 -29.39 -24.49
C ASN E 324 -14.04 -28.18 -25.41
N GLY E 325 -14.92 -27.18 -25.25
CA GLY E 325 -14.85 -25.90 -25.91
C GLY E 325 -15.32 -25.85 -27.33
N VAL E 326 -15.95 -26.91 -27.85
CA VAL E 326 -16.42 -26.95 -29.22
C VAL E 326 -17.66 -26.10 -29.41
N CYS E 327 -17.56 -25.12 -30.32
CA CYS E 327 -18.61 -24.15 -30.57
C CYS E 327 -19.63 -24.69 -31.54
N TRP E 328 -20.43 -25.67 -31.09
CA TRP E 328 -21.50 -26.26 -31.88
C TRP E 328 -22.48 -25.23 -32.41
N HIS E 329 -22.75 -25.25 -33.74
CA HIS E 329 -23.69 -24.37 -34.45
C HIS E 329 -23.09 -23.01 -34.81
N ASN E 330 -21.77 -22.82 -34.60
CA ASN E 330 -21.03 -21.60 -34.90
C ASN E 330 -21.44 -20.42 -34.01
N GLU E 331 -21.60 -20.70 -32.72
CA GLU E 331 -22.30 -19.86 -31.76
C GLU E 331 -21.54 -19.94 -30.45
N LEU E 332 -21.55 -18.85 -29.66
CA LEU E 332 -20.95 -18.84 -28.33
C LEU E 332 -21.77 -17.93 -27.45
N PHE E 333 -21.92 -18.30 -26.16
CA PHE E 333 -22.61 -17.51 -25.19
C PHE E 333 -21.60 -17.11 -24.12
N VAL E 334 -21.51 -15.80 -23.84
CA VAL E 334 -20.65 -15.24 -22.83
C VAL E 334 -21.54 -14.50 -21.86
N THR E 335 -21.53 -14.88 -20.57
CA THR E 335 -22.42 -14.31 -19.57
C THR E 335 -21.61 -13.58 -18.56
N VAL E 336 -21.75 -12.26 -18.46
CA VAL E 336 -20.95 -11.42 -17.57
C VAL E 336 -21.86 -10.71 -16.57
N VAL E 337 -21.45 -10.68 -15.29
CA VAL E 337 -22.00 -9.77 -14.27
C VAL E 337 -20.79 -9.07 -13.66
N ASP E 338 -20.83 -7.73 -13.49
CA ASP E 338 -19.71 -6.99 -12.93
C ASP E 338 -20.22 -5.84 -12.07
N ASN E 339 -20.39 -6.09 -10.76
CA ASN E 339 -20.93 -5.08 -9.86
C ASN E 339 -19.82 -4.22 -9.26
N THR E 340 -18.59 -4.23 -9.82
CA THR E 340 -17.46 -3.43 -9.31
C THR E 340 -17.26 -2.17 -10.12
N ARG E 341 -18.11 -1.93 -11.15
CA ARG E 341 -18.08 -0.77 -12.00
C ARG E 341 -19.47 -0.21 -12.18
N ASN E 342 -20.27 -0.24 -11.10
CA ASN E 342 -21.68 0.11 -11.16
C ASN E 342 -21.93 1.56 -10.76
N THR E 343 -20.92 2.44 -10.90
CA THR E 343 -21.02 3.88 -10.68
C THR E 343 -22.03 4.56 -11.57
N ASN E 344 -23.13 5.07 -10.98
CA ASN E 344 -24.11 5.85 -11.69
C ASN E 344 -23.68 7.31 -11.70
N PHE E 345 -23.51 7.90 -12.89
CA PHE E 345 -23.15 9.30 -13.02
C PHE E 345 -24.39 10.18 -12.95
N THR E 346 -24.38 11.12 -12.00
CA THR E 346 -25.48 12.05 -11.79
C THR E 346 -25.25 13.28 -12.64
N ILE E 347 -26.14 13.50 -13.61
CA ILE E 347 -26.09 14.67 -14.47
C ILE E 347 -27.11 15.67 -13.98
N SER E 348 -26.95 16.93 -14.41
CA SER E 348 -27.88 17.99 -14.05
C SER E 348 -27.98 18.85 -15.27
N GLN E 349 -29.19 19.38 -15.56
CA GLN E 349 -29.41 20.32 -16.62
C GLN E 349 -30.23 21.46 -16.09
N GLN E 350 -29.73 22.67 -16.29
CA GLN E 350 -30.46 23.86 -16.01
C GLN E 350 -31.64 24.18 -16.90
N THR E 351 -32.73 24.70 -16.30
CA THR E 351 -33.89 25.23 -17.03
C THR E 351 -33.63 26.63 -17.55
N ASN E 352 -33.22 27.59 -16.69
CA ASN E 352 -32.92 28.93 -17.17
C ASN E 352 -31.51 29.40 -16.80
N THR E 353 -30.70 28.60 -16.09
CA THR E 353 -29.30 28.95 -15.77
C THR E 353 -28.44 29.21 -17.03
N PRO E 354 -27.64 30.27 -17.17
CA PRO E 354 -27.13 31.05 -16.04
C PRO E 354 -27.73 32.41 -16.02
N ASN E 355 -29.02 32.54 -16.42
CA ASN E 355 -29.77 33.76 -16.25
C ASN E 355 -30.22 34.02 -14.81
N PRO E 356 -30.67 33.11 -13.93
CA PRO E 356 -30.71 33.36 -12.50
C PRO E 356 -29.31 33.28 -11.94
N ASP E 357 -28.95 34.22 -11.06
CA ASP E 357 -27.63 34.32 -10.50
C ASP E 357 -27.55 33.72 -9.11
N THR E 358 -28.70 33.28 -8.56
CA THR E 358 -28.80 32.59 -7.29
C THR E 358 -29.31 31.18 -7.50
N TYR E 359 -28.83 30.24 -6.66
CA TYR E 359 -29.30 28.88 -6.68
C TYR E 359 -30.75 28.73 -6.24
N ASP E 360 -31.56 28.01 -7.03
CA ASP E 360 -32.89 27.60 -6.67
C ASP E 360 -33.02 26.17 -7.10
N SER E 361 -33.68 25.35 -6.28
CA SER E 361 -33.95 23.95 -6.53
C SER E 361 -34.81 23.68 -7.74
N THR E 362 -35.74 24.58 -8.09
CA THR E 362 -36.64 24.34 -9.22
C THR E 362 -36.04 24.69 -10.56
N ASN E 363 -34.88 25.38 -10.54
CA ASN E 363 -34.15 25.83 -11.71
C ASN E 363 -33.28 24.73 -12.32
N PHE E 364 -33.02 23.64 -11.59
CA PHE E 364 -32.15 22.58 -12.04
C PHE E 364 -32.90 21.26 -12.07
N LYS E 365 -32.72 20.49 -13.16
CA LYS E 365 -33.30 19.18 -13.30
C LYS E 365 -32.23 18.12 -13.18
N ASN E 366 -32.41 17.19 -12.22
CA ASN E 366 -31.46 16.13 -11.94
C ASN E 366 -31.81 14.87 -12.71
N TYR E 367 -30.81 14.18 -13.28
CA TYR E 367 -31.05 12.91 -13.96
C TYR E 367 -29.95 11.94 -13.58
N LEU E 368 -30.19 10.64 -13.77
CA LEU E 368 -29.19 9.61 -13.56
C LEU E 368 -28.89 8.91 -14.86
N ARG E 369 -27.59 8.58 -15.05
CA ARG E 369 -27.13 7.82 -16.20
C ARG E 369 -26.09 6.82 -15.74
N HIS E 370 -25.96 5.71 -16.46
CA HIS E 370 -24.95 4.71 -16.23
C HIS E 370 -24.41 4.32 -17.59
N VAL E 371 -23.09 4.12 -17.71
CA VAL E 371 -22.45 3.72 -18.95
C VAL E 371 -21.55 2.54 -18.72
N GLU E 372 -21.73 1.49 -19.53
CA GLU E 372 -20.87 0.34 -19.50
C GLU E 372 -19.95 0.31 -20.69
N GLN E 373 -18.77 -0.31 -20.53
CA GLN E 373 -17.83 -0.51 -21.61
C GLN E 373 -17.26 -1.91 -21.54
N PHE E 374 -17.44 -2.69 -22.63
CA PHE E 374 -16.92 -4.04 -22.75
C PHE E 374 -16.09 -4.16 -24.01
N GLU E 375 -15.12 -5.09 -24.00
CA GLU E 375 -14.34 -5.44 -25.17
C GLU E 375 -14.12 -6.94 -25.08
N LEU E 376 -14.52 -7.73 -26.08
CA LEU E 376 -14.48 -9.18 -25.97
C LEU E 376 -13.53 -9.69 -27.01
N SER E 377 -12.52 -10.45 -26.58
CA SER E 377 -11.45 -10.92 -27.44
C SER E 377 -11.34 -12.40 -27.30
N LEU E 378 -11.23 -13.15 -28.41
CA LEU E 378 -11.20 -14.60 -28.38
C LEU E 378 -10.09 -15.13 -29.25
N ILE E 379 -9.65 -16.36 -28.94
CA ILE E 379 -8.76 -17.15 -29.77
C ILE E 379 -9.51 -18.43 -30.07
N ALA E 380 -9.81 -18.68 -31.34
CA ALA E 380 -10.51 -19.85 -31.79
C ALA E 380 -9.55 -20.76 -32.53
N GLN E 381 -9.75 -22.07 -32.41
CA GLN E 381 -8.95 -23.09 -33.04
C GLN E 381 -9.82 -23.84 -34.02
N LEU E 382 -9.32 -24.06 -35.26
CA LEU E 382 -10.05 -24.88 -36.22
C LEU E 382 -10.00 -26.35 -35.86
N CYS E 383 -11.11 -27.06 -36.02
CA CYS E 383 -11.20 -28.45 -35.69
C CYS E 383 -11.99 -29.15 -36.76
N LYS E 384 -11.67 -30.43 -37.02
CA LYS E 384 -12.29 -31.22 -38.04
C LYS E 384 -12.94 -32.44 -37.43
N VAL E 385 -14.05 -32.89 -38.02
CA VAL E 385 -14.79 -34.04 -37.52
C VAL E 385 -14.89 -35.05 -38.64
N PRO E 386 -14.45 -36.30 -38.50
CA PRO E 386 -14.62 -37.27 -39.57
C PRO E 386 -15.95 -37.95 -39.35
N LEU E 387 -16.92 -37.64 -40.23
CA LEU E 387 -18.30 -38.08 -40.08
C LEU E 387 -18.54 -39.49 -40.55
N ASP E 388 -17.96 -40.46 -39.83
CA ASP E 388 -18.25 -41.86 -39.96
C ASP E 388 -19.65 -42.20 -39.41
N PRO E 389 -20.28 -43.35 -39.73
CA PRO E 389 -21.62 -43.72 -39.29
C PRO E 389 -21.88 -43.58 -37.80
N GLY E 390 -20.93 -44.00 -36.96
CA GLY E 390 -21.07 -43.92 -35.51
C GLY E 390 -20.96 -42.53 -34.96
N VAL E 391 -20.04 -41.70 -35.50
CA VAL E 391 -19.91 -40.30 -35.15
C VAL E 391 -21.15 -39.53 -35.56
N LEU E 392 -21.68 -39.79 -36.76
CA LEU E 392 -22.92 -39.20 -37.25
C LEU E 392 -24.11 -39.57 -36.38
N ALA E 393 -24.27 -40.84 -36.00
CA ALA E 393 -25.34 -41.25 -35.12
C ALA E 393 -25.26 -40.62 -33.74
N HIS E 394 -24.06 -40.54 -33.15
CA HIS E 394 -23.81 -39.84 -31.90
C HIS E 394 -24.09 -38.33 -31.96
N ILE E 395 -23.71 -37.65 -33.04
CA ILE E 395 -24.04 -36.24 -33.23
C ILE E 395 -25.54 -36.03 -33.44
N ASN E 396 -26.21 -36.95 -34.15
CA ASN E 396 -27.66 -36.93 -34.33
C ASN E 396 -28.44 -37.10 -33.03
N THR E 397 -28.00 -38.01 -32.14
CA THR E 397 -28.59 -38.14 -30.80
C THR E 397 -28.32 -36.94 -29.90
N MET E 398 -27.10 -36.35 -29.97
CA MET E 398 -26.77 -35.13 -29.25
C MET E 398 -27.57 -33.90 -29.67
N ASN E 399 -27.69 -33.63 -30.98
CA ASN E 399 -28.35 -32.44 -31.47
C ASN E 399 -28.45 -32.52 -32.99
N PRO E 400 -29.62 -32.78 -33.59
CA PRO E 400 -29.72 -33.03 -35.02
C PRO E 400 -29.52 -31.77 -35.84
N THR E 401 -29.71 -30.55 -35.28
CA THR E 401 -29.55 -29.32 -36.05
C THR E 401 -28.10 -29.07 -36.46
N ILE E 402 -27.12 -29.67 -35.76
CA ILE E 402 -25.73 -29.71 -36.16
C ILE E 402 -25.56 -30.43 -37.50
N LEU E 403 -26.24 -31.59 -37.67
CA LEU E 403 -26.20 -32.37 -38.89
C LEU E 403 -27.13 -31.86 -39.97
N GLU E 404 -28.08 -30.96 -39.64
CA GLU E 404 -28.87 -30.29 -40.65
C GLU E 404 -28.16 -29.10 -41.26
N ASN E 405 -27.55 -28.21 -40.44
CA ASN E 405 -26.84 -27.02 -40.91
C ASN E 405 -25.63 -27.36 -41.77
N TRP E 406 -24.92 -28.43 -41.42
CA TRP E 406 -24.01 -29.06 -42.34
C TRP E 406 -24.80 -29.88 -43.34
N ASN E 407 -25.12 -29.35 -44.53
CA ASN E 407 -26.07 -29.95 -45.46
C ASN E 407 -25.81 -31.43 -45.76
N LEU E 408 -26.66 -32.30 -45.19
CA LEU E 408 -26.50 -33.74 -45.23
C LEU E 408 -27.79 -34.42 -45.61
N GLY E 409 -28.89 -34.14 -44.88
CA GLY E 409 -30.13 -34.90 -45.00
C GLY E 409 -30.18 -36.05 -44.03
N PHE E 410 -31.23 -36.09 -43.18
CA PHE E 410 -31.40 -37.12 -42.18
C PHE E 410 -32.32 -38.22 -42.70
N VAL E 411 -31.92 -39.49 -42.49
CA VAL E 411 -32.76 -40.66 -42.75
C VAL E 411 -33.92 -40.73 -41.76
N PRO E 412 -35.19 -40.53 -42.12
CA PRO E 412 -36.29 -40.53 -41.16
C PRO E 412 -36.65 -41.94 -40.72
N PRO E 413 -37.32 -42.15 -39.58
CA PRO E 413 -37.80 -43.46 -39.14
C PRO E 413 -38.62 -44.24 -40.18
N PRO E 414 -38.65 -45.58 -40.21
CA PRO E 414 -39.29 -46.34 -41.29
C PRO E 414 -40.76 -46.09 -41.57
N GLN E 415 -41.60 -45.87 -40.53
CA GLN E 415 -42.99 -45.40 -40.56
C GLN E 415 -44.00 -46.43 -40.04
N GLN E 416 -43.69 -47.74 -40.06
CA GLN E 416 -44.71 -48.74 -39.76
C GLN E 416 -45.17 -48.86 -38.31
N SER E 417 -46.34 -48.28 -38.00
CA SER E 417 -47.00 -48.48 -36.71
C SER E 417 -48.50 -48.67 -36.83
N ILE E 418 -49.09 -48.55 -38.05
CA ILE E 418 -50.52 -48.71 -38.30
C ILE E 418 -51.39 -47.70 -37.52
N SER E 419 -51.25 -46.40 -37.83
CA SER E 419 -51.94 -45.33 -37.13
C SER E 419 -53.19 -44.83 -37.83
N ASP E 420 -53.66 -45.54 -38.86
CA ASP E 420 -54.99 -45.40 -39.46
C ASP E 420 -55.31 -44.05 -40.12
N ASP E 421 -54.49 -43.67 -41.12
CA ASP E 421 -54.68 -42.48 -41.92
C ASP E 421 -55.92 -42.52 -42.84
N TYR E 422 -56.53 -41.34 -43.04
CA TYR E 422 -57.70 -41.17 -43.86
C TYR E 422 -57.35 -40.35 -45.10
N ARG E 423 -58.35 -39.96 -45.90
CA ARG E 423 -58.12 -39.26 -47.15
C ARG E 423 -58.78 -37.89 -47.15
N TYR E 424 -59.92 -37.77 -46.45
CA TYR E 424 -60.68 -36.54 -46.39
C TYR E 424 -60.60 -35.97 -44.99
N ILE E 425 -59.56 -35.15 -44.71
CA ILE E 425 -59.36 -34.47 -43.43
C ILE E 425 -60.33 -33.30 -43.25
N THR E 426 -61.27 -33.17 -44.19
CA THR E 426 -62.26 -32.11 -44.25
C THR E 426 -63.63 -32.65 -44.56
N SER E 427 -63.89 -33.95 -44.34
CA SER E 427 -65.25 -34.48 -44.42
C SER E 427 -65.89 -34.53 -43.05
N SER E 428 -67.23 -34.69 -43.00
CA SER E 428 -67.98 -34.67 -41.75
C SER E 428 -68.50 -36.04 -41.36
N ALA E 429 -67.92 -37.12 -41.93
CA ALA E 429 -68.22 -38.47 -41.49
C ALA E 429 -67.11 -39.02 -40.61
N THR E 430 -65.99 -38.29 -40.50
CA THR E 430 -64.83 -38.68 -39.75
C THR E 430 -64.85 -38.07 -38.35
N ARG E 431 -64.42 -38.82 -37.32
CA ARG E 431 -64.39 -38.33 -35.95
C ARG E 431 -63.20 -37.43 -35.68
N CYS E 432 -63.23 -36.18 -36.20
CA CYS E 432 -62.21 -35.15 -36.06
C CYS E 432 -60.74 -35.56 -36.27
N PRO E 433 -60.32 -36.24 -37.35
CA PRO E 433 -58.94 -36.69 -37.48
C PRO E 433 -58.15 -35.61 -38.19
N ASP E 434 -57.91 -34.53 -37.46
CA ASP E 434 -57.00 -33.49 -37.80
C ASP E 434 -55.93 -33.54 -36.71
N GLN E 435 -55.86 -32.49 -35.87
CA GLN E 435 -54.81 -32.28 -34.89
C GLN E 435 -53.43 -32.27 -35.54
N ASN E 436 -53.33 -31.64 -36.73
CA ASN E 436 -52.10 -31.52 -37.50
C ASN E 436 -50.96 -30.92 -36.68
N PRO E 437 -49.84 -31.61 -36.41
CA PRO E 437 -48.86 -31.10 -35.48
C PRO E 437 -47.84 -30.11 -36.02
N PRO E 438 -47.51 -29.88 -37.32
CA PRO E 438 -46.20 -29.38 -37.69
C PRO E 438 -45.81 -28.07 -37.04
N LYS E 439 -44.70 -28.13 -36.28
CA LYS E 439 -44.21 -27.03 -35.50
C LYS E 439 -42.82 -27.43 -35.03
N GLU E 440 -41.85 -27.40 -35.95
CA GLU E 440 -40.52 -27.97 -35.77
C GLU E 440 -39.62 -27.06 -34.94
N ARG E 441 -40.19 -25.95 -34.43
CA ARG E 441 -39.56 -24.99 -33.54
C ARG E 441 -38.42 -24.25 -34.22
N GLU E 442 -38.74 -23.61 -35.38
CA GLU E 442 -37.88 -22.91 -36.32
C GLU E 442 -36.57 -22.31 -35.81
N ASP E 443 -36.64 -21.56 -34.69
CA ASP E 443 -35.46 -21.22 -33.92
C ASP E 443 -35.92 -21.29 -32.46
N PRO E 444 -35.29 -22.06 -31.56
CA PRO E 444 -35.68 -22.11 -30.17
C PRO E 444 -35.20 -20.89 -29.41
N TYR E 445 -34.15 -20.19 -29.86
CA TYR E 445 -33.51 -19.15 -29.06
C TYR E 445 -33.98 -17.77 -29.49
N LYS E 446 -35.11 -17.69 -30.21
CA LYS E 446 -35.58 -16.46 -30.81
C LYS E 446 -36.60 -15.74 -29.97
N GLY E 447 -37.10 -16.38 -28.89
CA GLY E 447 -37.97 -15.72 -27.93
C GLY E 447 -37.22 -14.97 -26.87
N LEU E 448 -35.89 -15.11 -26.87
CA LEU E 448 -35.01 -14.59 -25.84
C LEU E 448 -34.26 -13.37 -26.34
N ILE E 449 -33.85 -12.50 -25.41
CA ILE E 449 -33.09 -11.29 -25.72
C ILE E 449 -31.64 -11.46 -25.28
N PHE E 450 -30.70 -11.15 -26.20
CA PHE E 450 -29.28 -11.21 -25.91
C PHE E 450 -28.60 -9.98 -26.45
N TRP E 451 -27.39 -9.65 -25.95
CA TRP E 451 -26.55 -8.62 -26.56
C TRP E 451 -25.80 -9.26 -27.72
N GLU E 452 -26.47 -9.34 -28.87
CA GLU E 452 -25.98 -10.01 -30.06
C GLU E 452 -24.71 -9.34 -30.57
N VAL E 453 -23.65 -10.14 -30.75
CA VAL E 453 -22.37 -9.65 -31.21
C VAL E 453 -22.03 -10.44 -32.45
N ASP E 454 -21.94 -9.76 -33.60
CA ASP E 454 -21.53 -10.38 -34.82
C ASP E 454 -20.02 -10.34 -34.95
N LEU E 455 -19.38 -11.52 -35.05
CA LEU E 455 -17.95 -11.66 -35.23
C LEU E 455 -17.65 -12.38 -36.53
N THR E 456 -18.62 -12.47 -37.46
CA THR E 456 -18.43 -13.15 -38.74
C THR E 456 -17.31 -12.55 -39.57
N GLU E 457 -17.19 -11.22 -39.56
CA GLU E 457 -16.19 -10.48 -40.31
C GLU E 457 -15.05 -9.97 -39.45
N ARG E 458 -14.86 -10.53 -38.24
CA ARG E 458 -13.83 -10.05 -37.32
C ARG E 458 -12.72 -11.06 -37.10
N PHE E 459 -12.68 -12.15 -37.89
CA PHE E 459 -11.68 -13.18 -37.74
C PHE E 459 -10.39 -12.83 -38.47
N SER E 460 -9.24 -13.10 -37.85
CA SER E 460 -7.93 -12.83 -38.42
C SER E 460 -6.96 -13.93 -38.02
N GLN E 461 -6.01 -14.27 -38.92
CA GLN E 461 -5.03 -15.30 -38.65
C GLN E 461 -3.74 -14.73 -38.10
N ASP E 462 -3.50 -13.41 -38.23
CA ASP E 462 -2.32 -12.73 -37.74
C ASP E 462 -2.39 -12.48 -36.24
N LEU E 463 -2.11 -13.53 -35.44
CA LEU E 463 -2.26 -13.52 -34.00
C LEU E 463 -1.41 -12.47 -33.28
N ASP E 464 -0.15 -12.23 -33.71
CA ASP E 464 0.77 -11.35 -33.02
C ASP E 464 0.35 -9.88 -33.03
N GLN E 465 -0.55 -9.53 -33.97
CA GLN E 465 -1.08 -8.20 -34.15
C GLN E 465 -2.09 -7.76 -33.09
N PHE E 466 -2.63 -8.67 -32.27
CA PHE E 466 -3.67 -8.33 -31.31
C PHE E 466 -3.21 -8.64 -29.89
N ALA E 467 -3.76 -7.96 -28.87
CA ALA E 467 -3.30 -8.12 -27.50
C ALA E 467 -3.48 -9.52 -26.94
N LEU E 468 -4.67 -10.14 -27.09
CA LEU E 468 -4.87 -11.52 -26.70
C LEU E 468 -4.10 -12.49 -27.55
N GLY E 469 -4.02 -12.23 -28.88
CA GLY E 469 -3.21 -13.00 -29.81
C GLY E 469 -1.77 -13.18 -29.43
N ARG E 470 -1.05 -12.09 -29.12
CA ARG E 470 0.32 -12.21 -28.66
C ARG E 470 0.47 -12.70 -27.23
N LYS E 471 -0.56 -12.54 -26.36
CA LYS E 471 -0.60 -13.23 -25.07
C LYS E 471 -0.73 -14.74 -25.25
N PHE E 472 -1.60 -15.20 -26.18
CA PHE E 472 -1.74 -16.59 -26.58
C PHE E 472 -0.45 -17.15 -27.18
N LEU E 473 0.24 -16.39 -28.05
CA LEU E 473 1.56 -16.80 -28.50
C LEU E 473 2.54 -16.91 -27.36
N TYR E 474 2.66 -15.91 -26.46
CA TYR E 474 3.59 -15.95 -25.35
C TYR E 474 3.38 -17.15 -24.41
N GLN E 475 2.11 -17.50 -24.10
CA GLN E 475 1.82 -18.65 -23.26
C GLN E 475 2.11 -20.00 -23.93
N ALA E 476 2.13 -20.06 -25.26
CA ALA E 476 2.43 -21.29 -25.98
C ALA E 476 3.81 -21.28 -26.65
N GLY E 477 4.61 -20.22 -26.43
CA GLY E 477 5.88 -20.03 -27.12
C GLY E 477 5.74 -19.50 -28.52
N ILE E 478 6.31 -20.21 -29.53
CA ILE E 478 6.03 -20.09 -30.97
C ILE E 478 5.76 -18.67 -31.48
N ARG E 479 6.64 -17.70 -31.14
CA ARG E 479 6.45 -16.34 -31.58
C ARG E 479 6.69 -16.22 -33.07
N THR E 480 5.96 -15.31 -33.74
CA THR E 480 6.03 -15.08 -35.17
C THR E 480 7.44 -14.85 -35.66
N ALA E 481 7.95 -15.82 -36.45
CA ALA E 481 9.29 -15.80 -36.98
C ALA E 481 9.51 -14.62 -37.91
N VAL E 482 10.70 -14.01 -37.81
CA VAL E 482 10.94 -12.68 -38.28
C VAL E 482 11.06 -12.52 -39.79
N THR E 483 10.89 -11.27 -40.24
CA THR E 483 11.13 -10.83 -41.60
C THR E 483 12.36 -9.90 -41.56
N MET F 1 -21.54 -24.56 -78.40
CA MET F 1 -22.23 -25.43 -77.38
C MET F 1 -22.51 -24.66 -76.10
N ALA F 2 -21.71 -24.86 -75.04
CA ALA F 2 -21.95 -24.28 -73.73
C ALA F 2 -21.65 -22.79 -73.64
N MET F 3 -22.66 -21.99 -73.27
CA MET F 3 -22.48 -20.64 -72.78
C MET F 3 -21.97 -20.68 -71.35
N TRP F 4 -21.00 -19.81 -71.02
CA TRP F 4 -20.43 -19.77 -69.69
C TRP F 4 -21.23 -18.78 -68.86
N THR F 5 -22.23 -19.27 -68.11
CA THR F 5 -23.08 -18.45 -67.27
C THR F 5 -22.44 -18.30 -65.90
N PRO F 6 -22.55 -17.16 -65.19
CA PRO F 6 -21.93 -17.01 -63.88
C PRO F 6 -22.71 -17.73 -62.79
N GLN F 7 -22.07 -17.95 -61.63
CA GLN F 7 -22.66 -18.56 -60.47
C GLN F 7 -22.11 -17.81 -59.28
N THR F 8 -22.93 -17.57 -58.24
CA THR F 8 -22.53 -16.82 -57.07
C THR F 8 -22.66 -17.70 -55.83
N GLY F 9 -21.88 -17.39 -54.79
CA GLY F 9 -21.99 -18.03 -53.48
C GLY F 9 -21.17 -17.22 -52.53
N LYS F 10 -21.60 -17.10 -51.26
CA LYS F 10 -20.83 -16.36 -50.28
C LYS F 10 -19.69 -17.20 -49.73
N LEU F 11 -18.45 -16.69 -49.84
CA LEU F 11 -17.27 -17.37 -49.37
C LEU F 11 -16.43 -16.36 -48.62
N TYR F 12 -15.64 -16.82 -47.64
CA TYR F 12 -14.72 -15.98 -46.91
C TYR F 12 -13.34 -16.19 -47.50
N LEU F 13 -12.57 -15.12 -47.68
CA LEU F 13 -11.18 -15.25 -48.09
C LEU F 13 -10.33 -14.87 -46.88
N PRO F 14 -9.62 -15.75 -46.18
CA PRO F 14 -8.82 -15.33 -45.04
C PRO F 14 -7.31 -15.45 -45.32
N PRO F 15 -6.47 -14.41 -45.28
CA PRO F 15 -6.81 -12.98 -45.35
C PRO F 15 -7.40 -12.59 -46.70
N THR F 16 -8.25 -11.53 -46.76
CA THR F 16 -8.92 -11.10 -48.00
C THR F 16 -8.00 -10.41 -48.97
N THR F 17 -6.85 -9.96 -48.44
CA THR F 17 -5.80 -9.27 -49.13
C THR F 17 -4.73 -9.09 -48.05
N PRO F 18 -3.44 -9.28 -48.27
CA PRO F 18 -2.44 -9.08 -47.23
C PRO F 18 -2.32 -7.62 -46.83
N VAL F 19 -1.83 -7.36 -45.60
CA VAL F 19 -1.80 -6.02 -45.04
C VAL F 19 -0.41 -5.78 -44.46
N ALA F 20 -0.02 -4.51 -44.24
CA ALA F 20 1.19 -4.18 -43.54
C ALA F 20 1.16 -4.69 -42.09
N LYS F 21 2.27 -5.31 -41.64
CA LYS F 21 2.29 -6.02 -40.39
C LYS F 21 3.26 -5.35 -39.45
N VAL F 22 2.82 -5.10 -38.20
CA VAL F 22 3.69 -4.53 -37.20
C VAL F 22 4.56 -5.63 -36.61
N GLN F 23 5.89 -5.50 -36.75
CA GLN F 23 6.83 -6.41 -36.17
C GLN F 23 7.32 -5.88 -34.84
N SER F 24 7.81 -6.77 -33.97
CA SER F 24 8.43 -6.37 -32.71
C SER F 24 9.72 -5.57 -32.91
N THR F 25 10.06 -4.66 -31.97
CA THR F 25 11.29 -3.86 -32.10
C THR F 25 12.53 -4.72 -31.93
N ASP F 26 12.39 -5.91 -31.33
CA ASP F 26 13.39 -6.96 -31.23
C ASP F 26 13.86 -7.53 -32.59
N GLU F 27 13.20 -7.22 -33.74
CA GLU F 27 13.62 -7.70 -35.05
C GLU F 27 14.56 -6.76 -35.83
N TYR F 28 14.55 -5.43 -35.55
CA TYR F 28 15.36 -4.46 -36.31
C TYR F 28 16.15 -3.50 -35.43
N VAL F 29 15.94 -3.53 -34.11
CA VAL F 29 16.64 -2.69 -33.17
C VAL F 29 17.57 -3.55 -32.33
N TYR F 30 18.88 -3.45 -32.56
CA TYR F 30 19.88 -4.32 -31.97
C TYR F 30 20.38 -3.73 -30.65
N PRO F 31 20.26 -4.41 -29.51
CA PRO F 31 20.71 -3.88 -28.24
C PRO F 31 22.24 -3.93 -28.11
N THR F 32 22.87 -2.86 -27.58
CA THR F 32 24.31 -2.82 -27.31
C THR F 32 24.44 -2.90 -25.79
N SER F 33 25.52 -3.47 -25.23
CA SER F 33 25.67 -3.69 -23.79
C SER F 33 26.10 -2.46 -22.99
N LEU F 34 25.78 -1.25 -23.50
CA LEU F 34 26.15 0.02 -22.91
C LEU F 34 24.91 0.60 -22.25
N PHE F 35 24.94 0.66 -20.90
CA PHE F 35 23.84 1.06 -20.06
C PHE F 35 24.21 2.35 -19.38
N CYS F 36 23.21 3.22 -19.16
CA CYS F 36 23.42 4.53 -18.59
C CYS F 36 22.34 4.78 -17.56
N HIS F 37 22.73 5.37 -16.41
CA HIS F 37 21.80 5.79 -15.38
C HIS F 37 21.34 7.21 -15.71
N ALA F 38 20.09 7.53 -15.39
CA ALA F 38 19.60 8.87 -15.53
C ALA F 38 18.65 9.11 -14.37
N HIS F 39 18.78 10.24 -13.64
CA HIS F 39 17.88 10.51 -12.53
C HIS F 39 17.52 11.97 -12.39
N THR F 40 16.39 12.27 -11.70
CA THR F 40 15.94 13.62 -11.41
C THR F 40 16.35 14.02 -10.01
N ASP F 41 16.82 15.27 -9.81
CA ASP F 41 17.43 15.73 -8.58
C ASP F 41 16.55 15.57 -7.32
N ARG F 42 15.26 15.96 -7.40
CA ARG F 42 14.16 15.78 -6.45
C ARG F 42 13.12 16.81 -6.85
N LEU F 43 11.89 16.36 -7.14
CA LEU F 43 10.87 17.20 -7.73
C LEU F 43 9.86 17.55 -6.66
N LEU F 44 9.81 18.84 -6.29
CA LEU F 44 8.96 19.36 -5.24
C LEU F 44 7.95 20.30 -5.82
N THR F 45 6.70 20.19 -5.38
CA THR F 45 5.63 21.02 -5.86
C THR F 45 4.76 21.37 -4.68
N VAL F 46 4.54 22.66 -4.39
CA VAL F 46 3.71 23.09 -3.26
C VAL F 46 2.56 23.89 -3.82
N GLY F 47 1.31 23.58 -3.42
CA GLY F 47 0.19 24.43 -3.83
C GLY F 47 -0.97 24.36 -2.90
N HIS F 48 -2.13 24.80 -3.40
CA HIS F 48 -3.40 24.64 -2.72
C HIS F 48 -4.05 23.37 -3.24
N PRO F 49 -4.73 22.55 -2.47
CA PRO F 49 -5.29 21.32 -3.01
C PRO F 49 -6.51 21.54 -3.88
N PHE F 50 -7.33 22.56 -3.62
CA PHE F 50 -8.68 22.55 -4.19
C PHE F 50 -8.77 23.42 -5.42
N PHE F 51 -8.15 24.61 -5.39
CA PHE F 51 -8.26 25.59 -6.45
C PHE F 51 -6.98 26.41 -6.54
N SER F 52 -6.69 26.95 -7.73
CA SER F 52 -5.55 27.82 -7.95
C SER F 52 -5.81 29.21 -7.36
N VAL F 53 -4.88 29.74 -6.55
CA VAL F 53 -5.04 31.02 -5.89
C VAL F 53 -4.57 32.14 -6.81
N ILE F 54 -5.46 33.09 -7.10
CA ILE F 54 -5.18 34.24 -7.96
C ILE F 54 -5.69 35.49 -7.29
N ASP F 55 -4.94 36.61 -7.39
CA ASP F 55 -5.49 37.92 -7.10
C ASP F 55 -6.12 38.43 -8.39
N ASN F 56 -7.35 37.94 -8.67
CA ASN F 56 -8.10 37.99 -9.94
C ASN F 56 -7.27 38.21 -11.19
N ASP F 57 -6.57 37.16 -11.65
CA ASP F 57 -5.47 37.37 -12.56
C ASP F 57 -4.37 36.30 -12.40
N LYS F 58 -3.12 36.75 -12.15
CA LYS F 58 -1.91 35.92 -12.07
C LYS F 58 -1.89 34.82 -11.00
N VAL F 59 -1.44 33.61 -11.38
CA VAL F 59 -1.32 32.48 -10.46
C VAL F 59 -0.28 32.67 -9.37
N THR F 60 -0.76 32.90 -8.14
CA THR F 60 0.09 33.07 -6.95
C THR F 60 0.40 31.74 -6.32
N VAL F 61 -0.61 30.86 -6.18
CA VAL F 61 -0.41 29.54 -5.59
C VAL F 61 -1.07 28.55 -6.53
N PRO F 62 -0.38 27.66 -7.23
CA PRO F 62 -1.03 26.69 -8.12
C PRO F 62 -1.86 25.66 -7.38
N LYS F 63 -2.64 24.87 -8.14
CA LYS F 63 -3.42 23.79 -7.58
C LYS F 63 -2.61 22.52 -7.65
N VAL F 64 -2.31 21.96 -6.46
CA VAL F 64 -1.53 20.77 -6.30
C VAL F 64 -2.31 19.92 -5.34
N SER F 65 -2.92 18.82 -5.81
CA SER F 65 -3.62 17.87 -4.98
C SER F 65 -3.10 16.51 -5.32
N GLY F 66 -3.32 15.52 -4.42
CA GLY F 66 -2.81 14.17 -4.66
C GLY F 66 -3.61 13.39 -5.67
N ASN F 67 -4.76 13.93 -6.09
CA ASN F 67 -5.69 13.31 -7.01
C ASN F 67 -5.54 13.84 -8.42
N GLN F 68 -4.34 14.35 -8.76
CA GLN F 68 -4.02 14.77 -10.11
C GLN F 68 -3.16 13.74 -10.82
N TYR F 69 -3.26 13.69 -12.16
CA TYR F 69 -2.27 13.01 -12.97
C TYR F 69 -0.97 13.76 -13.00
N ARG F 70 0.12 13.06 -12.61
CA ARG F 70 1.45 13.55 -12.82
C ARG F 70 1.99 12.92 -14.08
N VAL F 71 1.92 13.66 -15.20
CA VAL F 71 2.47 13.19 -16.46
C VAL F 71 3.79 13.89 -16.65
N PHE F 72 4.89 13.15 -16.44
CA PHE F 72 6.22 13.66 -16.61
C PHE F 72 6.63 13.44 -18.05
N ARG F 73 7.18 14.46 -18.71
CA ARG F 73 7.74 14.32 -20.02
C ARG F 73 9.24 14.42 -19.87
N LEU F 74 9.90 13.26 -19.93
CA LEU F 74 11.34 13.17 -19.84
C LEU F 74 11.96 13.39 -21.19
N LYS F 75 13.06 14.15 -21.21
CA LYS F 75 13.83 14.44 -22.38
C LYS F 75 15.17 13.76 -22.25
N PHE F 76 15.53 12.90 -23.21
CA PHE F 76 16.79 12.21 -23.17
C PHE F 76 17.78 12.90 -24.11
N PRO F 77 19.08 12.84 -23.87
CA PRO F 77 20.07 13.35 -24.81
C PRO F 77 20.04 12.61 -26.14
N ASP F 78 20.28 13.31 -27.27
CA ASP F 78 20.35 12.71 -28.59
C ASP F 78 21.51 11.71 -28.68
N PRO F 79 21.33 10.39 -28.84
CA PRO F 79 22.43 9.44 -28.69
C PRO F 79 23.36 9.54 -29.88
N ASN F 80 22.88 10.12 -30.99
CA ASN F 80 23.65 10.35 -32.20
C ASN F 80 24.79 11.36 -31.97
N LYS F 81 24.65 12.22 -30.94
CA LYS F 81 25.53 13.34 -30.64
C LYS F 81 26.29 13.10 -29.35
N PHE F 82 26.45 11.83 -28.95
CA PHE F 82 26.97 11.47 -27.65
C PHE F 82 28.43 11.03 -27.69
N ALA F 83 29.11 11.12 -26.53
CA ALA F 83 30.46 10.65 -26.30
C ALA F 83 30.39 9.45 -25.38
N LEU F 84 30.74 8.29 -25.93
CA LEU F 84 30.78 7.02 -25.27
C LEU F 84 32.24 6.59 -25.04
N PRO F 85 32.56 5.50 -24.31
CA PRO F 85 33.91 4.94 -24.21
C PRO F 85 34.62 4.77 -25.54
N GLN F 86 33.86 4.43 -26.59
CA GLN F 86 34.33 4.49 -27.96
C GLN F 86 33.13 4.92 -28.78
N LYS F 87 33.30 5.56 -29.96
CA LYS F 87 32.14 6.12 -30.68
C LYS F 87 31.96 5.57 -32.07
N ASP F 88 32.99 4.96 -32.69
CA ASP F 88 32.99 4.48 -34.05
C ASP F 88 32.39 3.06 -34.18
N PHE F 89 31.48 2.71 -33.24
CA PHE F 89 30.83 1.41 -33.14
C PHE F 89 29.55 1.37 -33.94
N TYR F 90 29.22 2.47 -34.60
CA TYR F 90 28.09 2.60 -35.46
C TYR F 90 28.50 3.58 -36.55
N ASP F 91 28.14 3.32 -37.81
CA ASP F 91 28.43 4.22 -38.90
C ASP F 91 27.35 5.30 -39.00
N PRO F 92 27.64 6.62 -38.94
CA PRO F 92 26.60 7.64 -39.03
C PRO F 92 25.98 7.78 -40.41
N GLU F 93 26.47 7.10 -41.46
CA GLU F 93 25.90 7.19 -42.78
C GLU F 93 24.91 6.06 -43.08
N LYS F 94 24.86 5.00 -42.25
CA LYS F 94 23.94 3.88 -42.51
C LYS F 94 23.24 3.37 -41.25
N GLU F 95 23.52 3.96 -40.07
CA GLU F 95 22.99 3.49 -38.80
C GLU F 95 22.54 4.68 -37.95
N ARG F 96 21.62 4.44 -37.01
CA ARG F 96 21.20 5.44 -36.05
C ARG F 96 21.06 4.80 -34.70
N LEU F 97 21.15 5.63 -33.65
CA LEU F 97 21.08 5.16 -32.29
C LEU F 97 19.78 5.57 -31.65
N VAL F 98 19.35 4.84 -30.60
CA VAL F 98 18.16 5.15 -29.86
C VAL F 98 18.36 4.60 -28.45
N TRP F 99 17.62 5.13 -27.46
CA TRP F 99 17.65 4.60 -26.12
C TRP F 99 16.50 3.62 -25.92
N ARG F 100 16.71 2.62 -25.06
CA ARG F 100 15.68 1.72 -24.62
C ARG F 100 15.61 1.75 -23.11
N LEU F 101 14.39 1.88 -22.55
CA LEU F 101 14.20 1.80 -21.12
C LEU F 101 14.31 0.38 -20.61
N ARG F 102 15.22 0.13 -19.65
CA ARG F 102 15.44 -1.20 -19.10
C ARG F 102 15.06 -1.30 -17.65
N GLY F 103 15.03 -0.16 -16.96
CA GLY F 103 14.64 -0.17 -15.58
C GLY F 103 14.26 1.19 -15.20
N LEU F 104 13.36 1.28 -14.24
CA LEU F 104 12.79 2.53 -13.84
C LEU F 104 12.43 2.41 -12.37
N GLU F 105 12.44 3.52 -11.63
CA GLU F 105 11.96 3.57 -10.25
C GLU F 105 11.37 4.95 -10.03
N ILE F 106 10.19 4.99 -9.37
CA ILE F 106 9.52 6.24 -9.05
C ILE F 106 9.61 6.41 -7.55
N GLY F 107 10.51 7.30 -7.09
CA GLY F 107 10.65 7.72 -5.72
C GLY F 107 9.53 8.61 -5.27
N ARG F 108 9.10 8.43 -4.01
CA ARG F 108 8.02 9.18 -3.41
C ARG F 108 8.41 9.55 -1.98
N GLY F 109 8.41 10.85 -1.65
CA GLY F 109 9.06 11.33 -0.44
C GLY F 109 8.23 11.55 0.78
N GLY F 110 7.01 12.11 0.63
CA GLY F 110 6.15 12.40 1.78
C GLY F 110 5.72 11.19 2.58
N PRO F 111 5.37 11.32 3.86
CA PRO F 111 4.68 10.26 4.59
C PRO F 111 3.32 9.89 3.99
N LEU F 112 2.89 8.64 4.20
CA LEU F 112 1.57 8.16 3.85
C LEU F 112 0.45 8.92 4.56
N GLY F 113 -0.70 9.08 3.89
CA GLY F 113 -1.82 9.76 4.51
C GLY F 113 -2.94 9.98 3.54
N ILE F 114 -4.14 10.20 4.09
CA ILE F 114 -5.35 10.42 3.32
C ILE F 114 -5.80 11.84 3.58
N GLY F 115 -5.98 12.61 2.49
CA GLY F 115 -6.58 13.93 2.56
C GLY F 115 -8.02 13.92 2.10
N THR F 116 -8.85 14.80 2.66
CA THR F 116 -10.26 14.91 2.37
C THR F 116 -10.57 16.20 1.65
N THR F 117 -11.67 16.23 0.89
CA THR F 117 -12.11 17.42 0.17
C THR F 117 -13.61 17.51 0.34
N GLY F 118 -14.23 18.66 0.00
CA GLY F 118 -15.67 18.76 0.01
C GLY F 118 -16.14 19.94 -0.77
N HIS F 119 -17.42 20.28 -0.62
CA HIS F 119 -17.98 21.50 -1.15
C HIS F 119 -18.66 22.22 0.00
N PRO F 120 -18.47 23.53 0.21
CA PRO F 120 -19.24 24.29 1.19
C PRO F 120 -20.73 24.28 0.91
N LEU F 121 -21.15 24.09 -0.36
CA LEU F 121 -22.55 24.13 -0.76
C LEU F 121 -22.84 22.97 -1.66
N PHE F 122 -22.76 21.78 -1.11
CA PHE F 122 -22.99 20.53 -1.78
C PHE F 122 -24.47 20.19 -1.90
N ASN F 123 -24.91 19.74 -3.09
CA ASN F 123 -26.27 19.30 -3.37
C ASN F 123 -26.54 17.92 -2.77
N LYS F 124 -26.98 17.91 -1.50
CA LYS F 124 -27.55 16.78 -0.79
C LYS F 124 -28.87 17.27 -0.21
N LEU F 125 -29.98 16.53 -0.35
CA LEU F 125 -31.22 16.90 0.33
C LEU F 125 -31.33 16.27 1.72
N GLY F 126 -31.09 14.94 1.83
CA GLY F 126 -31.28 14.19 3.06
C GLY F 126 -30.41 12.97 3.05
N ASP F 127 -30.22 12.36 4.23
CA ASP F 127 -29.56 11.07 4.35
C ASP F 127 -30.59 9.98 4.13
N THR F 128 -30.30 9.02 3.23
CA THR F 128 -31.22 7.96 2.87
C THR F 128 -30.71 6.61 3.30
N GLU F 129 -29.54 6.55 3.97
CA GLU F 129 -29.03 5.30 4.49
C GLU F 129 -29.90 4.73 5.60
N ASN F 130 -30.27 5.59 6.56
CA ASN F 130 -31.25 5.27 7.58
C ASN F 130 -32.05 6.53 7.92
N PRO F 131 -33.23 6.75 7.34
CA PRO F 131 -34.09 7.85 7.72
C PRO F 131 -35.21 7.37 8.67
N ASN F 132 -35.31 7.96 9.88
CA ASN F 132 -36.36 7.66 10.86
C ASN F 132 -37.79 7.85 10.37
N LYS F 133 -38.03 8.89 9.54
CA LYS F 133 -39.34 9.19 9.01
C LYS F 133 -39.17 10.12 7.82
N TYR F 134 -40.28 10.44 7.14
CA TYR F 134 -40.30 11.35 6.00
C TYR F 134 -39.83 12.80 6.26
N GLN F 135 -39.13 13.43 5.29
CA GLN F 135 -38.59 14.78 5.43
C GLN F 135 -39.41 15.88 4.72
N GLN F 136 -38.74 16.91 4.11
CA GLN F 136 -39.34 18.14 3.58
C GLN F 136 -38.47 18.68 2.42
N GLY F 137 -38.52 19.99 2.07
CA GLY F 137 -37.67 20.59 1.02
C GLY F 137 -38.11 21.99 0.62
N SER F 138 -37.16 22.87 0.19
CA SER F 138 -37.38 24.29 -0.10
C SER F 138 -36.48 24.81 -1.23
N LYS F 139 -36.01 26.09 -1.16
CA LYS F 139 -35.04 26.72 -2.05
C LYS F 139 -33.66 26.70 -1.40
N ASP F 140 -32.60 26.31 -2.14
CA ASP F 140 -31.24 26.21 -1.66
C ASP F 140 -31.04 25.30 -0.42
N ASN F 141 -31.30 23.98 -0.59
CA ASN F 141 -31.12 22.99 0.47
C ASN F 141 -29.69 22.43 0.53
N ARG F 142 -28.71 23.13 -0.08
CA ARG F 142 -27.31 22.77 -0.07
C ARG F 142 -26.65 22.77 1.32
N GLN F 143 -25.64 21.91 1.50
CA GLN F 143 -25.00 21.65 2.78
C GLN F 143 -23.50 21.61 2.63
N ASN F 144 -22.75 21.84 3.71
CA ASN F 144 -21.30 21.68 3.72
C ASN F 144 -20.96 20.22 4.00
N THR F 145 -20.35 19.54 3.01
CA THR F 145 -20.14 18.09 3.09
C THR F 145 -18.77 17.75 2.52
N SER F 146 -17.94 17.08 3.33
CA SER F 146 -16.62 16.59 2.94
C SER F 146 -16.55 15.08 2.89
N MET F 147 -15.57 14.57 2.14
CA MET F 147 -15.40 13.17 1.87
C MET F 147 -13.94 12.86 1.56
N ASP F 148 -13.53 11.61 1.82
CA ASP F 148 -12.30 11.02 1.38
C ASP F 148 -12.55 10.40 -0.01
N PRO F 149 -11.69 10.55 -1.03
CA PRO F 149 -12.00 10.06 -2.36
C PRO F 149 -11.59 8.61 -2.50
N LYS F 150 -11.94 7.96 -3.61
CA LYS F 150 -11.38 6.67 -3.97
C LYS F 150 -9.83 6.63 -3.98
N GLN F 151 -9.24 5.58 -3.37
CA GLN F 151 -7.80 5.39 -3.37
C GLN F 151 -7.37 4.80 -4.68
N THR F 152 -6.35 5.39 -5.32
CA THR F 152 -5.90 5.04 -6.67
C THR F 152 -4.41 5.20 -6.65
N GLN F 153 -3.68 4.26 -7.26
CA GLN F 153 -2.28 4.37 -7.55
C GLN F 153 -2.17 3.84 -8.96
N LEU F 154 -1.40 4.48 -9.85
CA LEU F 154 -1.14 3.88 -11.13
C LEU F 154 0.14 4.45 -11.65
N PHE F 155 0.74 3.68 -12.56
CA PHE F 155 1.94 4.10 -13.21
C PHE F 155 1.89 3.58 -14.64
N ILE F 156 1.98 4.49 -15.63
CA ILE F 156 2.08 4.21 -17.04
C ILE F 156 3.42 4.73 -17.53
N VAL F 157 4.13 3.94 -18.36
CA VAL F 157 5.31 4.39 -19.06
C VAL F 157 5.17 4.12 -20.55
N GLY F 158 5.56 5.08 -21.40
CA GLY F 158 5.52 4.91 -22.86
C GLY F 158 6.38 5.94 -23.53
N CYS F 159 6.46 5.95 -24.87
CA CYS F 159 7.23 6.97 -25.58
C CYS F 159 6.33 8.05 -26.16
N GLU F 160 5.01 7.87 -25.99
CA GLU F 160 3.99 8.79 -26.41
C GLU F 160 3.13 9.14 -25.20
N PRO F 161 2.35 10.23 -25.22
CA PRO F 161 1.54 10.59 -24.08
C PRO F 161 0.35 9.66 -23.91
N PRO F 162 -0.03 9.29 -22.69
CA PRO F 162 -1.17 8.40 -22.46
C PRO F 162 -2.51 8.97 -22.91
N THR F 163 -3.47 8.07 -23.20
CA THR F 163 -4.80 8.39 -23.68
C THR F 163 -5.74 8.15 -22.52
N GLY F 164 -6.63 9.11 -22.23
CA GLY F 164 -7.60 8.99 -21.17
C GLY F 164 -9.00 9.21 -21.67
N GLU F 165 -9.94 8.51 -21.06
CA GLU F 165 -11.33 8.51 -21.45
C GLU F 165 -12.17 9.25 -20.42
N HIS F 166 -13.24 9.94 -20.87
CA HIS F 166 -14.23 10.55 -20.00
C HIS F 166 -15.55 10.68 -20.73
N TRP F 167 -16.67 10.61 -19.99
CA TRP F 167 -18.00 10.88 -20.51
C TRP F 167 -18.25 12.36 -20.58
N ASP F 168 -18.55 12.87 -21.77
CA ASP F 168 -18.73 14.28 -22.01
C ASP F 168 -20.08 14.50 -22.68
N VAL F 169 -20.50 15.77 -22.77
CA VAL F 169 -21.68 16.20 -23.48
C VAL F 169 -21.54 16.04 -24.98
N ALA F 170 -22.59 15.52 -25.64
CA ALA F 170 -22.61 15.35 -27.06
C ALA F 170 -23.63 16.25 -27.70
N LYS F 171 -23.67 16.23 -29.04
CA LYS F 171 -24.70 16.91 -29.77
C LYS F 171 -25.87 15.94 -29.97
N PRO F 172 -27.11 16.25 -29.58
CA PRO F 172 -28.27 15.41 -29.88
C PRO F 172 -28.56 15.33 -31.39
N CYS F 173 -29.33 14.31 -31.80
CA CYS F 173 -29.79 14.15 -33.16
C CYS F 173 -30.88 15.13 -33.55
N GLY F 174 -31.54 15.76 -32.56
CA GLY F 174 -32.60 16.73 -32.78
C GLY F 174 -32.48 17.93 -31.87
N ALA F 175 -33.62 18.30 -31.26
CA ALA F 175 -33.76 19.45 -30.40
C ALA F 175 -34.01 18.96 -28.98
N LEU F 176 -33.80 19.83 -27.99
CA LEU F 176 -33.95 19.50 -26.58
C LEU F 176 -34.76 20.60 -25.96
N GLU F 177 -35.61 20.28 -24.98
CA GLU F 177 -36.31 21.27 -24.18
C GLU F 177 -35.35 22.06 -23.30
N LYS F 178 -35.69 23.31 -22.92
CA LYS F 178 -34.89 24.07 -22.00
C LYS F 178 -34.77 23.43 -20.61
N GLY F 179 -33.65 22.74 -20.34
CA GLY F 179 -33.44 21.99 -19.10
C GLY F 179 -33.42 20.49 -19.28
N ASP F 180 -33.50 19.97 -20.52
CA ASP F 180 -33.32 18.56 -20.82
C ASP F 180 -31.99 17.93 -20.38
N CYS F 181 -31.97 16.59 -20.20
CA CYS F 181 -30.75 15.83 -19.95
C CYS F 181 -29.76 15.93 -21.12
N PRO F 182 -28.46 16.19 -20.92
CA PRO F 182 -27.51 16.28 -22.02
C PRO F 182 -27.20 14.88 -22.55
N PRO F 183 -27.10 14.62 -23.85
CA PRO F 183 -26.75 13.30 -24.34
C PRO F 183 -25.29 13.00 -24.07
N ILE F 184 -24.98 11.77 -23.62
CA ILE F 184 -23.64 11.35 -23.25
C ILE F 184 -22.85 10.86 -24.43
N GLN F 185 -21.53 11.05 -24.42
CA GLN F 185 -20.65 10.45 -25.39
C GLN F 185 -19.33 10.16 -24.72
N LEU F 186 -18.64 9.11 -25.17
CA LEU F 186 -17.33 8.80 -24.64
C LEU F 186 -16.26 9.54 -25.44
N VAL F 187 -15.50 10.42 -24.75
CA VAL F 187 -14.48 11.25 -25.35
C VAL F 187 -13.12 10.70 -24.98
N ASN F 188 -12.25 10.57 -26.00
CA ASN F 188 -10.88 10.17 -25.84
C ASN F 188 -10.02 11.40 -25.96
N SER F 189 -9.15 11.63 -24.97
CA SER F 189 -8.28 12.78 -24.95
C SER F 189 -6.91 12.32 -24.50
N VAL F 190 -5.86 13.12 -24.70
CA VAL F 190 -4.60 12.89 -24.02
C VAL F 190 -4.74 13.28 -22.53
N ILE F 191 -4.04 12.55 -21.63
CA ILE F 191 -3.93 12.91 -20.23
C ILE F 191 -2.73 13.82 -20.07
N GLU F 192 -2.96 15.00 -19.46
CA GLU F 192 -1.95 16.00 -19.22
C GLU F 192 -1.60 16.06 -17.74
N ASP F 193 -0.47 16.72 -17.38
CA ASP F 193 -0.15 16.97 -15.99
C ASP F 193 -1.13 17.98 -15.40
N GLY F 194 -1.77 17.62 -14.28
CA GLY F 194 -2.78 18.47 -13.67
C GLY F 194 -4.20 18.10 -13.98
N ASP F 195 -4.48 17.20 -14.96
CA ASP F 195 -5.79 16.58 -15.12
C ASP F 195 -6.20 15.85 -13.84
N MET F 196 -7.50 15.80 -13.52
CA MET F 196 -7.95 15.15 -12.30
C MET F 196 -8.22 13.67 -12.57
N CYS F 197 -7.84 12.79 -11.62
CA CYS F 197 -8.16 11.37 -11.69
C CYS F 197 -9.60 11.11 -11.28
N ASP F 198 -10.17 9.94 -11.63
CA ASP F 198 -11.45 9.54 -11.09
C ASP F 198 -11.40 9.41 -9.55
N ILE F 199 -12.47 9.81 -8.85
CA ILE F 199 -12.45 9.80 -7.40
C ILE F 199 -13.60 8.99 -6.81
N GLY F 200 -14.36 8.24 -7.65
CA GLY F 200 -15.59 7.55 -7.25
C GLY F 200 -16.88 8.20 -7.67
N PHE F 201 -16.83 9.32 -8.40
CA PHE F 201 -18.02 9.99 -8.94
C PHE F 201 -18.13 9.79 -10.45
N GLY F 202 -17.33 8.88 -11.01
CA GLY F 202 -17.32 8.62 -12.44
C GLY F 202 -16.27 9.38 -13.20
N ASN F 203 -16.00 8.90 -14.42
CA ASN F 203 -15.18 9.57 -15.39
C ASN F 203 -16.01 10.43 -16.28
N MET F 204 -16.17 11.69 -15.88
CA MET F 204 -17.05 12.57 -16.59
C MET F 204 -16.56 13.99 -16.54
N ASN F 205 -17.05 14.80 -17.50
CA ASN F 205 -16.82 16.23 -17.56
C ASN F 205 -17.83 16.97 -16.69
N PHE F 206 -17.44 17.35 -15.46
CA PHE F 206 -18.35 17.99 -14.51
C PHE F 206 -18.75 19.39 -14.91
N LYS F 207 -17.88 20.10 -15.66
CA LYS F 207 -18.15 21.46 -16.09
C LYS F 207 -19.38 21.61 -16.98
N GLU F 208 -19.55 20.70 -17.95
CA GLU F 208 -20.63 20.80 -18.92
C GLU F 208 -21.81 19.90 -18.56
N LEU F 209 -21.56 18.71 -17.96
CA LEU F 209 -22.63 17.79 -17.61
C LEU F 209 -23.35 18.13 -16.31
N GLN F 210 -22.80 19.02 -15.47
CA GLN F 210 -23.45 19.41 -14.22
C GLN F 210 -23.48 20.93 -14.08
N GLN F 211 -24.57 21.56 -14.58
CA GLN F 211 -24.74 23.01 -14.50
C GLN F 211 -25.04 23.50 -13.08
N ASP F 212 -25.43 22.58 -12.18
CA ASP F 212 -25.62 22.79 -10.76
C ASP F 212 -24.39 23.38 -10.05
N ARG F 213 -23.17 22.92 -10.42
CA ARG F 213 -21.88 23.35 -9.87
C ARG F 213 -21.69 23.07 -8.38
N SER F 214 -22.51 22.15 -7.86
CA SER F 214 -22.67 21.86 -6.45
C SER F 214 -22.83 20.37 -6.27
N GLY F 215 -22.63 19.55 -7.32
CA GLY F 215 -22.88 18.11 -7.23
C GLY F 215 -21.69 17.27 -6.85
N VAL F 216 -20.46 17.80 -6.92
CA VAL F 216 -19.24 17.07 -6.63
C VAL F 216 -18.36 18.03 -5.84
N PRO F 217 -17.34 17.60 -5.08
CA PRO F 217 -16.47 18.49 -4.31
C PRO F 217 -15.73 19.54 -5.10
N LEU F 218 -15.13 20.54 -4.41
CA LEU F 218 -14.31 21.57 -5.04
C LEU F 218 -13.14 21.06 -5.86
N ASP F 219 -12.52 19.92 -5.49
CA ASP F 219 -11.43 19.28 -6.23
C ASP F 219 -11.77 19.06 -7.70
N ILE F 220 -13.02 18.68 -7.99
CA ILE F 220 -13.47 18.31 -9.32
C ILE F 220 -14.73 19.02 -9.76
N VAL F 221 -15.10 20.14 -9.12
CA VAL F 221 -16.33 20.88 -9.39
C VAL F 221 -16.49 21.35 -10.84
N SER F 222 -15.38 21.78 -11.46
CA SER F 222 -15.35 22.30 -12.82
C SER F 222 -14.29 21.64 -13.68
N THR F 223 -13.72 20.51 -13.21
CA THR F 223 -12.66 19.77 -13.91
C THR F 223 -13.23 18.65 -14.76
N ARG F 224 -12.35 17.94 -15.48
CA ARG F 224 -12.69 16.72 -16.16
C ARG F 224 -12.00 15.58 -15.46
N CYS F 225 -12.74 14.55 -15.04
CA CYS F 225 -12.12 13.37 -14.46
C CYS F 225 -11.90 12.31 -15.50
N LYS F 226 -10.62 12.01 -15.77
CA LYS F 226 -10.21 11.11 -16.82
C LYS F 226 -9.71 9.82 -16.20
N TRP F 227 -9.91 8.70 -16.92
CA TRP F 227 -9.45 7.38 -16.53
C TRP F 227 -8.51 6.96 -17.66
N PRO F 228 -7.34 6.36 -17.48
CA PRO F 228 -6.53 5.84 -18.58
C PRO F 228 -7.29 4.84 -19.43
N ASP F 229 -7.43 5.07 -20.76
CA ASP F 229 -8.05 4.10 -21.66
C ASP F 229 -7.09 2.93 -21.89
N PHE F 230 -7.09 1.96 -20.96
CA PHE F 230 -6.31 0.75 -21.08
C PHE F 230 -6.71 -0.07 -22.31
N LEU F 231 -8.01 -0.20 -22.60
CA LEU F 231 -8.50 -0.93 -23.76
C LEU F 231 -8.02 -0.37 -25.09
N LYS F 232 -8.04 0.94 -25.29
CA LYS F 232 -7.45 1.56 -26.45
C LYS F 232 -5.93 1.58 -26.51
N MET F 233 -5.23 1.93 -25.41
CA MET F 233 -3.78 1.96 -25.37
C MET F 233 -3.10 0.60 -25.59
N THR F 234 -3.70 -0.50 -25.07
CA THR F 234 -3.24 -1.87 -25.37
C THR F 234 -3.49 -2.33 -26.79
N ASN F 235 -4.65 -1.95 -27.39
CA ASN F 235 -5.03 -2.41 -28.72
C ASN F 235 -4.44 -1.55 -29.83
N GLU F 236 -3.58 -0.59 -29.47
CA GLU F 236 -2.77 0.11 -30.44
C GLU F 236 -1.75 -0.74 -31.19
N ALA F 237 -1.62 -0.53 -32.50
CA ALA F 237 -0.78 -1.34 -33.38
C ALA F 237 0.71 -1.38 -33.05
N TYR F 238 1.34 -0.24 -32.73
CA TYR F 238 2.76 -0.18 -32.42
C TYR F 238 3.02 -0.45 -30.94
N GLY F 239 2.07 -0.09 -30.04
CA GLY F 239 2.25 -0.16 -28.59
C GLY F 239 3.10 0.94 -28.01
N ASP F 240 3.17 2.10 -28.67
CA ASP F 240 4.00 3.23 -28.30
C ASP F 240 3.51 4.03 -27.10
N LYS F 241 2.19 4.30 -26.99
CA LYS F 241 1.57 5.00 -25.87
C LYS F 241 1.81 4.41 -24.50
N MET F 242 1.87 3.07 -24.39
CA MET F 242 2.17 2.46 -23.13
C MET F 242 2.82 1.12 -23.34
N PHE F 243 3.92 0.82 -22.62
CA PHE F 243 4.54 -0.48 -22.75
C PHE F 243 4.72 -1.22 -21.43
N PHE F 244 4.28 -0.58 -20.32
CA PHE F 244 4.29 -1.17 -19.00
C PHE F 244 3.29 -0.37 -18.21
N PHE F 245 2.57 -1.02 -17.29
CA PHE F 245 1.67 -0.32 -16.42
C PHE F 245 1.44 -1.09 -15.15
N GLY F 246 1.15 -0.37 -14.05
CA GLY F 246 0.66 -0.93 -12.80
C GLY F 246 -0.52 -0.12 -12.35
N ARG F 247 -1.47 -0.72 -11.63
CA ARG F 247 -2.58 0.02 -11.04
C ARG F 247 -3.06 -0.68 -9.78
N ARG F 248 -3.56 0.10 -8.81
CA ARG F 248 -4.29 -0.38 -7.67
C ARG F 248 -5.37 0.63 -7.40
N GLU F 249 -6.60 0.19 -7.21
CA GLU F 249 -7.66 1.11 -6.90
C GLU F 249 -8.63 0.44 -5.97
N GLN F 250 -9.15 1.17 -4.96
CA GLN F 250 -10.08 0.61 -4.00
C GLN F 250 -11.01 1.67 -3.47
N VAL F 251 -12.28 1.30 -3.29
CA VAL F 251 -13.30 2.21 -2.87
C VAL F 251 -14.35 1.40 -2.16
N TYR F 252 -15.07 2.00 -1.20
CA TYR F 252 -16.32 1.50 -0.70
C TYR F 252 -17.25 2.70 -0.61
N ALA F 253 -18.57 2.46 -0.46
CA ALA F 253 -19.53 3.52 -0.28
C ALA F 253 -19.69 3.82 1.20
N ARG F 254 -19.37 5.05 1.65
CA ARG F 254 -19.36 5.38 3.07
C ARG F 254 -20.69 5.83 3.61
N HIS F 255 -21.35 6.72 2.85
CA HIS F 255 -22.64 7.29 3.19
C HIS F 255 -23.45 7.37 1.94
N PHE F 256 -24.78 7.29 2.08
CA PHE F 256 -25.72 7.22 0.97
C PHE F 256 -26.70 8.36 1.07
N PHE F 257 -26.73 9.20 0.03
CA PHE F 257 -27.41 10.46 0.08
C PHE F 257 -28.29 10.66 -1.15
N THR F 258 -29.05 11.76 -1.18
CA THR F 258 -30.00 12.18 -2.20
C THR F 258 -29.53 13.43 -2.90
N ARG F 259 -30.24 13.86 -3.94
CA ARG F 259 -30.04 15.13 -4.57
C ARG F 259 -31.29 15.97 -4.43
N ASN F 260 -31.12 17.29 -4.26
CA ASN F 260 -32.20 18.23 -4.34
C ASN F 260 -32.27 18.75 -5.78
N GLY F 261 -33.45 19.24 -6.20
CA GLY F 261 -33.63 19.83 -7.50
C GLY F 261 -34.93 19.37 -8.08
N SER F 262 -35.34 19.95 -9.23
CA SER F 262 -36.49 19.44 -9.98
C SER F 262 -36.23 18.04 -10.52
N VAL F 263 -37.19 17.10 -10.36
CA VAL F 263 -37.06 15.74 -10.88
C VAL F 263 -37.04 15.71 -12.40
N GLY F 264 -35.97 15.15 -13.02
CA GLY F 264 -35.83 15.18 -14.48
C GLY F 264 -36.70 14.17 -15.19
N GLU F 265 -36.71 12.95 -14.65
CA GLU F 265 -37.49 11.85 -15.15
C GLU F 265 -38.29 11.36 -13.96
N PRO F 266 -39.64 11.35 -13.97
CA PRO F 266 -40.41 10.84 -12.87
C PRO F 266 -40.30 9.33 -12.78
N ILE F 267 -40.47 8.76 -11.58
CA ILE F 267 -40.65 7.34 -11.36
C ILE F 267 -41.88 6.87 -12.14
N PRO F 268 -41.83 5.87 -13.03
CA PRO F 268 -43.02 5.27 -13.61
C PRO F 268 -44.03 4.87 -12.56
N ASN F 269 -45.33 5.15 -12.73
CA ASN F 269 -46.29 4.94 -11.67
C ASN F 269 -46.54 3.45 -11.40
N SER F 270 -46.15 2.58 -12.35
CA SER F 270 -46.24 1.15 -12.24
C SER F 270 -45.08 0.50 -11.48
N VAL F 271 -45.33 -0.66 -10.86
CA VAL F 271 -44.29 -1.55 -10.37
C VAL F 271 -43.50 -2.20 -11.51
N SER F 272 -42.31 -2.81 -11.25
CA SER F 272 -41.52 -3.48 -12.28
C SER F 272 -42.23 -4.48 -13.20
N PRO F 273 -43.21 -5.32 -12.79
CA PRO F 273 -44.05 -6.04 -13.74
C PRO F 273 -44.83 -5.20 -14.76
N SER F 274 -45.21 -3.95 -14.43
CA SER F 274 -46.10 -3.06 -15.20
C SER F 274 -47.58 -3.43 -15.14
N ASP F 275 -48.00 -4.16 -14.10
CA ASP F 275 -49.38 -4.61 -13.96
C ASP F 275 -50.18 -3.84 -12.89
N PHE F 276 -49.48 -3.13 -11.98
CA PHE F 276 -50.06 -2.50 -10.81
C PHE F 276 -49.37 -1.18 -10.59
N TYR F 277 -50.00 -0.25 -9.83
CA TYR F 277 -49.46 1.07 -9.56
C TYR F 277 -49.28 1.22 -8.06
N TYR F 278 -48.37 2.11 -7.63
CA TYR F 278 -48.23 2.47 -6.22
C TYR F 278 -48.44 3.97 -6.09
N ALA F 279 -49.14 4.41 -5.02
CA ALA F 279 -49.41 5.81 -4.80
C ALA F 279 -49.79 6.03 -3.33
N PRO F 280 -49.03 6.75 -2.50
CA PRO F 280 -49.46 7.04 -1.13
C PRO F 280 -50.40 8.25 -1.03
N ASP F 281 -51.44 8.34 -1.88
CA ASP F 281 -52.38 9.46 -1.96
C ASP F 281 -53.13 9.78 -0.67
N SER F 282 -53.40 8.75 0.14
CA SER F 282 -54.08 8.84 1.41
C SER F 282 -53.19 9.34 2.53
N THR F 283 -51.86 9.37 2.30
CA THR F 283 -50.86 9.80 3.27
C THR F 283 -50.55 11.28 3.09
N GLN F 284 -50.75 12.11 4.13
CA GLN F 284 -50.57 13.55 4.07
C GLN F 284 -49.12 14.00 3.79
N ASP F 285 -48.14 13.10 4.00
CA ASP F 285 -46.73 13.34 3.81
C ASP F 285 -46.17 12.72 2.52
N GLN F 286 -46.48 11.43 2.26
CA GLN F 286 -45.81 10.64 1.24
C GLN F 286 -46.49 10.72 -0.12
N LYS F 287 -47.49 11.61 -0.26
CA LYS F 287 -48.19 11.87 -1.51
C LYS F 287 -47.31 12.45 -2.61
N THR F 288 -46.26 13.18 -2.22
CA THR F 288 -45.28 13.75 -3.14
C THR F 288 -43.98 13.01 -2.90
N LEU F 289 -43.42 12.36 -3.93
CA LEU F 289 -42.21 11.56 -3.79
C LEU F 289 -40.92 12.32 -3.46
N ALA F 290 -40.12 11.75 -2.53
CA ALA F 290 -38.75 12.11 -2.28
C ALA F 290 -37.87 11.83 -3.50
N PRO F 291 -36.90 12.67 -3.88
CA PRO F 291 -36.03 12.45 -5.02
C PRO F 291 -35.28 11.13 -5.01
N SER F 292 -35.39 10.32 -6.08
CA SER F 292 -34.75 9.02 -6.14
C SER F 292 -33.41 9.09 -6.84
N VAL F 293 -32.87 10.31 -6.95
CA VAL F 293 -31.56 10.60 -7.49
C VAL F 293 -30.56 10.45 -6.35
N TYR F 294 -30.10 9.21 -6.13
CA TYR F 294 -29.18 8.88 -5.07
C TYR F 294 -27.76 9.06 -5.54
N PHE F 295 -26.86 9.34 -4.60
CA PHE F 295 -25.45 9.34 -4.90
C PHE F 295 -24.76 8.81 -3.65
N GLY F 296 -23.66 8.05 -3.84
CA GLY F 296 -22.87 7.57 -2.73
C GLY F 296 -21.70 8.49 -2.49
N THR F 297 -21.34 8.69 -1.21
CA THR F 297 -20.08 9.32 -0.84
C THR F 297 -19.01 8.25 -0.92
N PRO F 298 -17.98 8.36 -1.78
CA PRO F 298 -16.91 7.37 -1.87
C PRO F 298 -16.04 7.35 -0.64
N SER F 299 -15.18 6.34 -0.54
CA SER F 299 -14.21 6.24 0.55
C SER F 299 -13.15 5.27 0.11
N GLY F 300 -11.90 5.76 -0.12
CA GLY F 300 -10.74 4.88 -0.19
C GLY F 300 -10.34 4.48 1.20
N SER F 301 -10.29 3.16 1.47
CA SER F 301 -9.94 2.62 2.78
C SER F 301 -8.52 2.91 3.27
N LEU F 302 -8.11 2.20 4.34
CA LEU F 302 -6.77 2.22 4.90
C LEU F 302 -5.61 2.12 3.90
N VAL F 303 -4.78 3.18 3.84
CA VAL F 303 -3.51 3.16 3.13
C VAL F 303 -2.50 2.30 3.87
N SER F 304 -1.64 1.55 3.17
CA SER F 304 -0.70 0.66 3.83
C SER F 304 0.62 0.74 3.12
N SER F 305 1.71 0.44 3.84
CA SER F 305 3.05 0.51 3.25
C SER F 305 3.30 -0.68 2.34
N ASP F 306 2.71 -1.84 2.68
CA ASP F 306 2.72 -3.10 1.96
C ASP F 306 2.11 -3.04 0.55
N GLY F 307 1.00 -2.29 0.39
CA GLY F 307 0.24 -2.20 -0.86
C GLY F 307 0.76 -1.18 -1.84
N GLN F 308 1.90 -0.56 -1.52
CA GLN F 308 2.59 0.43 -2.34
C GLN F 308 3.12 -0.07 -3.70
N LEU F 309 2.89 0.74 -4.75
CA LEU F 309 3.48 0.51 -6.06
C LEU F 309 4.83 1.19 -6.24
N PHE F 310 5.05 2.29 -5.52
CA PHE F 310 6.20 3.15 -5.70
C PHE F 310 7.36 2.80 -4.79
N ASN F 311 8.54 3.40 -5.04
CA ASN F 311 9.79 3.17 -4.31
C ASN F 311 10.37 1.78 -4.56
N ARG F 312 10.06 1.21 -5.72
CA ARG F 312 10.49 -0.12 -6.10
C ARG F 312 11.03 -0.03 -7.51
N PRO F 313 12.13 -0.71 -7.84
CA PRO F 313 12.58 -0.79 -9.21
C PRO F 313 11.72 -1.75 -10.01
N PHE F 314 11.43 -1.35 -11.26
CA PHE F 314 10.70 -2.17 -12.20
C PHE F 314 11.58 -2.38 -13.40
N TRP F 315 11.96 -3.64 -13.66
CA TRP F 315 12.82 -3.98 -14.77
C TRP F 315 11.99 -4.35 -15.98
N LEU F 316 12.07 -3.56 -17.07
CA LEU F 316 11.32 -3.83 -18.29
C LEU F 316 12.03 -4.89 -19.13
N GLN F 317 11.81 -6.17 -18.77
CA GLN F 317 12.33 -7.32 -19.49
C GLN F 317 11.70 -7.54 -20.86
N ARG F 318 10.37 -7.44 -20.94
CA ARG F 318 9.61 -7.50 -22.16
C ARG F 318 8.42 -6.59 -21.98
N ALA F 319 8.15 -5.71 -22.94
CA ALA F 319 6.95 -4.91 -23.03
C ALA F 319 5.67 -5.67 -23.37
N GLN F 320 4.52 -5.05 -23.10
CA GLN F 320 3.19 -5.55 -23.48
C GLN F 320 2.95 -5.70 -24.99
N GLY F 321 3.39 -4.72 -25.80
CA GLY F 321 3.14 -4.67 -27.24
C GLY F 321 4.37 -4.91 -28.08
N ASN F 322 4.42 -4.30 -29.29
CA ASN F 322 5.53 -4.50 -30.21
C ASN F 322 6.69 -3.55 -29.96
N ASN F 323 6.43 -2.41 -29.33
CA ASN F 323 7.49 -1.53 -28.87
C ASN F 323 8.06 -2.04 -27.55
N ASN F 324 9.14 -2.83 -27.62
CA ASN F 324 9.88 -3.32 -26.47
C ASN F 324 10.76 -2.24 -25.83
N GLY F 325 10.11 -1.21 -25.22
CA GLY F 325 10.74 -0.19 -24.39
C GLY F 325 11.53 0.86 -25.12
N VAL F 326 11.43 0.92 -26.46
CA VAL F 326 12.22 1.81 -27.28
C VAL F 326 11.70 3.23 -27.19
N CYS F 327 12.57 4.12 -26.71
CA CYS F 327 12.23 5.50 -26.44
C CYS F 327 12.40 6.32 -27.70
N TRP F 328 11.47 6.15 -28.67
CA TRP F 328 11.48 6.87 -29.93
C TRP F 328 11.44 8.38 -29.73
N HIS F 329 12.21 9.13 -30.56
CA HIS F 329 12.24 10.59 -30.56
C HIS F 329 13.06 11.18 -29.39
N ASN F 330 13.68 10.31 -28.56
CA ASN F 330 14.47 10.66 -27.37
C ASN F 330 13.57 11.14 -26.22
N GLU F 331 12.35 10.56 -26.09
CA GLU F 331 11.29 11.03 -25.23
C GLU F 331 10.79 9.85 -24.39
N LEU F 332 10.33 10.10 -23.16
CA LEU F 332 9.68 9.09 -22.35
C LEU F 332 8.63 9.77 -21.51
N PHE F 333 7.44 9.16 -21.42
CA PHE F 333 6.35 9.70 -20.64
C PHE F 333 6.17 8.79 -19.45
N VAL F 334 6.10 9.39 -18.25
CA VAL F 334 5.91 8.66 -17.00
C VAL F 334 4.67 9.26 -16.38
N THR F 335 3.60 8.47 -16.21
CA THR F 335 2.30 8.97 -15.72
C THR F 335 2.03 8.36 -14.40
N VAL F 336 1.98 9.17 -13.35
CA VAL F 336 1.84 8.73 -11.98
C VAL F 336 0.58 9.31 -11.38
N VAL F 337 -0.18 8.48 -10.64
CA VAL F 337 -1.25 8.95 -9.76
C VAL F 337 -0.95 8.30 -8.42
N ASP F 338 -1.01 9.06 -7.31
CA ASP F 338 -0.70 8.50 -6.01
C ASP F 338 -1.59 9.11 -4.93
N ASN F 339 -2.75 8.48 -4.66
CA ASN F 339 -3.73 9.01 -3.72
C ASN F 339 -3.46 8.53 -2.30
N THR F 340 -2.27 7.97 -1.99
CA THR F 340 -1.95 7.45 -0.66
C THR F 340 -1.03 8.38 0.12
N ARG F 341 -0.73 9.55 -0.45
CA ARG F 341 0.10 10.59 0.12
C ARG F 341 -0.56 11.94 -0.13
N ASN F 342 -1.90 12.00 -0.03
CA ASN F 342 -2.66 13.19 -0.34
C ASN F 342 -2.94 14.05 0.91
N THR F 343 -2.14 13.91 1.98
CA THR F 343 -2.20 14.72 3.21
C THR F 343 -2.10 16.21 2.95
N ASN F 344 -3.23 16.92 3.16
CA ASN F 344 -3.28 18.36 3.07
C ASN F 344 -2.89 18.93 4.42
N PHE F 345 -1.79 19.71 4.45
CA PHE F 345 -1.31 20.32 5.67
C PHE F 345 -2.06 21.63 5.92
N THR F 346 -2.87 21.65 6.99
CA THR F 346 -3.61 22.81 7.45
C THR F 346 -2.74 23.69 8.29
N ILE F 347 -2.48 24.92 7.82
CA ILE F 347 -1.56 25.85 8.45
C ILE F 347 -2.31 27.14 8.61
N SER F 348 -2.15 27.82 9.75
CA SER F 348 -2.84 29.07 10.02
C SER F 348 -1.81 30.13 10.29
N GLN F 349 -2.22 31.41 10.22
CA GLN F 349 -1.36 32.52 10.58
C GLN F 349 -2.04 33.49 11.53
N GLN F 350 -1.24 34.07 12.43
CA GLN F 350 -1.64 35.03 13.42
C GLN F 350 -1.54 36.50 12.90
N THR F 351 -1.80 36.72 11.59
CA THR F 351 -1.60 38.01 10.89
C THR F 351 -2.43 39.16 11.41
N ASN F 352 -3.68 38.88 11.80
CA ASN F 352 -4.58 39.85 12.36
C ASN F 352 -4.49 39.83 13.90
N THR F 353 -3.54 39.06 14.46
CA THR F 353 -3.46 38.80 15.90
C THR F 353 -2.07 38.86 16.57
N PRO F 354 -1.26 39.90 16.39
CA PRO F 354 -0.09 40.09 17.24
C PRO F 354 -0.54 40.79 18.55
N ASN F 355 -0.12 40.30 19.76
CA ASN F 355 -0.57 40.77 21.10
C ASN F 355 -1.65 39.92 21.82
N PRO F 356 -2.78 39.40 21.29
CA PRO F 356 -3.87 38.90 22.12
C PRO F 356 -3.59 37.58 22.85
N ASP F 357 -3.97 37.48 24.13
CA ASP F 357 -3.76 36.35 25.02
C ASP F 357 -5.06 35.52 25.19
N THR F 358 -6.14 35.95 24.54
CA THR F 358 -7.45 35.29 24.50
C THR F 358 -7.72 34.89 23.07
N TYR F 359 -8.06 33.60 22.83
CA TYR F 359 -8.40 33.09 21.52
C TYR F 359 -9.68 33.71 20.98
N ASP F 360 -9.61 34.24 19.76
CA ASP F 360 -10.75 34.72 19.03
C ASP F 360 -10.72 34.00 17.67
N SER F 361 -11.86 33.81 16.98
CA SER F 361 -11.90 33.18 15.67
C SER F 361 -11.61 34.17 14.55
N THR F 362 -11.88 35.47 14.78
CA THR F 362 -11.72 36.56 13.78
C THR F 362 -10.28 36.87 13.59
N ASN F 363 -9.55 36.41 14.56
CA ASN F 363 -8.18 36.55 14.81
C ASN F 363 -7.36 35.74 13.78
N PHE F 364 -7.49 34.41 13.88
CA PHE F 364 -6.61 33.57 13.09
C PHE F 364 -7.06 33.30 11.64
N LYS F 365 -6.12 33.48 10.66
CA LYS F 365 -6.39 33.16 9.26
C LYS F 365 -5.93 31.77 8.89
N ASN F 366 -6.87 30.90 8.46
CA ASN F 366 -6.62 29.51 8.11
C ASN F 366 -6.34 29.34 6.62
N TYR F 367 -5.38 28.45 6.29
CA TYR F 367 -5.00 28.16 4.93
C TYR F 367 -4.85 26.65 4.77
N LEU F 368 -4.83 26.19 3.51
CA LEU F 368 -4.57 24.81 3.17
C LEU F 368 -3.41 24.76 2.21
N ARG F 369 -2.52 23.76 2.39
CA ARG F 369 -1.41 23.52 1.52
C ARG F 369 -1.23 22.03 1.31
N HIS F 370 -0.56 21.66 0.21
CA HIS F 370 -0.22 20.28 -0.09
C HIS F 370 1.17 20.34 -0.73
N VAL F 371 2.02 19.33 -0.46
CA VAL F 371 3.38 19.28 -0.97
C VAL F 371 3.61 17.90 -1.52
N GLU F 372 3.96 17.80 -2.80
CA GLU F 372 4.39 16.56 -3.39
C GLU F 372 5.91 16.48 -3.46
N GLN F 373 6.45 15.25 -3.38
CA GLN F 373 7.86 14.97 -3.59
C GLN F 373 8.02 13.74 -4.45
N PHE F 374 8.74 13.86 -5.58
CA PHE F 374 9.04 12.77 -6.50
C PHE F 374 10.52 12.74 -6.79
N GLU F 375 11.04 11.58 -7.22
CA GLU F 375 12.42 11.43 -7.67
C GLU F 375 12.41 10.29 -8.65
N LEU F 376 12.80 10.51 -9.91
CA LEU F 376 12.62 9.52 -10.96
C LEU F 376 13.98 9.04 -11.35
N SER F 377 14.22 7.73 -11.29
CA SER F 377 15.48 7.15 -11.71
C SER F 377 15.22 6.14 -12.79
N LEU F 378 16.10 6.09 -13.80
CA LEU F 378 15.95 5.17 -14.90
C LEU F 378 17.30 4.54 -15.24
N ILE F 379 17.24 3.38 -15.91
CA ILE F 379 18.36 2.72 -16.52
C ILE F 379 18.01 2.62 -17.98
N ALA F 380 18.79 3.28 -18.85
CA ALA F 380 18.61 3.26 -20.27
C ALA F 380 19.71 2.41 -20.87
N GLN F 381 19.41 1.74 -21.99
CA GLN F 381 20.36 0.99 -22.77
C GLN F 381 20.47 1.62 -24.12
N LEU F 382 21.69 1.73 -24.66
CA LEU F 382 21.91 2.18 -26.01
C LEU F 382 21.64 1.06 -27.01
N CYS F 383 20.83 1.32 -28.04
CA CYS F 383 20.52 0.36 -29.07
C CYS F 383 20.81 1.00 -30.41
N LYS F 384 21.24 0.20 -31.42
CA LYS F 384 21.54 0.72 -32.74
C LYS F 384 20.63 0.07 -33.76
N VAL F 385 20.23 0.88 -34.76
CA VAL F 385 19.29 0.50 -35.79
C VAL F 385 20.01 0.70 -37.12
N PRO F 386 20.22 -0.33 -37.94
CA PRO F 386 20.83 -0.16 -39.24
C PRO F 386 19.72 0.08 -40.23
N LEU F 387 19.70 1.25 -40.86
CA LEU F 387 18.60 1.70 -41.68
C LEU F 387 18.79 1.29 -43.13
N ASP F 388 18.29 0.09 -43.49
CA ASP F 388 18.23 -0.39 -44.86
C ASP F 388 16.94 0.13 -45.53
N PRO F 389 16.67 -0.05 -46.84
CA PRO F 389 15.39 0.29 -47.46
C PRO F 389 14.15 -0.21 -46.74
N GLY F 390 14.16 -1.43 -46.18
CA GLY F 390 12.99 -2.05 -45.57
C GLY F 390 12.71 -1.48 -44.20
N VAL F 391 13.73 -1.34 -43.37
CA VAL F 391 13.64 -0.67 -42.09
C VAL F 391 13.30 0.82 -42.23
N LEU F 392 13.91 1.55 -43.19
CA LEU F 392 13.55 2.94 -43.47
C LEU F 392 12.10 3.15 -43.87
N ALA F 393 11.57 2.34 -44.81
CA ALA F 393 10.18 2.41 -45.18
C ALA F 393 9.23 2.02 -44.04
N HIS F 394 9.55 0.95 -43.28
CA HIS F 394 8.80 0.56 -42.09
C HIS F 394 8.76 1.63 -41.00
N ILE F 395 9.89 2.29 -40.68
CA ILE F 395 9.92 3.43 -39.76
C ILE F 395 9.15 4.63 -40.29
N ASN F 396 9.27 4.97 -41.58
CA ASN F 396 8.48 6.03 -42.21
C ASN F 396 6.97 5.78 -42.13
N THR F 397 6.52 4.53 -42.36
CA THR F 397 5.15 4.07 -42.13
C THR F 397 4.70 4.16 -40.67
N MET F 398 5.54 3.78 -39.69
CA MET F 398 5.26 3.94 -38.26
C MET F 398 5.13 5.37 -37.78
N ASN F 399 6.08 6.25 -38.14
CA ASN F 399 6.10 7.62 -37.65
C ASN F 399 7.12 8.41 -38.46
N PRO F 400 6.73 9.27 -39.41
CA PRO F 400 7.65 9.97 -40.30
C PRO F 400 8.58 10.89 -39.53
N THR F 401 8.11 11.47 -38.40
CA THR F 401 8.85 12.34 -37.50
C THR F 401 10.16 11.72 -36.99
N ILE F 402 10.24 10.39 -36.82
CA ILE F 402 11.48 9.72 -36.45
C ILE F 402 12.59 9.92 -37.49
N LEU F 403 12.29 9.69 -38.79
CA LEU F 403 13.25 9.92 -39.86
C LEU F 403 13.50 11.40 -40.13
N GLU F 404 12.45 12.24 -40.14
CA GLU F 404 12.55 13.69 -40.27
C GLU F 404 13.42 14.34 -39.19
N ASN F 405 13.42 13.79 -37.96
CA ASN F 405 14.29 14.23 -36.88
C ASN F 405 15.74 13.78 -37.02
N TRP F 406 15.99 12.60 -37.63
CA TRP F 406 17.35 12.13 -37.81
C TRP F 406 17.99 12.68 -39.06
N ASN F 407 17.64 12.17 -40.27
CA ASN F 407 18.34 12.40 -41.52
C ASN F 407 17.76 11.37 -42.49
N LEU F 408 18.52 10.97 -43.55
CA LEU F 408 18.19 9.89 -44.47
C LEU F 408 17.18 10.32 -45.53
N GLY F 409 17.63 11.19 -46.48
CA GLY F 409 16.81 11.68 -47.59
C GLY F 409 16.86 13.18 -47.79
N PHE F 410 17.58 13.92 -46.91
CA PHE F 410 17.62 15.36 -46.99
C PHE F 410 18.95 15.87 -47.53
N VAL F 411 18.95 16.30 -48.81
CA VAL F 411 19.88 17.30 -49.31
C VAL F 411 19.22 18.61 -48.92
N PRO F 412 19.70 19.31 -47.90
CA PRO F 412 18.83 19.69 -46.77
C PRO F 412 17.73 20.68 -47.14
N PRO F 413 18.02 21.85 -47.69
CA PRO F 413 17.20 22.35 -48.79
C PRO F 413 18.11 22.48 -50.00
N PRO F 414 17.62 22.73 -51.20
CA PRO F 414 18.47 23.19 -52.31
C PRO F 414 18.87 24.64 -52.14
N GLN F 415 18.22 25.37 -51.23
CA GLN F 415 18.50 26.77 -50.91
C GLN F 415 19.22 26.88 -49.57
N GLN F 416 19.84 28.03 -49.27
CA GLN F 416 20.50 28.27 -48.00
C GLN F 416 19.60 28.26 -46.76
N SER F 417 20.12 27.73 -45.64
CA SER F 417 19.41 27.67 -44.36
C SER F 417 20.10 28.53 -43.31
N ILE F 418 20.96 29.47 -43.75
CA ILE F 418 21.63 30.43 -42.89
C ILE F 418 20.64 31.47 -42.41
N SER F 419 20.44 31.58 -41.08
CA SER F 419 19.58 32.57 -40.47
C SER F 419 20.49 33.58 -39.81
N ASP F 420 20.33 34.88 -40.14
CA ASP F 420 21.12 35.95 -39.58
C ASP F 420 20.44 36.48 -38.31
N ASP F 421 21.00 36.15 -37.14
CA ASP F 421 20.47 36.62 -35.88
C ASP F 421 21.09 37.97 -35.50
N TYR F 422 20.24 38.90 -35.03
CA TYR F 422 20.64 40.25 -34.67
C TYR F 422 21.16 40.31 -33.23
N ARG F 423 22.01 41.32 -32.93
CA ARG F 423 22.41 41.62 -31.57
C ARG F 423 21.53 42.75 -31.02
N TYR F 424 21.33 42.76 -29.68
CA TYR F 424 20.44 43.69 -28.97
C TYR F 424 18.97 43.58 -29.38
N ILE F 425 18.46 42.34 -29.57
CA ILE F 425 17.09 42.06 -30.00
C ILE F 425 16.01 42.29 -28.95
N THR F 426 15.88 43.55 -28.56
CA THR F 426 14.81 44.11 -27.75
C THR F 426 14.63 45.56 -28.15
N SER F 427 15.53 46.10 -29.00
CA SER F 427 15.52 47.52 -29.31
C SER F 427 14.53 47.89 -30.42
N SER F 428 14.28 49.21 -30.59
CA SER F 428 13.33 49.70 -31.57
C SER F 428 14.06 50.23 -32.81
N ALA F 429 15.33 49.84 -33.04
CA ALA F 429 16.08 50.25 -34.22
C ALA F 429 16.26 49.13 -35.26
N THR F 430 16.03 47.87 -34.87
CA THR F 430 16.17 46.69 -35.75
C THR F 430 14.82 46.06 -36.04
N ARG F 431 13.74 46.84 -35.88
CA ARG F 431 12.35 46.40 -35.91
C ARG F 431 11.94 45.51 -37.10
N CYS F 432 11.55 44.23 -36.92
CA CYS F 432 11.40 43.49 -35.66
C CYS F 432 11.73 42.00 -35.84
N PRO F 433 12.59 41.40 -35.00
CA PRO F 433 12.69 39.96 -34.85
C PRO F 433 12.13 39.50 -33.50
N ASP F 434 10.80 39.30 -33.37
CA ASP F 434 10.25 38.69 -32.17
C ASP F 434 9.19 37.66 -32.59
N GLN F 435 9.56 36.36 -32.67
CA GLN F 435 8.62 35.23 -32.72
C GLN F 435 7.61 35.12 -33.87
N ASN F 436 7.52 36.12 -34.76
CA ASN F 436 6.54 36.19 -35.85
C ASN F 436 6.56 35.06 -36.88
N PRO F 437 7.66 34.55 -37.44
CA PRO F 437 7.62 33.35 -38.25
C PRO F 437 8.01 32.16 -37.37
N PRO F 438 7.27 31.04 -37.34
CA PRO F 438 7.75 29.81 -36.75
C PRO F 438 9.02 29.26 -37.40
N LYS F 439 9.60 28.24 -36.77
CA LYS F 439 10.86 27.61 -37.11
C LYS F 439 10.62 26.16 -36.74
N GLU F 440 11.60 25.25 -36.88
CA GLU F 440 11.51 23.87 -36.41
C GLU F 440 11.45 23.74 -34.88
N ARG F 441 10.41 24.37 -34.28
CA ARG F 441 10.06 24.40 -32.88
C ARG F 441 8.73 23.68 -32.68
N GLU F 442 8.24 23.04 -33.75
CA GLU F 442 6.96 22.38 -33.81
C GLU F 442 6.94 21.04 -33.10
N ASP F 443 6.87 21.04 -31.76
CA ASP F 443 6.48 19.88 -31.00
C ASP F 443 5.01 19.54 -31.28
N PRO F 444 4.58 18.33 -31.67
CA PRO F 444 3.16 18.04 -31.91
C PRO F 444 2.41 17.99 -30.59
N TYR F 445 3.12 17.93 -29.46
CA TYR F 445 2.57 17.88 -28.13
C TYR F 445 2.63 19.23 -27.44
N LYS F 446 2.75 20.34 -28.18
CA LYS F 446 2.89 21.68 -27.61
C LYS F 446 1.59 22.30 -27.10
N GLY F 447 0.43 21.73 -27.48
CA GLY F 447 -0.88 22.16 -26.99
C GLY F 447 -1.22 21.55 -25.65
N LEU F 448 -0.32 20.72 -25.11
CA LEU F 448 -0.53 19.90 -23.95
C LEU F 448 0.48 20.29 -22.89
N ILE F 449 0.07 20.29 -21.61
CA ILE F 449 0.96 20.66 -20.52
C ILE F 449 1.42 19.42 -19.76
N PHE F 450 2.74 19.16 -19.72
CA PHE F 450 3.29 18.06 -18.95
C PHE F 450 4.28 18.60 -17.96
N TRP F 451 4.67 17.79 -16.95
CA TRP F 451 5.73 18.16 -16.05
C TRP F 451 7.06 17.83 -16.71
N GLU F 452 7.66 18.83 -17.38
CA GLU F 452 8.89 18.67 -18.14
C GLU F 452 10.06 18.28 -17.25
N VAL F 453 10.87 17.30 -17.71
CA VAL F 453 12.06 16.90 -17.00
C VAL F 453 13.15 16.76 -18.02
N ASP F 454 14.21 17.57 -17.86
CA ASP F 454 15.37 17.50 -18.70
C ASP F 454 16.39 16.57 -18.05
N LEU F 455 16.76 15.48 -18.75
CA LEU F 455 17.80 14.57 -18.32
C LEU F 455 18.93 14.55 -19.34
N THR F 456 19.10 15.61 -20.17
CA THR F 456 20.13 15.66 -21.20
C THR F 456 21.53 15.60 -20.59
N GLU F 457 21.69 16.35 -19.48
CA GLU F 457 22.91 16.50 -18.71
C GLU F 457 22.95 15.64 -17.44
N ARG F 458 22.07 14.63 -17.29
CA ARG F 458 22.04 13.80 -16.09
C ARG F 458 22.35 12.34 -16.40
N PHE F 459 22.83 12.05 -17.62
CA PHE F 459 23.24 10.69 -17.99
C PHE F 459 24.61 10.36 -17.45
N SER F 460 24.78 9.13 -16.92
CA SER F 460 26.05 8.69 -16.38
C SER F 460 26.24 7.22 -16.67
N GLN F 461 27.50 6.77 -16.90
CA GLN F 461 27.75 5.36 -17.17
C GLN F 461 28.27 4.62 -15.95
N ASP F 462 28.63 5.37 -14.89
CA ASP F 462 29.08 4.83 -13.63
C ASP F 462 27.90 4.32 -12.79
N LEU F 463 27.35 3.15 -13.14
CA LEU F 463 26.10 2.66 -12.59
C LEU F 463 26.06 2.47 -11.07
N ASP F 464 27.12 1.94 -10.41
CA ASP F 464 27.09 1.59 -9.00
C ASP F 464 26.96 2.78 -8.05
N GLN F 465 27.27 3.99 -8.54
CA GLN F 465 27.24 5.24 -7.83
C GLN F 465 25.83 5.64 -7.35
N PHE F 466 24.78 5.14 -8.01
CA PHE F 466 23.40 5.52 -7.78
C PHE F 466 22.58 4.34 -7.26
N ALA F 467 21.51 4.59 -6.48
CA ALA F 467 20.72 3.53 -5.87
C ALA F 467 20.07 2.57 -6.84
N LEU F 468 19.40 3.07 -7.90
CA LEU F 468 18.88 2.24 -8.97
C LEU F 468 19.96 1.54 -9.78
N GLY F 469 21.09 2.22 -10.03
CA GLY F 469 22.16 1.64 -10.85
C GLY F 469 22.86 0.48 -10.20
N ARG F 470 23.12 0.54 -8.89
CA ARG F 470 23.63 -0.63 -8.18
C ARG F 470 22.57 -1.71 -7.92
N LYS F 471 21.25 -1.36 -7.85
CA LYS F 471 20.17 -2.33 -7.87
C LYS F 471 20.08 -3.11 -9.17
N PHE F 472 20.24 -2.41 -10.33
CA PHE F 472 20.35 -3.03 -11.64
C PHE F 472 21.56 -3.93 -11.74
N LEU F 473 22.73 -3.49 -11.24
CA LEU F 473 23.90 -4.34 -11.18
C LEU F 473 23.71 -5.58 -10.31
N TYR F 474 23.15 -5.44 -9.09
CA TYR F 474 22.87 -6.57 -8.22
C TYR F 474 21.89 -7.57 -8.86
N GLN F 475 20.85 -7.09 -9.55
CA GLN F 475 19.91 -7.88 -10.33
C GLN F 475 20.55 -8.69 -11.47
N ALA F 476 21.51 -8.10 -12.21
CA ALA F 476 22.12 -8.77 -13.34
C ALA F 476 23.40 -9.53 -12.98
N GLY F 477 23.86 -9.41 -11.74
CA GLY F 477 25.13 -9.93 -11.25
C GLY F 477 26.19 -8.89 -11.37
N ILE F 478 26.83 -8.78 -12.56
CA ILE F 478 27.50 -7.61 -13.15
C ILE F 478 28.17 -6.62 -12.18
N ARG F 479 28.92 -7.12 -11.18
CA ARG F 479 29.53 -6.26 -10.18
C ARG F 479 30.74 -5.52 -10.72
N THR F 480 30.90 -4.25 -10.30
CA THR F 480 32.04 -3.43 -10.65
C THR F 480 33.36 -4.05 -10.23
N ALA F 481 34.37 -3.98 -11.13
CA ALA F 481 35.68 -4.52 -10.87
C ALA F 481 36.38 -3.82 -9.69
N VAL F 482 36.75 -4.62 -8.69
CA VAL F 482 37.50 -4.20 -7.53
C VAL F 482 38.92 -3.77 -7.92
N THR F 483 39.26 -2.52 -7.60
CA THR F 483 40.56 -1.91 -7.86
C THR F 483 41.40 -1.92 -6.55
#